data_6JCX
#
_entry.id   6JCX
#
_cell.length_a   125.139
_cell.length_b   161.001
_cell.length_c   128.846
_cell.angle_alpha   90.000
_cell.angle_beta   117.060
_cell.angle_gamma   90.000
#
_symmetry.space_group_name_H-M   'P 1 21 1'
#
loop_
_entity.id
_entity.type
_entity.pdbx_description
1 polymer 'DNA-directed RNA polymerase subunit alpha'
2 polymer 'DNA-directed RNA polymerase subunit beta'
3 polymer "DNA-directed RNA polymerase subunit beta'"
4 polymer 'DNA-directed RNA polymerase subunit omega'
5 polymer 'ECF RNA polymerase sigma factor SigH'
6 polymer "DNA (5'-D(*TP*GP*CP*AP*TP*CP*CP*GP*TP*GP*AP*GP*TP*CP*GP*AP*GP*GP*GP*T)-3')"
7 polymer "DNA (5'-D(*TP*TP*GP*TP*GP*GP*GP*AP*GP*CP*TP*GP*TP*CP*AP*CP*GP*GP*AP*TP*GP*CP*A)-3')"
8 polymer "RNA (5'-R(*CP*CP*UP*CP*GP*A)-3')"
9 non-polymer 'ZINC ION'
10 non-polymer 'MAGNESIUM ION'
11 water water
#
loop_
_entity_poly.entity_id
_entity_poly.type
_entity_poly.pdbx_seq_one_letter_code
_entity_poly.pdbx_strand_id
1 'polypeptide(L)'
;MGHHHHHHHHHHSSGHIEGRHMLISQRPTLSEDVLTDNRSQFVIEPLEPGFGYTLGNSLRRTLLSSIPGAAVTSIRIDGV
LHEFTTVPGVKEDVTEIILNLKSLVVSSEEDEPVTMYLRKQGPGEVTAGDIVPPAGVTVHNPGMHIATLNDKGKLEVELV
VERGRGYVPAVQNRASGAEIGRIPVDSIYSPVLKVTYKVDATRVEQRTDFDKLILDVETKNSISPRDALASAGKTLVELF
GLARELNVEAEGIEIGPSPAEADHIASFALPIDDLDLTVRSYNCLKREGVHTVGELVARTESDLLDIRNFGQKSIDEVKI
KLHQLGLSLKDSPPSFDPSEVAGYDVATGTWSTEGAYDEQDYAETEQL
;
A,B
2 'polypeptide(L)'
;MVLADSRQSKTAASPSPSRPQSSSNNSVPGAPNRVSFAKLREPLEVPGLLDVQTDSFEWLIGSPRWRESAAERGDVNPVG
GLEEVLYELSPIEDFSGSMSLSFSDPRFDDVKAPVDECKDKDMTYAAPLFVTAEFINNNTGEIKSQTVFMGDFPMMTEKG
TFIINGTERVVVSQLVRSPGVYFDETIDKSTDKTLHSVKVIPSRGAWLEFDVDKRDTVGVRIDRKRRQPVTVLLKALGWT
SEQIVERFGFSEIMRSTLEKDNTVGTDEALLDIYRKLRPGEPPTKESAQTLLENLFFKEKRYDLARVGRYKVNKKLGLHV
GEPITSSTLTEEDVVATIEYLVRLHEGQTTMTVPGGVEVPVETDDIDHFGNRRLRTVGELIQNQIRVGMSRMERVVRERM
TTQDVEAITPQTLINIRPVVAAIKEFFGTSQLSQFMDQNNPLSGLTHKRRLSALGPGGLSRERAGLEVRDVHPSHYGRMC
PIETPEGPNIGLIGSLSVYARVNPFGFIETPYRKVVDGVVSDEIVYLTADEEDRHVVAQANSPIDADGRFVEPRVLVRRK
AGEVEYVPSSEVDYMDVSPRQMVSVATAMIPFLEHDDANRALMGANMQRQAVPLVRSEAPLVGTGMELRAAIDAGDVVVA
EESGVIEEVSADYITVMHDNGTRRTYRMRKFARSNHGTCANQCPIVDAGDRVEAGQVIADGPCTDDGEMALGKNLLVAIM
PWEGHNYEDAIILSNRLVEEDVLTSIHIEEHEIDARDTKLGAEEITRDIPNISDEVLADLDERGIVRIGAEVRDGDILVG
KVTPKGETELTPEERLLRAIFGEKAREVRDTSLKVPHGESGKVIGIRVFSREDEDELPAGVNELVRVYVAQKRKISDGDK
LAGRHGNKGVIGKILPVEDMPFLADGTPVDIILNTHGVPRRMNIGQILETHLGWCAHSGWKVDAAKGVPDWAARLPDELL
EAQPNAIVSTPVFDGAQEAELQGLLSCTLPNRDGDVLVDADGKAMLFDGRSGEPFPYPVTVGYMYIMKLHHLVDDKIHAR
STGPYSMITQQPLGGKAQFGGQRFGEMECWAMQAYGAAYTLQELLTIKSDDTVGRVKVYEAIVKGENIPEPGIPESFKVL
LKELQSLCLNVEVLSSDGAAIELREGEDEDLERAAANLGINLSRNESASVEDLA
;
C
3 'polypeptide(L)'
;MVLDVNFFDELRIGLATAEDIRQWSYGEVKKPETINYRTLKPEKDGLFCEKIFGPTRDWECYCGKYKRVRFKGIICERCG
VEVTRAKVRRERMGHIELAAPVTHIWYFKGVPSRLGYLLDLAPKDLEKIIYFAAYVITSVDEEMRHNELSTLEAEMAVER
KAVEDQRDGELEARAQKLEADLAELEAEGAKADARRKVRDGGEREMRQIRDRAQRELDRLEDIWSTFTKLAPKQLIVDEN
LYRELVDRYGEYFTGAMGAESIQKLIENFDIDAEAESLRDVIRNGKGQKKLRALKRLKVVAAFQQSGNSPMGMVLDAVPV
IPPELRPMVQLDGGRFATSDLNDLYRRVINRNNRLKRLIDLGAPEIIVNNEKRMLQESVDALFDNGRRGRPVTGPGNRPL
KSLSDLLKGKQGRFRQNLLGKRVDYSGRSVIVVGPQLKLHQCGLPKLMALELFKPFVMKRLVDLNHAQNIKSAKRMVERQ
RPQVWDVLEEVIAEHPVLLNRAPTLHRLGIQAFEPMLVEGKAIQLHPLVCEAFNADFDGDQMAVHLPLSAEAQAEARILM
LSSNNILSPASGRPLAMPRLDMVTGLYYLTTEVPGDTGEYQPASGDHPETGVYSSPAEAIMAADRGVLSVRAKIKVRLTQ
LRPPVEIEAELFGHSGWQPGDAWMAETTLGRVMFNELLPLGYPFVNKQMHKKVQAAIINDLAERYPMIVVAQTVDKLKDA
GFYWATRSGVTVSMADVLVPPRKKEILDHYEERADKVEKQFQRGALNHDERNEALVEIWKEATDEVGQALREHYPDDNPI
ITIVDSGATGNFTQTRTLAGMKGLVTNPKGEFIPRPVKSSFREGLTVLEYFINTHGARKGLADTALRTADSGYLTRRLVD
VSQDVIVREHDCQTERGIVVELAERAPDGTLIRDPYIETSAYARTLGTDAVDEAGNVIVERGQDLGDPEIDALLAAGITQ
VKVRSVLTCATSTGVCATCYGRSMATGKLVDIGEAVGIVAAQSIGEPGTQLTMRTFHQGGVGEDITGGLPRVQELFEARV
PRGKAPIADVTGRVRLEDGERFYKITIVPDDGGEEVVYDKISKRQRLRVFKHEDGSERVLSDGDHVEVGQQLMEGSADPH
EVLRVQGPREVQIHLVREVQEVYRAQGVSIHDKHIEVIVRQMLRRVTIIDSGSTEFLPGSLIDRAEFEAENRRVVAEGGE
PAAGRPVLMGITKASLATDSWLSAASFQETTRVLTDAAINCRSDKLNGLKENVIIGKLIPAGTGINRYRNIAVQPTEEAR
AAAYTIPSYEDQYYSPDFGAATGAAVPLDDYGYSDYR
;
D
4 'polypeptide(L)'
;MSISQSDASLAAVPAVDQFDPSSGASGGYDTPLGITNPPIDELLDRVSSKYALVIYAAKRARQINDYYNQLGEGILEYVG
PLVEPGLQEKPLSIALREIHADLLEHTEGE
;
E
5 'polypeptide(L)'
;GAMADIDGVTGSAGLQPGPSEETDEELTARFERDAIPLLDQLYGGALRMTRNPADAEDLLQETMVKAYAGFRSFRHGTNL
KAWLYRILTNTYINSYRKKQRQPAEYPTEQITDWQLASNAEHSSTGLRSAEVEALEALPDTEIKEALQALPEEFRMAVYY
ADVEGFPYKEIAEIMDTPIGTVMSRLHRGRRQLRGLLADVARDRGFARGEQAHEGVSS
;
F
6 'polydeoxyribonucleotide' (DT)(DG)(DC)(DA)(DT)(DC)(DC)(DG)(DT)(DG)(DA)(DG)(DT)(DC)(DG)(DA)(DG)(DG)(DG)(DT) H
7 'polydeoxyribonucleotide'
;(DT)(DT)(DG)(DT)(DG)(DG)(DG)(DA)(DG)(DC)(DT)(DG)(DT)(DC)(DA)(DC)(DG)(DG)(DA)(DT)
(DG)(DC)(DA)
;
G
8 'polyribonucleotide' CCUCGA I
#
loop_
_chem_comp.id
_chem_comp.type
_chem_comp.name
_chem_comp.formula
A RNA linking ADENOSINE-5'-MONOPHOSPHATE 'C10 H14 N5 O7 P'
C RNA linking CYTIDINE-5'-MONOPHOSPHATE 'C9 H14 N3 O8 P'
DA DNA linking 2'-DEOXYADENOSINE-5'-MONOPHOSPHATE 'C10 H14 N5 O6 P'
DC DNA linking 2'-DEOXYCYTIDINE-5'-MONOPHOSPHATE 'C9 H14 N3 O7 P'
DG DNA linking 2'-DEOXYGUANOSINE-5'-MONOPHOSPHATE 'C10 H14 N5 O7 P'
DT DNA linking THYMIDINE-5'-MONOPHOSPHATE 'C10 H15 N2 O8 P'
G RNA linking GUANOSINE-5'-MONOPHOSPHATE 'C10 H14 N5 O8 P'
MG non-polymer 'MAGNESIUM ION' 'Mg 2'
U RNA linking URIDINE-5'-MONOPHOSPHATE 'C9 H13 N2 O9 P'
ZN non-polymer 'ZINC ION' 'Zn 2'
#
# COMPACT_ATOMS: atom_id res chain seq x y z
N LEU A 23 -30.42 43.41 -45.42
CA LEU A 23 -29.45 42.43 -44.91
C LEU A 23 -28.44 42.03 -46.00
N ILE A 24 -27.45 42.90 -46.22
CA ILE A 24 -26.45 42.71 -47.27
C ILE A 24 -25.05 42.86 -46.65
N SER A 25 -24.02 42.70 -47.47
CA SER A 25 -22.65 42.59 -47.00
C SER A 25 -21.86 43.88 -47.23
N GLN A 26 -21.00 44.20 -46.26
CA GLN A 26 -20.00 45.26 -46.37
C GLN A 26 -18.66 44.68 -45.95
N ARG A 27 -17.63 44.90 -46.77
CA ARG A 27 -16.32 44.29 -46.51
C ARG A 27 -15.76 44.79 -45.19
N PRO A 28 -15.24 43.90 -44.33
CA PRO A 28 -14.79 44.31 -43.01
C PRO A 28 -13.42 44.97 -43.05
N THR A 29 -13.17 45.79 -42.05
CA THR A 29 -11.92 46.53 -41.93
C THR A 29 -11.24 46.23 -40.61
N LEU A 30 -9.91 46.13 -40.67
CA LEU A 30 -9.05 46.09 -39.51
C LEU A 30 -8.50 47.50 -39.27
N SER A 31 -8.51 47.93 -38.01
CA SER A 31 -8.18 49.30 -37.65
C SER A 31 -7.39 49.29 -36.36
N GLU A 32 -6.13 49.72 -36.41
CA GLU A 32 -5.25 49.66 -35.25
C GLU A 32 -5.38 50.92 -34.41
N ASP A 33 -5.22 50.76 -33.09
CA ASP A 33 -5.21 51.88 -32.15
C ASP A 33 -4.07 51.64 -31.16
N VAL A 34 -2.97 52.37 -31.32
CA VAL A 34 -1.79 52.14 -30.52
C VAL A 34 -2.00 52.66 -29.10
N LEU A 35 -1.80 51.79 -28.11
CA LEU A 35 -1.91 52.16 -26.71
C LEU A 35 -0.55 52.50 -26.09
N THR A 36 0.41 51.57 -26.19
CA THR A 36 1.79 51.85 -25.83
C THR A 36 2.70 51.33 -26.93
N ASP A 37 4.01 51.39 -26.71
CA ASP A 37 4.94 50.99 -27.77
C ASP A 37 4.91 49.47 -28.00
N ASN A 38 4.53 48.70 -26.99
CA ASN A 38 4.48 47.25 -27.10
C ASN A 38 3.07 46.70 -26.87
N ARG A 39 2.05 47.54 -26.98
CA ARG A 39 0.67 47.10 -26.85
C ARG A 39 -0.21 47.88 -27.82
N SER A 40 -1.08 47.17 -28.53
CA SER A 40 -2.02 47.80 -29.46
C SER A 40 -3.34 47.04 -29.47
N GLN A 41 -4.41 47.78 -29.71
CA GLN A 41 -5.73 47.20 -29.92
C GLN A 41 -6.06 47.23 -31.40
N PHE A 42 -6.91 46.29 -31.82
CA PHE A 42 -7.20 46.08 -33.23
C PHE A 42 -8.69 45.82 -33.39
N VAL A 43 -9.37 46.72 -34.09
CA VAL A 43 -10.81 46.63 -34.27
C VAL A 43 -11.08 46.06 -35.65
N ILE A 44 -11.72 44.90 -35.70
CA ILE A 44 -12.15 44.26 -36.93
C ILE A 44 -13.66 44.30 -36.97
N GLU A 45 -14.22 45.03 -37.95
CA GLU A 45 -15.67 45.12 -38.06
C GLU A 45 -16.03 45.53 -39.47
N PRO A 46 -17.23 45.16 -39.97
CA PRO A 46 -18.19 44.33 -39.24
C PRO A 46 -17.93 42.84 -39.46
N LEU A 47 -18.29 42.05 -38.46
CA LEU A 47 -18.21 40.60 -38.57
C LEU A 47 -19.60 40.01 -38.37
N GLU A 48 -19.79 38.82 -38.92
CA GLU A 48 -21.03 38.07 -38.76
C GLU A 48 -21.37 37.92 -37.29
N PRO A 49 -22.65 37.94 -36.91
CA PRO A 49 -23.00 37.75 -35.50
C PRO A 49 -22.52 36.39 -35.01
N GLY A 50 -22.08 36.36 -33.74
CA GLY A 50 -21.59 35.14 -33.13
C GLY A 50 -20.21 34.69 -33.59
N PHE A 51 -19.51 35.52 -34.36
CA PHE A 51 -18.24 35.14 -34.96
C PHE A 51 -17.04 35.84 -34.36
N GLY A 52 -17.23 36.98 -33.70
CA GLY A 52 -16.10 37.74 -33.19
C GLY A 52 -15.23 36.95 -32.26
N TYR A 53 -15.85 36.25 -31.29
CA TYR A 53 -15.11 35.47 -30.31
C TYR A 53 -14.19 34.47 -31.00
N THR A 54 -14.74 33.67 -31.92
CA THR A 54 -13.95 32.64 -32.57
C THR A 54 -12.80 33.23 -33.37
N LEU A 55 -13.04 34.37 -34.03
CA LEU A 55 -11.99 35.01 -34.81
C LEU A 55 -10.86 35.49 -33.91
N GLY A 56 -11.21 36.28 -32.88
CA GLY A 56 -10.22 36.72 -31.91
C GLY A 56 -9.43 35.56 -31.33
N ASN A 57 -10.10 34.44 -31.06
CA ASN A 57 -9.39 33.32 -30.46
C ASN A 57 -8.47 32.64 -31.46
N SER A 58 -8.91 32.49 -32.71
CA SER A 58 -8.02 31.91 -33.72
C SER A 58 -6.77 32.77 -33.92
N LEU A 59 -6.92 34.08 -33.72
CA LEU A 59 -5.74 34.95 -33.79
C LEU A 59 -4.87 34.78 -32.55
N ARG A 60 -5.49 34.78 -31.36
CA ARG A 60 -4.75 34.70 -30.12
C ARG A 60 -3.97 33.39 -30.00
N ARG A 61 -4.62 32.26 -30.30
CA ARG A 61 -3.96 30.97 -30.23
C ARG A 61 -2.74 30.91 -31.13
N THR A 62 -2.81 31.59 -32.28
CA THR A 62 -1.62 31.67 -33.15
C THR A 62 -0.58 32.61 -32.54
N LEU A 63 -1.03 33.77 -32.05
CA LEU A 63 -0.12 34.73 -31.46
C LEU A 63 0.60 34.14 -30.25
N LEU A 64 -0.14 33.41 -29.41
CA LEU A 64 0.47 32.83 -28.22
C LEU A 64 1.49 31.75 -28.59
N SER A 65 1.33 31.12 -29.74
CA SER A 65 2.04 29.87 -30.02
C SER A 65 3.04 29.94 -31.15
N SER A 66 2.76 30.70 -32.21
CA SER A 66 3.51 30.48 -33.45
C SER A 66 4.07 31.77 -34.03
N ILE A 67 4.41 32.75 -33.20
CA ILE A 67 5.06 33.97 -33.66
C ILE A 67 6.58 33.77 -33.56
N PRO A 68 7.31 33.83 -34.67
CA PRO A 68 8.75 33.56 -34.61
C PRO A 68 9.48 34.60 -33.80
N GLY A 69 10.64 34.19 -33.30
CA GLY A 69 11.45 35.05 -32.46
C GLY A 69 12.82 34.46 -32.30
N ALA A 70 13.57 35.02 -31.37
CA ALA A 70 14.94 34.56 -31.14
C ALA A 70 15.17 34.39 -29.64
N ALA A 71 16.10 33.51 -29.31
CA ALA A 71 16.37 33.23 -27.89
C ALA A 71 17.77 32.64 -27.78
N VAL A 72 18.17 32.37 -26.54
CA VAL A 72 19.44 31.73 -26.25
C VAL A 72 19.21 30.23 -26.10
N THR A 73 20.11 29.44 -26.67
CA THR A 73 20.01 27.98 -26.68
C THR A 73 20.91 27.34 -25.62
N SER A 74 22.20 27.67 -25.65
CA SER A 74 23.18 27.13 -24.72
C SER A 74 23.98 28.30 -24.17
N ILE A 75 24.72 28.04 -23.09
CA ILE A 75 25.69 28.99 -22.59
C ILE A 75 26.90 28.22 -22.08
N ARG A 76 28.05 28.89 -22.09
CA ARG A 76 29.30 28.35 -21.60
C ARG A 76 29.88 29.33 -20.59
N ILE A 77 30.40 28.83 -19.48
CA ILE A 77 30.95 29.68 -18.45
C ILE A 77 32.33 29.16 -18.09
N ASP A 78 33.22 30.09 -17.72
CA ASP A 78 34.66 29.86 -17.81
C ASP A 78 35.10 28.68 -16.93
N GLY A 79 34.95 28.81 -15.61
CA GLY A 79 35.44 27.77 -14.72
C GLY A 79 34.38 26.74 -14.38
N VAL A 80 33.35 26.66 -15.21
CA VAL A 80 32.14 25.93 -14.90
C VAL A 80 31.94 24.84 -15.96
N LEU A 81 31.72 23.61 -15.51
CA LEU A 81 31.45 22.49 -16.38
C LEU A 81 30.00 22.01 -16.34
N HIS A 82 29.20 22.53 -15.42
CA HIS A 82 27.83 22.06 -15.28
C HIS A 82 27.03 23.07 -14.47
N GLU A 83 25.71 22.89 -14.54
CA GLU A 83 24.75 23.85 -13.99
C GLU A 83 24.89 24.03 -12.48
N PHE A 84 25.25 22.98 -11.76
CA PHE A 84 25.00 22.89 -10.33
C PHE A 84 26.29 23.18 -9.54
N THR A 85 26.66 24.46 -9.52
CA THR A 85 27.92 24.87 -8.89
C THR A 85 27.93 26.39 -8.79
N THR A 86 28.99 26.92 -8.20
CA THR A 86 29.14 28.36 -8.02
C THR A 86 30.30 28.88 -8.86
N VAL A 87 30.32 30.20 -9.01
CA VAL A 87 31.46 30.92 -9.60
C VAL A 87 32.09 31.71 -8.44
N PRO A 88 33.42 31.75 -8.34
CA PRO A 88 34.05 32.49 -7.23
C PRO A 88 33.69 33.97 -7.27
N GLY A 89 33.32 34.50 -6.09
CA GLY A 89 33.05 35.91 -5.94
C GLY A 89 31.72 36.40 -6.45
N VAL A 90 30.95 35.56 -7.16
CA VAL A 90 29.61 35.94 -7.60
C VAL A 90 28.61 35.58 -6.51
N LYS A 91 27.51 36.33 -6.45
CA LYS A 91 26.52 36.07 -5.41
C LYS A 91 25.56 34.95 -5.80
N GLU A 92 25.32 34.79 -7.09
CA GLU A 92 24.33 33.85 -7.60
C GLU A 92 25.04 32.59 -8.12
N ASP A 93 24.55 31.43 -7.70
CA ASP A 93 25.02 30.19 -8.30
C ASP A 93 24.60 30.13 -9.78
N VAL A 94 25.15 29.16 -10.50
CA VAL A 94 24.92 29.12 -11.95
C VAL A 94 23.44 28.89 -12.27
N THR A 95 22.75 28.11 -11.43
CA THR A 95 21.32 27.87 -11.63
C THR A 95 20.54 29.17 -11.56
N GLU A 96 20.79 29.99 -10.54
CA GLU A 96 20.08 31.26 -10.44
C GLU A 96 20.46 32.20 -11.58
N ILE A 97 21.72 32.14 -12.02
CA ILE A 97 22.15 32.96 -13.14
C ILE A 97 21.36 32.58 -14.39
N ILE A 98 21.14 31.29 -14.62
CA ILE A 98 20.38 30.88 -15.80
C ILE A 98 18.91 31.27 -15.67
N LEU A 99 18.34 31.15 -14.46
CA LEU A 99 16.98 31.65 -14.28
C LEU A 99 16.89 33.12 -14.62
N ASN A 100 17.91 33.89 -14.25
CA ASN A 100 17.92 35.31 -14.59
C ASN A 100 18.06 35.51 -16.09
N LEU A 101 18.89 34.69 -16.74
CA LEU A 101 19.04 34.72 -18.19
C LEU A 101 17.77 34.29 -18.91
N LYS A 102 16.82 33.66 -18.21
CA LYS A 102 15.56 33.33 -18.86
C LYS A 102 14.74 34.57 -19.16
N SER A 103 14.92 35.65 -18.38
CA SER A 103 14.22 36.90 -18.63
C SER A 103 14.78 37.67 -19.81
N LEU A 104 15.95 37.27 -20.31
CA LEU A 104 16.56 37.92 -21.45
C LEU A 104 15.65 37.89 -22.65
N VAL A 105 15.33 39.07 -23.18
CA VAL A 105 14.62 39.20 -24.45
C VAL A 105 15.61 39.71 -25.49
N VAL A 106 15.63 39.07 -26.66
CA VAL A 106 16.67 39.27 -27.65
C VAL A 106 16.05 39.07 -29.03
N SER A 107 16.63 39.72 -30.03
CA SER A 107 16.23 39.50 -31.41
C SER A 107 17.45 39.23 -32.28
N SER A 108 17.25 38.44 -33.34
CA SER A 108 18.34 38.05 -34.22
C SER A 108 17.78 37.94 -35.64
N GLU A 109 18.65 38.19 -36.62
CA GLU A 109 18.27 38.09 -38.01
C GLU A 109 19.20 37.16 -38.79
N GLU A 110 19.96 36.32 -38.09
CA GLU A 110 20.98 35.52 -38.74
C GLU A 110 20.50 34.14 -39.17
N ASP A 111 19.55 33.56 -38.44
CA ASP A 111 18.98 32.25 -38.76
C ASP A 111 20.03 31.14 -38.77
N GLU A 112 21.20 31.41 -38.20
CA GLU A 112 22.24 30.44 -37.92
C GLU A 112 22.72 30.67 -36.50
N PRO A 113 23.17 29.63 -35.81
CA PRO A 113 23.65 29.82 -34.44
C PRO A 113 24.69 30.92 -34.41
N VAL A 114 24.49 31.89 -33.54
CA VAL A 114 25.41 33.01 -33.40
C VAL A 114 25.76 33.13 -31.93
N THR A 115 26.87 33.81 -31.62
CA THR A 115 27.35 33.83 -30.25
C THR A 115 27.48 35.25 -29.72
N MET A 116 26.98 35.47 -28.51
CA MET A 116 27.22 36.67 -27.72
C MET A 116 28.24 36.36 -26.63
N TYR A 117 28.84 37.43 -26.10
CA TYR A 117 29.89 37.31 -25.09
C TYR A 117 29.60 38.24 -23.93
N LEU A 118 30.07 37.84 -22.75
CA LEU A 118 29.85 38.60 -21.52
C LEU A 118 31.08 38.44 -20.64
N ARG A 119 31.96 39.43 -20.65
CA ARG A 119 33.10 39.46 -19.75
C ARG A 119 32.95 40.66 -18.83
N LYS A 120 33.10 40.43 -17.53
CA LYS A 120 33.00 41.52 -16.57
C LYS A 120 33.68 41.11 -15.28
N GLN A 121 34.29 42.08 -14.61
CA GLN A 121 35.00 41.86 -13.37
C GLN A 121 34.39 42.74 -12.27
N GLY A 122 34.29 42.20 -11.07
CA GLY A 122 33.66 42.90 -9.97
C GLY A 122 34.59 43.98 -9.44
N PRO A 123 34.08 44.81 -8.52
CA PRO A 123 32.75 44.78 -7.91
C PRO A 123 31.69 45.41 -8.80
N GLY A 124 30.44 44.99 -8.64
CA GLY A 124 29.35 45.62 -9.35
C GLY A 124 28.31 44.68 -9.87
N GLU A 125 27.22 45.23 -10.40
CA GLU A 125 26.17 44.43 -11.02
C GLU A 125 26.57 44.03 -12.42
N VAL A 126 26.08 42.87 -12.85
CA VAL A 126 26.18 42.45 -14.24
C VAL A 126 24.76 42.40 -14.78
N THR A 127 24.49 43.23 -15.78
CA THR A 127 23.19 43.31 -16.41
C THR A 127 23.31 42.90 -17.87
N ALA A 128 22.16 42.81 -18.55
CA ALA A 128 22.18 42.42 -19.94
C ALA A 128 22.89 43.42 -20.83
N GLY A 129 22.96 44.69 -20.42
CA GLY A 129 23.71 45.67 -21.18
C GLY A 129 25.19 45.37 -21.26
N ASP A 130 25.71 44.57 -20.33
CA ASP A 130 27.11 44.18 -20.32
C ASP A 130 27.42 43.06 -21.30
N ILE A 131 26.47 42.66 -22.11
CA ILE A 131 26.64 41.59 -23.08
C ILE A 131 26.98 42.23 -24.42
N VAL A 132 27.99 41.69 -25.11
CA VAL A 132 28.33 42.20 -26.43
C VAL A 132 27.81 41.22 -27.47
N PRO A 133 26.69 41.52 -28.12
CA PRO A 133 26.17 40.68 -29.19
C PRO A 133 26.88 40.97 -30.49
N PRO A 134 26.79 40.08 -31.47
CA PRO A 134 27.36 40.34 -32.79
C PRO A 134 26.41 41.21 -33.61
N ALA A 135 26.85 41.54 -34.83
CA ALA A 135 26.00 42.27 -35.75
C ALA A 135 24.76 41.45 -36.06
N GLY A 136 23.60 42.09 -35.93
CA GLY A 136 22.35 41.42 -36.23
C GLY A 136 21.59 40.89 -35.03
N VAL A 137 22.20 40.85 -33.85
CA VAL A 137 21.52 40.45 -32.63
C VAL A 137 21.41 41.66 -31.72
N THR A 138 20.21 41.87 -31.19
CA THR A 138 19.90 43.02 -30.34
C THR A 138 19.41 42.53 -28.99
N VAL A 139 20.02 43.05 -27.92
CA VAL A 139 19.53 42.89 -26.55
C VAL A 139 18.61 44.05 -26.22
N HIS A 140 17.41 43.73 -25.72
CA HIS A 140 16.36 44.73 -25.62
C HIS A 140 16.07 45.25 -24.22
N ASN A 141 16.56 44.59 -23.17
CA ASN A 141 16.37 45.07 -21.80
C ASN A 141 17.73 45.11 -21.10
N PRO A 142 18.50 46.17 -21.34
CA PRO A 142 19.86 46.22 -20.78
C PRO A 142 19.90 46.37 -19.27
N GLY A 143 18.86 46.89 -18.63
CA GLY A 143 18.89 47.01 -17.18
C GLY A 143 18.68 45.71 -16.43
N MET A 144 18.25 44.66 -17.14
CA MET A 144 17.89 43.38 -16.50
C MET A 144 19.06 42.82 -15.72
N HIS A 145 18.84 42.60 -14.44
CA HIS A 145 19.91 42.08 -13.58
C HIS A 145 20.25 40.65 -13.95
N ILE A 146 21.54 40.37 -14.12
CA ILE A 146 22.03 39.03 -14.38
C ILE A 146 22.74 38.45 -13.16
N ALA A 147 23.71 39.17 -12.62
CA ALA A 147 24.47 38.64 -11.50
C ALA A 147 25.02 39.78 -10.65
N THR A 148 25.64 39.43 -9.54
CA THR A 148 26.28 40.40 -8.67
C THR A 148 27.70 39.93 -8.37
N LEU A 149 28.68 40.81 -8.59
CA LEU A 149 30.08 40.48 -8.39
C LEU A 149 30.65 41.35 -7.27
N ASN A 150 31.58 40.76 -6.52
CA ASN A 150 32.39 41.46 -5.55
C ASN A 150 33.85 41.51 -6.03
N ASP A 151 34.73 41.98 -5.14
CA ASP A 151 36.15 42.11 -5.43
C ASP A 151 36.75 40.93 -6.18
N LYS A 152 36.53 39.72 -5.68
CA LYS A 152 37.12 38.53 -6.29
C LYS A 152 36.28 37.96 -7.43
N GLY A 153 35.21 38.66 -7.83
CA GLY A 153 34.25 38.10 -8.77
C GLY A 153 34.55 38.46 -10.20
N LYS A 154 34.59 37.45 -11.07
CA LYS A 154 34.87 37.63 -12.48
C LYS A 154 34.02 36.65 -13.27
N LEU A 155 33.29 37.14 -14.26
CA LEU A 155 32.33 36.36 -15.01
C LEU A 155 32.65 36.43 -16.49
N GLU A 156 32.65 35.26 -17.14
CA GLU A 156 33.14 35.11 -18.52
C GLU A 156 32.25 34.09 -19.21
N VAL A 157 31.29 34.59 -20.01
CA VAL A 157 30.14 33.81 -20.49
C VAL A 157 30.04 33.90 -22.00
N GLU A 158 29.69 32.79 -22.63
CA GLU A 158 29.29 32.73 -24.03
C GLU A 158 27.84 32.29 -24.13
N LEU A 159 27.06 32.95 -24.99
CA LEU A 159 25.63 32.68 -25.12
C LEU A 159 25.26 32.49 -26.59
N VAL A 160 24.90 31.28 -26.98
CA VAL A 160 24.50 31.02 -28.35
C VAL A 160 23.04 31.41 -28.55
N VAL A 161 22.79 32.27 -29.53
CA VAL A 161 21.46 32.74 -29.91
C VAL A 161 21.06 32.07 -31.21
N GLU A 162 19.79 31.66 -31.27
CA GLU A 162 19.19 31.09 -32.47
C GLU A 162 17.79 31.67 -32.66
N ARG A 163 17.22 31.39 -33.82
CA ARG A 163 15.87 31.79 -34.18
C ARG A 163 14.95 30.58 -34.18
N GLY A 164 13.78 30.73 -33.56
CA GLY A 164 12.81 29.67 -33.57
C GLY A 164 11.46 30.19 -33.13
N ARG A 165 10.53 29.26 -32.92
CA ARG A 165 9.23 29.65 -32.43
C ARG A 165 8.81 28.72 -31.31
N GLY A 166 7.82 29.17 -30.54
CA GLY A 166 7.32 28.37 -29.45
C GLY A 166 8.27 28.36 -28.27
N TYR A 167 8.28 27.24 -27.55
CA TYR A 167 9.18 27.00 -26.43
C TYR A 167 9.81 25.64 -26.61
N VAL A 168 11.13 25.58 -26.58
CA VAL A 168 11.84 24.34 -26.84
C VAL A 168 12.74 24.02 -25.64
N PRO A 169 12.44 22.97 -24.89
CA PRO A 169 13.34 22.57 -23.79
C PRO A 169 14.76 22.36 -24.27
N ALA A 170 15.71 22.50 -23.36
CA ALA A 170 17.13 22.34 -23.64
C ALA A 170 17.42 21.19 -24.59
N VAL A 171 18.13 21.49 -25.67
CA VAL A 171 18.65 20.46 -26.58
C VAL A 171 19.85 19.81 -25.90
N GLN A 172 19.78 18.50 -25.69
CA GLN A 172 20.70 17.80 -24.82
C GLN A 172 22.12 17.79 -25.40
N ASN A 173 23.10 17.56 -24.51
CA ASN A 173 24.48 17.38 -24.93
C ASN A 173 24.70 16.10 -25.73
N ARG A 174 23.73 15.19 -25.73
CA ARG A 174 23.83 13.97 -26.52
C ARG A 174 23.28 14.13 -27.93
N ALA A 175 22.16 14.85 -28.10
CA ALA A 175 21.55 15.00 -29.41
C ALA A 175 22.40 15.92 -30.31
N SER A 176 22.57 17.17 -29.90
CA SER A 176 23.67 17.96 -30.43
C SER A 176 24.98 17.30 -30.02
N GLY A 177 26.02 17.52 -30.83
CA GLY A 177 27.31 16.92 -30.52
C GLY A 177 28.06 17.65 -29.43
N ALA A 178 27.32 18.29 -28.51
CA ALA A 178 27.91 19.18 -27.52
C ALA A 178 28.94 18.45 -26.65
N GLU A 179 29.96 19.19 -26.25
CA GLU A 179 30.98 18.68 -25.35
C GLU A 179 30.64 19.07 -23.91
N ILE A 180 31.34 18.43 -22.97
CA ILE A 180 30.91 18.44 -21.57
C ILE A 180 30.72 19.86 -21.04
N GLY A 181 31.49 20.83 -21.53
CA GLY A 181 31.42 22.16 -20.97
C GLY A 181 30.12 22.91 -21.26
N ARG A 182 29.41 22.55 -22.32
CA ARG A 182 28.29 23.36 -22.79
C ARG A 182 27.03 23.13 -21.96
N ILE A 183 26.40 24.21 -21.54
CA ILE A 183 25.18 24.16 -20.74
C ILE A 183 23.96 24.54 -21.58
N PRO A 184 23.18 23.58 -22.07
CA PRO A 184 21.94 23.93 -22.78
C PRO A 184 20.94 24.59 -21.86
N VAL A 185 20.05 25.37 -22.47
CA VAL A 185 19.12 26.22 -21.73
C VAL A 185 17.75 26.16 -22.40
N ASP A 186 16.70 26.23 -21.60
CA ASP A 186 15.35 26.28 -22.13
C ASP A 186 15.09 27.60 -22.85
N SER A 187 14.57 27.51 -24.07
CA SER A 187 14.40 28.64 -24.96
C SER A 187 12.94 29.05 -25.05
N ILE A 188 12.67 30.34 -24.82
CA ILE A 188 11.34 30.90 -25.03
C ILE A 188 11.39 31.86 -26.21
N TYR A 189 11.09 31.34 -27.40
CA TYR A 189 11.20 32.14 -28.61
C TYR A 189 10.04 33.12 -28.81
N SER A 190 8.91 32.91 -28.15
CA SER A 190 7.75 33.74 -28.44
C SER A 190 8.01 35.19 -28.04
N PRO A 191 7.88 36.15 -28.95
CA PRO A 191 7.98 37.56 -28.58
C PRO A 191 6.70 38.15 -28.01
N VAL A 192 5.61 37.39 -28.03
CA VAL A 192 4.30 37.87 -27.61
C VAL A 192 4.17 37.71 -26.11
N LEU A 193 3.55 38.70 -25.45
CA LEU A 193 3.46 38.71 -24.00
C LEU A 193 2.06 38.41 -23.47
N LYS A 194 1.02 39.05 -24.01
CA LYS A 194 -0.33 38.81 -23.50
C LYS A 194 -1.35 39.26 -24.53
N VAL A 195 -2.31 38.38 -24.83
CA VAL A 195 -3.31 38.64 -25.84
C VAL A 195 -4.69 38.41 -25.23
N THR A 196 -5.62 39.32 -25.51
CA THR A 196 -7.01 39.14 -25.11
C THR A 196 -7.88 39.74 -26.19
N TYR A 197 -9.19 39.60 -26.02
CA TYR A 197 -10.11 40.20 -26.97
C TYR A 197 -11.46 40.40 -26.31
N LYS A 198 -12.24 41.29 -26.89
CA LYS A 198 -13.65 41.43 -26.55
C LYS A 198 -14.41 41.73 -27.82
N VAL A 199 -15.67 41.31 -27.87
CA VAL A 199 -16.52 41.66 -28.99
C VAL A 199 -17.71 42.46 -28.47
N ASP A 200 -18.19 43.36 -29.32
CA ASP A 200 -19.40 44.13 -29.07
C ASP A 200 -20.45 43.64 -30.06
N ALA A 201 -21.49 43.00 -29.53
CA ALA A 201 -22.57 42.48 -30.34
C ALA A 201 -23.67 43.52 -30.44
N THR A 202 -24.22 43.69 -31.64
CA THR A 202 -25.26 44.67 -31.90
C THR A 202 -26.45 43.95 -32.53
N ARG A 203 -27.61 44.10 -31.90
CA ARG A 203 -28.87 43.51 -32.38
C ARG A 203 -29.75 44.56 -33.08
N ARG A 207 -32.81 43.82 -37.24
CA ARG A 207 -32.83 43.61 -38.68
C ARG A 207 -31.44 43.21 -39.20
N THR A 208 -30.44 44.06 -38.95
CA THR A 208 -29.07 43.80 -39.34
C THR A 208 -28.20 43.79 -38.08
N ASP A 209 -27.84 42.60 -37.62
CA ASP A 209 -27.00 42.44 -36.43
C ASP A 209 -25.55 42.23 -36.84
N PHE A 210 -24.63 42.61 -35.96
CA PHE A 210 -23.22 42.47 -36.31
C PHE A 210 -22.36 42.52 -35.06
N ASP A 211 -21.20 41.86 -35.14
CA ASP A 211 -20.24 41.79 -34.05
C ASP A 211 -18.97 42.54 -34.44
N LYS A 212 -18.49 43.40 -33.54
CA LYS A 212 -17.24 44.13 -33.72
C LYS A 212 -16.19 43.54 -32.79
N LEU A 213 -15.07 43.08 -33.35
CA LEU A 213 -14.03 42.42 -32.59
C LEU A 213 -12.93 43.40 -32.23
N ILE A 214 -12.39 43.27 -31.01
CA ILE A 214 -11.34 44.15 -30.51
C ILE A 214 -10.29 43.24 -29.91
N LEU A 215 -9.17 43.06 -30.62
CA LEU A 215 -8.00 42.35 -30.12
C LEU A 215 -7.12 43.29 -29.32
N ASP A 216 -6.50 42.77 -28.27
CA ASP A 216 -5.56 43.52 -27.44
C ASP A 216 -4.30 42.69 -27.36
N VAL A 217 -3.21 43.20 -27.92
CA VAL A 217 -1.96 42.46 -28.06
C VAL A 217 -0.86 43.23 -27.35
N GLU A 218 -0.09 42.54 -26.53
CA GLU A 218 1.07 43.11 -25.86
C GLU A 218 2.28 42.22 -26.09
N THR A 219 3.39 42.82 -26.52
CA THR A 219 4.59 42.10 -26.93
C THR A 219 5.73 42.31 -25.93
N LYS A 220 6.88 41.70 -26.23
CA LYS A 220 8.01 41.65 -25.30
C LYS A 220 9.11 42.66 -25.61
N ASN A 221 8.87 43.62 -26.51
CA ASN A 221 9.85 44.54 -27.10
C ASN A 221 10.70 43.86 -28.15
N SER A 222 10.57 42.55 -28.36
CA SER A 222 11.28 41.91 -29.47
C SER A 222 10.72 42.39 -30.79
N ILE A 223 9.40 42.44 -30.93
CA ILE A 223 8.72 43.01 -32.08
C ILE A 223 7.53 43.82 -31.58
N SER A 224 6.83 44.43 -32.52
CA SER A 224 5.68 45.27 -32.23
C SER A 224 4.39 44.49 -32.42
N PRO A 225 3.31 44.91 -31.74
CA PRO A 225 2.01 44.27 -31.97
C PRO A 225 1.64 44.11 -33.43
N ARG A 226 1.89 45.14 -34.26
CA ARG A 226 1.54 45.05 -35.68
C ARG A 226 2.26 43.90 -36.35
N ASP A 227 3.56 43.76 -36.11
CA ASP A 227 4.32 42.72 -36.79
C ASP A 227 3.91 41.34 -36.31
N ALA A 228 3.68 41.19 -35.00
CA ALA A 228 3.22 39.91 -34.48
C ALA A 228 1.88 39.54 -35.11
N LEU A 229 0.94 40.48 -35.14
CA LEU A 229 -0.36 40.22 -35.74
C LEU A 229 -0.23 39.89 -37.21
N ALA A 230 0.72 40.53 -37.90
CA ALA A 230 0.93 40.26 -39.32
C ALA A 230 1.42 38.83 -39.55
N SER A 231 2.37 38.38 -38.71
CA SER A 231 2.84 37.01 -38.84
C SER A 231 1.73 36.01 -38.51
N ALA A 232 0.94 36.30 -37.47
CA ALA A 232 -0.17 35.41 -37.14
C ALA A 232 -1.17 35.35 -38.27
N GLY A 233 -1.47 36.51 -38.87
CA GLY A 233 -2.42 36.57 -39.96
C GLY A 233 -1.95 35.81 -41.19
N LYS A 234 -0.67 35.93 -41.52
CA LYS A 234 -0.22 35.21 -42.71
C LYS A 234 -0.05 33.72 -42.46
N THR A 235 0.27 33.31 -41.22
CA THR A 235 0.24 31.88 -40.89
C THR A 235 -1.18 31.33 -41.04
N LEU A 236 -2.17 32.03 -40.49
CA LEU A 236 -3.55 31.61 -40.65
C LEU A 236 -4.01 31.65 -42.11
N VAL A 237 -3.52 32.60 -42.90
CA VAL A 237 -3.92 32.68 -44.30
C VAL A 237 -3.38 31.49 -45.09
N GLU A 238 -2.08 31.21 -44.92
CA GLU A 238 -1.51 30.04 -45.57
C GLU A 238 -2.19 28.76 -45.10
N LEU A 239 -2.68 28.73 -43.86
CA LEU A 239 -3.33 27.52 -43.36
C LEU A 239 -4.77 27.38 -43.84
N PHE A 240 -5.50 28.48 -44.00
CA PHE A 240 -6.88 28.44 -44.45
C PHE A 240 -7.01 28.35 -45.96
N GLY A 241 -5.96 28.72 -46.71
CA GLY A 241 -5.97 28.52 -48.15
C GLY A 241 -6.07 27.07 -48.57
N LEU A 242 -6.06 26.15 -47.59
CA LEU A 242 -6.21 24.73 -47.89
C LEU A 242 -7.60 24.40 -48.42
N ALA A 243 -8.63 24.78 -47.67
CA ALA A 243 -10.00 24.51 -48.12
C ALA A 243 -10.30 25.19 -49.45
N ARG A 244 -9.85 26.42 -49.62
CA ARG A 244 -9.98 27.11 -50.90
C ARG A 244 -9.07 26.49 -51.95
N MET B 22 14.35 25.13 -40.13
CA MET B 22 14.20 26.25 -41.05
C MET B 22 12.96 27.07 -40.74
N LEU B 23 12.35 26.81 -39.58
CA LEU B 23 11.16 27.52 -39.11
C LEU B 23 10.03 27.45 -40.13
N ILE B 24 9.81 26.25 -40.67
CA ILE B 24 8.79 25.99 -41.69
C ILE B 24 8.20 24.62 -41.43
N SER B 25 6.87 24.54 -41.40
CA SER B 25 6.18 23.28 -41.16
C SER B 25 5.88 22.55 -42.47
N GLN B 26 5.71 21.23 -42.36
CA GLN B 26 5.38 20.43 -43.52
C GLN B 26 3.93 20.69 -43.95
N ARG B 27 3.62 20.29 -45.18
CA ARG B 27 2.30 20.56 -45.77
C ARG B 27 1.29 19.52 -45.32
N PRO B 28 0.30 19.90 -44.53
CA PRO B 28 -0.77 18.96 -44.18
C PRO B 28 -1.69 18.73 -45.37
N THR B 29 -2.41 17.61 -45.32
CA THR B 29 -3.30 17.23 -46.40
C THR B 29 -4.75 17.42 -45.99
N LEU B 30 -5.62 17.42 -47.00
CA LEU B 30 -7.05 17.70 -46.85
C LEU B 30 -7.82 16.65 -47.64
N SER B 31 -8.29 15.61 -46.96
CA SER B 31 -8.92 14.46 -47.60
C SER B 31 -10.41 14.39 -47.30
N GLU B 32 -11.12 13.60 -48.12
CA GLU B 32 -12.57 13.59 -48.16
C GLU B 32 -13.13 12.18 -47.94
N ASP B 33 -14.24 12.11 -47.22
CA ASP B 33 -15.09 10.92 -47.14
C ASP B 33 -16.51 11.38 -47.43
N VAL B 34 -17.09 10.93 -48.52
CA VAL B 34 -18.43 11.38 -48.93
C VAL B 34 -19.46 10.42 -48.34
N LEU B 35 -20.30 10.91 -47.41
CA LEU B 35 -21.26 10.07 -46.71
C LEU B 35 -22.56 9.91 -47.49
N THR B 36 -23.19 11.03 -47.84
CA THR B 36 -24.34 11.07 -48.75
C THR B 36 -24.07 12.15 -49.80
N ASP B 37 -25.02 12.36 -50.70
CA ASP B 37 -24.88 13.42 -51.68
C ASP B 37 -24.86 14.80 -51.03
N ASN B 38 -25.37 14.93 -49.81
CA ASN B 38 -25.46 16.20 -49.11
C ASN B 38 -24.65 16.23 -47.82
N ARG B 39 -23.71 15.29 -47.64
CA ARG B 39 -22.99 15.19 -46.38
C ARG B 39 -21.60 14.60 -46.61
N SER B 40 -20.60 15.22 -45.99
CA SER B 40 -19.23 14.73 -46.13
C SER B 40 -18.45 15.00 -44.85
N GLN B 41 -17.45 14.15 -44.62
CA GLN B 41 -16.45 14.38 -43.59
C GLN B 41 -15.13 14.76 -44.24
N PHE B 42 -14.47 15.76 -43.69
CA PHE B 42 -13.21 16.29 -44.19
C PHE B 42 -12.16 16.13 -43.10
N VAL B 43 -10.99 15.61 -43.48
CA VAL B 43 -9.89 15.41 -42.55
C VAL B 43 -8.72 16.29 -42.97
N ILE B 44 -8.28 17.16 -42.08
CA ILE B 44 -7.09 17.99 -42.28
C ILE B 44 -6.01 17.46 -41.34
N GLU B 45 -4.90 17.00 -41.92
CA GLU B 45 -3.93 16.20 -41.17
C GLU B 45 -2.61 16.07 -41.90
N PRO B 46 -1.47 16.24 -41.22
CA PRO B 46 -1.39 16.58 -39.80
C PRO B 46 -1.14 18.07 -39.55
N LEU B 47 -1.82 18.63 -38.56
CA LEU B 47 -1.68 20.03 -38.20
C LEU B 47 -0.80 20.19 -36.96
N GLU B 48 0.08 21.19 -36.99
CA GLU B 48 0.96 21.57 -35.88
C GLU B 48 0.18 21.63 -34.57
N PRO B 49 0.81 21.39 -33.43
CA PRO B 49 0.04 21.15 -32.20
C PRO B 49 -0.81 22.35 -31.81
N GLY B 50 -2.10 22.10 -31.56
CA GLY B 50 -3.03 23.12 -31.14
C GLY B 50 -3.84 23.76 -32.25
N PHE B 51 -3.42 23.60 -33.51
CA PHE B 51 -4.12 24.28 -34.60
C PHE B 51 -5.43 23.60 -34.97
N GLY B 52 -5.60 22.33 -34.60
CA GLY B 52 -6.90 21.70 -34.80
C GLY B 52 -8.04 22.54 -34.24
N TYR B 53 -7.85 23.12 -33.05
CA TYR B 53 -8.82 24.03 -32.49
C TYR B 53 -8.65 25.46 -32.98
N THR B 54 -7.43 25.84 -33.39
CA THR B 54 -7.23 27.20 -33.88
C THR B 54 -8.03 27.46 -35.15
N LEU B 55 -8.26 26.43 -35.96
CA LEU B 55 -9.11 26.58 -37.13
C LEU B 55 -10.35 25.71 -37.09
N GLY B 56 -10.54 24.91 -36.05
CA GLY B 56 -11.73 24.09 -35.92
C GLY B 56 -13.01 24.88 -35.74
N ASN B 57 -13.11 25.63 -34.64
CA ASN B 57 -14.33 26.39 -34.39
C ASN B 57 -14.53 27.46 -35.45
N SER B 58 -13.44 28.08 -35.90
CA SER B 58 -13.55 29.15 -36.88
C SER B 58 -14.10 28.65 -38.20
N LEU B 59 -13.59 27.52 -38.68
CA LEU B 59 -14.12 26.94 -39.91
C LEU B 59 -15.59 26.60 -39.77
N ARG B 60 -16.01 26.05 -38.63
CA ARG B 60 -17.42 25.69 -38.46
C ARG B 60 -18.31 26.93 -38.46
N ARG B 61 -17.96 27.93 -37.64
CA ARG B 61 -18.78 29.13 -37.55
C ARG B 61 -18.85 29.83 -38.90
N THR B 62 -17.76 29.79 -39.69
CA THR B 62 -17.80 30.35 -41.04
C THR B 62 -18.72 29.52 -41.94
N LEU B 63 -18.65 28.20 -41.85
CA LEU B 63 -19.52 27.34 -42.65
C LEU B 63 -20.98 27.59 -42.36
N LEU B 64 -21.29 27.97 -41.12
CA LEU B 64 -22.68 28.20 -40.74
C LEU B 64 -23.16 29.61 -41.06
N SER B 65 -22.36 30.64 -40.81
CA SER B 65 -22.87 32.00 -40.82
C SER B 65 -22.50 32.80 -42.07
N SER B 66 -21.49 32.38 -42.83
CA SER B 66 -20.89 33.25 -43.84
C SER B 66 -20.97 32.69 -45.24
N ILE B 67 -21.92 31.82 -45.53
CA ILE B 67 -22.20 31.38 -46.89
C ILE B 67 -23.56 31.96 -47.31
N PRO B 68 -23.65 32.67 -48.43
CA PRO B 68 -24.91 33.28 -48.82
C PRO B 68 -25.87 32.26 -49.43
N GLY B 69 -27.16 32.41 -49.11
CA GLY B 69 -28.19 31.58 -49.70
C GLY B 69 -29.52 32.30 -49.68
N ALA B 70 -30.46 31.76 -50.44
CA ALA B 70 -31.81 32.31 -50.49
C ALA B 70 -32.74 31.47 -49.63
N ALA B 71 -33.69 32.14 -48.97
CA ALA B 71 -34.62 31.44 -48.10
C ALA B 71 -35.91 32.23 -47.98
N VAL B 72 -36.95 31.54 -47.47
CA VAL B 72 -38.24 32.16 -47.23
C VAL B 72 -38.14 33.10 -46.03
N THR B 73 -38.73 34.29 -46.16
CA THR B 73 -38.74 35.32 -45.14
C THR B 73 -40.09 35.46 -44.46
N SER B 74 -41.17 35.56 -45.24
CA SER B 74 -42.51 35.64 -44.67
C SER B 74 -43.48 35.05 -45.67
N ILE B 75 -44.69 34.75 -45.18
CA ILE B 75 -45.74 34.19 -46.03
C ILE B 75 -47.07 34.87 -45.71
N ARG B 76 -47.91 34.97 -46.74
CA ARG B 76 -49.31 35.36 -46.57
C ARG B 76 -50.17 34.20 -47.05
N ILE B 77 -51.02 33.68 -46.17
CA ILE B 77 -51.90 32.56 -46.49
C ILE B 77 -53.32 33.10 -46.67
N ASP B 78 -53.83 33.04 -47.89
CA ASP B 78 -55.19 33.46 -48.17
C ASP B 78 -56.17 32.40 -47.69
N GLY B 79 -57.32 32.86 -47.22
CA GLY B 79 -58.33 31.99 -46.66
C GLY B 79 -58.35 31.93 -45.15
N VAL B 80 -57.26 32.30 -44.49
CA VAL B 80 -57.26 32.35 -43.03
C VAL B 80 -56.36 33.49 -42.53
N LEU B 81 -56.96 34.44 -41.83
CA LEU B 81 -56.18 35.52 -41.21
C LEU B 81 -56.59 35.62 -39.75
N HIS B 82 -57.87 35.35 -39.48
CA HIS B 82 -58.43 35.48 -38.14
C HIS B 82 -57.98 34.32 -37.25
N GLU B 83 -58.12 33.08 -37.72
CA GLU B 83 -57.91 31.93 -36.86
C GLU B 83 -56.43 31.70 -36.56
N PHE B 84 -55.57 31.91 -37.56
CA PHE B 84 -54.12 31.65 -37.50
C PHE B 84 -53.77 30.29 -36.90
N THR B 85 -54.70 29.33 -36.97
CA THR B 85 -54.47 27.98 -36.47
C THR B 85 -54.64 26.91 -37.55
N THR B 86 -55.74 26.94 -38.29
CA THR B 86 -56.07 25.87 -39.22
C THR B 86 -56.22 26.42 -40.64
N VAL B 87 -56.21 25.51 -41.61
CA VAL B 87 -56.49 25.81 -43.00
C VAL B 87 -57.63 24.90 -43.45
N PRO B 88 -58.80 25.44 -43.81
CA PRO B 88 -59.96 24.57 -44.08
C PRO B 88 -59.74 23.70 -45.31
N GLY B 89 -60.10 22.43 -45.17
CA GLY B 89 -59.86 21.44 -46.20
C GLY B 89 -58.44 20.91 -46.24
N VAL B 90 -57.62 21.22 -45.24
CA VAL B 90 -56.21 20.85 -45.21
C VAL B 90 -55.94 20.05 -43.96
N LYS B 91 -55.29 18.89 -44.13
CA LYS B 91 -54.91 18.05 -43.00
C LYS B 91 -54.03 18.81 -42.01
N GLU B 92 -52.89 19.30 -42.50
CA GLU B 92 -51.91 19.96 -41.64
C GLU B 92 -52.40 21.33 -41.21
N ASP B 93 -51.90 21.77 -40.05
CA ASP B 93 -52.26 23.07 -39.49
C ASP B 93 -51.25 24.12 -39.96
N VAL B 94 -51.32 25.31 -39.35
CA VAL B 94 -50.50 26.43 -39.78
C VAL B 94 -49.03 26.19 -39.44
N THR B 95 -48.75 25.85 -38.18
CA THR B 95 -47.38 25.67 -37.75
C THR B 95 -46.68 24.61 -38.57
N GLU B 96 -47.37 23.53 -38.91
CA GLU B 96 -46.77 22.47 -39.71
C GLU B 96 -46.48 22.95 -41.12
N ILE B 97 -47.37 23.77 -41.68
CA ILE B 97 -47.14 24.32 -43.01
C ILE B 97 -45.89 25.20 -42.99
N ILE B 98 -45.73 26.01 -41.95
CA ILE B 98 -44.54 26.84 -41.83
C ILE B 98 -43.29 25.98 -41.69
N LEU B 99 -43.37 24.92 -40.88
CA LEU B 99 -42.21 24.04 -40.72
C LEU B 99 -41.82 23.41 -42.05
N ASN B 100 -42.81 23.02 -42.85
CA ASN B 100 -42.50 22.47 -44.17
C ASN B 100 -41.92 23.53 -45.09
N LEU B 101 -42.42 24.76 -45.00
CA LEU B 101 -41.95 25.80 -45.90
C LEU B 101 -40.52 26.22 -45.59
N LYS B 102 -40.13 26.22 -44.31
CA LYS B 102 -38.74 26.51 -43.98
C LYS B 102 -37.82 25.46 -44.56
N SER B 103 -38.31 24.21 -44.70
CA SER B 103 -37.57 23.10 -45.28
C SER B 103 -37.41 23.21 -46.79
N LEU B 104 -37.84 24.31 -47.40
CA LEU B 104 -37.74 24.51 -48.84
C LEU B 104 -36.38 25.10 -49.17
N VAL B 105 -35.61 24.40 -50.02
CA VAL B 105 -34.31 24.89 -50.45
C VAL B 105 -34.47 25.66 -51.75
N VAL B 106 -33.93 26.88 -51.78
CA VAL B 106 -34.22 27.83 -52.85
C VAL B 106 -32.98 28.68 -53.07
N SER B 107 -32.72 29.04 -54.34
CA SER B 107 -31.56 29.86 -54.68
C SER B 107 -31.99 30.94 -55.65
N SER B 108 -31.62 32.18 -55.36
CA SER B 108 -32.01 33.33 -56.16
C SER B 108 -30.82 34.24 -56.40
N GLU B 109 -30.93 35.07 -57.45
CA GLU B 109 -29.92 36.06 -57.77
C GLU B 109 -30.36 37.48 -57.50
N GLU B 110 -31.62 37.71 -57.15
CA GLU B 110 -32.12 39.06 -56.94
C GLU B 110 -31.70 39.56 -55.57
N ASP B 111 -31.04 40.72 -55.54
CA ASP B 111 -30.64 41.34 -54.28
C ASP B 111 -31.84 41.84 -53.48
N GLU B 112 -32.99 42.00 -54.12
CA GLU B 112 -34.22 42.44 -53.47
C GLU B 112 -35.10 41.25 -53.13
N PRO B 113 -36.05 41.43 -52.20
CA PRO B 113 -37.04 40.38 -51.96
C PRO B 113 -37.80 40.02 -53.24
N VAL B 114 -38.20 38.75 -53.33
CA VAL B 114 -38.87 38.20 -54.51
C VAL B 114 -40.00 37.32 -54.03
N THR B 115 -41.17 37.45 -54.66
CA THR B 115 -42.36 36.75 -54.22
C THR B 115 -42.64 35.53 -55.10
N MET B 116 -43.10 34.45 -54.47
CA MET B 116 -43.57 33.25 -55.14
C MET B 116 -45.02 33.01 -54.76
N TYR B 117 -45.69 32.19 -55.57
CA TYR B 117 -47.10 31.86 -55.33
C TYR B 117 -47.29 30.35 -55.44
N LEU B 118 -47.96 29.77 -54.43
CA LEU B 118 -48.36 28.37 -54.45
C LEU B 118 -49.87 28.30 -54.45
N ARG B 119 -50.43 27.73 -55.51
CA ARG B 119 -51.88 27.53 -55.61
C ARG B 119 -52.15 26.13 -56.13
N LYS B 120 -52.98 25.39 -55.40
CA LYS B 120 -53.47 24.09 -55.86
C LYS B 120 -54.79 23.82 -55.17
N GLN B 121 -55.76 23.32 -55.95
CA GLN B 121 -57.10 23.05 -55.46
C GLN B 121 -57.38 21.55 -55.50
N GLY B 122 -58.57 21.19 -55.04
CA GLY B 122 -59.05 19.84 -55.13
C GLY B 122 -58.31 18.88 -54.22
N PRO B 123 -58.95 17.76 -53.88
CA PRO B 123 -58.26 16.71 -53.11
C PRO B 123 -57.01 16.24 -53.84
N GLY B 124 -55.87 16.43 -53.19
CA GLY B 124 -54.59 16.08 -53.79
C GLY B 124 -53.47 16.36 -52.82
N GLU B 125 -52.24 16.14 -53.30
CA GLU B 125 -51.03 16.33 -52.50
C GLU B 125 -50.18 17.43 -53.14
N VAL B 126 -50.04 18.55 -52.43
CA VAL B 126 -49.24 19.66 -52.93
C VAL B 126 -47.78 19.42 -52.61
N THR B 127 -46.91 19.57 -53.60
CA THR B 127 -45.47 19.43 -53.42
C THR B 127 -44.79 20.76 -53.75
N ALA B 128 -43.46 20.76 -53.64
CA ALA B 128 -42.69 21.97 -53.91
C ALA B 128 -42.55 22.28 -55.38
N GLY B 129 -42.88 21.34 -56.27
CA GLY B 129 -42.96 21.64 -57.68
C GLY B 129 -44.19 22.41 -58.09
N ASP B 130 -45.26 22.33 -57.28
CA ASP B 130 -46.55 22.99 -57.48
C ASP B 130 -46.48 24.49 -57.28
N ILE B 131 -45.29 25.04 -57.06
CA ILE B 131 -45.08 26.48 -56.98
C ILE B 131 -44.47 26.97 -58.27
N VAL B 132 -44.83 28.20 -58.65
CA VAL B 132 -44.36 28.80 -59.88
C VAL B 132 -43.16 29.69 -59.55
N PRO B 133 -41.94 29.28 -59.87
CA PRO B 133 -40.77 30.07 -59.51
C PRO B 133 -40.61 31.28 -60.41
N PRO B 134 -40.64 32.48 -59.86
CA PRO B 134 -40.33 33.67 -60.66
C PRO B 134 -38.94 33.59 -61.28
N ALA B 135 -38.66 34.54 -62.18
CA ALA B 135 -37.42 34.50 -62.93
C ALA B 135 -36.23 34.63 -62.00
N GLY B 136 -35.23 33.77 -62.20
CA GLY B 136 -33.99 33.82 -61.44
C GLY B 136 -33.94 32.86 -60.27
N VAL B 137 -35.04 32.72 -59.55
CA VAL B 137 -35.10 31.81 -58.41
C VAL B 137 -35.25 30.37 -58.92
N THR B 138 -34.91 29.42 -58.06
CA THR B 138 -35.02 28.01 -58.40
C THR B 138 -35.40 27.24 -57.15
N VAL B 139 -36.09 26.12 -57.34
CA VAL B 139 -36.56 25.27 -56.25
C VAL B 139 -35.91 23.90 -56.43
N HIS B 140 -35.00 23.56 -55.51
CA HIS B 140 -34.14 22.40 -55.68
C HIS B 140 -34.72 21.11 -55.08
N ASN B 141 -35.86 21.18 -54.40
CA ASN B 141 -36.49 19.99 -53.82
C ASN B 141 -37.97 19.93 -54.17
N PRO B 142 -38.30 19.89 -55.47
CA PRO B 142 -39.72 19.95 -55.86
C PRO B 142 -40.55 18.78 -55.34
N GLY B 143 -39.91 17.68 -54.94
CA GLY B 143 -40.64 16.57 -54.37
C GLY B 143 -41.08 16.74 -52.94
N MET B 144 -40.70 17.85 -52.30
CA MET B 144 -40.96 18.02 -50.87
C MET B 144 -42.46 18.12 -50.59
N HIS B 145 -42.93 17.34 -49.63
CA HIS B 145 -44.32 17.42 -49.19
C HIS B 145 -44.57 18.75 -48.48
N ILE B 146 -45.72 19.36 -48.78
CA ILE B 146 -46.11 20.64 -48.20
C ILE B 146 -47.45 20.55 -47.49
N ALA B 147 -48.46 20.00 -48.17
CA ALA B 147 -49.78 19.82 -47.56
C ALA B 147 -50.58 18.82 -48.39
N THR B 148 -51.68 18.35 -47.81
CA THR B 148 -52.63 17.48 -48.49
C THR B 148 -54.02 18.09 -48.37
N LEU B 149 -54.62 18.41 -49.51
CA LEU B 149 -55.93 19.04 -49.56
C LEU B 149 -57.02 17.98 -49.67
N ASN B 150 -57.99 18.03 -48.75
CA ASN B 150 -59.11 17.10 -48.75
C ASN B 150 -60.10 17.47 -49.85
N ASP B 151 -61.20 16.71 -49.92
CA ASP B 151 -62.25 17.00 -50.88
C ASP B 151 -62.75 18.43 -50.67
N LYS B 152 -62.94 19.15 -51.78
CA LYS B 152 -63.24 20.58 -51.74
C LYS B 152 -62.17 21.33 -50.96
N GLY B 153 -60.92 21.11 -51.33
CA GLY B 153 -59.80 21.75 -50.68
C GLY B 153 -58.94 22.56 -51.61
N LYS B 154 -58.66 23.81 -51.24
CA LYS B 154 -57.85 24.70 -52.04
C LYS B 154 -56.78 25.33 -51.17
N LEU B 155 -55.73 25.82 -51.82
CA LEU B 155 -54.61 26.44 -51.11
C LEU B 155 -53.98 27.48 -52.02
N GLU B 156 -53.94 28.73 -51.54
CA GLU B 156 -53.30 29.84 -52.24
C GLU B 156 -52.50 30.60 -51.20
N VAL B 157 -51.17 30.57 -51.34
CA VAL B 157 -50.28 31.13 -50.33
C VAL B 157 -49.08 31.77 -51.01
N GLU B 158 -48.70 32.95 -50.52
CA GLU B 158 -47.62 33.76 -51.07
C GLU B 158 -46.36 33.63 -50.21
N LEU B 159 -45.20 33.53 -50.85
CA LEU B 159 -43.94 33.23 -50.18
C LEU B 159 -42.90 34.29 -50.53
N VAL B 160 -42.50 35.09 -49.56
CA VAL B 160 -41.40 36.03 -49.74
C VAL B 160 -40.08 35.28 -49.62
N VAL B 161 -39.13 35.57 -50.50
CA VAL B 161 -37.82 34.92 -50.51
C VAL B 161 -36.75 35.99 -50.67
N GLU B 162 -35.71 35.92 -49.86
CA GLU B 162 -34.61 36.87 -49.97
C GLU B 162 -33.28 36.14 -49.90
N ARG B 163 -32.23 36.85 -50.28
CA ARG B 163 -30.88 36.40 -50.00
C ARG B 163 -30.50 36.77 -48.57
N GLY B 164 -29.57 36.01 -48.02
CA GLY B 164 -29.12 36.25 -46.65
C GLY B 164 -28.06 35.25 -46.26
N ARG B 165 -27.66 35.32 -44.99
CA ARG B 165 -26.61 34.46 -44.47
C ARG B 165 -26.95 33.97 -43.08
N GLY B 166 -26.62 32.72 -42.80
CA GLY B 166 -26.74 32.18 -41.45
C GLY B 166 -28.17 31.82 -41.12
N TYR B 167 -28.62 32.25 -39.95
CA TYR B 167 -29.95 31.94 -39.46
C TYR B 167 -30.46 33.14 -38.68
N VAL B 168 -31.56 33.73 -39.14
CA VAL B 168 -32.19 34.87 -38.48
C VAL B 168 -33.60 34.46 -38.11
N PRO B 169 -34.06 34.73 -36.88
CA PRO B 169 -35.36 34.23 -36.43
C PRO B 169 -36.54 34.87 -37.14
N ALA B 170 -37.74 34.42 -36.81
CA ALA B 170 -38.99 34.95 -37.37
C ALA B 170 -39.32 36.34 -36.83
N VAL B 171 -38.41 37.00 -36.13
CA VAL B 171 -38.65 38.34 -35.60
C VAL B 171 -38.19 39.35 -36.65
N GLN B 172 -39.16 39.99 -37.31
CA GLN B 172 -38.88 40.96 -38.37
C GLN B 172 -40.17 41.65 -38.80
N GLY B 177 -47.43 45.67 -36.55
CA GLY B 177 -47.90 46.79 -37.34
C GLY B 177 -47.59 46.66 -38.81
N ALA B 178 -48.53 46.12 -39.56
CA ALA B 178 -48.32 45.81 -40.97
C ALA B 178 -49.68 45.53 -41.60
N GLU B 179 -49.64 45.01 -42.83
CA GLU B 179 -50.85 44.45 -43.44
C GLU B 179 -51.16 43.10 -42.80
N ILE B 180 -52.46 42.83 -42.60
CA ILE B 180 -52.87 41.61 -41.91
C ILE B 180 -52.53 40.39 -42.75
N GLY B 181 -52.39 39.25 -42.06
CA GLY B 181 -52.08 37.99 -42.70
C GLY B 181 -50.62 37.77 -43.06
N ARG B 182 -49.73 38.69 -42.72
CA ARG B 182 -48.31 38.55 -43.02
C ARG B 182 -47.63 37.85 -41.85
N ILE B 183 -47.32 36.58 -42.02
CA ILE B 183 -46.68 35.76 -40.99
C ILE B 183 -45.18 35.73 -41.29
N PRO B 184 -44.33 36.30 -40.44
CA PRO B 184 -42.88 36.19 -40.64
C PRO B 184 -42.37 34.86 -40.13
N VAL B 185 -41.42 34.28 -40.86
CA VAL B 185 -40.91 32.95 -40.57
C VAL B 185 -39.41 33.02 -40.27
N ASP B 186 -38.90 31.96 -39.65
CA ASP B 186 -37.47 31.81 -39.44
C ASP B 186 -36.79 31.57 -40.78
N SER B 187 -35.77 32.36 -41.09
CA SER B 187 -35.09 32.31 -42.39
C SER B 187 -33.81 31.50 -42.26
N ILE B 188 -33.83 30.27 -42.80
CA ILE B 188 -32.62 29.42 -42.81
C ILE B 188 -31.88 29.77 -44.10
N TYR B 189 -31.12 30.86 -44.05
CA TYR B 189 -30.35 31.29 -45.21
C TYR B 189 -29.20 30.34 -45.50
N SER B 190 -28.55 29.82 -44.45
CA SER B 190 -27.32 29.06 -44.63
C SER B 190 -27.56 27.89 -45.57
N PRO B 191 -26.79 27.77 -46.65
CA PRO B 191 -26.86 26.55 -47.47
C PRO B 191 -26.41 25.30 -46.74
N VAL B 192 -25.58 25.42 -45.71
CA VAL B 192 -25.19 24.25 -44.94
C VAL B 192 -26.17 24.08 -43.79
N LEU B 193 -26.41 22.81 -43.43
CA LEU B 193 -27.45 22.46 -42.47
C LEU B 193 -26.87 22.23 -41.08
N LYS B 194 -25.90 21.33 -40.96
CA LYS B 194 -25.32 20.97 -39.68
C LYS B 194 -23.83 20.73 -39.85
N VAL B 195 -23.03 21.30 -38.95
CA VAL B 195 -21.58 21.11 -38.97
C VAL B 195 -21.12 20.83 -37.55
N THR B 196 -20.27 19.82 -37.40
CA THR B 196 -19.68 19.48 -36.11
C THR B 196 -18.25 19.01 -36.32
N TYR B 197 -17.35 19.41 -35.42
CA TYR B 197 -15.94 19.12 -35.60
C TYR B 197 -15.34 18.51 -34.35
N LYS B 198 -14.27 17.73 -34.55
CA LYS B 198 -13.52 17.15 -33.44
C LYS B 198 -12.04 17.10 -33.80
N VAL B 199 -11.20 17.02 -32.78
CA VAL B 199 -9.75 17.06 -32.95
C VAL B 199 -9.16 15.81 -32.30
N ASP B 200 -8.43 15.03 -33.10
CA ASP B 200 -7.70 13.86 -32.62
C ASP B 200 -6.20 14.12 -32.74
N ALA B 201 -5.40 13.13 -32.32
CA ALA B 201 -3.95 13.26 -32.28
C ALA B 201 -3.33 12.14 -33.13
N THR B 202 -2.84 12.52 -34.31
CA THR B 202 -1.99 11.66 -35.14
C THR B 202 -0.91 12.55 -35.71
N ARG B 203 0.35 12.16 -35.53
CA ARG B 203 1.42 13.12 -35.74
C ARG B 203 2.65 12.45 -36.34
N VAL B 204 3.60 13.31 -36.74
CA VAL B 204 4.88 12.87 -37.24
C VAL B 204 5.62 12.08 -36.15
N GLU B 205 6.58 11.26 -36.59
CA GLU B 205 7.24 10.31 -35.69
C GLU B 205 8.17 10.99 -34.69
N GLN B 206 8.68 12.19 -34.99
CA GLN B 206 9.60 12.87 -34.09
C GLN B 206 8.92 13.84 -33.14
N ARG B 207 7.62 14.09 -33.32
CA ARG B 207 6.89 15.01 -32.46
C ARG B 207 5.72 14.36 -31.72
N THR B 208 4.92 13.54 -32.41
CA THR B 208 3.79 12.75 -31.90
C THR B 208 2.75 13.56 -31.11
N ASP B 209 2.81 14.90 -31.19
CA ASP B 209 1.76 15.76 -30.64
C ASP B 209 1.35 16.75 -31.73
N PHE B 210 0.51 16.27 -32.63
CA PHE B 210 -0.09 17.11 -33.66
C PHE B 210 -1.59 16.91 -33.60
N ASP B 211 -2.31 17.73 -34.35
CA ASP B 211 -3.76 17.72 -34.34
C ASP B 211 -4.27 17.31 -35.71
N LYS B 212 -5.11 16.28 -35.74
CA LYS B 212 -5.91 15.92 -36.90
C LYS B 212 -7.31 16.51 -36.70
N LEU B 213 -7.78 17.26 -37.68
CA LEU B 213 -9.08 17.92 -37.59
C LEU B 213 -10.10 17.19 -38.45
N ILE B 214 -11.24 16.84 -37.85
CA ILE B 214 -12.32 16.15 -38.55
C ILE B 214 -13.54 17.05 -38.54
N LEU B 215 -14.02 17.40 -39.74
CA LEU B 215 -15.19 18.24 -39.95
C LEU B 215 -16.30 17.41 -40.58
N ASP B 216 -17.42 17.26 -39.88
CA ASP B 216 -18.62 16.62 -40.43
C ASP B 216 -19.56 17.75 -40.85
N VAL B 217 -19.82 17.86 -42.15
CA VAL B 217 -20.64 18.93 -42.68
C VAL B 217 -21.71 18.32 -43.58
N GLU B 218 -22.98 18.54 -43.22
CA GLU B 218 -24.12 18.15 -44.03
C GLU B 218 -24.83 19.42 -44.49
N THR B 219 -24.98 19.56 -45.80
CA THR B 219 -25.50 20.75 -46.45
C THR B 219 -26.88 20.48 -47.03
N LYS B 220 -27.44 21.50 -47.69
CA LYS B 220 -28.66 21.39 -48.46
C LYS B 220 -28.31 20.97 -49.89
N ASN B 221 -29.27 21.08 -50.79
CA ASN B 221 -29.05 20.73 -52.19
C ASN B 221 -28.64 21.92 -53.04
N SER B 222 -28.48 23.11 -52.45
CA SER B 222 -27.96 24.25 -53.20
C SER B 222 -26.51 24.03 -53.61
N ILE B 223 -25.70 23.48 -52.72
CA ILE B 223 -24.28 23.31 -52.97
C ILE B 223 -23.79 22.02 -52.31
N SER B 224 -22.76 21.43 -52.91
CA SER B 224 -22.14 20.27 -52.32
C SER B 224 -21.28 20.69 -51.13
N PRO B 225 -21.00 19.77 -50.20
CA PRO B 225 -20.07 20.11 -49.11
C PRO B 225 -18.76 20.68 -49.60
N ARG B 226 -18.25 20.21 -50.74
CA ARG B 226 -16.99 20.73 -51.28
C ARG B 226 -17.06 22.23 -51.46
N ASP B 227 -18.06 22.70 -52.20
CA ASP B 227 -18.18 24.13 -52.47
C ASP B 227 -18.38 24.93 -51.18
N ALA B 228 -19.10 24.35 -50.22
CA ALA B 228 -19.29 25.01 -48.93
C ALA B 228 -17.94 25.24 -48.25
N LEU B 229 -17.13 24.18 -48.15
CA LEU B 229 -15.80 24.33 -47.55
C LEU B 229 -14.94 25.31 -48.33
N ALA B 230 -15.03 25.29 -49.67
CA ALA B 230 -14.18 26.17 -50.47
C ALA B 230 -14.52 27.63 -50.24
N SER B 231 -15.82 27.96 -50.27
CA SER B 231 -16.21 29.35 -50.04
C SER B 231 -15.87 29.79 -48.63
N ALA B 232 -16.00 28.88 -47.65
CA ALA B 232 -15.63 29.22 -46.29
C ALA B 232 -14.14 29.51 -46.18
N GLY B 233 -13.32 28.68 -46.81
CA GLY B 233 -11.89 28.93 -46.82
C GLY B 233 -11.55 30.25 -47.49
N LYS B 234 -12.27 30.60 -48.55
CA LYS B 234 -12.02 31.87 -49.22
C LYS B 234 -12.34 33.05 -48.31
N THR B 235 -13.53 33.02 -47.69
CA THR B 235 -13.90 34.10 -46.77
C THR B 235 -12.91 34.24 -45.62
N LEU B 236 -12.40 33.10 -45.13
CA LEU B 236 -11.45 33.16 -44.03
C LEU B 236 -10.09 33.66 -44.50
N VAL B 237 -9.65 33.25 -45.70
CA VAL B 237 -8.39 33.75 -46.24
C VAL B 237 -8.46 35.27 -46.34
N GLU B 238 -9.59 35.80 -46.82
CA GLU B 238 -9.75 37.25 -46.88
C GLU B 238 -9.73 37.87 -45.48
N LEU B 239 -10.41 37.24 -44.52
CA LEU B 239 -10.43 37.77 -43.16
C LEU B 239 -9.03 37.89 -42.57
N PHE B 240 -8.21 36.85 -42.71
CA PHE B 240 -6.89 36.91 -42.11
C PHE B 240 -5.88 37.61 -43.00
N GLY B 241 -6.20 37.81 -44.28
CA GLY B 241 -5.42 38.73 -45.08
C GLY B 241 -5.60 40.15 -44.60
N LEU B 242 -6.80 40.48 -44.12
CA LEU B 242 -7.00 41.76 -43.43
C LEU B 242 -5.93 42.00 -42.38
N ALA B 243 -5.44 40.93 -41.75
CA ALA B 243 -4.42 41.02 -40.71
C ALA B 243 -3.00 40.98 -41.26
N ARG B 244 -2.74 40.11 -42.24
CA ARG B 244 -1.41 40.08 -42.84
C ARG B 244 -1.13 41.31 -43.70
N GLU B 245 -2.14 42.13 -43.97
CA GLU B 245 -1.94 43.37 -44.71
C GLU B 245 -1.25 44.44 -43.86
N LEU B 246 -1.17 44.25 -42.55
CA LEU B 246 -0.50 45.23 -41.70
C LEU B 246 0.98 45.30 -42.00
N ASN B 247 1.54 44.22 -42.55
CA ASN B 247 2.97 44.08 -42.82
C ASN B 247 3.21 42.72 -43.47
N VAL B 248 4.24 42.61 -44.31
CA VAL B 248 4.54 41.36 -44.98
C VAL B 248 5.95 40.94 -44.56
N GLU B 249 6.03 39.99 -43.63
CA GLU B 249 7.31 39.40 -43.25
C GLU B 249 7.05 38.05 -42.57
N ALA B 250 8.06 37.53 -41.88
CA ALA B 250 8.19 36.09 -41.64
C ALA B 250 7.03 35.48 -40.86
N GLU B 251 6.60 34.30 -41.31
CA GLU B 251 5.67 33.42 -40.60
C GLU B 251 5.64 32.07 -41.29
N GLY B 252 5.14 31.07 -40.58
CA GLY B 252 5.31 29.69 -41.01
C GLY B 252 4.55 29.39 -42.29
N ILE B 253 5.23 28.74 -43.24
CA ILE B 253 4.63 28.34 -44.50
C ILE B 253 4.76 26.82 -44.65
N GLU B 254 4.27 26.28 -45.76
CA GLU B 254 4.39 24.85 -46.07
C GLU B 254 4.91 24.67 -47.49
N ILE B 255 5.32 23.44 -47.80
CA ILE B 255 5.82 23.14 -49.13
C ILE B 255 4.68 23.08 -50.14
N GLY B 256 3.51 22.61 -49.73
CA GLY B 256 2.40 22.45 -50.64
C GLY B 256 1.08 22.92 -50.05
N PRO B 257 0.20 23.46 -50.92
CA PRO B 257 -1.15 23.90 -50.54
C PRO B 257 -2.19 22.79 -50.70
N SER C 23 0.51 41.91 14.49
CA SER C 23 0.65 42.30 13.10
C SER C 23 2.12 42.34 12.67
N SER C 24 2.99 42.85 13.55
CA SER C 24 4.39 43.05 13.19
C SER C 24 5.20 41.75 13.26
N ASN C 25 4.97 40.91 14.28
CA ASN C 25 5.75 39.70 14.51
C ASN C 25 7.25 40.00 14.55
N ASN C 26 7.59 41.19 15.04
CA ASN C 26 8.95 41.70 14.92
C ASN C 26 9.89 41.15 15.98
N SER C 27 9.45 40.18 16.79
CA SER C 27 10.37 39.52 17.71
C SER C 27 11.48 38.79 16.98
N VAL C 28 11.36 38.59 15.68
CA VAL C 28 12.41 38.05 14.81
C VAL C 28 12.95 39.20 13.97
N PRO C 29 14.25 39.47 14.00
CA PRO C 29 14.77 40.61 13.24
C PRO C 29 14.73 40.34 11.74
N GLY C 30 14.46 41.42 10.99
CA GLY C 30 14.46 41.37 9.53
C GLY C 30 13.35 40.55 8.92
N ALA C 31 12.45 40.04 9.77
CA ALA C 31 11.40 39.14 9.31
C ALA C 31 10.43 39.91 8.40
N PRO C 32 9.92 39.26 7.35
CA PRO C 32 8.94 39.91 6.48
C PRO C 32 7.73 40.41 7.26
N ASN C 33 7.07 41.42 6.69
CA ASN C 33 5.90 42.04 7.32
C ASN C 33 4.64 41.31 6.86
N ARG C 34 4.37 40.19 7.53
CA ARG C 34 3.15 39.43 7.29
C ARG C 34 2.06 40.03 8.17
N VAL C 35 1.18 40.83 7.56
CA VAL C 35 0.06 41.43 8.26
C VAL C 35 -0.96 40.34 8.59
N SER C 36 -1.43 40.32 9.83
CA SER C 36 -2.16 39.17 10.37
C SER C 36 -3.58 39.56 10.75
N PHE C 37 -4.55 38.70 10.36
CA PHE C 37 -5.97 38.84 10.71
C PHE C 37 -6.27 38.46 12.15
N ALA C 38 -5.26 38.10 12.93
CA ALA C 38 -5.50 37.67 14.29
C ALA C 38 -6.19 38.77 15.08
N LYS C 39 -6.93 38.36 16.11
CA LYS C 39 -7.61 39.30 16.99
C LYS C 39 -7.26 39.12 18.45
N LEU C 40 -6.80 37.94 18.87
CA LEU C 40 -6.39 37.69 20.23
C LEU C 40 -4.90 37.95 20.38
N ARG C 41 -4.48 38.31 21.59
CA ARG C 41 -3.07 38.54 21.87
C ARG C 41 -2.39 37.25 22.30
N GLU C 42 -1.18 37.02 21.78
CA GLU C 42 -0.38 35.87 22.17
C GLU C 42 0.59 36.30 23.27
N PRO C 43 0.30 36.04 24.54
CA PRO C 43 1.19 36.53 25.60
C PRO C 43 2.51 35.76 25.70
N LEU C 44 2.57 34.55 25.16
CA LEU C 44 3.75 33.71 25.26
C LEU C 44 4.21 33.31 23.85
N GLU C 45 5.51 33.37 23.64
CA GLU C 45 6.07 33.00 22.35
C GLU C 45 6.21 31.48 22.24
N VAL C 46 6.19 30.99 21.02
CA VAL C 46 6.43 29.56 20.80
C VAL C 46 7.88 29.24 21.17
N PRO C 47 8.13 28.22 21.97
CA PRO C 47 9.51 27.93 22.41
C PRO C 47 10.40 27.49 21.27
N GLY C 48 11.69 27.31 21.56
CA GLY C 48 12.57 26.66 20.61
C GLY C 48 12.00 25.31 20.23
N LEU C 49 11.69 25.11 18.95
CA LEU C 49 11.02 23.90 18.52
C LEU C 49 11.91 22.67 18.57
N LEU C 50 13.23 22.84 18.75
CA LEU C 50 14.14 21.74 18.96
C LEU C 50 14.47 21.52 20.43
N ASP C 51 13.83 22.27 21.33
CA ASP C 51 14.16 22.16 22.75
C ASP C 51 13.82 20.78 23.30
N VAL C 52 12.87 20.07 22.68
CA VAL C 52 12.57 18.71 23.12
C VAL C 52 13.82 17.83 23.04
N GLN C 53 14.67 18.08 22.04
CA GLN C 53 15.89 17.29 21.89
C GLN C 53 17.11 17.95 22.54
N THR C 54 17.23 19.28 22.47
CA THR C 54 18.40 19.92 23.07
C THR C 54 18.34 19.88 24.60
N ASP C 55 17.15 20.07 25.18
CA ASP C 55 16.99 19.92 26.63
C ASP C 55 17.42 18.54 27.09
N SER C 56 17.15 17.51 26.28
CA SER C 56 17.41 16.15 26.68
C SER C 56 18.89 15.82 26.63
N PHE C 57 19.56 16.18 25.53
CA PHE C 57 20.96 15.80 25.32
C PHE C 57 21.93 16.70 26.07
N GLU C 58 21.59 17.97 26.26
CA GLU C 58 22.36 18.81 27.17
C GLU C 58 22.30 18.28 28.59
N TRP C 59 21.18 17.66 28.99
CA TRP C 59 21.10 17.04 30.32
C TRP C 59 22.07 15.88 30.44
N LEU C 60 22.02 14.96 29.47
CA LEU C 60 22.91 13.79 29.48
C LEU C 60 24.36 14.20 29.61
N ILE C 61 24.77 15.24 28.88
CA ILE C 61 26.14 15.71 28.90
C ILE C 61 26.46 16.50 30.16
N GLY C 62 25.48 17.23 30.71
CA GLY C 62 25.75 18.13 31.80
C GLY C 62 26.43 19.39 31.31
N SER C 63 25.87 20.01 30.28
CA SER C 63 26.41 21.19 29.63
C SER C 63 26.18 22.45 30.47
N PRO C 64 27.05 23.46 30.32
CA PRO C 64 26.85 24.71 31.08
C PRO C 64 25.50 25.36 30.80
N ARG C 65 24.99 25.23 29.58
CA ARG C 65 23.61 25.63 29.31
C ARG C 65 22.65 24.95 30.28
N TRP C 66 22.68 23.62 30.31
CA TRP C 66 21.86 22.89 31.26
C TRP C 66 22.28 23.20 32.69
N ARG C 67 23.59 23.29 32.94
CA ARG C 67 24.09 23.56 34.29
C ARG C 67 23.51 24.86 34.85
N GLU C 68 23.63 25.95 34.10
CA GLU C 68 23.06 27.22 34.53
C GLU C 68 21.56 27.07 34.78
N SER C 69 20.83 26.60 33.78
CA SER C 69 19.37 26.51 33.89
C SER C 69 18.96 25.63 35.06
N ALA C 70 19.53 24.41 35.14
CA ALA C 70 19.12 23.48 36.20
C ALA C 70 19.40 24.05 37.58
N ALA C 71 20.52 24.74 37.75
CA ALA C 71 20.79 25.47 38.99
C ALA C 71 20.02 26.78 39.06
N GLU C 72 19.61 27.34 37.92
CA GLU C 72 18.81 28.56 37.93
C GLU C 72 17.38 28.27 38.37
N ARG C 73 16.84 27.09 38.04
CA ARG C 73 15.60 26.66 38.67
C ARG C 73 15.90 26.19 40.11
N GLY C 74 14.84 25.82 40.84
CA GLY C 74 14.99 25.38 42.21
C GLY C 74 15.91 24.18 42.39
N VAL C 76 18.80 23.13 43.35
CA VAL C 76 20.25 23.26 43.26
C VAL C 76 20.91 21.91 43.55
N ASN C 77 20.29 20.85 43.03
CA ASN C 77 20.81 19.48 43.11
C ASN C 77 21.18 19.05 41.70
N PRO C 78 22.25 19.60 41.14
CA PRO C 78 22.53 19.56 39.69
C PRO C 78 23.34 18.34 39.21
N VAL C 79 22.66 17.21 39.02
CA VAL C 79 23.28 15.99 38.54
C VAL C 79 22.88 15.75 37.09
N GLY C 80 23.87 15.51 36.23
CA GLY C 80 23.62 15.21 34.83
C GLY C 80 23.38 13.73 34.59
N GLY C 81 23.09 13.40 33.34
CA GLY C 81 22.78 12.01 33.01
C GLY C 81 23.97 11.10 33.18
N LEU C 82 25.12 11.50 32.64
CA LEU C 82 26.33 10.71 32.81
C LEU C 82 26.78 10.67 34.27
N GLU C 83 26.73 11.82 34.95
CA GLU C 83 27.04 11.85 36.38
C GLU C 83 26.17 10.87 37.14
N GLU C 84 24.88 10.81 36.78
CA GLU C 84 23.95 9.90 37.44
C GLU C 84 24.31 8.46 37.19
N VAL C 85 24.69 8.12 35.94
CA VAL C 85 25.11 6.75 35.66
C VAL C 85 26.34 6.40 36.48
N LEU C 86 27.25 7.37 36.67
CA LEU C 86 28.50 7.12 37.36
C LEU C 86 28.33 6.98 38.87
N TYR C 87 27.41 7.74 39.48
CA TYR C 87 27.22 7.62 40.92
C TYR C 87 26.46 6.34 41.27
N GLU C 88 25.59 5.87 40.37
CA GLU C 88 24.97 4.57 40.61
C GLU C 88 26.01 3.46 40.57
N LEU C 89 26.96 3.54 39.64
CA LEU C 89 27.92 2.46 39.47
C LEU C 89 28.96 2.46 40.58
N SER C 90 29.40 3.62 41.01
CA SER C 90 30.48 3.73 41.98
C SER C 90 29.93 3.85 43.40
N PRO C 91 30.63 3.30 44.39
CA PRO C 91 31.90 2.59 44.22
C PRO C 91 31.71 1.15 43.77
N ILE C 92 32.73 0.58 43.15
CA ILE C 92 32.71 -0.80 42.70
C ILE C 92 33.62 -1.59 43.64
N GLU C 93 33.02 -2.33 44.57
CA GLU C 93 33.76 -3.05 45.59
C GLU C 93 34.00 -4.50 45.17
N ASP C 94 35.08 -5.06 45.68
CA ASP C 94 35.41 -6.47 45.50
C ASP C 94 34.72 -7.30 46.58
N PHE C 95 34.67 -8.62 46.34
CA PHE C 95 33.89 -9.51 47.20
C PHE C 95 34.32 -9.41 48.66
N SER C 96 35.61 -9.23 48.91
CA SER C 96 36.15 -9.14 50.26
C SER C 96 36.12 -7.72 50.80
N GLY C 97 35.45 -6.79 50.12
CA GLY C 97 35.45 -5.40 50.55
C GLY C 97 36.82 -4.77 50.60
N SER C 98 37.77 -5.29 49.82
CA SER C 98 39.16 -4.86 49.91
C SER C 98 39.41 -3.58 49.12
N MET C 99 39.22 -3.65 47.81
CA MET C 99 39.53 -2.55 46.91
C MET C 99 38.25 -1.97 46.32
N SER C 100 38.34 -0.73 45.85
CA SER C 100 37.18 -0.01 45.37
C SER C 100 37.57 0.88 44.20
N LEU C 101 36.89 0.71 43.07
CA LEU C 101 37.04 1.56 41.91
C LEU C 101 35.84 2.51 41.82
N SER C 102 36.11 3.80 41.62
CA SER C 102 35.07 4.81 41.60
C SER C 102 35.27 5.75 40.42
N PHE C 103 34.15 6.20 39.85
CA PHE C 103 34.17 7.01 38.64
C PHE C 103 33.62 8.40 38.94
N SER C 104 34.20 9.41 38.30
CA SER C 104 33.79 10.78 38.54
C SER C 104 34.04 11.62 37.30
N ASP C 105 33.49 12.83 37.33
CA ASP C 105 33.80 13.95 36.45
C ASP C 105 33.78 13.58 34.97
N PRO C 106 32.60 13.37 34.38
CA PRO C 106 32.55 13.22 32.93
C PRO C 106 33.00 14.50 32.25
N ARG C 107 33.94 14.36 31.32
CA ARG C 107 34.50 15.49 30.57
C ARG C 107 34.59 15.10 29.10
N PHE C 108 34.51 16.10 28.22
CA PHE C 108 34.53 15.86 26.79
C PHE C 108 35.72 16.57 26.14
N ASP C 109 36.42 15.85 25.28
CA ASP C 109 37.37 16.47 24.38
C ASP C 109 36.61 17.15 23.24
N ASP C 110 37.32 17.77 22.33
CA ASP C 110 36.66 18.36 21.17
C ASP C 110 36.12 17.27 20.26
N VAL C 111 35.31 17.70 19.29
CA VAL C 111 34.82 16.78 18.28
C VAL C 111 36.00 16.32 17.41
N LYS C 112 35.94 15.06 16.96
CA LYS C 112 37.04 14.51 16.17
C LYS C 112 37.08 15.10 14.76
N ALA C 113 35.92 15.34 14.16
CA ALA C 113 35.82 15.82 12.80
C ALA C 113 34.57 16.67 12.69
N PRO C 114 34.53 17.60 11.74
CA PRO C 114 33.31 18.39 11.53
C PRO C 114 32.21 17.57 10.86
N VAL C 115 30.98 18.09 10.96
CA VAL C 115 29.81 17.35 10.47
C VAL C 115 29.95 17.04 9.00
N ASP C 116 30.39 18.03 8.21
CA ASP C 116 30.53 17.80 6.78
C ASP C 116 31.61 16.77 6.49
N GLU C 117 32.63 16.70 7.34
CA GLU C 117 33.68 15.70 7.16
C GLU C 117 33.16 14.31 7.50
N CYS C 118 32.37 14.19 8.58
CA CYS C 118 31.75 12.91 8.89
C CYS C 118 30.78 12.50 7.80
N LYS C 119 30.04 13.46 7.23
CA LYS C 119 29.12 13.14 6.16
C LYS C 119 29.85 12.71 4.90
N ASP C 120 31.03 13.30 4.65
CA ASP C 120 31.78 12.97 3.43
C ASP C 120 32.49 11.63 3.55
N LYS C 121 32.99 11.30 4.74
CA LYS C 121 33.84 10.13 4.95
C LYS C 121 33.12 8.96 5.60
N ASP C 122 31.77 9.00 5.69
CA ASP C 122 30.96 7.94 6.28
C ASP C 122 31.35 7.64 7.73
N MET C 123 31.61 8.70 8.50
CA MET C 123 32.05 8.60 9.88
C MET C 123 30.90 8.94 10.84
N THR C 124 31.19 8.88 12.14
CA THR C 124 30.24 9.27 13.17
C THR C 124 30.75 10.52 13.88
N TYR C 125 29.97 11.60 13.81
CA TYR C 125 30.23 12.81 14.58
C TYR C 125 30.26 12.45 16.07
N ALA C 126 31.42 12.61 16.70
CA ALA C 126 31.60 12.16 18.08
C ALA C 126 32.73 12.95 18.73
N ALA C 127 32.71 12.97 20.06
CA ALA C 127 33.73 13.60 20.88
C ALA C 127 34.20 12.63 21.96
N PRO C 128 35.51 12.53 22.19
CA PRO C 128 36.01 11.55 23.17
C PRO C 128 35.59 11.90 24.60
N LEU C 129 35.21 10.87 25.35
CA LEU C 129 34.69 11.00 26.70
C LEU C 129 35.75 10.54 27.70
N PHE C 130 36.01 11.39 28.69
CA PHE C 130 36.95 11.07 29.77
C PHE C 130 36.21 11.06 31.10
N VAL C 131 36.71 10.22 32.01
CA VAL C 131 36.24 10.19 33.39
C VAL C 131 37.46 10.12 34.30
N THR C 132 37.23 10.42 35.59
CA THR C 132 38.26 10.36 36.62
C THR C 132 38.03 9.10 37.45
N ALA C 133 38.94 8.13 37.32
CA ALA C 133 38.79 6.81 37.92
C ALA C 133 39.75 6.67 39.11
N GLU C 134 39.20 6.69 40.32
CA GLU C 134 40.00 6.61 41.55
C GLU C 134 39.91 5.21 42.13
N PHE C 135 41.06 4.54 42.21
CA PHE C 135 41.15 3.21 42.78
C PHE C 135 41.73 3.29 44.19
N ILE C 136 41.02 2.72 45.15
CA ILE C 136 41.46 2.68 46.55
C ILE C 136 41.73 1.24 46.92
N ASN C 137 42.84 1.01 47.63
CA ASN C 137 43.20 -0.30 48.17
C ASN C 137 43.29 -0.15 49.68
N ASN C 138 42.25 -0.60 50.39
CA ASN C 138 42.21 -0.44 51.84
C ASN C 138 43.29 -1.23 52.55
N ASN C 139 43.82 -2.29 51.92
CA ASN C 139 44.86 -3.09 52.58
C ASN C 139 46.17 -2.33 52.67
N THR C 140 46.68 -1.82 51.55
CA THR C 140 47.91 -1.04 51.54
C THR C 140 47.67 0.46 51.69
N GLY C 141 46.42 0.91 51.68
CA GLY C 141 46.10 2.31 51.88
C GLY C 141 46.39 3.24 50.72
N GLU C 142 47.04 2.74 49.66
CA GLU C 142 47.42 3.58 48.53
C GLU C 142 46.22 3.91 47.66
N ILE C 143 46.30 5.06 46.99
CA ILE C 143 45.22 5.55 46.12
C ILE C 143 45.82 5.95 44.79
N LYS C 144 45.22 5.45 43.70
CA LYS C 144 45.72 5.67 42.34
C LYS C 144 44.61 6.30 41.50
N SER C 145 44.61 7.63 41.41
CA SER C 145 43.73 8.32 40.49
C SER C 145 44.22 8.12 39.05
N GLN C 146 43.44 8.63 38.10
CA GLN C 146 43.77 8.52 36.69
C GLN C 146 42.68 9.23 35.90
N THR C 147 42.98 9.54 34.64
CA THR C 147 41.98 10.01 33.70
C THR C 147 41.85 8.93 32.62
N VAL C 148 40.68 8.28 32.58
CA VAL C 148 40.45 7.12 31.71
C VAL C 148 39.51 7.54 30.58
N PHE C 149 39.74 6.97 29.40
CA PHE C 149 39.00 7.28 28.20
C PHE C 149 37.91 6.23 27.98
N MET C 150 36.65 6.67 28.05
CA MET C 150 35.53 5.74 27.97
C MET C 150 35.18 5.37 26.54
N GLY C 151 35.32 6.31 25.61
CA GLY C 151 35.06 6.00 24.21
C GLY C 151 34.72 7.27 23.46
N ASP C 152 34.58 7.09 22.14
CA ASP C 152 34.13 8.17 21.29
C ASP C 152 32.62 8.29 21.42
N PHE C 153 32.16 9.40 22.00
CA PHE C 153 30.76 9.58 22.37
C PHE C 153 30.03 10.30 21.24
N PRO C 154 29.10 9.64 20.54
CA PRO C 154 28.37 10.31 19.46
C PRO C 154 27.70 11.58 19.95
N MET C 155 27.77 12.62 19.12
CA MET C 155 27.36 13.95 19.52
C MET C 155 26.17 14.43 18.69
N MET C 156 25.45 15.38 19.26
CA MET C 156 24.26 15.93 18.64
C MET C 156 24.58 17.28 18.02
N THR C 157 24.10 17.48 16.80
CA THR C 157 24.40 18.65 16.01
C THR C 157 23.74 19.90 16.61
N GLU C 158 23.96 21.04 15.94
CA GLU C 158 23.21 22.24 16.26
C GLU C 158 21.76 22.13 15.82
N LYS C 159 21.43 21.14 14.98
CA LYS C 159 20.07 20.92 14.49
C LYS C 159 19.35 19.81 15.25
N GLY C 160 19.96 19.29 16.32
CA GLY C 160 19.33 18.26 17.12
C GLY C 160 19.30 16.88 16.48
N THR C 161 20.36 16.50 15.77
CA THR C 161 20.41 15.20 15.11
C THR C 161 21.74 14.48 15.38
N PHE C 162 21.99 13.40 14.67
CA PHE C 162 23.21 12.61 14.81
C PHE C 162 23.72 12.23 13.44
N ILE C 163 25.05 12.23 13.28
CA ILE C 163 25.69 11.64 12.10
C ILE C 163 26.27 10.31 12.53
N ILE C 164 25.82 9.23 11.89
CA ILE C 164 26.12 7.86 12.27
C ILE C 164 26.55 7.16 11.00
N ASN C 165 27.84 6.90 10.85
CA ASN C 165 28.37 6.28 9.65
C ASN C 165 28.02 7.09 8.40
N GLY C 166 27.98 8.41 8.55
CA GLY C 166 27.86 9.32 7.44
C GLY C 166 26.47 9.64 7.00
N THR C 167 25.44 9.14 7.69
CA THR C 167 24.05 9.47 7.41
C THR C 167 23.44 10.15 8.62
N GLU C 168 22.72 11.25 8.38
CA GLU C 168 22.14 12.02 9.46
C GLU C 168 20.90 11.29 10.00
N ARG C 169 20.69 11.43 11.30
CA ARG C 169 19.70 10.59 11.99
C ARG C 169 19.00 11.39 13.08
N VAL C 170 17.85 10.87 13.51
CA VAL C 170 17.07 11.46 14.59
C VAL C 170 16.71 10.36 15.56
N VAL C 171 16.90 10.62 16.85
CA VAL C 171 16.39 9.76 17.91
C VAL C 171 15.04 10.32 18.34
N VAL C 172 14.00 9.53 18.13
CA VAL C 172 12.62 9.95 18.36
C VAL C 172 12.24 9.66 19.80
N SER C 173 11.54 10.61 20.43
CA SER C 173 11.03 10.39 21.78
C SER C 173 10.02 9.26 21.79
N GLN C 174 10.09 8.39 22.81
CA GLN C 174 9.28 7.18 22.87
C GLN C 174 8.26 7.26 24.00
N LEU C 175 7.00 6.99 23.67
CA LEU C 175 5.93 6.93 24.66
C LEU C 175 5.98 5.61 25.41
N VAL C 176 6.24 5.69 26.71
CA VAL C 176 6.27 4.52 27.59
C VAL C 176 5.40 4.82 28.79
N ARG C 177 4.94 3.76 29.44
CA ARG C 177 4.15 3.94 30.65
C ARG C 177 5.08 4.19 31.83
N SER C 178 4.80 5.26 32.57
CA SER C 178 5.67 5.69 33.65
C SER C 178 5.75 4.59 34.72
N PRO C 179 6.89 4.49 35.41
CA PRO C 179 6.93 3.62 36.58
C PRO C 179 5.89 4.05 37.61
N GLY C 180 5.25 3.06 38.22
CA GLY C 180 4.25 3.36 39.24
C GLY C 180 3.46 2.11 39.60
N VAL C 181 2.31 2.36 40.22
CA VAL C 181 1.37 1.32 40.62
C VAL C 181 0.04 1.64 39.97
N TYR C 182 -0.45 0.73 39.12
CA TYR C 182 -1.61 1.01 38.29
C TYR C 182 -2.66 -0.07 38.46
N PHE C 183 -3.89 0.36 38.74
CA PHE C 183 -5.03 -0.52 38.95
C PHE C 183 -6.00 -0.38 37.79
N ASP C 184 -6.47 -1.50 37.26
CA ASP C 184 -7.54 -1.50 36.28
C ASP C 184 -8.62 -2.51 36.67
N GLU C 185 -9.78 -2.36 36.04
CA GLU C 185 -10.96 -3.19 36.28
C GLU C 185 -11.23 -3.99 35.00
N THR C 186 -10.74 -5.23 34.95
CA THR C 186 -11.06 -6.11 33.82
C THR C 186 -12.48 -6.64 33.98
N ILE C 187 -13.28 -6.49 32.93
CA ILE C 187 -14.73 -6.56 33.08
C ILE C 187 -15.17 -7.92 33.61
N ASP C 188 -14.61 -9.00 33.09
CA ASP C 188 -15.10 -10.32 33.47
C ASP C 188 -14.16 -11.39 32.95
N LYS C 189 -14.05 -12.46 33.74
CA LYS C 189 -13.52 -13.75 33.30
C LYS C 189 -14.63 -14.48 32.56
N SER C 190 -14.50 -15.81 32.41
CA SER C 190 -15.59 -16.65 31.89
C SER C 190 -16.95 -16.25 32.48
N THR C 191 -16.98 -15.95 33.77
CA THR C 191 -18.21 -15.52 34.44
C THR C 191 -18.48 -14.04 34.11
N ASP C 192 -19.49 -13.45 34.76
CA ASP C 192 -19.73 -12.02 34.66
C ASP C 192 -19.25 -11.27 35.90
N LYS C 193 -18.18 -11.75 36.53
CA LYS C 193 -17.68 -11.19 37.77
C LYS C 193 -16.63 -10.12 37.49
N THR C 194 -16.77 -8.97 38.15
CA THR C 194 -15.85 -7.86 37.98
C THR C 194 -14.57 -8.12 38.76
N LEU C 195 -13.45 -8.22 38.04
CA LEU C 195 -12.14 -8.48 38.63
C LEU C 195 -11.31 -7.21 38.64
N HIS C 196 -10.35 -7.14 39.55
CA HIS C 196 -9.44 -5.99 39.66
C HIS C 196 -8.01 -6.50 39.68
N SER C 197 -7.13 -5.76 39.02
CA SER C 197 -5.73 -6.13 38.91
C SER C 197 -4.85 -4.95 39.27
N VAL C 198 -3.55 -5.20 39.34
CA VAL C 198 -2.56 -4.15 39.56
C VAL C 198 -1.20 -4.68 39.15
N LYS C 199 -0.43 -3.83 38.46
CA LYS C 199 0.94 -4.15 38.10
C LYS C 199 1.85 -3.09 38.72
N VAL C 200 2.83 -3.53 39.50
CA VAL C 200 3.84 -2.64 40.06
C VAL C 200 4.99 -2.62 39.06
N ILE C 201 5.00 -1.59 38.20
CA ILE C 201 5.90 -1.53 37.06
C ILE C 201 7.04 -0.58 37.42
N PRO C 202 8.30 -1.06 37.56
CA PRO C 202 9.40 -0.16 37.91
C PRO C 202 10.17 0.35 36.70
N SER C 203 11.07 1.30 36.92
CA SER C 203 11.97 1.73 35.85
C SER C 203 12.98 0.63 35.52
N ARG C 204 13.46 -0.09 36.53
CA ARG C 204 14.37 -1.20 36.30
C ARG C 204 14.19 -2.23 37.41
N GLY C 205 14.12 -3.49 37.02
CA GLY C 205 13.99 -4.57 37.99
C GLY C 205 13.05 -5.68 37.54
N ALA C 206 12.39 -6.32 38.50
CA ALA C 206 11.42 -7.37 38.22
C ALA C 206 10.01 -6.83 38.46
N TRP C 207 9.05 -7.44 37.77
CA TRP C 207 7.67 -7.01 37.89
C TRP C 207 6.98 -7.68 39.09
N LEU C 208 5.98 -6.99 39.62
CA LEU C 208 5.21 -7.47 40.76
C LEU C 208 3.74 -7.23 40.49
N GLU C 209 2.92 -8.27 40.59
CA GLU C 209 1.52 -8.20 40.22
C GLU C 209 0.64 -8.82 41.29
N PHE C 210 -0.59 -8.31 41.39
CA PHE C 210 -1.60 -8.83 42.28
C PHE C 210 -2.94 -8.77 41.56
N ASP C 211 -3.79 -9.76 41.82
CA ASP C 211 -5.07 -9.86 41.11
C ASP C 211 -6.05 -10.66 41.94
N VAL C 212 -7.31 -10.63 41.52
CA VAL C 212 -8.37 -11.44 42.08
C VAL C 212 -8.88 -12.39 41.01
N ASP C 213 -9.43 -13.53 41.44
CA ASP C 213 -9.82 -14.59 40.53
C ASP C 213 -11.33 -14.62 40.35
N LYS C 214 -11.79 -15.55 39.51
CA LYS C 214 -13.20 -15.92 39.53
C LYS C 214 -13.62 -16.39 40.91
N ARG C 215 -12.77 -17.19 41.55
CA ARG C 215 -12.94 -17.52 42.96
C ARG C 215 -12.46 -16.36 43.82
N ASP C 216 -12.63 -16.48 45.14
CA ASP C 216 -12.32 -15.38 46.05
C ASP C 216 -10.96 -15.63 46.69
N THR C 217 -9.91 -15.34 45.92
CA THR C 217 -8.54 -15.39 46.42
C THR C 217 -7.80 -14.15 45.96
N VAL C 218 -6.79 -13.76 46.74
CA VAL C 218 -5.92 -12.63 46.40
C VAL C 218 -4.52 -13.20 46.22
N GLY C 219 -4.05 -13.21 44.97
CA GLY C 219 -2.76 -13.80 44.68
C GLY C 219 -1.73 -12.81 44.18
N VAL C 220 -0.45 -13.18 44.28
CA VAL C 220 0.64 -12.36 43.79
C VAL C 220 1.34 -13.14 42.68
N ARG C 221 1.00 -12.81 41.45
CA ARG C 221 1.81 -13.23 40.31
C ARG C 221 3.06 -12.37 40.26
N ILE C 222 4.21 -13.01 40.04
CA ILE C 222 5.49 -12.30 40.04
C ILE C 222 6.39 -12.90 38.97
N ASP C 223 6.86 -12.07 38.04
CA ASP C 223 7.76 -12.49 36.96
C ASP C 223 7.16 -13.64 36.15
N ARG C 224 5.84 -13.58 35.93
CA ARG C 224 5.04 -14.54 35.18
C ARG C 224 4.90 -15.90 35.86
N LYS C 225 5.39 -16.07 37.09
CA LYS C 225 5.22 -17.33 37.79
C LYS C 225 3.77 -17.50 38.22
N ARG C 226 3.47 -18.64 38.83
CA ARG C 226 2.09 -19.01 39.10
C ARG C 226 1.51 -18.12 40.19
N ARG C 227 0.22 -18.34 40.47
CA ARG C 227 -0.56 -17.50 41.38
C ARG C 227 -0.38 -17.99 42.81
N GLN C 228 0.54 -17.38 43.53
CA GLN C 228 0.61 -17.71 44.95
C GLN C 228 -0.25 -16.74 45.75
N PRO C 229 -1.02 -17.22 46.72
CA PRO C 229 -1.83 -16.31 47.55
C PRO C 229 -0.96 -15.24 48.19
N VAL C 230 -1.43 -14.00 48.14
CA VAL C 230 -0.65 -12.86 48.63
C VAL C 230 -0.29 -13.01 50.10
N THR C 231 -0.98 -13.89 50.84
CA THR C 231 -0.63 -14.13 52.23
C THR C 231 0.74 -14.81 52.36
N VAL C 232 1.15 -15.57 51.34
CA VAL C 232 2.48 -16.18 51.35
C VAL C 232 3.57 -15.11 51.34
N LEU C 233 3.30 -13.97 50.70
CA LEU C 233 4.26 -12.87 50.70
C LEU C 233 4.19 -12.06 51.98
N LEU C 234 3.00 -11.94 52.59
CA LEU C 234 2.88 -11.22 53.85
C LEU C 234 3.73 -11.85 54.93
N LYS C 235 3.60 -13.17 55.11
CA LYS C 235 4.43 -13.87 56.09
C LYS C 235 5.88 -14.01 55.63
N ALA C 236 6.14 -13.88 54.33
CA ALA C 236 7.52 -13.88 53.86
C ALA C 236 8.26 -12.62 54.30
N LEU C 237 7.57 -11.48 54.39
CA LEU C 237 8.18 -10.23 54.82
C LEU C 237 8.40 -10.18 56.33
N GLY C 238 7.71 -11.03 57.09
CA GLY C 238 7.76 -11.01 58.54
C GLY C 238 6.41 -10.80 59.20
N TRP C 239 5.39 -10.38 58.46
CA TRP C 239 4.06 -10.16 59.02
C TRP C 239 3.47 -11.50 59.45
N THR C 240 3.41 -11.73 60.76
CA THR C 240 2.83 -12.95 61.28
C THR C 240 1.33 -12.99 60.96
N SER C 241 0.74 -14.18 61.15
CA SER C 241 -0.66 -14.37 60.77
C SER C 241 -1.58 -13.43 61.54
N GLU C 242 -1.35 -13.26 62.84
CA GLU C 242 -2.19 -12.35 63.61
C GLU C 242 -1.99 -10.90 63.18
N GLN C 243 -0.75 -10.53 62.85
CA GLN C 243 -0.50 -9.18 62.36
C GLN C 243 -1.05 -8.98 60.96
N ILE C 244 -1.09 -10.04 60.15
CA ILE C 244 -1.68 -9.95 58.82
C ILE C 244 -3.21 -9.92 58.90
N VAL C 245 -3.78 -10.65 59.85
CA VAL C 245 -5.23 -10.66 60.03
C VAL C 245 -5.73 -9.30 60.50
N GLU C 246 -4.94 -8.59 61.31
CA GLU C 246 -5.41 -7.37 61.94
C GLU C 246 -5.66 -6.27 60.89
N ARG C 247 -4.70 -6.05 59.99
CA ARG C 247 -4.83 -4.94 59.04
C ARG C 247 -5.91 -5.23 58.00
N PHE C 248 -5.99 -6.47 57.51
CA PHE C 248 -6.95 -6.84 56.48
C PHE C 248 -8.25 -7.40 57.06
N GLY C 249 -8.58 -7.01 58.30
CA GLY C 249 -9.80 -7.54 58.92
C GLY C 249 -11.07 -7.06 58.25
N PHE C 250 -11.10 -5.79 57.82
CA PHE C 250 -12.28 -5.26 57.17
C PHE C 250 -12.54 -5.92 55.82
N SER C 251 -11.52 -6.53 55.22
CA SER C 251 -11.64 -7.17 53.91
C SER C 251 -11.80 -8.67 54.11
N GLU C 252 -13.01 -9.17 53.85
CA GLU C 252 -13.27 -10.61 54.00
C GLU C 252 -12.71 -11.42 52.85
N ILE C 253 -12.25 -10.78 51.77
CA ILE C 253 -11.60 -11.50 50.68
C ILE C 253 -10.21 -11.97 51.10
N MET C 254 -9.57 -11.23 52.01
CA MET C 254 -8.28 -11.65 52.55
C MET C 254 -8.45 -12.78 53.57
N ARG C 255 -9.53 -12.74 54.35
CA ARG C 255 -9.77 -13.78 55.34
C ARG C 255 -10.01 -15.12 54.67
N SER C 256 -10.85 -15.15 53.63
CA SER C 256 -11.05 -16.37 52.86
C SER C 256 -9.77 -16.82 52.18
N THR C 257 -8.90 -15.86 51.82
CA THR C 257 -7.61 -16.21 51.22
C THR C 257 -6.68 -16.86 52.23
N LEU C 258 -6.80 -16.48 53.50
CA LEU C 258 -5.98 -17.11 54.54
C LEU C 258 -6.63 -18.38 55.07
N GLU C 259 -7.97 -18.45 55.09
CA GLU C 259 -8.65 -19.68 55.46
C GLU C 259 -8.41 -20.78 54.43
N LYS C 260 -8.25 -20.41 53.16
CA LYS C 260 -7.92 -21.34 52.09
C LYS C 260 -6.42 -21.40 51.83
N ASP C 261 -5.61 -20.72 52.64
CA ASP C 261 -4.17 -20.73 52.45
C ASP C 261 -3.60 -22.13 52.70
N ASN C 262 -2.42 -22.38 52.14
CA ASN C 262 -1.81 -23.71 52.25
C ASN C 262 -1.11 -23.87 53.60
N THR C 263 -0.12 -23.03 53.89
CA THR C 263 0.61 -23.06 55.15
C THR C 263 0.61 -21.68 55.77
N VAL C 264 1.10 -21.61 57.01
CA VAL C 264 1.14 -20.37 57.79
C VAL C 264 2.42 -20.34 58.60
N GLY C 265 3.30 -19.39 58.30
CA GLY C 265 4.58 -19.28 58.98
C GLY C 265 5.65 -18.57 58.16
N THR C 266 6.54 -17.83 58.82
CA THR C 266 7.43 -16.91 58.12
C THR C 266 8.38 -17.65 57.18
N ASP C 267 9.23 -18.52 57.73
CA ASP C 267 10.25 -19.18 56.92
C ASP C 267 9.63 -20.17 55.94
N GLU C 268 8.51 -20.80 56.30
CA GLU C 268 7.86 -21.72 55.38
C GLU C 268 7.19 -21.00 54.22
N ALA C 269 6.73 -19.76 54.44
CA ALA C 269 6.25 -18.94 53.33
C ALA C 269 7.39 -18.35 52.51
N LEU C 270 8.57 -18.21 53.12
CA LEU C 270 9.74 -17.74 52.38
C LEU C 270 10.27 -18.82 51.45
N LEU C 271 10.41 -20.06 51.95
CA LEU C 271 10.95 -21.13 51.12
C LEU C 271 9.99 -21.50 49.99
N ASP C 272 8.68 -21.34 50.20
CA ASP C 272 7.73 -21.59 49.12
C ASP C 272 7.90 -20.58 48.00
N ILE C 273 8.25 -19.34 48.32
CA ILE C 273 8.58 -18.35 47.29
C ILE C 273 9.73 -18.85 46.43
N TYR C 274 10.70 -19.50 47.06
CA TYR C 274 11.88 -19.95 46.33
C TYR C 274 11.55 -21.10 45.39
N ARG C 275 10.82 -22.11 45.89
CA ARG C 275 10.50 -23.26 45.05
C ARG C 275 9.65 -22.85 43.85
N LYS C 276 8.72 -21.91 44.06
CA LYS C 276 7.89 -21.43 42.96
C LYS C 276 8.66 -20.51 42.03
N LEU C 277 9.79 -19.95 42.47
CA LEU C 277 10.58 -19.06 41.62
C LEU C 277 11.53 -19.85 40.72
N ARG C 278 12.18 -20.87 41.26
CA ARG C 278 13.12 -21.69 40.50
C ARG C 278 12.52 -23.05 40.21
N PRO C 279 12.08 -23.33 38.98
CA PRO C 279 11.61 -24.68 38.67
C PRO C 279 12.77 -25.66 38.57
N GLY C 280 12.63 -26.81 39.23
CA GLY C 280 13.69 -27.80 39.23
C GLY C 280 14.93 -27.36 39.98
N GLU C 281 14.75 -26.96 41.25
CA GLU C 281 15.83 -26.47 42.07
C GLU C 281 15.53 -26.77 43.53
N PRO C 282 16.47 -27.36 44.27
CA PRO C 282 16.24 -27.62 45.71
C PRO C 282 16.21 -26.32 46.49
N PRO C 283 15.15 -26.09 47.26
CA PRO C 283 15.04 -24.84 48.02
C PRO C 283 15.98 -24.82 49.22
N THR C 284 16.33 -23.60 49.63
CA THR C 284 17.15 -23.38 50.83
C THR C 284 16.67 -22.09 51.49
N LYS C 285 16.49 -22.13 52.80
CA LYS C 285 15.94 -20.98 53.52
C LYS C 285 16.88 -19.78 53.45
N GLU C 286 18.17 -20.01 53.72
CA GLU C 286 19.14 -18.92 53.76
C GLU C 286 19.35 -18.30 52.37
N SER C 287 19.25 -19.10 51.31
CA SER C 287 19.41 -18.57 49.96
C SER C 287 18.10 -18.00 49.40
N ALA C 288 16.96 -18.35 50.00
CA ALA C 288 15.71 -17.66 49.65
C ALA C 288 15.59 -16.32 50.34
N GLN C 289 16.23 -16.17 51.51
CA GLN C 289 16.15 -14.90 52.21
C GLN C 289 16.91 -13.79 51.50
N THR C 290 18.01 -14.11 50.83
CA THR C 290 18.85 -13.06 50.23
C THR C 290 18.34 -12.63 48.87
N LEU C 291 18.00 -13.59 47.99
CA LEU C 291 17.57 -13.24 46.64
C LEU C 291 16.18 -12.60 46.61
N LEU C 292 15.37 -12.79 47.66
CA LEU C 292 14.06 -12.14 47.70
C LEU C 292 14.20 -10.66 48.03
N GLU C 293 15.06 -10.32 48.99
CA GLU C 293 15.40 -8.91 49.22
C GLU C 293 16.24 -8.33 48.09
N ASN C 294 16.83 -9.20 47.26
CA ASN C 294 17.57 -8.77 46.08
C ASN C 294 16.67 -8.48 44.90
N LEU C 295 15.44 -9.01 44.90
CA LEU C 295 14.54 -8.82 43.77
C LEU C 295 13.96 -7.41 43.74
N PHE C 296 13.52 -6.90 44.89
CA PHE C 296 12.77 -5.65 44.94
C PHE C 296 13.37 -4.61 45.86
N PHE C 297 13.97 -5.02 46.98
CA PHE C 297 14.40 -4.08 48.00
C PHE C 297 15.87 -3.67 47.86
N LYS C 298 16.67 -4.45 47.13
CA LYS C 298 18.08 -4.15 46.93
C LYS C 298 18.27 -3.21 45.75
N GLU C 299 19.01 -2.12 45.98
CA GLU C 299 19.15 -1.07 44.97
C GLU C 299 19.98 -1.50 43.77
N LYS C 300 20.73 -2.60 43.87
CA LYS C 300 21.59 -3.02 42.77
C LYS C 300 20.77 -3.55 41.60
N ARG C 301 19.88 -4.51 41.86
CA ARG C 301 19.09 -5.11 40.80
C ARG C 301 17.78 -4.36 40.53
N TYR C 302 17.21 -3.71 41.55
CA TYR C 302 15.89 -3.11 41.45
C TYR C 302 15.97 -1.64 41.85
N ASP C 303 15.41 -0.77 41.01
CA ASP C 303 15.39 0.66 41.29
C ASP C 303 14.13 1.24 40.68
N LEU C 304 13.21 1.68 41.52
CA LEU C 304 12.18 2.60 41.07
C LEU C 304 12.84 3.89 40.61
N ALA C 305 12.33 4.47 39.53
CA ALA C 305 12.85 5.76 39.13
C ALA C 305 12.56 6.79 40.21
N ARG C 306 13.23 7.94 40.10
CA ARG C 306 12.79 9.08 40.91
C ARG C 306 11.32 9.38 40.63
N VAL C 307 10.92 9.27 39.35
CA VAL C 307 9.54 9.46 38.96
C VAL C 307 8.67 8.33 39.53
N GLY C 308 9.12 7.09 39.38
CA GLY C 308 8.35 5.97 39.91
C GLY C 308 8.13 6.05 41.40
N ARG C 309 9.13 6.57 42.13
CA ARG C 309 8.94 6.83 43.55
C ARG C 309 7.91 7.94 43.76
N TYR C 310 8.03 9.04 43.00
CA TYR C 310 7.08 10.14 43.14
C TYR C 310 5.67 9.71 42.78
N LYS C 311 5.51 8.76 41.86
CA LYS C 311 4.18 8.38 41.40
C LYS C 311 3.44 7.56 42.46
N VAL C 312 4.14 6.67 43.16
CA VAL C 312 3.48 5.80 44.12
C VAL C 312 3.29 6.50 45.46
N ASN C 313 4.19 7.41 45.82
CA ASN C 313 4.02 8.14 47.07
C ASN C 313 2.91 9.19 46.96
N LYS C 314 2.55 9.60 45.74
CA LYS C 314 1.35 10.40 45.55
C LYS C 314 0.11 9.53 45.32
N LYS C 315 0.28 8.30 44.84
CA LYS C 315 -0.86 7.42 44.60
C LYS C 315 -1.46 6.92 45.91
N LEU C 316 -0.61 6.51 46.85
CA LEU C 316 -1.05 5.98 48.13
C LEU C 316 -0.92 6.97 49.28
N GLY C 317 -0.13 8.03 49.11
CA GLY C 317 0.01 9.05 50.14
C GLY C 317 0.88 8.66 51.30
N LEU C 318 2.01 8.00 51.04
CA LEU C 318 2.85 7.47 52.11
C LEU C 318 3.78 8.55 52.68
N HIS C 319 4.69 9.05 51.86
CA HIS C 319 5.71 10.01 52.30
C HIS C 319 5.43 11.34 51.60
N VAL C 320 4.74 12.24 52.30
CA VAL C 320 4.31 13.51 51.71
C VAL C 320 5.28 14.64 52.05
N GLY C 321 6.49 14.31 52.51
CA GLY C 321 7.47 15.33 52.84
C GLY C 321 8.64 15.42 51.87
N GLU C 322 8.45 14.87 50.66
CA GLU C 322 9.46 14.83 49.60
C GLU C 322 10.81 14.24 50.02
N PRO C 323 10.85 13.10 50.76
CA PRO C 323 12.13 12.42 50.95
C PRO C 323 12.43 11.43 49.83
N ILE C 324 12.75 11.91 48.63
CA ILE C 324 12.85 11.04 47.46
C ILE C 324 14.23 10.42 47.38
N THR C 325 15.02 10.54 48.45
CA THR C 325 16.38 10.03 48.46
C THR C 325 16.44 8.53 48.16
N SER C 326 15.53 7.76 48.75
CA SER C 326 15.49 6.31 48.57
C SER C 326 14.26 5.95 47.75
N SER C 327 14.47 5.25 46.64
CA SER C 327 13.41 4.88 45.71
C SER C 327 13.55 3.41 45.32
N THR C 328 12.99 2.53 46.15
CA THR C 328 12.88 1.12 45.85
C THR C 328 11.52 0.64 46.35
N LEU C 329 11.23 -0.63 46.10
CA LEU C 329 9.98 -1.21 46.61
C LEU C 329 10.11 -1.44 48.10
N THR C 330 9.21 -0.84 48.88
CA THR C 330 9.24 -0.93 50.34
C THR C 330 8.05 -1.74 50.84
N GLU C 331 8.23 -2.34 52.01
CA GLU C 331 7.17 -3.18 52.58
C GLU C 331 5.90 -2.38 52.82
N GLU C 332 6.03 -1.16 53.35
CA GLU C 332 4.84 -0.37 53.65
C GLU C 332 4.10 -0.01 52.37
N ASP C 333 4.82 0.29 51.29
CA ASP C 333 4.18 0.55 50.01
C ASP C 333 3.52 -0.71 49.46
N VAL C 334 4.15 -1.88 49.66
CA VAL C 334 3.54 -3.13 49.19
C VAL C 334 2.24 -3.41 49.93
N VAL C 335 2.26 -3.25 51.25
CA VAL C 335 1.05 -3.50 52.04
C VAL C 335 -0.02 -2.46 51.70
N ALA C 336 0.39 -1.22 51.45
CA ALA C 336 -0.57 -0.18 51.08
C ALA C 336 -1.19 -0.46 49.72
N THR C 337 -0.42 -1.00 48.78
CA THR C 337 -0.98 -1.37 47.48
C THR C 337 -1.93 -2.56 47.61
N ILE C 338 -1.59 -3.52 48.47
CA ILE C 338 -2.49 -4.64 48.70
C ILE C 338 -3.80 -4.14 49.28
N GLU C 339 -3.74 -3.27 50.30
CA GLU C 339 -4.95 -2.75 50.90
C GLU C 339 -5.74 -1.88 49.93
N TYR C 340 -5.04 -1.11 49.08
CA TYR C 340 -5.71 -0.36 48.02
C TYR C 340 -6.41 -1.30 47.05
N LEU C 341 -5.70 -2.35 46.63
CA LEU C 341 -6.30 -3.31 45.70
C LEU C 341 -7.57 -3.93 46.29
N VAL C 342 -7.50 -4.36 47.55
CA VAL C 342 -8.64 -5.06 48.13
C VAL C 342 -9.78 -4.10 48.42
N ARG C 343 -9.46 -2.86 48.84
CA ARG C 343 -10.52 -1.88 49.08
C ARG C 343 -11.17 -1.42 47.77
N LEU C 344 -10.46 -1.58 46.65
CA LEU C 344 -11.04 -1.22 45.35
C LEU C 344 -12.27 -2.08 45.03
N HIS C 345 -12.32 -3.31 45.52
CA HIS C 345 -13.50 -4.13 45.33
C HIS C 345 -14.70 -3.54 46.06
N GLU C 346 -14.50 -3.07 47.29
CA GLU C 346 -15.55 -2.31 47.97
C GLU C 346 -15.87 -1.02 47.20
N GLY C 347 -14.91 -0.49 46.45
CA GLY C 347 -15.14 0.73 45.69
C GLY C 347 -15.16 1.98 46.52
N GLN C 348 -14.60 1.94 47.73
CA GLN C 348 -14.59 3.10 48.60
C GLN C 348 -13.88 4.27 47.92
N THR C 349 -14.57 5.41 47.82
CA THR C 349 -13.97 6.58 47.22
C THR C 349 -12.70 7.02 47.93
N THR C 350 -12.65 6.81 49.25
CA THR C 350 -11.56 7.28 50.08
C THR C 350 -10.72 6.11 50.59
N MET C 351 -9.56 6.45 51.12
CA MET C 351 -8.69 5.48 51.79
C MET C 351 -7.64 6.22 52.59
N THR C 352 -7.22 5.61 53.70
CA THR C 352 -6.13 6.12 54.50
C THR C 352 -5.30 4.93 54.96
N VAL C 353 -4.03 4.92 54.59
CA VAL C 353 -3.09 3.86 54.99
C VAL C 353 -2.44 4.32 56.30
N PRO C 354 -2.01 3.41 57.20
CA PRO C 354 -1.26 3.85 58.38
C PRO C 354 -0.14 4.82 58.04
N GLY C 355 -0.30 6.08 58.46
CA GLY C 355 0.58 7.14 58.05
C GLY C 355 0.21 7.82 56.74
N GLY C 356 -0.89 7.40 56.11
CA GLY C 356 -1.29 7.91 54.82
C GLY C 356 -2.31 9.04 54.90
N VAL C 357 -2.63 9.58 53.72
CA VAL C 357 -3.43 10.79 53.62
C VAL C 357 -4.48 10.70 52.53
N GLU C 358 -5.70 10.32 52.93
CA GLU C 358 -6.95 10.52 52.20
C GLU C 358 -6.85 10.34 50.69
N VAL C 359 -6.11 9.32 50.24
CA VAL C 359 -5.93 9.14 48.80
C VAL C 359 -7.20 8.58 48.19
N PRO C 360 -7.58 9.00 46.99
CA PRO C 360 -8.78 8.45 46.36
C PRO C 360 -8.51 7.10 45.72
N VAL C 361 -9.47 6.19 45.85
CA VAL C 361 -9.38 4.84 45.33
C VAL C 361 -10.11 4.80 43.99
N GLU C 362 -9.36 4.61 42.91
CA GLU C 362 -9.94 4.53 41.58
C GLU C 362 -8.99 3.72 40.70
N THR C 363 -9.51 3.28 39.55
CA THR C 363 -8.65 2.66 38.57
C THR C 363 -7.85 3.72 37.82
N ASP C 364 -6.79 3.27 37.16
CA ASP C 364 -5.87 4.16 36.47
C ASP C 364 -5.99 3.97 34.96
N ASP C 365 -5.83 5.07 34.23
CA ASP C 365 -5.92 5.10 32.78
C ASP C 365 -4.51 5.05 32.20
N ILE C 366 -4.21 3.98 31.46
CA ILE C 366 -2.86 3.79 30.96
C ILE C 366 -2.51 4.77 29.85
N ASP C 367 -3.51 5.40 29.23
CA ASP C 367 -3.31 6.35 28.15
C ASP C 367 -3.27 7.80 28.62
N HIS C 368 -3.67 8.05 29.87
CA HIS C 368 -3.66 9.41 30.40
C HIS C 368 -2.23 9.95 30.44
N PHE C 369 -2.05 11.18 29.98
CA PHE C 369 -0.68 11.66 29.88
C PHE C 369 -0.05 12.01 31.22
N GLY C 370 -0.69 11.66 32.33
CA GLY C 370 -0.06 11.74 33.63
C GLY C 370 0.47 10.39 34.06
N ASN C 371 0.11 9.35 33.30
CA ASN C 371 0.62 8.01 33.51
C ASN C 371 1.41 7.53 32.31
N ARG C 372 1.46 8.31 31.23
CA ARG C 372 2.20 7.97 30.02
C ARG C 372 3.27 9.04 29.82
N ARG C 373 4.46 8.76 30.33
CA ARG C 373 5.60 9.64 30.11
C ARG C 373 6.20 9.35 28.75
N LEU C 374 7.22 10.11 28.38
CA LEU C 374 8.03 9.76 27.23
C LEU C 374 9.50 9.81 27.61
N ARG C 375 10.26 8.86 27.06
CA ARG C 375 11.70 8.80 27.25
C ARG C 375 12.34 9.46 26.04
N THR C 376 13.01 10.59 26.27
CA THR C 376 13.61 11.34 25.18
C THR C 376 14.99 10.77 24.87
N VAL C 377 15.75 11.52 24.05
CA VAL C 377 17.01 11.01 23.51
C VAL C 377 18.05 10.82 24.61
N GLY C 378 18.17 11.81 25.50
CA GLY C 378 19.13 11.69 26.58
C GLY C 378 18.86 10.49 27.47
N GLU C 379 17.58 10.22 27.74
CA GLU C 379 17.24 9.11 28.62
C GLU C 379 17.45 7.77 27.92
N LEU C 380 17.10 7.68 26.63
CA LEU C 380 17.37 6.44 25.91
C LEU C 380 18.86 6.14 25.89
N ILE C 381 19.68 7.17 25.61
CA ILE C 381 21.12 6.95 25.60
C ILE C 381 21.62 6.60 27.00
N GLN C 382 21.06 7.22 28.04
CA GLN C 382 21.46 6.88 29.40
C GLN C 382 21.18 5.41 29.69
N ASN C 383 20.02 4.92 29.27
CA ASN C 383 19.68 3.53 29.55
C ASN C 383 20.57 2.56 28.79
N GLN C 384 21.10 2.97 27.64
CA GLN C 384 22.05 2.07 26.99
C GLN C 384 23.46 2.19 27.59
N ILE C 385 23.85 3.40 27.99
CA ILE C 385 25.11 3.60 28.68
C ILE C 385 25.15 2.78 29.95
N ARG C 386 24.05 2.78 30.72
CA ARG C 386 24.00 2.03 31.96
C ARG C 386 24.24 0.54 31.71
N VAL C 387 23.65 0.00 30.64
CA VAL C 387 23.87 -1.40 30.29
C VAL C 387 25.34 -1.65 30.01
N GLY C 388 25.94 -0.84 29.13
CA GLY C 388 27.36 -1.02 28.83
C GLY C 388 28.24 -0.91 30.07
N MET C 389 27.95 0.08 30.92
CA MET C 389 28.69 0.25 32.16
C MET C 389 28.60 -0.97 33.04
N SER C 390 27.40 -1.56 33.15
CA SER C 390 27.24 -2.74 33.99
C SER C 390 28.04 -3.93 33.44
N ARG C 391 28.01 -4.12 32.11
CA ARG C 391 28.86 -5.16 31.53
C ARG C 391 30.32 -4.92 31.91
N MET C 392 30.80 -3.70 31.70
CA MET C 392 32.18 -3.37 32.03
C MET C 392 32.48 -3.61 33.51
N GLU C 393 31.50 -3.32 34.37
CA GLU C 393 31.69 -3.50 35.81
C GLU C 393 31.85 -4.97 36.16
N ARG C 394 31.00 -5.83 35.60
CA ARG C 394 31.20 -7.27 35.81
C ARG C 394 32.53 -7.73 35.23
N VAL C 395 33.07 -7.01 34.24
CA VAL C 395 34.44 -7.29 33.82
C VAL C 395 35.44 -6.70 34.79
N VAL C 396 35.12 -5.56 35.42
CA VAL C 396 36.05 -4.94 36.36
C VAL C 396 36.24 -5.85 37.58
N ARG C 397 35.15 -6.36 38.15
CA ARG C 397 35.25 -7.20 39.34
C ARG C 397 36.05 -8.46 39.07
N GLU C 398 35.96 -9.01 37.86
CA GLU C 398 36.72 -10.21 37.53
C GLU C 398 38.20 -9.89 37.31
N ARG C 399 38.52 -8.66 36.90
CA ARG C 399 39.93 -8.29 36.74
C ARG C 399 40.61 -8.08 38.08
N MET C 400 39.85 -7.68 39.10
CA MET C 400 40.45 -7.34 40.39
C MET C 400 41.11 -8.53 41.06
N THR C 401 40.83 -9.76 40.62
CA THR C 401 41.44 -10.95 41.20
C THR C 401 42.50 -11.56 40.31
N THR C 402 42.21 -11.76 39.02
CA THR C 402 43.22 -12.34 38.12
C THR C 402 44.50 -11.51 38.11
N GLN C 403 44.38 -10.20 38.31
CA GLN C 403 45.54 -9.32 38.28
C GLN C 403 46.20 -9.24 39.65
N ASP C 404 47.52 -9.12 39.64
CA ASP C 404 48.28 -9.00 40.88
C ASP C 404 48.06 -7.63 41.50
N VAL C 405 47.51 -7.59 42.71
CA VAL C 405 47.21 -6.33 43.37
C VAL C 405 48.51 -5.54 43.63
N GLU C 406 48.34 -4.24 43.84
CA GLU C 406 49.43 -3.28 44.05
C GLU C 406 50.19 -3.02 42.76
N ALA C 407 49.86 -3.78 41.71
CA ALA C 407 50.34 -3.54 40.35
C ALA C 407 49.22 -3.15 39.39
N ILE C 408 47.96 -3.21 39.84
CA ILE C 408 46.84 -2.81 38.99
C ILE C 408 46.69 -1.30 39.04
N THR C 409 46.17 -0.75 37.95
CA THR C 409 45.86 0.66 37.78
C THR C 409 44.44 0.76 37.24
N PRO C 410 43.76 1.89 37.47
CA PRO C 410 42.44 2.09 36.88
C PRO C 410 42.38 1.76 35.39
N GLN C 411 43.52 1.88 34.69
CA GLN C 411 43.56 1.54 33.28
C GLN C 411 43.40 0.04 33.03
N THR C 412 43.82 -0.79 33.98
CA THR C 412 43.80 -2.24 33.80
C THR C 412 42.46 -2.88 34.14
N LEU C 413 41.72 -2.32 35.09
CA LEU C 413 40.43 -2.89 35.47
C LEU C 413 39.37 -2.64 34.40
N ILE C 414 39.44 -1.49 33.73
CA ILE C 414 38.36 -1.00 32.90
C ILE C 414 38.53 -1.49 31.47
N ASN C 415 37.49 -2.10 30.93
CA ASN C 415 37.43 -2.57 29.55
C ASN C 415 36.25 -1.87 28.88
N ILE C 416 36.54 -0.90 27.98
CA ILE C 416 35.49 -0.07 27.42
C ILE C 416 34.83 -0.66 26.19
N ARG C 417 35.24 -1.86 25.77
CA ARG C 417 34.59 -2.49 24.61
C ARG C 417 33.09 -2.67 24.79
N PRO C 418 32.55 -3.11 25.93
CA PRO C 418 31.09 -3.23 26.03
C PRO C 418 30.37 -1.90 25.95
N VAL C 419 30.93 -0.84 26.52
CA VAL C 419 30.25 0.46 26.47
C VAL C 419 30.21 0.98 25.04
N VAL C 420 31.35 0.94 24.34
CA VAL C 420 31.40 1.32 22.93
C VAL C 420 30.39 0.50 22.13
N ALA C 421 30.32 -0.81 22.38
CA ALA C 421 29.40 -1.66 21.64
C ALA C 421 27.95 -1.33 21.97
N ALA C 422 27.67 -0.92 23.20
CA ALA C 422 26.31 -0.57 23.60
C ALA C 422 25.86 0.71 22.92
N ILE C 423 26.71 1.74 22.94
CA ILE C 423 26.42 2.96 22.20
C ILE C 423 26.25 2.64 20.72
N LYS C 424 27.24 1.96 20.14
CA LYS C 424 27.19 1.69 18.71
C LYS C 424 25.96 0.89 18.33
N GLU C 425 25.56 -0.08 19.17
CA GLU C 425 24.38 -0.86 18.84
C GLU C 425 23.12 0.00 18.86
N PHE C 426 23.00 0.88 19.85
CA PHE C 426 21.79 1.69 20.00
C PHE C 426 21.53 2.52 18.74
N PHE C 427 22.46 3.44 18.42
CA PHE C 427 22.31 4.24 17.21
C PHE C 427 22.29 3.39 15.95
N GLY C 428 22.70 2.13 16.03
CA GLY C 428 22.84 1.32 14.84
C GLY C 428 21.66 0.42 14.57
N THR C 429 20.90 0.06 15.59
CA THR C 429 19.79 -0.88 15.43
C THR C 429 18.47 -0.44 16.06
N SER C 430 18.47 0.51 16.98
CA SER C 430 17.24 0.90 17.67
C SER C 430 16.19 1.40 16.69
N GLN C 431 14.95 0.94 16.87
CA GLN C 431 13.83 1.53 16.15
C GLN C 431 13.70 3.02 16.42
N LEU C 432 14.30 3.50 17.51
CA LEU C 432 14.20 4.90 17.88
C LEU C 432 15.29 5.78 17.26
N SER C 433 16.38 5.19 16.76
CA SER C 433 17.34 5.92 15.94
C SER C 433 16.93 5.76 14.49
N GLN C 434 16.44 6.83 13.87
CA GLN C 434 15.75 6.73 12.60
C GLN C 434 16.44 7.57 11.54
N PHE C 435 16.50 6.98 10.34
CA PHE C 435 16.86 7.69 9.13
C PHE C 435 16.11 9.01 9.05
N MET C 436 16.84 10.13 9.07
CA MET C 436 16.17 11.42 9.15
C MET C 436 15.32 11.66 7.93
N ASP C 437 14.04 11.87 8.16
CA ASP C 437 13.10 12.26 7.12
C ASP C 437 13.39 13.72 6.76
N GLN C 438 14.12 13.95 5.67
CA GLN C 438 14.39 15.31 5.21
C GLN C 438 14.04 15.41 3.73
N ASN C 439 12.74 15.56 3.45
CA ASN C 439 12.31 16.01 2.13
C ASN C 439 12.45 17.51 2.02
N ASN C 440 12.27 18.19 3.15
CA ASN C 440 12.29 19.64 3.26
C ASN C 440 12.30 19.98 4.73
N PRO C 441 12.68 21.24 5.09
CA PRO C 441 12.83 21.62 6.50
C PRO C 441 11.74 21.11 7.42
N LEU C 442 10.49 21.10 6.94
CA LEU C 442 9.38 20.71 7.81
C LEU C 442 9.42 19.21 8.13
N SER C 443 9.79 18.38 7.16
CA SER C 443 9.89 16.94 7.42
C SER C 443 10.88 16.68 8.55
N GLY C 444 12.06 17.28 8.48
CA GLY C 444 13.05 17.08 9.51
C GLY C 444 12.68 17.72 10.82
N LEU C 445 11.94 18.84 10.78
CA LEU C 445 11.61 19.52 12.02
C LEU C 445 10.61 18.72 12.84
N THR C 446 9.52 18.26 12.23
CA THR C 446 8.58 17.44 12.99
C THR C 446 9.20 16.11 13.38
N HIS C 447 10.07 15.56 12.53
CA HIS C 447 10.67 14.26 12.84
C HIS C 447 11.34 14.30 14.21
N LYS C 448 12.03 15.39 14.51
CA LYS C 448 12.66 15.55 15.81
C LYS C 448 11.64 15.81 16.92
N ARG C 449 10.43 16.22 16.57
CA ARG C 449 9.39 16.47 17.55
C ARG C 449 8.41 15.30 17.67
N ARG C 450 8.75 14.16 17.11
CA ARG C 450 7.83 13.03 17.07
C ARG C 450 7.72 12.36 18.43
N LEU C 451 6.59 11.70 18.66
CA LEU C 451 6.34 10.89 19.85
C LEU C 451 5.95 9.51 19.37
N SER C 452 6.88 8.57 19.40
CA SER C 452 6.64 7.24 18.88
C SER C 452 6.16 6.31 20.00
N ALA C 453 5.33 5.34 19.64
CA ALA C 453 4.77 4.42 20.62
C ALA C 453 5.50 3.10 20.69
N LEU C 454 6.04 2.64 19.57
CA LEU C 454 6.70 1.34 19.52
C LEU C 454 8.15 1.44 19.99
N GLY C 455 8.73 0.29 20.29
CA GLY C 455 10.12 0.22 20.68
C GLY C 455 10.35 -0.72 21.85
N PRO C 456 11.63 -0.98 22.14
CA PRO C 456 11.95 -1.82 23.30
C PRO C 456 11.60 -1.10 24.59
N GLY C 457 10.99 -1.83 25.51
CA GLY C 457 10.51 -1.19 26.71
C GLY C 457 9.25 -0.37 26.52
N GLY C 458 8.74 -0.27 25.30
CA GLY C 458 7.43 0.28 25.01
C GLY C 458 6.43 -0.81 24.73
N LEU C 459 5.39 -0.47 23.97
CA LEU C 459 4.46 -1.49 23.50
C LEU C 459 4.86 -1.95 22.11
N SER C 460 4.46 -3.18 21.78
CA SER C 460 4.74 -3.74 20.46
C SER C 460 3.50 -3.67 19.57
N ARG C 461 3.71 -3.88 18.27
CA ARG C 461 2.65 -3.60 17.29
C ARG C 461 1.49 -4.57 17.41
N GLU C 462 1.79 -5.84 17.72
CA GLU C 462 0.71 -6.81 17.94
C GLU C 462 -0.12 -6.47 19.16
N ARG C 463 0.41 -5.65 20.08
CA ARG C 463 -0.33 -5.17 21.23
C ARG C 463 -0.99 -3.82 20.98
N ALA C 464 -0.81 -3.23 19.79
CA ALA C 464 -1.37 -1.91 19.51
C ALA C 464 -2.88 -2.00 19.31
N GLY C 465 -3.63 -1.93 20.41
CA GLY C 465 -5.08 -1.90 20.33
C GLY C 465 -5.57 -0.64 19.67
N LEU C 466 -6.89 -0.56 19.51
CA LEU C 466 -7.46 0.64 18.93
C LEU C 466 -7.46 1.81 19.90
N GLU C 467 -7.29 1.55 21.20
CA GLU C 467 -7.50 2.62 22.17
C GLU C 467 -6.24 3.43 22.44
N VAL C 468 -5.07 2.82 22.31
CA VAL C 468 -3.84 3.62 22.40
C VAL C 468 -3.76 4.58 21.23
N ARG C 469 -4.41 4.25 20.11
CA ARG C 469 -4.38 5.08 18.92
C ARG C 469 -5.39 6.22 18.95
N ASP C 470 -6.40 6.17 19.82
CA ASP C 470 -7.38 7.24 19.85
C ASP C 470 -6.77 8.53 20.38
N VAL C 471 -7.41 9.65 20.04
CA VAL C 471 -7.04 10.92 20.64
C VAL C 471 -7.49 10.92 22.09
N HIS C 472 -6.60 10.97 22.95
CA HIS C 472 -6.99 10.99 24.34
C HIS C 472 -7.27 12.42 24.80
N PRO C 473 -8.23 12.63 25.69
CA PRO C 473 -8.47 14.00 26.19
C PRO C 473 -7.25 14.66 26.83
N SER C 474 -6.31 13.89 27.37
CA SER C 474 -5.13 14.48 27.99
C SER C 474 -4.13 15.00 26.96
N HIS C 475 -4.25 14.61 25.71
CA HIS C 475 -3.36 15.10 24.66
C HIS C 475 -3.51 16.59 24.39
N TYR C 476 -4.60 17.21 24.85
CA TYR C 476 -4.88 18.61 24.52
C TYR C 476 -3.72 19.52 24.91
N GLY C 477 -3.10 20.15 23.92
CA GLY C 477 -1.96 21.02 24.16
C GLY C 477 -0.63 20.32 24.27
N ARG C 478 -0.61 18.99 24.21
CA ARG C 478 0.63 18.22 24.30
C ARG C 478 0.93 17.47 23.02
N MET C 479 0.02 16.63 22.53
CA MET C 479 0.22 15.87 21.30
C MET C 479 -0.84 16.30 20.30
N CYS C 480 -0.40 16.76 19.14
CA CYS C 480 -1.34 17.26 18.14
C CYS C 480 -2.35 16.19 17.78
N PRO C 481 -3.65 16.51 17.77
CA PRO C 481 -4.66 15.52 17.38
C PRO C 481 -4.81 15.35 15.88
N ILE C 482 -4.23 16.24 15.07
CA ILE C 482 -4.39 16.17 13.62
C ILE C 482 -3.28 15.37 12.96
N GLU C 483 -2.02 15.65 13.30
CA GLU C 483 -0.90 15.07 12.58
C GLU C 483 -0.64 13.65 13.06
N THR C 484 -0.96 12.67 12.23
CA THR C 484 -0.68 11.28 12.49
C THR C 484 -0.72 10.52 11.18
N PRO C 485 -0.05 9.37 11.07
CA PRO C 485 0.00 8.67 9.79
C PRO C 485 -1.33 8.02 9.44
N GLU C 486 -1.65 8.02 8.14
CA GLU C 486 -2.90 7.39 7.69
C GLU C 486 -2.81 5.88 7.80
N GLY C 487 -1.67 5.31 7.44
CA GLY C 487 -1.53 3.88 7.36
C GLY C 487 -1.37 3.20 8.71
N PRO C 488 -0.71 2.04 8.69
CA PRO C 488 -0.63 1.21 9.90
C PRO C 488 -0.19 1.94 11.15
N ASN C 489 0.68 2.94 11.05
CA ASN C 489 1.20 3.58 12.25
C ASN C 489 0.25 4.61 12.84
N ILE C 490 -1.04 4.59 12.47
CA ILE C 490 -1.95 5.63 12.93
C ILE C 490 -2.08 5.59 14.44
N GLY C 491 -2.11 6.77 15.06
CA GLY C 491 -2.18 6.86 16.50
C GLY C 491 -0.95 6.38 17.23
N LEU C 492 -0.01 5.73 16.54
CA LEU C 492 1.26 5.32 17.14
C LEU C 492 2.36 6.36 16.96
N ILE C 493 2.31 7.17 15.90
CA ILE C 493 3.28 8.22 15.66
C ILE C 493 2.54 9.56 15.74
N GLY C 494 2.78 10.30 16.82
CA GLY C 494 2.20 11.63 16.94
C GLY C 494 3.29 12.66 17.17
N SER C 495 2.98 13.93 16.94
CA SER C 495 3.99 14.98 17.03
C SER C 495 3.66 15.95 18.15
N LEU C 496 4.72 16.46 18.77
CA LEU C 496 4.60 17.36 19.91
C LEU C 496 3.85 18.64 19.51
N SER C 497 3.09 19.16 20.46
CA SER C 497 2.33 20.39 20.21
C SER C 497 3.23 21.61 20.33
N VAL C 498 2.73 22.72 19.79
CA VAL C 498 3.56 23.91 19.59
C VAL C 498 4.20 24.36 20.90
N TYR C 499 3.37 24.74 21.87
CA TYR C 499 3.87 25.31 23.11
C TYR C 499 4.25 24.25 24.14
N ALA C 500 4.15 22.97 23.80
CA ALA C 500 4.42 21.93 24.77
C ALA C 500 5.91 21.84 25.08
N ARG C 501 6.21 21.30 26.26
CA ARG C 501 7.59 21.08 26.70
C ARG C 501 7.59 19.89 27.65
N VAL C 502 8.69 19.13 27.63
CA VAL C 502 8.83 17.96 28.47
C VAL C 502 9.53 18.36 29.76
N ASN C 503 9.02 17.87 30.89
CA ASN C 503 9.60 18.18 32.20
C ASN C 503 10.65 17.13 32.56
N PRO C 504 11.42 17.36 33.62
CA PRO C 504 12.49 16.41 33.97
C PRO C 504 12.01 15.00 34.30
N PHE C 505 10.75 14.82 34.66
CA PHE C 505 10.26 13.48 34.97
C PHE C 505 9.81 12.72 33.73
N GLY C 506 9.76 13.37 32.56
CA GLY C 506 9.34 12.74 31.34
C GLY C 506 7.90 12.98 30.94
N PHE C 507 7.23 13.92 31.59
CA PHE C 507 5.84 14.24 31.28
C PHE C 507 5.77 15.51 30.46
N ILE C 508 4.64 15.72 29.81
CA ILE C 508 4.43 16.85 28.92
C ILE C 508 3.55 17.86 29.61
N GLU C 509 4.06 19.07 29.76
CA GLU C 509 3.32 20.20 30.29
C GLU C 509 2.95 21.15 29.16
N THR C 510 1.90 21.94 29.40
CA THR C 510 1.45 22.92 28.42
C THR C 510 1.01 24.17 29.16
N PRO C 511 1.40 25.35 28.67
CA PRO C 511 1.20 26.56 29.45
C PRO C 511 -0.25 27.03 29.44
N TYR C 512 -0.67 27.60 30.57
CA TYR C 512 -1.97 28.23 30.69
C TYR C 512 -1.81 29.55 31.43
N ARG C 513 -2.75 30.47 31.18
CA ARG C 513 -2.76 31.76 31.86
C ARG C 513 -3.53 31.65 33.16
N LYS C 514 -2.91 32.08 34.26
CA LYS C 514 -3.57 32.04 35.55
C LYS C 514 -4.69 33.08 35.60
N VAL C 515 -5.89 32.65 35.98
CA VAL C 515 -7.05 33.52 36.11
C VAL C 515 -7.43 33.60 37.59
N VAL C 516 -7.37 34.81 38.15
CA VAL C 516 -7.66 35.05 39.56
C VAL C 516 -8.88 35.98 39.63
N ASP C 517 -10.01 35.44 40.09
CA ASP C 517 -11.22 36.22 40.30
C ASP C 517 -11.74 36.85 39.01
N GLY C 518 -11.64 36.11 37.92
CA GLY C 518 -12.21 36.55 36.65
C GLY C 518 -11.33 37.46 35.82
N VAL C 519 -10.17 37.90 36.31
CA VAL C 519 -9.26 38.71 35.52
C VAL C 519 -8.13 37.81 35.00
N VAL C 520 -7.91 37.85 33.69
CA VAL C 520 -6.91 37.01 33.04
C VAL C 520 -5.58 37.76 33.09
N SER C 521 -4.65 37.26 33.91
CA SER C 521 -3.34 37.88 34.05
C SER C 521 -2.40 37.37 32.96
N ASP C 522 -1.15 37.80 33.01
CA ASP C 522 -0.11 37.33 32.11
C ASP C 522 0.82 36.33 32.78
N GLU C 523 0.42 35.76 33.91
CA GLU C 523 1.23 34.74 34.55
C GLU C 523 1.04 33.43 33.79
N ILE C 524 2.12 32.96 33.18
CA ILE C 524 2.11 31.68 32.48
C ILE C 524 2.47 30.58 33.48
N VAL C 525 1.66 29.53 33.51
CA VAL C 525 1.87 28.40 34.41
C VAL C 525 1.78 27.12 33.61
N TYR C 526 2.85 26.32 33.63
CA TYR C 526 2.90 25.07 32.89
C TYR C 526 2.38 23.93 33.77
N LEU C 527 1.38 23.21 33.28
CA LEU C 527 0.75 22.12 34.03
C LEU C 527 0.76 20.85 33.20
N THR C 528 0.97 19.72 33.85
CA THR C 528 0.79 18.45 33.17
C THR C 528 -0.68 18.05 33.20
N ALA C 529 -0.98 16.88 32.62
CA ALA C 529 -2.36 16.42 32.56
C ALA C 529 -2.93 16.19 33.96
N ASP C 530 -2.11 15.66 34.88
CA ASP C 530 -2.56 15.48 36.26
C ASP C 530 -2.91 16.81 36.89
N GLU C 531 -1.93 17.72 36.98
CA GLU C 531 -2.16 19.03 37.57
C GLU C 531 -3.32 19.77 36.89
N GLU C 532 -3.71 19.35 35.69
CA GLU C 532 -4.75 20.01 34.91
C GLU C 532 -6.15 19.55 35.31
N ASP C 533 -6.31 18.25 35.57
CA ASP C 533 -7.61 17.71 35.97
C ASP C 533 -8.10 18.30 37.28
N ARG C 534 -7.21 18.89 38.08
CA ARG C 534 -7.60 19.51 39.33
C ARG C 534 -8.13 20.93 39.14
N HIS C 535 -8.06 21.48 37.93
CA HIS C 535 -8.51 22.85 37.66
C HIS C 535 -9.50 22.85 36.50
N VAL C 536 -9.97 24.05 36.15
CA VAL C 536 -10.91 24.26 35.06
C VAL C 536 -10.28 25.22 34.07
N VAL C 537 -10.27 24.83 32.79
CA VAL C 537 -9.54 25.54 31.75
C VAL C 537 -10.52 26.13 30.75
N ALA C 538 -10.46 27.46 30.59
CA ALA C 538 -11.25 28.18 29.60
C ALA C 538 -10.52 28.19 28.26
N GLN C 539 -11.00 28.99 27.32
CA GLN C 539 -10.47 28.99 25.96
C GLN C 539 -9.73 30.29 25.65
N ALA C 540 -8.82 30.21 24.69
CA ALA C 540 -8.11 31.39 24.24
C ALA C 540 -9.08 32.37 23.58
N ASN C 541 -9.95 31.87 22.71
CA ASN C 541 -11.03 32.69 22.15
C ASN C 541 -12.12 32.80 23.22
N SER C 542 -11.92 33.74 24.15
CA SER C 542 -12.87 34.06 25.19
C SER C 542 -12.94 35.58 25.31
N PRO C 543 -14.15 36.13 25.41
CA PRO C 543 -14.30 37.59 25.47
C PRO C 543 -13.64 38.16 26.73
N ILE C 544 -12.90 39.24 26.54
CA ILE C 544 -12.17 39.90 27.62
C ILE C 544 -12.37 41.41 27.48
N ASP C 545 -12.50 42.09 28.61
CA ASP C 545 -12.61 43.54 28.62
C ASP C 545 -11.22 44.15 28.39
N ALA C 546 -11.11 45.47 28.53
CA ALA C 546 -9.81 46.10 28.40
C ALA C 546 -8.93 45.84 29.62
N ASP C 547 -9.54 45.72 30.81
CA ASP C 547 -8.77 45.50 32.02
C ASP C 547 -8.16 44.11 32.07
N GLY C 548 -8.86 43.11 31.54
CA GLY C 548 -8.38 41.73 31.57
C GLY C 548 -9.40 40.77 32.16
N ARG C 549 -10.65 41.19 32.24
CA ARG C 549 -11.69 40.44 32.93
C ARG C 549 -12.57 39.68 31.94
N PHE C 550 -13.21 38.63 32.44
CA PHE C 550 -14.16 37.86 31.65
C PHE C 550 -15.40 38.69 31.37
N VAL C 551 -15.81 38.76 30.10
CA VAL C 551 -16.96 39.58 29.73
C VAL C 551 -18.25 38.94 30.21
N GLU C 552 -18.56 37.76 29.69
CA GLU C 552 -19.78 37.08 30.07
C GLU C 552 -19.50 36.01 31.11
N PRO C 553 -20.45 35.79 32.03
CA PRO C 553 -20.21 34.83 33.12
C PRO C 553 -19.99 33.39 32.68
N ARG C 554 -20.93 32.80 31.95
CA ARG C 554 -20.93 31.36 31.66
C ARG C 554 -20.55 31.11 30.20
N VAL C 555 -19.45 30.38 30.00
CA VAL C 555 -18.99 30.00 28.67
C VAL C 555 -18.22 28.68 28.76
N LEU C 556 -18.04 28.04 27.61
CA LEU C 556 -17.58 26.65 27.54
C LEU C 556 -16.15 26.50 28.03
N VAL C 557 -15.91 25.47 28.85
CA VAL C 557 -14.60 25.14 29.40
C VAL C 557 -14.42 23.62 29.35
N ARG C 558 -13.23 23.17 29.74
CA ARG C 558 -12.89 21.73 29.77
C ARG C 558 -13.01 21.23 31.20
N ARG C 559 -14.10 20.53 31.49
CA ARG C 559 -14.24 19.84 32.76
C ARG C 559 -13.27 18.66 32.81
N LYS C 560 -12.84 18.31 34.02
CA LYS C 560 -11.84 17.28 34.24
C LYS C 560 -12.22 15.98 33.53
N ALA C 561 -11.23 15.12 33.29
CA ALA C 561 -11.41 13.91 32.47
C ALA C 561 -11.97 14.23 31.09
N GLY C 562 -11.70 15.45 30.61
CA GLY C 562 -12.03 15.84 29.25
C GLY C 562 -13.49 15.97 28.89
N GLU C 563 -14.23 16.78 29.64
CA GLU C 563 -15.64 17.04 29.35
C GLU C 563 -15.86 18.55 29.17
N VAL C 564 -17.06 18.89 28.72
CA VAL C 564 -17.38 20.25 28.28
C VAL C 564 -18.54 20.78 29.13
N GLU C 565 -18.27 21.85 29.90
CA GLU C 565 -19.26 22.43 30.81
C GLU C 565 -19.34 23.94 30.64
N TYR C 566 -20.04 24.64 31.54
CA TYR C 566 -20.35 26.05 31.33
C TYR C 566 -20.24 26.89 32.60
N VAL C 567 -19.42 26.49 33.55
CA VAL C 567 -19.30 27.14 34.86
C VAL C 567 -18.95 28.62 34.69
N PRO C 568 -19.28 29.49 35.64
CA PRO C 568 -18.94 30.91 35.51
C PRO C 568 -17.46 31.17 35.81
N SER C 569 -17.02 32.38 35.44
CA SER C 569 -15.60 32.71 35.41
C SER C 569 -15.00 32.96 36.79
N SER C 570 -15.82 33.07 37.83
CA SER C 570 -15.27 33.19 39.18
C SER C 570 -14.55 31.91 39.61
N GLU C 571 -14.83 30.80 38.94
CA GLU C 571 -14.23 29.50 39.25
C GLU C 571 -13.24 29.05 38.18
N VAL C 572 -12.96 29.88 37.19
CA VAL C 572 -12.00 29.53 36.14
C VAL C 572 -10.59 29.73 36.67
N ASP C 573 -9.80 28.67 36.65
CA ASP C 573 -8.44 28.73 37.19
C ASP C 573 -7.44 29.18 36.13
N TYR C 574 -7.44 28.51 34.98
CA TYR C 574 -6.46 28.77 33.94
C TYR C 574 -7.17 28.91 32.59
N MET C 575 -6.49 29.56 31.66
CA MET C 575 -6.99 29.77 30.32
C MET C 575 -5.87 29.49 29.33
N ASP C 576 -6.24 28.97 28.15
CA ASP C 576 -5.24 28.71 27.12
C ASP C 576 -4.46 29.97 26.80
N VAL C 577 -3.14 29.82 26.65
CA VAL C 577 -2.29 30.96 26.28
C VAL C 577 -2.46 31.33 24.82
N SER C 578 -3.05 30.46 24.02
CA SER C 578 -3.20 30.73 22.60
C SER C 578 -4.08 29.66 21.95
N PRO C 579 -4.73 29.95 20.82
CA PRO C 579 -5.22 28.86 19.97
C PRO C 579 -4.01 28.14 19.41
N ARG C 580 -4.22 27.08 18.65
CA ARG C 580 -3.10 26.33 18.06
C ARG C 580 -2.23 25.69 19.14
N GLN C 581 -2.58 25.94 20.41
CA GLN C 581 -1.93 25.30 21.55
C GLN C 581 -2.01 23.79 21.45
N MET C 582 -3.10 23.28 20.92
CA MET C 582 -3.28 21.84 20.76
C MET C 582 -2.62 21.31 19.52
N VAL C 583 -2.26 22.16 18.60
CA VAL C 583 -1.91 21.78 17.24
C VAL C 583 -0.39 21.75 17.09
N SER C 584 0.11 20.96 16.13
CA SER C 584 1.55 20.85 15.92
C SER C 584 2.03 21.90 14.93
N VAL C 585 3.34 21.86 14.66
CA VAL C 585 3.94 22.84 13.75
C VAL C 585 3.33 22.72 12.37
N ALA C 586 3.36 21.52 11.78
CA ALA C 586 2.84 21.35 10.43
C ALA C 586 1.36 21.64 10.37
N THR C 587 0.60 21.19 11.38
CA THR C 587 -0.82 21.48 11.40
C THR C 587 -1.07 22.98 11.43
N ALA C 588 -0.35 23.71 12.30
CA ALA C 588 -0.58 25.13 12.50
C ALA C 588 -0.27 25.96 11.25
N MET C 589 0.26 25.30 10.22
CA MET C 589 0.56 25.96 8.96
C MET C 589 -0.57 25.88 7.96
N ILE C 590 -1.72 25.33 8.34
CA ILE C 590 -2.85 25.17 7.43
C ILE C 590 -3.78 26.36 7.64
N PRO C 591 -3.92 27.27 6.68
CA PRO C 591 -4.86 28.38 6.85
C PRO C 591 -6.30 27.87 6.79
N PHE C 592 -7.16 28.45 7.62
CA PHE C 592 -8.55 28.03 7.74
C PHE C 592 -8.62 26.55 8.11
N LEU C 593 -7.74 26.11 9.00
CA LEU C 593 -7.80 24.74 9.50
C LEU C 593 -9.19 24.43 10.00
N GLU C 594 -9.78 25.37 10.75
CA GLU C 594 -11.06 25.19 11.41
C GLU C 594 -12.21 25.08 10.41
N HIS C 595 -11.92 25.26 9.13
CA HIS C 595 -12.90 25.00 8.08
C HIS C 595 -12.67 23.65 7.42
N ASP C 596 -11.71 22.86 7.91
CA ASP C 596 -11.36 21.57 7.33
C ASP C 596 -11.71 20.45 8.30
N ASP C 597 -12.32 19.39 7.79
CA ASP C 597 -12.54 18.22 8.63
C ASP C 597 -11.21 17.55 8.94
N ALA C 598 -11.16 16.90 10.10
CA ALA C 598 -9.91 16.37 10.63
C ALA C 598 -9.23 15.43 9.65
N ASN C 599 -9.98 14.72 8.81
CA ASN C 599 -9.34 13.78 7.90
C ASN C 599 -8.54 14.51 6.83
N ARG C 600 -9.15 15.46 6.13
CA ARG C 600 -8.38 16.19 5.13
C ARG C 600 -7.32 17.07 5.79
N ALA C 601 -7.57 17.50 7.02
CA ALA C 601 -6.57 18.32 7.73
C ALA C 601 -5.33 17.50 8.04
N LEU C 602 -5.51 16.30 8.56
CA LEU C 602 -4.41 15.35 8.71
C LEU C 602 -3.71 15.16 7.38
N MET C 603 -4.48 14.90 6.32
CA MET C 603 -3.88 14.75 4.99
C MET C 603 -3.05 15.97 4.59
N GLY C 604 -3.40 17.14 5.12
CA GLY C 604 -2.69 18.36 4.78
C GLY C 604 -1.39 18.51 5.52
N ALA C 605 -1.40 18.21 6.82
CA ALA C 605 -0.15 18.23 7.59
C ALA C 605 0.85 17.25 7.00
N ASN C 606 0.40 16.04 6.68
CA ASN C 606 1.32 15.00 6.22
C ASN C 606 1.89 15.31 4.84
N MET C 607 1.08 15.85 3.93
CA MET C 607 1.60 16.16 2.59
C MET C 607 2.54 17.36 2.63
N GLN C 608 2.31 18.30 3.53
CA GLN C 608 3.26 19.39 3.71
C GLN C 608 4.67 18.87 3.96
N ARG C 609 4.82 17.75 4.65
CA ARG C 609 6.12 17.16 4.88
C ARG C 609 6.58 16.27 3.74
N GLN C 610 5.86 16.27 2.61
CA GLN C 610 6.32 15.61 1.40
C GLN C 610 6.53 16.58 0.25
N ALA C 611 6.38 17.88 0.50
CA ALA C 611 6.69 18.87 -0.52
C ALA C 611 8.16 18.78 -0.92
N VAL C 612 8.42 18.82 -2.21
CA VAL C 612 9.80 18.82 -2.66
C VAL C 612 10.25 20.27 -2.83
N PRO C 613 11.51 20.59 -2.52
CA PRO C 613 12.00 21.94 -2.78
C PRO C 613 12.05 22.21 -4.26
N LEU C 614 11.76 23.46 -4.62
CA LEU C 614 11.76 23.91 -6.00
C LEU C 614 12.97 24.79 -6.26
N VAL C 615 13.35 24.87 -7.54
CA VAL C 615 14.58 25.59 -7.91
C VAL C 615 14.57 26.99 -7.33
N ARG C 616 13.49 27.75 -7.56
CA ARG C 616 13.24 28.98 -6.85
C ARG C 616 12.09 28.74 -5.88
N SER C 617 12.23 29.21 -4.65
CA SER C 617 11.19 29.08 -3.64
C SER C 617 10.40 30.37 -3.53
N GLU C 618 9.15 30.25 -3.08
CA GLU C 618 8.19 31.35 -3.14
C GLU C 618 7.21 31.20 -1.97
N ALA C 619 7.28 32.12 -1.01
CA ALA C 619 6.40 32.04 0.15
C ALA C 619 4.94 32.21 -0.28
N PRO C 620 4.01 31.65 0.50
CA PRO C 620 2.59 31.79 0.14
C PRO C 620 2.10 33.21 0.34
N LEU C 621 1.21 33.65 -0.55
CA LEU C 621 0.44 34.87 -0.30
C LEU C 621 -0.43 34.69 0.93
N VAL C 622 -1.12 33.57 1.03
CA VAL C 622 -1.94 33.25 2.19
C VAL C 622 -1.14 32.30 3.08
N GLY C 623 -0.72 32.78 4.24
CA GLY C 623 -0.03 31.92 5.19
C GLY C 623 -0.56 32.00 6.60
N THR C 624 0.23 31.52 7.54
CA THR C 624 0.04 31.69 8.98
C THR C 624 1.27 32.39 9.53
N GLY C 625 1.30 32.63 10.82
CA GLY C 625 2.55 33.12 11.35
C GLY C 625 3.55 32.04 11.67
N MET C 626 3.31 30.81 11.20
CA MET C 626 4.15 29.68 11.58
C MET C 626 5.26 29.38 10.60
N GLU C 627 5.16 29.86 9.37
CA GLU C 627 6.18 29.56 8.37
C GLU C 627 7.56 30.05 8.82
N LEU C 628 7.64 31.33 9.22
CA LEU C 628 8.91 31.92 9.61
C LEU C 628 9.51 31.20 10.81
N ARG C 629 8.74 31.14 11.89
CA ARG C 629 9.25 30.59 13.14
C ARG C 629 9.55 29.10 13.04
N ALA C 630 9.02 28.41 12.04
CA ALA C 630 9.36 27.02 11.80
C ALA C 630 10.57 26.87 10.91
N ALA C 631 10.78 27.81 9.98
CA ALA C 631 11.91 27.72 9.07
C ALA C 631 13.23 27.92 9.82
N ILE C 632 13.28 28.89 10.73
CA ILE C 632 14.54 29.15 11.41
C ILE C 632 14.84 28.04 12.42
N ASP C 633 13.82 27.55 13.12
CA ASP C 633 14.03 26.47 14.10
C ASP C 633 14.41 25.17 13.39
N ALA C 634 13.82 24.90 12.23
CA ALA C 634 14.18 23.70 11.47
C ALA C 634 15.66 23.63 11.19
N GLY C 635 16.32 24.79 11.08
CA GLY C 635 17.77 24.84 10.97
C GLY C 635 18.33 24.72 9.57
N ASP C 636 17.49 24.71 8.54
CA ASP C 636 17.99 24.67 7.18
C ASP C 636 18.22 26.06 6.61
N VAL C 637 17.92 27.10 7.39
CA VAL C 637 18.30 28.46 7.05
C VAL C 637 19.57 28.80 7.80
N VAL C 638 20.28 29.81 7.30
CA VAL C 638 21.45 30.34 7.97
C VAL C 638 21.03 31.59 8.73
N VAL C 639 21.46 31.68 10.00
CA VAL C 639 20.97 32.70 10.91
C VAL C 639 22.17 33.38 11.57
N ALA C 640 22.12 34.71 11.64
CA ALA C 640 23.21 35.48 12.22
C ALA C 640 23.29 35.24 13.72
N GLU C 641 24.43 34.69 14.15
CA GLU C 641 24.65 34.46 15.58
C GLU C 641 24.83 35.75 16.35
N GLU C 642 25.43 36.75 15.72
CA GLU C 642 25.65 38.04 16.35
C GLU C 642 25.48 39.15 15.32
N SER C 643 25.07 40.33 15.80
CA SER C 643 24.88 41.47 14.93
C SER C 643 26.20 41.92 14.33
N GLY C 644 26.12 42.50 13.13
CA GLY C 644 27.31 42.99 12.47
C GLY C 644 26.99 43.54 11.10
N VAL C 645 28.03 43.66 10.28
CA VAL C 645 27.91 44.09 8.90
C VAL C 645 28.45 42.98 8.02
N ILE C 646 27.84 42.79 6.84
CA ILE C 646 28.33 41.79 5.90
C ILE C 646 29.61 42.31 5.28
N GLU C 647 30.72 41.64 5.55
CA GLU C 647 32.00 42.03 4.99
C GLU C 647 32.13 41.54 3.56
N GLU C 648 31.87 40.26 3.33
CA GLU C 648 31.96 39.65 2.01
C GLU C 648 30.77 38.71 1.84
N VAL C 649 30.31 38.56 0.60
CA VAL C 649 29.25 37.60 0.31
C VAL C 649 29.39 37.03 -1.10
N SER C 650 29.59 35.73 -1.16
CA SER C 650 29.64 34.94 -2.38
C SER C 650 28.44 33.99 -2.38
N ALA C 651 28.28 33.27 -3.48
CA ALA C 651 27.40 32.12 -3.40
C ALA C 651 27.99 31.02 -2.54
N ASP C 652 29.22 31.17 -2.07
CA ASP C 652 29.93 30.15 -1.31
C ASP C 652 29.91 30.37 0.19
N TYR C 653 29.95 31.62 0.64
CA TYR C 653 29.89 31.90 2.07
C TYR C 653 29.49 33.36 2.27
N ILE C 654 29.29 33.71 3.54
CA ILE C 654 28.91 35.06 3.95
C ILE C 654 29.72 35.39 5.20
N THR C 655 30.36 36.56 5.19
CA THR C 655 31.15 37.00 6.34
C THR C 655 30.44 38.15 7.03
N VAL C 656 30.41 38.10 8.37
CA VAL C 656 29.79 39.14 9.18
C VAL C 656 30.84 39.70 10.11
N MET C 657 31.16 40.98 9.93
CA MET C 657 32.04 41.70 10.85
C MET C 657 31.17 42.22 11.98
N HIS C 658 31.24 41.56 13.14
CA HIS C 658 30.49 42.05 14.29
C HIS C 658 31.08 43.38 14.75
N ASP C 659 30.25 44.17 15.43
CA ASP C 659 30.75 45.37 16.09
C ASP C 659 31.81 45.03 17.13
N ASN C 660 31.85 43.77 17.56
CA ASN C 660 32.90 43.27 18.45
C ASN C 660 34.29 43.43 17.85
N GLY C 661 34.40 43.53 16.53
CA GLY C 661 35.66 43.43 15.84
C GLY C 661 35.96 42.05 15.31
N THR C 662 35.28 41.02 15.83
CA THR C 662 35.45 39.68 15.32
C THR C 662 34.69 39.50 14.00
N ARG C 663 35.02 38.42 13.32
CA ARG C 663 34.32 38.01 12.11
C ARG C 663 33.70 36.64 12.33
N ARG C 664 32.56 36.44 11.70
CA ARG C 664 31.94 35.14 11.60
C ARG C 664 31.66 34.87 10.13
N THR C 665 31.85 33.64 9.70
CA THR C 665 31.59 33.26 8.32
C THR C 665 30.77 31.98 8.29
N TYR C 666 29.85 31.93 7.35
CA TYR C 666 28.90 30.82 7.24
C TYR C 666 28.99 30.28 5.82
N ARG C 667 29.60 29.10 5.67
CA ARG C 667 29.66 28.48 4.35
C ARG C 667 28.30 27.91 3.99
N MET C 668 27.91 28.10 2.73
CA MET C 668 26.59 27.70 2.26
C MET C 668 26.61 26.25 1.79
N ARG C 669 25.61 25.47 2.21
CA ARG C 669 25.34 24.20 1.56
C ARG C 669 24.95 24.46 0.12
N LYS C 670 25.75 24.00 -0.83
CA LYS C 670 25.45 24.26 -2.23
C LYS C 670 25.18 22.93 -2.94
N PHE C 671 23.90 22.72 -3.29
CA PHE C 671 23.46 21.56 -4.05
C PHE C 671 23.79 20.24 -3.34
N ALA C 672 23.54 20.19 -2.04
CA ALA C 672 23.73 18.96 -1.28
C ALA C 672 22.56 18.01 -1.49
N ARG C 673 22.82 16.71 -1.35
CA ARG C 673 21.81 15.68 -1.48
C ARG C 673 21.22 15.36 -0.11
N SER C 674 19.92 15.59 0.06
CA SER C 674 19.27 15.24 1.31
C SER C 674 19.07 13.73 1.37
N ASN C 675 18.68 13.25 2.56
CA ASN C 675 18.53 11.81 2.77
C ASN C 675 17.54 11.20 1.79
N HIS C 676 16.57 12.00 1.34
CA HIS C 676 15.52 11.50 0.47
C HIS C 676 15.67 11.97 -0.98
N GLY C 677 16.82 12.57 -1.31
CA GLY C 677 17.16 12.87 -2.69
C GLY C 677 16.74 14.23 -3.17
N THR C 678 16.29 15.11 -2.28
CA THR C 678 15.92 16.45 -2.67
C THR C 678 17.12 17.39 -2.49
N CYS C 679 17.07 18.49 -3.23
CA CYS C 679 18.18 19.42 -3.29
C CYS C 679 18.16 20.33 -2.07
N ALA C 680 19.21 20.28 -1.27
CA ALA C 680 19.39 21.17 -0.13
C ALA C 680 20.41 22.22 -0.53
N ASN C 681 19.93 23.31 -1.12
CA ASN C 681 20.77 24.37 -1.66
C ASN C 681 20.44 25.67 -0.93
N GLN C 682 21.37 26.11 -0.07
CA GLN C 682 21.23 27.41 0.57
C GLN C 682 21.63 28.50 -0.41
N CYS C 683 21.16 29.72 -0.11
CA CYS C 683 21.34 30.88 -0.98
C CYS C 683 21.30 32.15 -0.14
N PRO C 684 22.30 33.03 -0.27
CA PRO C 684 22.33 34.25 0.56
C PRO C 684 21.23 35.22 0.17
N ILE C 685 20.76 35.97 1.17
CA ILE C 685 19.73 36.98 0.96
C ILE C 685 20.18 38.31 1.54
N VAL C 686 21.45 38.42 1.90
CA VAL C 686 22.04 39.66 2.37
C VAL C 686 22.92 40.21 1.27
N ASP C 687 23.26 41.48 1.39
CA ASP C 687 24.20 42.10 0.46
C ASP C 687 25.38 42.68 1.22
N ALA C 688 26.47 42.91 0.49
CA ALA C 688 27.68 43.44 1.11
C ALA C 688 27.41 44.82 1.68
N GLY C 689 27.62 44.96 2.98
CA GLY C 689 27.35 46.21 3.67
C GLY C 689 26.10 46.22 4.52
N ASP C 690 25.21 45.23 4.38
CA ASP C 690 23.94 45.22 5.10
C ASP C 690 24.16 45.09 6.60
N ARG C 691 23.32 45.78 7.38
CA ARG C 691 23.34 45.68 8.82
C ARG C 691 22.40 44.55 9.24
N VAL C 692 22.95 43.48 9.82
CA VAL C 692 22.16 42.34 10.27
C VAL C 692 22.23 42.28 11.79
N GLU C 693 21.09 41.97 12.41
CA GLU C 693 20.96 41.81 13.85
C GLU C 693 21.11 40.34 14.24
N ALA C 694 21.28 40.12 15.54
CA ALA C 694 21.38 38.76 16.05
C ALA C 694 20.10 38.01 15.78
N GLY C 695 20.23 36.83 15.18
CA GLY C 695 19.06 36.01 14.88
C GLY C 695 18.34 36.34 13.60
N GLN C 696 18.74 37.39 12.89
CA GLN C 696 18.21 37.63 11.56
C GLN C 696 18.64 36.49 10.63
N VAL C 697 17.84 36.25 9.59
CA VAL C 697 18.20 35.23 8.62
C VAL C 697 19.13 35.83 7.58
N ILE C 698 20.27 35.19 7.37
CA ILE C 698 21.24 35.64 6.38
C ILE C 698 21.00 35.01 5.02
N ALA C 699 20.48 33.78 4.99
CA ALA C 699 20.41 33.02 3.76
C ALA C 699 19.28 32.00 3.81
N ASP C 700 18.66 31.79 2.67
CA ASP C 700 17.52 30.88 2.54
C ASP C 700 17.98 29.44 2.41
N GLY C 701 17.08 28.53 2.76
CA GLY C 701 17.33 27.11 2.64
C GLY C 701 16.51 26.47 1.54
N PRO C 702 16.35 25.15 1.61
CA PRO C 702 15.69 24.43 0.51
C PRO C 702 14.25 24.85 0.25
N CYS C 703 13.42 25.00 1.26
CA CYS C 703 12.03 25.38 1.03
C CYS C 703 11.68 26.62 1.81
N THR C 704 12.57 27.60 1.81
CA THR C 704 12.37 28.85 2.52
C THR C 704 12.49 30.03 1.56
N ASP C 705 11.78 31.10 1.87
CA ASP C 705 11.80 32.32 1.08
C ASP C 705 11.84 33.49 2.07
N ASP C 706 13.01 34.14 2.18
CA ASP C 706 13.20 35.31 3.04
C ASP C 706 12.95 34.96 4.51
N GLY C 707 13.29 33.73 4.90
CA GLY C 707 13.16 33.29 6.28
C GLY C 707 11.92 32.47 6.58
N GLU C 708 10.90 32.55 5.74
CA GLU C 708 9.65 31.82 5.97
C GLU C 708 9.64 30.53 5.18
N MET C 709 8.90 29.54 5.70
CA MET C 709 8.75 28.26 5.02
C MET C 709 7.95 28.42 3.73
N ALA C 710 8.56 28.09 2.61
CA ALA C 710 7.91 28.16 1.30
C ALA C 710 7.86 26.77 0.70
N LEU C 711 6.75 26.06 0.92
CA LEU C 711 6.66 24.68 0.47
C LEU C 711 6.07 24.53 -0.93
N GLY C 712 5.43 25.58 -1.44
CA GLY C 712 4.87 25.52 -2.78
C GLY C 712 4.95 26.83 -3.55
N LYS C 713 4.06 27.00 -4.52
CA LYS C 713 3.94 28.23 -5.27
C LYS C 713 2.50 28.72 -5.21
N ASN C 714 2.32 30.03 -5.36
CA ASN C 714 0.99 30.61 -5.52
C ASN C 714 0.53 30.40 -6.95
N LEU C 715 -0.52 29.64 -7.13
CA LEU C 715 -1.02 29.32 -8.46
C LEU C 715 -2.40 29.90 -8.69
N LEU C 716 -2.60 30.45 -9.89
CA LEU C 716 -3.90 30.96 -10.30
C LEU C 716 -4.81 29.78 -10.59
N VAL C 717 -5.86 29.60 -9.79
CA VAL C 717 -6.72 28.42 -9.89
C VAL C 717 -8.11 28.86 -10.36
N ALA C 718 -8.72 28.02 -11.20
CA ALA C 718 -10.16 28.03 -11.45
C ALA C 718 -10.77 26.75 -10.89
N ILE C 719 -11.93 26.86 -10.25
CA ILE C 719 -12.63 25.71 -9.71
C ILE C 719 -13.78 25.38 -10.64
N MET C 720 -13.61 24.36 -11.46
CA MET C 720 -14.57 23.97 -12.49
C MET C 720 -14.13 22.63 -13.06
N PRO C 721 -15.06 21.88 -13.64
CA PRO C 721 -14.65 20.71 -14.44
C PRO C 721 -14.16 21.17 -15.80
N TRP C 722 -13.24 20.41 -16.38
CA TRP C 722 -12.67 20.79 -17.67
C TRP C 722 -12.49 19.56 -18.55
N GLU C 723 -13.50 19.28 -19.37
CA GLU C 723 -13.44 18.24 -20.40
C GLU C 723 -12.97 16.89 -19.84
N GLY C 724 -13.28 16.62 -18.57
CA GLY C 724 -12.92 15.36 -17.94
C GLY C 724 -11.45 15.11 -17.73
N HIS C 725 -10.60 16.12 -17.93
CA HIS C 725 -9.18 15.90 -17.66
C HIS C 725 -8.82 16.09 -16.20
N ASN C 726 -9.72 16.67 -15.40
CA ASN C 726 -9.61 16.69 -13.95
C ASN C 726 -10.66 15.79 -13.30
N TYR C 727 -11.04 14.74 -14.01
CA TYR C 727 -11.96 13.74 -13.48
C TYR C 727 -11.31 12.97 -12.33
N GLU C 728 -12.08 12.77 -11.27
CA GLU C 728 -11.66 11.98 -10.11
C GLU C 728 -10.30 12.43 -9.57
N ASP C 729 -10.25 13.71 -9.21
CA ASP C 729 -9.16 14.40 -8.52
C ASP C 729 -7.96 14.70 -9.42
N ALA C 730 -7.92 14.23 -10.66
CA ALA C 730 -6.82 14.60 -11.54
C ALA C 730 -6.73 16.11 -11.64
N ILE C 731 -5.53 16.61 -11.95
CA ILE C 731 -5.27 18.04 -11.98
C ILE C 731 -4.84 18.41 -13.40
N ILE C 732 -5.27 19.59 -13.83
CA ILE C 732 -4.89 20.18 -15.11
C ILE C 732 -3.96 21.36 -14.83
N LEU C 733 -2.82 21.38 -15.50
CA LEU C 733 -1.85 22.46 -15.35
C LEU C 733 -1.66 23.19 -16.67
N SER C 734 -1.47 24.50 -16.57
CA SER C 734 -0.97 25.29 -17.70
C SER C 734 0.48 24.93 -18.00
N ASN C 735 0.84 24.97 -19.28
CA ASN C 735 2.22 24.67 -19.66
C ASN C 735 3.19 25.76 -19.23
N ARG C 736 2.68 26.91 -18.76
CA ARG C 736 3.56 27.93 -18.20
C ARG C 736 4.43 27.36 -17.09
N LEU C 737 3.85 26.51 -16.24
CA LEU C 737 4.57 25.97 -15.09
C LEU C 737 5.68 25.00 -15.51
N VAL C 738 5.68 24.53 -16.75
CA VAL C 738 6.84 23.88 -17.32
C VAL C 738 7.83 24.92 -17.84
N GLU C 739 7.34 25.87 -18.65
CA GLU C 739 8.22 26.79 -19.36
C GLU C 739 8.91 27.76 -18.42
N GLU C 740 8.22 28.22 -17.38
CA GLU C 740 8.80 29.14 -16.42
C GLU C 740 9.41 28.45 -15.21
N ASP C 741 9.48 27.11 -15.20
CA ASP C 741 10.14 26.33 -14.14
C ASP C 741 9.56 26.65 -12.75
N VAL C 742 8.25 26.86 -12.68
CA VAL C 742 7.64 27.18 -11.40
C VAL C 742 7.43 25.91 -10.55
N LEU C 743 7.28 24.75 -11.18
CA LEU C 743 7.25 23.49 -10.44
C LEU C 743 8.41 22.58 -10.85
N THR C 744 9.47 23.17 -11.39
CA THR C 744 10.70 22.43 -11.62
C THR C 744 11.42 22.20 -10.30
N SER C 745 11.96 20.99 -10.12
CA SER C 745 12.70 20.66 -8.91
C SER C 745 13.96 19.89 -9.27
N ILE C 746 14.97 19.98 -8.40
CA ILE C 746 16.27 19.34 -8.62
C ILE C 746 16.37 18.11 -7.73
N HIS C 747 16.80 16.99 -8.32
CA HIS C 747 16.90 15.72 -7.60
C HIS C 747 18.27 15.12 -7.87
N ILE C 748 18.97 14.76 -6.79
CA ILE C 748 20.35 14.29 -6.85
C ILE C 748 20.40 12.86 -6.34
N GLU C 749 20.89 11.95 -7.17
CA GLU C 749 21.15 10.57 -6.80
C GLU C 749 22.63 10.36 -6.54
N GLU C 750 22.93 9.45 -5.61
CA GLU C 750 24.30 9.03 -5.31
C GLU C 750 24.46 7.58 -5.74
N HIS C 751 25.35 7.33 -6.69
CA HIS C 751 25.60 5.98 -7.18
C HIS C 751 26.95 5.52 -6.66
N GLU C 752 26.94 4.43 -5.92
CA GLU C 752 28.12 3.93 -5.21
C GLU C 752 28.45 2.53 -5.67
N ILE C 753 29.71 2.31 -6.05
CA ILE C 753 30.23 0.99 -6.35
C ILE C 753 31.60 0.89 -5.70
N ASP C 754 31.99 -0.31 -5.32
CA ASP C 754 33.31 -0.55 -4.75
C ASP C 754 33.98 -1.71 -5.48
N ALA C 755 35.31 -1.76 -5.35
CA ALA C 755 36.11 -2.85 -5.87
C ALA C 755 36.68 -3.62 -4.68
N ARG C 756 36.60 -4.95 -4.74
CA ARG C 756 36.80 -5.73 -3.54
C ARG C 756 37.43 -7.07 -3.90
N ASP C 757 37.89 -7.77 -2.87
CA ASP C 757 38.52 -9.07 -3.04
C ASP C 757 37.48 -10.15 -3.30
N THR C 758 37.83 -11.10 -4.16
CA THR C 758 36.92 -12.11 -4.69
C THR C 758 37.60 -13.47 -4.63
N LYS C 759 36.77 -14.52 -4.55
CA LYS C 759 37.30 -15.89 -4.55
C LYS C 759 38.20 -16.18 -5.73
N LEU C 760 38.11 -15.40 -6.81
CA LEU C 760 38.88 -15.64 -8.01
C LEU C 760 39.94 -14.58 -8.28
N GLY C 761 40.10 -13.63 -7.39
CA GLY C 761 41.05 -12.54 -7.59
C GLY C 761 40.53 -11.29 -6.92
N ALA C 762 41.12 -10.16 -7.30
CA ALA C 762 40.65 -8.86 -6.82
C ALA C 762 40.04 -8.09 -7.97
N GLU C 763 39.03 -7.29 -7.64
CA GLU C 763 38.35 -6.50 -8.65
C GLU C 763 39.16 -5.25 -8.96
N GLU C 764 38.97 -4.74 -10.17
CA GLU C 764 39.72 -3.60 -10.65
C GLU C 764 38.77 -2.59 -11.26
N ILE C 765 38.85 -1.35 -10.79
CA ILE C 765 38.16 -0.23 -11.41
C ILE C 765 38.97 0.20 -12.63
N THR C 766 38.47 -0.13 -13.81
CA THR C 766 39.23 0.00 -15.03
C THR C 766 38.36 0.60 -16.13
N ARG C 767 39.01 1.31 -17.04
CA ARG C 767 38.41 1.73 -18.29
C ARG C 767 38.47 0.63 -19.35
N ASP C 768 39.08 -0.51 -19.04
CA ASP C 768 39.30 -1.57 -20.02
C ASP C 768 38.25 -2.66 -19.80
N ILE C 769 37.11 -2.51 -20.46
CA ILE C 769 35.95 -3.37 -20.24
C ILE C 769 35.76 -4.31 -21.42
N PRO C 770 35.50 -5.59 -21.21
CA PRO C 770 35.33 -6.50 -22.33
C PRO C 770 34.01 -6.29 -23.06
N ASN C 771 34.05 -6.52 -24.38
CA ASN C 771 32.87 -6.47 -25.25
C ASN C 771 32.28 -5.07 -25.33
N ILE C 772 33.15 -4.06 -25.45
CA ILE C 772 32.71 -2.67 -25.44
C ILE C 772 33.48 -1.87 -26.49
N SER C 773 32.75 -1.10 -27.28
CA SER C 773 33.36 -0.20 -28.26
C SER C 773 34.06 0.96 -27.55
N ASP C 774 34.97 1.60 -28.27
CA ASP C 774 35.56 2.82 -27.75
C ASP C 774 34.53 3.93 -27.61
N GLU C 775 33.50 3.91 -28.46
CA GLU C 775 32.47 4.95 -28.40
C GLU C 775 31.61 4.82 -27.16
N VAL C 776 31.40 3.60 -26.66
CA VAL C 776 30.62 3.42 -25.45
C VAL C 776 31.37 3.97 -24.24
N LEU C 777 32.70 4.04 -24.31
CA LEU C 777 33.52 4.56 -23.23
C LEU C 777 33.92 6.02 -23.46
N ALA C 778 33.27 6.71 -24.40
CA ALA C 778 33.73 8.04 -24.80
C ALA C 778 33.66 9.04 -23.65
N ASP C 779 32.76 8.84 -22.69
CA ASP C 779 32.54 9.84 -21.64
C ASP C 779 33.27 9.54 -20.34
N LEU C 780 33.99 8.43 -20.26
CA LEU C 780 34.77 8.12 -19.07
C LEU C 780 36.13 8.80 -19.13
N ASP C 781 36.74 8.97 -17.95
CA ASP C 781 38.10 9.50 -17.88
C ASP C 781 39.07 8.34 -18.03
N GLU C 782 40.35 8.58 -17.70
CA GLU C 782 41.36 7.55 -17.94
C GLU C 782 41.26 6.41 -16.95
N ARG C 783 40.78 6.67 -15.73
CA ARG C 783 40.63 5.61 -14.74
C ARG C 783 39.43 4.69 -15.02
N GLY C 784 38.45 5.16 -15.81
CA GLY C 784 37.22 4.43 -16.02
C GLY C 784 36.00 5.04 -15.35
N ILE C 785 36.18 6.10 -14.58
CA ILE C 785 35.07 6.82 -13.97
C ILE C 785 34.53 7.84 -14.97
N VAL C 786 33.21 8.00 -15.01
CA VAL C 786 32.55 8.98 -15.86
C VAL C 786 33.16 10.36 -15.57
N ARG C 787 33.17 11.24 -16.56
CA ARG C 787 33.80 12.54 -16.41
C ARG C 787 32.81 13.56 -15.85
N ILE C 788 33.30 14.41 -14.93
CA ILE C 788 32.46 15.43 -14.34
C ILE C 788 31.84 16.27 -15.45
N GLY C 789 30.55 16.54 -15.31
CA GLY C 789 29.80 17.33 -16.26
C GLY C 789 29.15 16.57 -17.39
N ALA C 790 29.26 15.24 -17.39
CA ALA C 790 28.73 14.46 -18.50
C ALA C 790 27.21 14.37 -18.43
N GLU C 791 26.59 14.16 -19.58
CA GLU C 791 25.17 13.87 -19.65
C GLU C 791 25.02 12.37 -19.86
N VAL C 792 24.35 11.70 -18.92
CA VAL C 792 24.26 10.25 -18.93
C VAL C 792 22.80 9.82 -19.02
N ARG C 793 22.59 8.63 -19.59
CA ARG C 793 21.27 8.07 -19.84
C ARG C 793 21.30 6.60 -19.45
N ASP C 794 20.16 5.92 -19.62
CA ASP C 794 20.02 4.54 -19.20
C ASP C 794 21.09 3.66 -19.84
N GLY C 795 21.79 2.88 -19.02
CA GLY C 795 22.81 1.98 -19.49
C GLY C 795 24.18 2.60 -19.68
N ASP C 796 24.34 3.88 -19.38
CA ASP C 796 25.65 4.50 -19.51
C ASP C 796 26.54 4.03 -18.37
N ILE C 797 27.81 3.74 -18.69
CA ILE C 797 28.80 3.44 -17.67
C ILE C 797 29.06 4.69 -16.83
N LEU C 798 29.08 4.53 -15.51
CA LEU C 798 29.57 5.58 -14.63
C LEU C 798 30.94 5.25 -14.06
N VAL C 799 31.19 3.98 -13.74
CA VAL C 799 32.49 3.53 -13.29
C VAL C 799 32.72 2.16 -13.92
N GLY C 800 33.68 2.07 -14.82
CA GLY C 800 34.03 0.77 -15.35
C GLY C 800 34.60 -0.09 -14.24
N LYS C 801 34.11 -1.32 -14.12
CA LYS C 801 34.63 -2.28 -13.15
C LYS C 801 34.59 -3.67 -13.76
N VAL C 802 35.58 -4.49 -13.42
CA VAL C 802 35.67 -5.86 -13.89
C VAL C 802 35.86 -6.78 -12.70
N THR C 803 35.21 -7.93 -12.74
CA THR C 803 35.31 -8.92 -11.71
C THR C 803 35.92 -10.19 -12.31
N PRO C 804 36.96 -10.74 -11.71
CA PRO C 804 37.56 -11.96 -12.26
C PRO C 804 36.59 -13.13 -12.24
N LYS C 805 36.21 -13.58 -13.43
CA LYS C 805 35.49 -14.83 -13.59
C LYS C 805 36.47 -15.93 -13.99
N GLY C 806 36.14 -17.16 -13.64
CA GLY C 806 36.95 -18.27 -14.07
C GLY C 806 36.95 -18.41 -15.57
N GLU C 807 37.84 -19.27 -16.07
CA GLU C 807 37.89 -19.55 -17.50
C GLU C 807 36.60 -20.20 -17.97
N THR C 808 36.04 -21.11 -17.16
CA THR C 808 34.84 -21.84 -17.57
C THR C 808 33.67 -20.92 -17.85
N GLU C 809 33.74 -19.66 -17.44
CA GLU C 809 32.67 -18.69 -17.63
C GLU C 809 32.83 -17.86 -18.90
N LEU C 810 33.92 -18.04 -19.64
CA LEU C 810 34.00 -17.45 -20.96
C LEU C 810 33.03 -18.15 -21.89
N THR C 811 32.21 -17.38 -22.60
CA THR C 811 31.34 -17.96 -23.60
C THR C 811 32.19 -18.45 -24.79
N PRO C 812 31.70 -19.43 -25.57
CA PRO C 812 32.49 -19.91 -26.72
C PRO C 812 33.04 -18.80 -27.60
N GLU C 813 32.27 -17.75 -27.80
CA GLU C 813 32.74 -16.62 -28.60
C GLU C 813 33.83 -15.86 -27.86
N GLU C 814 33.59 -15.47 -26.61
CA GLU C 814 34.60 -14.78 -25.81
C GLU C 814 35.86 -15.59 -25.66
N ARG C 815 35.80 -16.90 -25.87
CA ARG C 815 36.97 -17.75 -25.78
C ARG C 815 37.67 -17.93 -27.11
N LEU C 816 36.97 -17.72 -28.22
CA LEU C 816 37.60 -17.74 -29.53
C LEU C 816 38.39 -16.46 -29.77
N LEU C 817 37.75 -15.30 -29.57
CA LEU C 817 38.46 -14.04 -29.78
C LEU C 817 39.64 -13.90 -28.84
N ARG C 818 39.51 -14.34 -27.58
CA ARG C 818 40.64 -14.26 -26.66
C ARG C 818 41.82 -15.09 -27.15
N ALA C 819 41.54 -16.25 -27.75
CA ALA C 819 42.63 -17.09 -28.24
C ALA C 819 43.16 -16.58 -29.57
N ILE C 820 42.27 -16.23 -30.49
CA ILE C 820 42.67 -15.71 -31.79
C ILE C 820 43.62 -14.53 -31.63
N PHE C 821 43.16 -13.48 -30.96
CA PHE C 821 43.96 -12.29 -30.76
C PHE C 821 44.90 -12.40 -29.56
N GLY C 822 44.93 -13.56 -28.90
CA GLY C 822 45.81 -13.80 -27.78
C GLY C 822 45.76 -12.73 -26.69
N GLU C 823 44.57 -12.46 -26.18
CA GLU C 823 44.40 -11.39 -25.19
C GLU C 823 45.30 -11.62 -23.98
N LYS C 824 45.31 -12.84 -23.46
CA LYS C 824 46.25 -13.30 -22.43
C LYS C 824 46.06 -12.58 -21.10
N ALA C 825 45.21 -11.56 -21.07
CA ALA C 825 44.81 -10.94 -19.81
C ALA C 825 43.77 -11.81 -19.12
N ARG C 826 43.78 -11.79 -17.79
CA ARG C 826 42.88 -12.68 -17.05
C ARG C 826 41.43 -12.38 -17.41
N GLU C 827 40.66 -13.44 -17.61
CA GLU C 827 39.28 -13.29 -18.04
C GLU C 827 38.43 -12.70 -16.92
N VAL C 828 37.57 -11.74 -17.28
CA VAL C 828 36.77 -11.01 -16.31
C VAL C 828 35.34 -10.92 -16.83
N ARG C 829 34.43 -10.55 -15.93
CA ARG C 829 33.05 -10.24 -16.25
C ARG C 829 32.82 -8.74 -16.16
N ASP C 830 32.04 -8.20 -17.09
CA ASP C 830 31.72 -6.76 -17.05
C ASP C 830 30.78 -6.52 -15.89
N THR C 831 31.33 -6.04 -14.79
CA THR C 831 30.53 -5.77 -13.60
C THR C 831 30.61 -4.29 -13.30
N SER C 832 30.43 -3.49 -14.35
CA SER C 832 30.53 -2.04 -14.25
C SER C 832 29.24 -1.44 -13.69
N LEU C 833 29.38 -0.27 -13.07
CA LEU C 833 28.23 0.47 -12.54
C LEU C 833 27.58 1.28 -13.67
N LYS C 834 26.31 0.98 -13.98
CA LYS C 834 25.58 1.65 -15.03
C LYS C 834 24.56 2.63 -14.46
N VAL C 835 23.99 3.43 -15.36
CA VAL C 835 22.88 4.31 -15.00
C VAL C 835 21.60 3.49 -15.00
N PRO C 836 20.86 3.45 -13.89
CA PRO C 836 19.67 2.61 -13.80
C PRO C 836 18.59 3.02 -14.79
N HIS C 837 17.69 2.08 -15.06
CA HIS C 837 16.62 2.32 -16.02
C HIS C 837 15.79 3.53 -15.60
N GLY C 838 15.51 4.40 -16.58
CA GLY C 838 14.58 5.49 -16.38
C GLY C 838 15.12 6.69 -15.65
N GLU C 839 16.43 6.84 -15.53
CA GLU C 839 16.97 8.06 -14.94
C GLU C 839 18.14 8.55 -15.78
N SER C 840 18.47 9.82 -15.57
CA SER C 840 19.36 10.61 -16.42
C SER C 840 19.72 11.85 -15.64
N GLY C 841 20.84 12.47 -16.00
CA GLY C 841 21.21 13.72 -15.40
C GLY C 841 22.65 14.09 -15.73
N LYS C 842 23.12 15.13 -15.04
CA LYS C 842 24.49 15.62 -15.17
C LYS C 842 25.31 15.11 -13.99
N VAL C 843 26.48 14.56 -14.27
CA VAL C 843 27.39 14.17 -13.21
C VAL C 843 27.90 15.45 -12.55
N ILE C 844 27.52 15.70 -11.31
CA ILE C 844 27.90 16.94 -10.65
C ILE C 844 28.96 16.75 -9.61
N GLY C 845 29.44 15.53 -9.42
CA GLY C 845 30.37 15.29 -8.34
C GLY C 845 30.85 13.86 -8.29
N ILE C 846 32.16 13.70 -8.14
CA ILE C 846 32.77 12.38 -8.06
C ILE C 846 33.60 12.34 -6.79
N ARG C 847 33.58 11.20 -6.13
CA ARG C 847 34.25 11.03 -4.85
C ARG C 847 34.81 9.62 -4.81
N VAL C 848 36.13 9.51 -4.70
CA VAL C 848 36.83 8.23 -4.81
C VAL C 848 37.69 8.00 -3.59
N PHE C 849 37.68 6.75 -3.09
CA PHE C 849 38.47 6.31 -1.94
C PHE C 849 39.28 5.09 -2.35
N SER C 850 40.59 5.13 -2.10
CA SER C 850 41.49 4.07 -2.50
C SER C 850 42.11 3.40 -1.27
N ARG C 851 42.48 2.13 -1.44
CA ARG C 851 43.25 1.41 -0.43
C ARG C 851 44.75 1.67 -0.58
N GLU C 852 45.24 1.87 -1.80
CA GLU C 852 46.63 2.28 -1.98
C GLU C 852 46.91 3.58 -1.22
N ASP C 853 45.97 4.52 -1.24
CA ASP C 853 45.97 5.61 -0.28
C ASP C 853 45.45 5.12 1.06
N GLU C 854 45.87 5.76 2.13
CA GLU C 854 45.46 5.33 3.47
C GLU C 854 44.04 5.84 3.71
N ASP C 855 43.06 4.98 3.46
CA ASP C 855 41.64 5.35 3.52
C ASP C 855 40.84 4.24 4.17
N GLU C 856 40.09 4.59 5.22
CA GLU C 856 39.26 3.60 5.92
C GLU C 856 38.22 3.01 4.98
N LEU C 857 38.38 1.74 4.66
CA LEU C 857 37.42 0.98 3.87
C LEU C 857 37.08 -0.29 4.62
N PRO C 858 35.92 -0.88 4.34
CA PRO C 858 35.62 -2.20 4.92
C PRO C 858 36.60 -3.26 4.46
N ALA C 859 36.60 -4.37 5.20
CA ALA C 859 37.54 -5.45 4.91
C ALA C 859 37.34 -6.00 3.50
N GLY C 860 38.44 -6.20 2.79
CA GLY C 860 38.40 -6.73 1.44
C GLY C 860 38.13 -5.73 0.35
N VAL C 861 37.84 -4.48 0.69
CA VAL C 861 37.41 -3.47 -0.28
C VAL C 861 38.61 -2.61 -0.64
N ASN C 862 38.92 -2.56 -1.94
CA ASN C 862 40.11 -1.87 -2.45
C ASN C 862 39.82 -0.44 -2.87
N GLU C 863 38.83 -0.23 -3.74
CA GLU C 863 38.49 1.08 -4.27
C GLU C 863 37.01 1.34 -4.06
N LEU C 864 36.65 2.57 -3.70
CA LEU C 864 35.27 2.93 -3.41
C LEU C 864 34.99 4.31 -4.00
N VAL C 865 34.07 4.39 -4.97
CA VAL C 865 33.79 5.65 -5.66
C VAL C 865 32.28 5.88 -5.72
N ARG C 866 31.87 7.13 -5.44
CA ARG C 866 30.49 7.57 -5.56
C ARG C 866 30.36 8.59 -6.69
N VAL C 867 29.34 8.42 -7.52
CA VAL C 867 29.03 9.35 -8.60
C VAL C 867 27.72 10.03 -8.25
N TYR C 868 27.70 11.36 -8.26
CA TYR C 868 26.51 12.13 -7.95
C TYR C 868 25.87 12.64 -9.24
N VAL C 869 24.62 12.24 -9.49
CA VAL C 869 23.88 12.64 -10.68
C VAL C 869 22.73 13.55 -10.27
N ALA C 870 22.55 14.63 -11.03
CA ALA C 870 21.51 15.61 -10.76
C ALA C 870 20.59 15.71 -11.97
N GLN C 871 19.29 15.66 -11.73
CA GLN C 871 18.29 15.86 -12.78
C GLN C 871 17.45 17.08 -12.45
N LYS C 872 17.17 17.88 -13.47
CA LYS C 872 16.19 18.94 -13.39
C LYS C 872 14.85 18.34 -13.81
N ARG C 873 13.90 18.28 -12.87
CA ARG C 873 12.62 17.62 -13.10
C ARG C 873 11.56 18.67 -13.38
N LYS C 874 11.11 18.76 -14.63
CA LYS C 874 9.94 19.57 -14.91
C LYS C 874 8.69 18.84 -14.41
N ILE C 875 7.68 19.62 -14.03
CA ILE C 875 6.41 19.03 -13.63
C ILE C 875 5.83 18.29 -14.83
N SER C 876 5.32 17.08 -14.59
CA SER C 876 4.95 16.18 -15.68
C SER C 876 3.56 15.58 -15.45
N ASP C 877 3.05 14.93 -16.49
CA ASP C 877 1.85 14.13 -16.34
C ASP C 877 2.13 13.00 -15.35
N GLY C 878 1.30 12.93 -14.30
CA GLY C 878 1.44 11.91 -13.29
C GLY C 878 2.10 12.37 -12.01
N ASP C 879 2.73 13.54 -12.00
CA ASP C 879 3.26 14.07 -10.76
C ASP C 879 2.11 14.39 -9.80
N LYS C 880 2.42 14.43 -8.51
CA LYS C 880 1.42 14.58 -7.47
C LYS C 880 1.49 15.98 -6.88
N LEU C 881 0.34 16.66 -6.82
CA LEU C 881 0.21 17.98 -6.23
C LEU C 881 -0.84 17.96 -5.12
N ALA C 882 -0.73 18.93 -4.22
CA ALA C 882 -1.77 19.10 -3.21
C ALA C 882 -1.67 20.50 -2.63
N GLY C 883 -2.79 20.99 -2.12
CA GLY C 883 -2.81 22.16 -1.28
C GLY C 883 -2.57 21.77 0.17
N ARG C 884 -2.77 22.74 1.05
CA ARG C 884 -2.56 22.49 2.47
C ARG C 884 -3.77 21.87 3.17
N HIS C 885 -4.85 21.61 2.44
CA HIS C 885 -6.11 21.16 3.04
C HIS C 885 -6.41 19.70 2.74
N GLY C 886 -5.41 18.91 2.43
CA GLY C 886 -5.68 17.53 2.08
C GLY C 886 -6.27 17.36 0.71
N ASN C 887 -6.13 18.36 -0.17
CA ASN C 887 -6.72 18.29 -1.50
C ASN C 887 -5.65 17.86 -2.49
N LYS C 888 -5.44 16.55 -2.56
CA LYS C 888 -4.40 15.98 -3.39
C LYS C 888 -4.94 15.61 -4.75
N GLY C 889 -4.03 15.58 -5.73
CA GLY C 889 -4.32 15.01 -7.03
C GLY C 889 -3.05 14.86 -7.82
N VAL C 890 -3.09 14.00 -8.83
CA VAL C 890 -2.01 13.91 -9.79
C VAL C 890 -2.40 14.70 -11.03
N ILE C 891 -1.41 14.99 -11.87
CA ILE C 891 -1.61 15.86 -13.02
C ILE C 891 -2.11 15.02 -14.18
N GLY C 892 -3.27 15.39 -14.71
CA GLY C 892 -3.85 14.62 -15.79
C GLY C 892 -3.39 15.12 -17.14
N LYS C 893 -3.21 16.44 -17.25
CA LYS C 893 -2.87 17.03 -18.52
C LYS C 893 -2.25 18.39 -18.28
N ILE C 894 -1.16 18.66 -18.98
CA ILE C 894 -0.53 19.98 -19.01
C ILE C 894 -0.86 20.57 -20.38
N LEU C 895 -1.81 21.54 -20.40
CA LEU C 895 -2.30 22.10 -21.65
C LEU C 895 -1.45 23.27 -22.10
N PRO C 896 -1.41 23.51 -23.41
CA PRO C 896 -0.83 24.76 -23.92
C PRO C 896 -1.45 25.96 -23.22
N VAL C 897 -0.66 27.02 -23.08
CA VAL C 897 -1.17 28.21 -22.42
C VAL C 897 -2.38 28.77 -23.16
N GLU C 898 -2.47 28.53 -24.46
CA GLU C 898 -3.57 29.05 -25.26
C GLU C 898 -4.87 28.27 -25.04
N ASP C 899 -4.78 26.99 -24.63
CA ASP C 899 -5.97 26.18 -24.41
C ASP C 899 -6.61 26.43 -23.06
N MET C 900 -5.86 26.97 -22.13
CA MET C 900 -6.35 27.11 -20.78
C MET C 900 -7.44 28.17 -20.72
N PRO C 901 -8.50 27.96 -19.93
CA PRO C 901 -9.47 29.04 -19.72
C PRO C 901 -8.76 30.27 -19.17
N PHE C 902 -9.05 31.42 -19.77
CA PHE C 902 -8.36 32.65 -19.40
C PHE C 902 -9.33 33.75 -19.00
N LEU C 903 -8.83 34.65 -18.16
CA LEU C 903 -9.60 35.80 -17.70
C LEU C 903 -9.77 36.83 -18.81
N ALA C 904 -10.58 37.85 -18.52
CA ALA C 904 -10.95 38.85 -19.51
C ALA C 904 -9.74 39.62 -20.07
N ASP C 905 -8.64 39.67 -19.32
CA ASP C 905 -7.45 40.40 -19.75
C ASP C 905 -6.45 39.51 -20.49
N GLY C 906 -6.81 38.26 -20.77
CA GLY C 906 -5.91 37.34 -21.45
C GLY C 906 -5.08 36.46 -20.54
N THR C 907 -5.02 36.77 -19.24
CA THR C 907 -4.28 35.95 -18.29
C THR C 907 -4.86 34.54 -18.26
N PRO C 908 -4.11 33.51 -18.63
CA PRO C 908 -4.62 32.15 -18.48
C PRO C 908 -4.46 31.68 -17.05
N VAL C 909 -5.39 30.83 -16.62
CA VAL C 909 -5.25 30.26 -15.27
C VAL C 909 -4.09 29.27 -15.27
N ASP C 910 -3.59 28.98 -14.07
CA ASP C 910 -2.46 28.07 -13.96
C ASP C 910 -2.90 26.63 -13.71
N ILE C 911 -3.95 26.44 -12.91
CA ILE C 911 -4.35 25.11 -12.47
C ILE C 911 -5.87 25.08 -12.35
N ILE C 912 -6.48 23.98 -12.83
CA ILE C 912 -7.93 23.81 -12.82
C ILE C 912 -8.27 22.66 -11.88
N LEU C 913 -8.87 22.98 -10.72
CA LEU C 913 -9.29 21.97 -9.76
C LEU C 913 -10.78 21.68 -9.92
N ASN C 914 -11.14 20.41 -10.01
CA ASN C 914 -12.51 20.03 -10.31
C ASN C 914 -13.45 20.33 -9.14
N THR C 915 -14.61 20.88 -9.47
CA THR C 915 -15.57 21.32 -8.46
C THR C 915 -16.09 20.15 -7.65
N HIS C 916 -16.29 19.00 -8.30
CA HIS C 916 -16.89 17.86 -7.63
C HIS C 916 -16.07 17.39 -6.45
N GLY C 917 -14.77 17.72 -6.42
CA GLY C 917 -13.94 17.25 -5.33
C GLY C 917 -14.07 18.04 -4.04
N VAL C 918 -14.50 19.29 -4.09
CA VAL C 918 -14.41 20.16 -2.91
C VAL C 918 -15.49 19.84 -1.87
N PRO C 919 -16.79 20.01 -2.15
CA PRO C 919 -17.76 20.01 -1.04
C PRO C 919 -17.84 18.68 -0.32
N ARG C 920 -17.70 17.58 -1.05
CA ARG C 920 -17.82 16.25 -0.47
C ARG C 920 -16.78 15.97 0.62
N ARG C 921 -15.61 16.63 0.57
CA ARG C 921 -14.49 16.30 1.44
C ARG C 921 -14.31 17.26 2.62
N MET C 922 -15.19 18.24 2.79
CA MET C 922 -15.22 19.12 3.95
C MET C 922 -13.99 20.00 4.10
N ASN C 923 -13.14 20.09 3.09
CA ASN C 923 -12.02 21.04 3.15
C ASN C 923 -12.35 22.32 2.38
N ILE C 924 -13.42 22.99 2.84
CA ILE C 924 -13.79 24.29 2.27
C ILE C 924 -12.77 25.37 2.58
N GLY C 925 -11.80 25.04 3.45
CA GLY C 925 -10.66 25.92 3.66
C GLY C 925 -9.97 26.28 2.36
N GLN C 926 -9.95 25.37 1.39
CA GLN C 926 -9.27 25.67 0.13
C GLN C 926 -10.00 26.77 -0.62
N ILE C 927 -11.32 26.80 -0.54
CA ILE C 927 -12.07 27.87 -1.19
C ILE C 927 -11.84 29.18 -0.47
N LEU C 928 -11.90 29.15 0.86
CA LEU C 928 -11.61 30.38 1.60
C LEU C 928 -10.21 30.91 1.27
N GLU C 929 -9.22 30.01 1.19
CA GLU C 929 -7.87 30.41 0.82
C GLU C 929 -7.85 31.03 -0.56
N THR C 930 -8.50 30.38 -1.53
CA THR C 930 -8.55 30.89 -2.90
C THR C 930 -9.07 32.33 -2.91
N HIS C 931 -10.16 32.57 -2.18
CA HIS C 931 -10.69 33.93 -2.08
C HIS C 931 -9.65 34.88 -1.50
N LEU C 932 -9.10 34.55 -0.33
CA LEU C 932 -8.10 35.42 0.26
C LEU C 932 -6.85 35.52 -0.62
N GLY C 933 -6.49 34.40 -1.27
CA GLY C 933 -5.36 34.42 -2.18
C GLY C 933 -5.52 35.44 -3.29
N TRP C 934 -6.74 35.55 -3.82
CA TRP C 934 -7.00 36.57 -4.82
C TRP C 934 -6.93 37.97 -4.23
N CYS C 935 -7.51 38.15 -3.03
CA CYS C 935 -7.46 39.45 -2.38
C CYS C 935 -6.03 39.94 -2.18
N ALA C 936 -5.15 39.04 -1.73
CA ALA C 936 -3.77 39.45 -1.49
C ALA C 936 -3.01 39.68 -2.79
N HIS C 937 -3.34 38.94 -3.85
CA HIS C 937 -2.68 39.16 -5.14
C HIS C 937 -3.06 40.51 -5.74
N SER C 938 -4.34 40.85 -5.67
CA SER C 938 -4.76 42.10 -6.30
C SER C 938 -4.56 43.29 -5.38
N GLY C 939 -4.49 43.06 -4.08
CA GLY C 939 -4.47 44.15 -3.13
C GLY C 939 -5.83 44.80 -3.02
N TRP C 940 -6.03 45.50 -1.91
CA TRP C 940 -7.33 46.10 -1.65
C TRP C 940 -7.16 47.45 -0.97
N LYS C 941 -8.24 48.23 -1.03
CA LYS C 941 -8.34 49.55 -0.40
C LYS C 941 -9.75 49.64 0.16
N VAL C 942 -9.89 49.47 1.48
CA VAL C 942 -11.21 49.52 2.13
C VAL C 942 -11.67 50.96 2.23
N ASP C 943 -12.92 51.21 1.83
CA ASP C 943 -13.50 52.54 1.87
C ASP C 943 -13.63 53.00 3.32
N ALA C 944 -12.77 53.93 3.74
CA ALA C 944 -12.80 54.48 5.08
C ALA C 944 -13.34 55.91 5.10
N ALA C 945 -13.98 56.36 4.02
CA ALA C 945 -14.38 57.75 3.89
C ALA C 945 -15.39 58.15 4.95
N LYS C 946 -16.59 57.56 4.91
CA LYS C 946 -17.61 57.94 5.87
C LYS C 946 -17.30 57.44 7.26
N GLY C 947 -16.49 56.40 7.37
CA GLY C 947 -16.11 55.85 8.65
C GLY C 947 -15.41 54.51 8.47
N VAL C 948 -15.79 53.51 9.26
CA VAL C 948 -15.27 52.17 9.13
C VAL C 948 -16.46 51.21 9.07
N PRO C 949 -16.66 50.49 7.96
CA PRO C 949 -17.82 49.62 7.84
C PRO C 949 -17.89 48.58 8.95
N ASP C 950 -19.11 48.04 9.15
CA ASP C 950 -19.35 47.17 10.29
C ASP C 950 -18.52 45.90 10.20
N TRP C 951 -18.37 45.33 9.00
CA TRP C 951 -17.59 44.11 8.86
C TRP C 951 -16.12 44.36 9.16
N ALA C 952 -15.61 45.53 8.81
CA ALA C 952 -14.21 45.86 9.02
C ALA C 952 -13.91 46.30 10.44
N ALA C 953 -14.90 46.38 11.31
CA ALA C 953 -14.73 46.90 12.66
C ALA C 953 -13.52 46.27 13.36
N ARG C 954 -13.50 44.94 13.46
CA ARG C 954 -12.45 44.23 14.18
C ARG C 954 -11.14 44.15 13.42
N LEU C 955 -11.02 44.79 12.27
CA LEU C 955 -9.80 44.64 11.48
C LEU C 955 -8.72 45.59 11.97
N PRO C 956 -7.48 45.10 12.10
CA PRO C 956 -6.35 46.00 12.40
C PRO C 956 -6.18 47.03 11.30
N ASP C 957 -5.70 48.22 11.69
CA ASP C 957 -5.54 49.31 10.73
C ASP C 957 -4.66 48.90 9.56
N GLU C 958 -3.63 48.10 9.83
CA GLU C 958 -2.71 47.62 8.79
C GLU C 958 -3.37 46.66 7.81
N LEU C 959 -4.67 46.38 7.94
CA LEU C 959 -5.38 45.52 7.01
C LEU C 959 -6.51 46.22 6.28
N LEU C 960 -6.70 47.53 6.49
CA LEU C 960 -7.68 48.28 5.74
C LEU C 960 -7.24 48.51 4.29
N GLU C 961 -5.95 48.40 4.02
CA GLU C 961 -5.47 48.51 2.65
C GLU C 961 -4.23 47.64 2.49
N ALA C 962 -4.03 47.15 1.27
CA ALA C 962 -2.92 46.25 1.00
C ALA C 962 -2.50 46.39 -0.45
N GLN C 963 -1.18 46.45 -0.68
CA GLN C 963 -0.64 46.54 -2.03
C GLN C 963 -0.70 45.18 -2.71
N PRO C 964 -0.66 45.14 -4.05
CA PRO C 964 -0.73 43.86 -4.75
C PRO C 964 0.28 42.86 -4.22
N ASN C 965 -0.05 41.59 -4.36
CA ASN C 965 0.78 40.48 -3.91
C ASN C 965 1.24 40.69 -2.47
N ALA C 966 0.32 41.11 -1.62
CA ALA C 966 0.63 41.28 -0.21
C ALA C 966 0.71 39.93 0.49
N ILE C 967 1.38 39.91 1.63
CA ILE C 967 1.67 38.71 2.39
C ILE C 967 0.93 38.80 3.72
N VAL C 968 0.12 37.78 4.02
CA VAL C 968 -0.85 37.83 5.11
C VAL C 968 -0.89 36.52 5.88
N SER C 969 -1.37 36.60 7.12
CA SER C 969 -1.54 35.46 8.01
C SER C 969 -3.00 35.18 8.29
N THR C 970 -3.38 33.89 8.28
CA THR C 970 -4.64 33.38 8.83
C THR C 970 -4.30 32.42 9.96
N PRO C 971 -4.08 32.93 11.17
CA PRO C 971 -3.79 32.02 12.29
C PRO C 971 -4.96 31.11 12.54
N VAL C 972 -4.67 29.83 12.78
CA VAL C 972 -5.73 28.87 12.98
C VAL C 972 -6.54 29.27 14.21
N PHE C 973 -7.86 29.20 14.09
CA PHE C 973 -8.79 29.52 15.17
C PHE C 973 -8.75 30.99 15.56
N ASP C 974 -7.93 31.79 14.87
CA ASP C 974 -7.97 33.23 15.03
C ASP C 974 -7.75 33.94 13.69
N GLY C 975 -8.23 33.35 12.61
CA GLY C 975 -7.99 33.87 11.28
C GLY C 975 -9.00 34.92 10.83
N ALA C 976 -9.04 35.11 9.51
CA ALA C 976 -9.95 36.08 8.91
C ALA C 976 -11.36 35.51 8.90
N GLN C 977 -12.30 36.20 9.54
CA GLN C 977 -13.67 35.72 9.65
C GLN C 977 -14.42 35.90 8.33
N GLU C 978 -15.52 35.15 8.20
CA GLU C 978 -16.28 35.10 6.94
C GLU C 978 -16.70 36.50 6.48
N ALA C 979 -17.15 37.34 7.40
CA ALA C 979 -17.59 38.69 7.05
C ALA C 979 -16.41 39.53 6.58
N GLU C 980 -15.30 39.48 7.31
CA GLU C 980 -14.10 40.23 6.92
C GLU C 980 -13.61 39.80 5.55
N LEU C 981 -13.63 38.49 5.28
CA LEU C 981 -13.19 38.01 3.97
C LEU C 981 -14.11 38.49 2.85
N GLN C 982 -15.42 38.41 3.05
CA GLN C 982 -16.35 38.84 2.01
C GLN C 982 -16.27 40.34 1.75
N GLY C 983 -15.90 41.11 2.76
CA GLY C 983 -15.68 42.53 2.54
C GLY C 983 -14.51 42.80 1.62
N LEU C 984 -13.39 42.12 1.85
CA LEU C 984 -12.21 42.35 1.03
C LEU C 984 -12.46 42.04 -0.43
N LEU C 985 -13.34 41.08 -0.72
CA LEU C 985 -13.65 40.77 -2.11
C LEU C 985 -14.40 41.91 -2.81
N SER C 986 -14.87 42.89 -2.04
CA SER C 986 -15.49 44.07 -2.63
C SER C 986 -14.45 45.11 -3.02
N CYS C 987 -13.51 45.40 -2.12
CA CYS C 987 -12.55 46.47 -2.31
C CYS C 987 -11.28 46.01 -3.03
N THR C 988 -11.34 44.88 -3.72
CA THR C 988 -10.25 44.42 -4.57
C THR C 988 -9.80 45.52 -5.53
N LEU C 989 -8.51 45.90 -5.45
CA LEU C 989 -7.98 46.83 -6.42
C LEU C 989 -8.05 46.22 -7.82
N PRO C 990 -8.25 47.04 -8.85
CA PRO C 990 -8.36 46.54 -10.21
C PRO C 990 -6.96 46.31 -10.79
N ASN C 991 -6.94 45.78 -12.02
CA ASN C 991 -5.69 45.58 -12.73
C ASN C 991 -5.31 46.88 -13.45
N ARG C 992 -4.29 46.81 -14.30
CA ARG C 992 -3.73 48.01 -14.92
C ARG C 992 -4.76 48.78 -15.75
N ASP C 993 -5.83 48.15 -16.21
CA ASP C 993 -6.80 48.81 -17.06
C ASP C 993 -8.06 49.21 -16.30
N GLY C 994 -8.01 49.22 -14.97
CA GLY C 994 -9.17 49.58 -14.18
C GLY C 994 -10.27 48.54 -14.14
N ASP C 995 -9.98 47.30 -14.51
CA ASP C 995 -10.99 46.25 -14.59
C ASP C 995 -11.02 45.44 -13.30
N VAL C 996 -12.23 45.16 -12.82
CA VAL C 996 -12.45 44.25 -11.70
C VAL C 996 -12.73 42.88 -12.29
N LEU C 997 -11.74 42.00 -12.23
CA LEU C 997 -11.86 40.69 -12.86
C LEU C 997 -12.58 39.67 -11.98
N VAL C 998 -12.57 39.84 -10.67
CA VAL C 998 -13.18 38.90 -9.74
C VAL C 998 -14.21 39.66 -8.90
N ASP C 999 -15.48 39.26 -9.01
CA ASP C 999 -16.59 39.99 -8.40
C ASP C 999 -16.62 39.75 -6.90
N ALA C 1000 -17.66 40.23 -6.23
CA ALA C 1000 -17.71 40.15 -4.77
C ALA C 1000 -18.11 38.77 -4.26
N ASP C 1001 -18.34 37.82 -5.16
CA ASP C 1001 -18.52 36.43 -4.80
C ASP C 1001 -17.24 35.62 -4.94
N GLY C 1002 -16.24 36.17 -5.60
CA GLY C 1002 -15.03 35.43 -5.91
C GLY C 1002 -15.02 34.76 -7.25
N LYS C 1003 -16.02 35.00 -8.10
CA LYS C 1003 -16.11 34.36 -9.40
C LYS C 1003 -15.79 35.35 -10.52
N ALA C 1004 -15.43 34.78 -11.67
CA ALA C 1004 -14.91 35.55 -12.79
C ALA C 1004 -15.47 34.96 -14.08
N MET C 1005 -15.37 35.72 -15.17
CA MET C 1005 -15.76 35.24 -16.48
C MET C 1005 -14.51 34.79 -17.23
N LEU C 1006 -14.54 33.57 -17.73
CA LEU C 1006 -13.40 32.95 -18.39
C LEU C 1006 -13.78 32.58 -19.82
N PHE C 1007 -12.81 32.69 -20.72
CA PHE C 1007 -12.99 32.28 -22.10
C PHE C 1007 -12.36 30.92 -22.31
N ASP C 1008 -13.06 30.04 -23.01
CA ASP C 1008 -12.47 28.79 -23.46
C ASP C 1008 -11.44 29.10 -24.54
N GLY C 1009 -10.16 28.87 -24.22
CA GLY C 1009 -9.12 29.09 -25.19
C GLY C 1009 -9.08 28.12 -26.35
N ARG C 1010 -9.99 27.14 -26.39
CA ARG C 1010 -10.03 26.19 -27.50
C ARG C 1010 -10.98 26.66 -28.60
N SER C 1011 -12.17 27.09 -28.20
CA SER C 1011 -13.18 27.63 -29.10
C SER C 1011 -13.12 29.15 -29.19
N GLY C 1012 -12.89 29.82 -28.06
CA GLY C 1012 -13.00 31.25 -27.96
C GLY C 1012 -14.29 31.71 -27.33
N GLU C 1013 -15.34 30.89 -27.37
CA GLU C 1013 -16.58 31.22 -26.71
C GLU C 1013 -16.34 31.33 -25.21
N PRO C 1014 -17.00 32.27 -24.53
CA PRO C 1014 -16.87 32.34 -23.08
C PRO C 1014 -17.56 31.16 -22.41
N PHE C 1015 -17.09 30.84 -21.22
CA PHE C 1015 -17.81 29.89 -20.40
C PHE C 1015 -19.04 30.58 -19.85
N PRO C 1016 -20.22 29.94 -19.93
CA PRO C 1016 -21.47 30.68 -19.70
C PRO C 1016 -21.71 31.10 -18.26
N TYR C 1017 -20.92 30.64 -17.29
CA TYR C 1017 -21.19 31.10 -15.94
C TYR C 1017 -19.91 31.54 -15.27
N PRO C 1018 -20.00 32.45 -14.29
CA PRO C 1018 -18.81 32.85 -13.55
C PRO C 1018 -18.23 31.68 -12.74
N VAL C 1019 -16.92 31.52 -12.85
CA VAL C 1019 -16.16 30.49 -12.15
C VAL C 1019 -15.40 31.15 -11.02
N THR C 1020 -15.34 30.50 -9.87
CA THR C 1020 -14.44 30.94 -8.81
C THR C 1020 -13.00 30.83 -9.29
N VAL C 1021 -12.28 31.95 -9.31
CA VAL C 1021 -10.84 31.95 -9.51
C VAL C 1021 -10.19 32.73 -8.39
N GLY C 1022 -8.92 32.41 -8.15
CA GLY C 1022 -8.14 33.05 -7.12
C GLY C 1022 -6.80 32.36 -7.01
N TYR C 1023 -6.08 32.66 -5.94
CA TYR C 1023 -4.73 32.16 -5.79
C TYR C 1023 -4.69 31.13 -4.68
N MET C 1024 -4.15 29.96 -5.01
CA MET C 1024 -4.07 28.84 -4.08
C MET C 1024 -2.64 28.33 -4.02
N TYR C 1025 -2.15 28.13 -2.81
CA TYR C 1025 -0.82 27.58 -2.62
C TYR C 1025 -0.82 26.10 -2.95
N ILE C 1026 -0.01 25.70 -3.93
CA ILE C 1026 0.04 24.32 -4.41
C ILE C 1026 1.48 23.83 -4.30
N MET C 1027 1.67 22.75 -3.55
CA MET C 1027 2.99 22.16 -3.32
C MET C 1027 3.25 21.03 -4.31
N LYS C 1028 4.54 20.75 -4.53
CA LYS C 1028 4.95 19.61 -5.35
C LYS C 1028 5.33 18.48 -4.40
N LEU C 1029 4.49 17.46 -4.34
CA LEU C 1029 4.72 16.34 -3.45
C LEU C 1029 5.74 15.40 -4.08
N HIS C 1030 6.37 14.57 -3.23
CA HIS C 1030 7.50 13.78 -3.69
C HIS C 1030 7.07 12.43 -4.22
N HIS C 1031 5.93 12.37 -4.88
CA HIS C 1031 5.47 11.16 -5.55
C HIS C 1031 5.41 11.48 -7.05
N LEU C 1032 6.55 11.37 -7.72
CA LEU C 1032 6.74 11.83 -9.09
C LEU C 1032 6.87 10.66 -10.05
N VAL C 1033 6.27 10.80 -11.24
CA VAL C 1033 6.24 9.71 -12.21
C VAL C 1033 7.63 9.11 -12.41
N ASP C 1034 8.63 9.98 -12.57
CA ASP C 1034 9.97 9.51 -12.88
C ASP C 1034 10.44 8.48 -11.88
N ASP C 1035 10.13 8.69 -10.60
CA ASP C 1035 10.44 7.72 -9.58
C ASP C 1035 9.60 6.44 -9.73
N LYS C 1036 8.37 6.55 -10.23
CA LYS C 1036 7.42 5.45 -10.09
C LYS C 1036 7.20 4.64 -11.36
N ILE C 1037 7.43 5.19 -12.55
CA ILE C 1037 7.34 4.37 -13.75
C ILE C 1037 8.37 3.26 -13.65
N HIS C 1038 7.97 2.07 -14.07
CA HIS C 1038 8.83 0.90 -14.03
C HIS C 1038 8.26 -0.14 -14.98
N ALA C 1039 9.15 -0.87 -15.64
CA ALA C 1039 8.74 -1.94 -16.54
C ALA C 1039 9.89 -2.93 -16.67
N ARG C 1040 9.55 -4.13 -17.10
CA ARG C 1040 10.53 -5.21 -17.17
C ARG C 1040 10.01 -6.27 -18.12
N SER C 1041 10.83 -6.62 -19.11
CA SER C 1041 10.56 -7.82 -19.89
C SER C 1041 11.20 -9.06 -19.26
N THR C 1042 12.41 -8.89 -18.72
CA THR C 1042 13.24 -10.00 -18.28
C THR C 1042 14.41 -9.41 -17.51
N GLY C 1043 14.77 -10.05 -16.39
CA GLY C 1043 15.84 -9.54 -15.57
C GLY C 1043 16.38 -10.55 -14.57
N PRO C 1044 16.81 -10.06 -13.42
CA PRO C 1044 17.36 -10.95 -12.39
C PRO C 1044 16.31 -11.86 -11.77
N TYR C 1045 16.78 -12.90 -11.09
CA TYR C 1045 15.92 -13.84 -10.36
C TYR C 1045 16.53 -14.19 -9.02
N SER C 1046 15.68 -14.33 -8.01
CA SER C 1046 16.13 -14.76 -6.69
C SER C 1046 16.65 -16.19 -6.76
N MET C 1047 17.69 -16.45 -5.97
CA MET C 1047 18.40 -17.72 -6.14
C MET C 1047 17.64 -18.90 -5.55
N ILE C 1048 16.94 -18.72 -4.43
CA ILE C 1048 16.21 -19.82 -3.83
C ILE C 1048 15.06 -20.26 -4.73
N THR C 1049 14.16 -19.32 -5.04
CA THR C 1049 12.90 -19.64 -5.68
C THR C 1049 12.96 -19.58 -7.21
N GLN C 1050 13.96 -18.91 -7.78
CA GLN C 1050 14.08 -18.62 -9.20
C GLN C 1050 12.97 -17.71 -9.71
N GLN C 1051 12.27 -17.03 -8.81
CA GLN C 1051 11.31 -16.06 -9.29
C GLN C 1051 11.95 -14.68 -9.40
N PRO C 1052 11.44 -13.85 -10.34
CA PRO C 1052 11.94 -12.47 -10.46
C PRO C 1052 12.14 -11.73 -9.16
N LEU C 1053 13.19 -10.91 -9.08
CA LEU C 1053 13.41 -10.09 -7.89
C LEU C 1053 12.31 -9.05 -7.76
N GLY C 1054 12.28 -8.39 -6.61
CA GLY C 1054 11.31 -7.36 -6.32
C GLY C 1054 11.94 -5.98 -6.28
N GLY C 1055 11.17 -4.97 -6.66
CA GLY C 1055 11.62 -3.60 -6.50
C GLY C 1055 12.10 -2.98 -7.79
N LYS C 1056 11.71 -1.73 -8.02
CA LYS C 1056 12.20 -1.02 -9.19
C LYS C 1056 13.71 -0.92 -9.17
N ALA C 1057 14.28 -0.74 -7.96
CA ALA C 1057 15.74 -0.60 -7.84
C ALA C 1057 16.46 -1.84 -8.32
N GLN C 1058 15.88 -3.02 -8.15
CA GLN C 1058 16.53 -4.25 -8.58
C GLN C 1058 16.09 -4.70 -9.96
N PHE C 1059 15.40 -3.83 -10.70
CA PHE C 1059 14.80 -4.19 -12.00
C PHE C 1059 13.84 -5.37 -11.84
N GLY C 1060 12.96 -5.25 -10.84
CA GLY C 1060 12.14 -6.36 -10.42
C GLY C 1060 10.91 -6.56 -11.29
N GLY C 1061 10.18 -7.62 -10.97
CA GLY C 1061 8.93 -7.95 -11.64
C GLY C 1061 7.76 -7.70 -10.70
N GLN C 1062 6.61 -7.39 -11.29
CA GLN C 1062 5.41 -7.15 -10.50
C GLN C 1062 4.91 -8.46 -9.90
N ARG C 1063 4.32 -8.38 -8.71
CA ARG C 1063 3.86 -9.58 -8.01
C ARG C 1063 2.42 -9.88 -8.39
N PHE C 1064 2.22 -10.95 -9.17
CA PHE C 1064 0.90 -11.44 -9.49
C PHE C 1064 0.44 -12.35 -8.35
N GLY C 1065 -0.21 -11.76 -7.36
CA GLY C 1065 -0.42 -12.41 -6.08
C GLY C 1065 -1.65 -13.31 -6.00
N GLU C 1066 -1.99 -13.67 -4.77
CA GLU C 1066 -3.06 -14.65 -4.55
C GLU C 1066 -4.39 -14.13 -5.06
N MET C 1067 -4.78 -12.93 -4.64
CA MET C 1067 -6.06 -12.38 -5.08
C MET C 1067 -6.08 -12.15 -6.58
N GLU C 1068 -4.92 -11.90 -7.19
CA GLU C 1068 -4.86 -11.75 -8.63
C GLU C 1068 -5.07 -13.08 -9.34
N CYS C 1069 -4.56 -14.16 -8.76
CA CYS C 1069 -4.83 -15.47 -9.34
C CYS C 1069 -6.30 -15.84 -9.22
N TRP C 1070 -6.94 -15.47 -8.12
CA TRP C 1070 -8.38 -15.66 -8.03
C TRP C 1070 -9.07 -14.93 -9.17
N ALA C 1071 -8.64 -13.70 -9.45
CA ALA C 1071 -9.25 -12.95 -10.54
C ALA C 1071 -9.10 -13.70 -11.85
N MET C 1072 -7.87 -14.10 -12.18
CA MET C 1072 -7.65 -14.85 -13.40
C MET C 1072 -8.50 -16.11 -13.43
N GLN C 1073 -8.50 -16.86 -12.32
CA GLN C 1073 -9.34 -18.04 -12.21
C GLN C 1073 -10.81 -17.70 -12.46
N ALA C 1074 -11.31 -16.66 -11.78
CA ALA C 1074 -12.72 -16.30 -11.90
C ALA C 1074 -13.09 -16.00 -13.35
N TYR C 1075 -12.19 -15.36 -14.10
CA TYR C 1075 -12.37 -15.22 -15.54
C TYR C 1075 -12.35 -16.58 -16.23
N GLY C 1076 -11.64 -17.55 -15.65
CA GLY C 1076 -11.44 -18.80 -16.33
C GLY C 1076 -10.38 -18.71 -17.42
N ALA C 1077 -9.41 -17.81 -17.25
CA ALA C 1077 -8.32 -17.66 -18.20
C ALA C 1077 -7.22 -18.63 -17.78
N ALA C 1078 -7.40 -19.89 -18.18
CA ALA C 1078 -6.47 -20.94 -17.75
C ALA C 1078 -5.06 -20.68 -18.25
N TYR C 1079 -4.91 -20.43 -19.56
CA TYR C 1079 -3.57 -20.33 -20.14
C TYR C 1079 -2.84 -19.08 -19.67
N THR C 1080 -3.57 -17.96 -19.54
CA THR C 1080 -2.95 -16.74 -19.01
C THR C 1080 -2.46 -16.97 -17.59
N LEU C 1081 -3.22 -17.74 -16.81
CA LEU C 1081 -2.81 -18.03 -15.44
C LEU C 1081 -1.62 -18.97 -15.40
N GLN C 1082 -1.59 -19.97 -16.29
CA GLN C 1082 -0.44 -20.87 -16.33
C GLN C 1082 0.81 -20.13 -16.77
N GLU C 1083 0.70 -19.38 -17.86
CA GLU C 1083 1.85 -18.69 -18.42
C GLU C 1083 2.46 -17.71 -17.41
N LEU C 1084 1.60 -16.94 -16.72
CA LEU C 1084 2.07 -16.08 -15.64
C LEU C 1084 2.85 -16.87 -14.60
N LEU C 1085 2.37 -18.07 -14.26
CA LEU C 1085 2.90 -18.83 -13.14
C LEU C 1085 4.01 -19.81 -13.51
N THR C 1086 4.28 -20.03 -14.81
CA THR C 1086 5.38 -20.92 -15.18
C THR C 1086 6.47 -20.20 -15.97
N ILE C 1087 6.18 -19.66 -17.14
CA ILE C 1087 7.24 -19.23 -18.04
C ILE C 1087 7.58 -17.75 -17.90
N LYS C 1088 6.72 -16.97 -17.27
CA LYS C 1088 7.07 -15.60 -16.94
C LYS C 1088 7.69 -15.48 -15.55
N SER C 1089 7.66 -16.56 -14.76
CA SER C 1089 8.23 -16.51 -13.42
C SER C 1089 9.29 -17.57 -13.15
N ASP C 1090 8.96 -18.85 -13.30
CA ASP C 1090 9.60 -19.93 -12.53
C ASP C 1090 10.17 -21.07 -13.36
N ASP C 1091 9.67 -21.30 -14.57
CA ASP C 1091 10.19 -22.35 -15.43
C ASP C 1091 11.55 -21.90 -15.96
N THR C 1092 12.64 -22.39 -15.35
CA THR C 1092 13.97 -21.84 -15.67
C THR C 1092 14.36 -22.16 -17.11
N VAL C 1093 13.89 -23.27 -17.67
CA VAL C 1093 14.19 -23.55 -19.07
C VAL C 1093 13.16 -22.91 -20.00
N GLY C 1094 11.89 -22.86 -19.58
CA GLY C 1094 10.86 -22.29 -20.43
C GLY C 1094 11.00 -20.79 -20.60
N ARG C 1095 11.48 -20.10 -19.56
CA ARG C 1095 11.91 -18.72 -19.68
C ARG C 1095 12.75 -18.53 -20.93
N VAL C 1096 13.89 -19.22 -20.98
CA VAL C 1096 14.83 -19.06 -22.06
C VAL C 1096 14.19 -19.49 -23.38
N LYS C 1097 13.43 -20.58 -23.35
CA LYS C 1097 12.79 -21.05 -24.58
C LYS C 1097 11.79 -20.03 -25.11
N VAL C 1098 11.23 -19.19 -24.23
CA VAL C 1098 10.20 -18.24 -24.63
C VAL C 1098 10.80 -17.01 -25.29
N TYR C 1099 11.80 -16.41 -24.64
CA TYR C 1099 12.55 -15.32 -25.28
C TYR C 1099 13.11 -15.79 -26.62
N GLU C 1100 13.70 -16.99 -26.63
CA GLU C 1100 14.15 -17.62 -27.87
C GLU C 1100 13.04 -17.64 -28.92
N ALA C 1101 11.82 -17.98 -28.50
CA ALA C 1101 10.73 -18.14 -29.46
C ALA C 1101 10.25 -16.80 -30.02
N ILE C 1102 10.17 -15.78 -29.16
CA ILE C 1102 9.69 -14.47 -29.60
C ILE C 1102 10.69 -13.83 -30.55
N VAL C 1103 11.97 -13.96 -30.23
CA VAL C 1103 13.01 -13.36 -31.08
C VAL C 1103 13.05 -14.02 -32.45
N LYS C 1104 12.68 -15.30 -32.53
CA LYS C 1104 12.67 -16.01 -33.81
C LYS C 1104 11.29 -16.02 -34.45
N GLY C 1105 10.32 -15.30 -33.89
CA GLY C 1105 9.01 -15.19 -34.50
C GLY C 1105 8.18 -16.45 -34.52
N GLU C 1106 8.46 -17.40 -33.63
CA GLU C 1106 7.75 -18.66 -33.58
C GLU C 1106 6.63 -18.59 -32.53
N ASN C 1107 5.88 -19.69 -32.41
CA ASN C 1107 4.87 -19.77 -31.36
C ASN C 1107 5.54 -19.86 -30.00
N ILE C 1108 4.83 -19.41 -28.97
CA ILE C 1108 5.35 -19.54 -27.61
C ILE C 1108 5.26 -21.02 -27.18
N PRO C 1109 6.34 -21.59 -26.63
CA PRO C 1109 6.31 -23.03 -26.29
C PRO C 1109 5.47 -23.35 -25.07
N GLU C 1110 5.45 -24.62 -24.66
CA GLU C 1110 4.64 -25.20 -23.59
C GLU C 1110 5.36 -25.08 -22.25
N PRO C 1111 4.62 -24.79 -21.18
CA PRO C 1111 5.25 -24.60 -19.87
C PRO C 1111 5.84 -25.89 -19.32
N GLY C 1112 6.94 -25.73 -18.58
CA GLY C 1112 7.52 -26.80 -17.81
C GLY C 1112 7.02 -26.80 -16.38
N ILE C 1113 7.88 -27.12 -15.42
CA ILE C 1113 7.49 -27.23 -14.01
C ILE C 1113 8.08 -26.05 -13.26
N PRO C 1114 7.29 -25.35 -12.45
CA PRO C 1114 7.83 -24.23 -11.66
C PRO C 1114 8.92 -24.71 -10.72
N GLU C 1115 10.04 -23.99 -10.69
CA GLU C 1115 11.13 -24.36 -9.80
C GLU C 1115 10.72 -24.25 -8.33
N SER C 1116 9.70 -23.44 -8.02
CA SER C 1116 9.31 -23.30 -6.62
C SER C 1116 8.59 -24.54 -6.11
N PHE C 1117 7.92 -25.28 -6.98
CA PHE C 1117 7.36 -26.56 -6.56
C PHE C 1117 8.47 -27.53 -6.18
N LYS C 1118 9.52 -27.59 -7.01
CA LYS C 1118 10.71 -28.38 -6.67
C LYS C 1118 11.27 -27.95 -5.32
N VAL C 1119 11.43 -26.64 -5.13
CA VAL C 1119 11.92 -26.14 -3.84
C VAL C 1119 11.02 -26.61 -2.70
N LEU C 1120 9.71 -26.56 -2.90
CA LEU C 1120 8.77 -27.03 -1.89
C LEU C 1120 9.05 -28.48 -1.52
N LEU C 1121 9.02 -29.37 -2.51
CA LEU C 1121 9.29 -30.78 -2.25
C LEU C 1121 10.59 -30.97 -1.49
N LYS C 1122 11.65 -30.24 -1.88
CA LYS C 1122 12.92 -30.38 -1.19
C LYS C 1122 12.80 -29.97 0.27
N GLU C 1123 12.02 -28.92 0.55
CA GLU C 1123 11.85 -28.51 1.94
C GLU C 1123 11.02 -29.51 2.74
N LEU C 1124 10.09 -30.22 2.09
CA LEU C 1124 9.33 -31.25 2.79
C LEU C 1124 10.22 -32.44 3.16
N GLN C 1125 11.00 -32.94 2.21
CA GLN C 1125 11.99 -33.96 2.51
C GLN C 1125 12.89 -33.51 3.65
N SER C 1126 13.21 -32.22 3.72
CA SER C 1126 13.99 -31.72 4.85
C SER C 1126 13.24 -31.87 6.16
N LEU C 1127 11.92 -32.00 6.11
CA LEU C 1127 11.10 -32.32 7.28
C LEU C 1127 10.80 -33.81 7.37
N CYS C 1128 11.63 -34.65 6.74
CA CYS C 1128 11.49 -36.11 6.76
C CYS C 1128 10.15 -36.56 6.18
N LEU C 1129 9.57 -35.78 5.28
CA LEU C 1129 8.35 -36.18 4.59
C LEU C 1129 8.71 -36.72 3.22
N ASN C 1130 8.31 -37.96 2.93
CA ASN C 1130 8.71 -38.61 1.68
C ASN C 1130 7.64 -38.32 0.62
N VAL C 1131 7.77 -37.15 0.00
CA VAL C 1131 6.87 -36.70 -1.05
C VAL C 1131 7.38 -37.19 -2.39
N GLU C 1132 6.55 -37.94 -3.11
CA GLU C 1132 6.89 -38.44 -4.42
C GLU C 1132 5.80 -38.05 -5.40
N VAL C 1133 6.20 -37.77 -6.62
CA VAL C 1133 5.27 -37.51 -7.70
C VAL C 1133 5.10 -38.81 -8.49
N LEU C 1134 3.86 -39.21 -8.72
CA LEU C 1134 3.59 -40.47 -9.38
C LEU C 1134 3.14 -40.23 -10.83
N SER C 1135 3.50 -41.17 -11.69
CA SER C 1135 3.00 -41.17 -13.06
C SER C 1135 1.54 -41.59 -13.07
N SER C 1136 0.96 -41.67 -14.28
CA SER C 1136 -0.45 -42.04 -14.41
C SER C 1136 -0.70 -43.40 -13.78
N ASP C 1137 0.00 -44.43 -14.25
CA ASP C 1137 -0.06 -45.75 -13.64
C ASP C 1137 1.22 -46.14 -12.93
N GLY C 1138 2.37 -45.66 -13.41
CA GLY C 1138 3.66 -46.11 -12.95
C GLY C 1138 4.10 -45.66 -11.56
N ALA C 1139 5.41 -45.70 -11.35
CA ALA C 1139 6.02 -45.35 -10.08
C ALA C 1139 6.43 -43.87 -10.09
N ALA C 1140 7.25 -43.50 -9.11
CA ALA C 1140 7.65 -42.10 -8.93
C ALA C 1140 8.29 -41.55 -10.20
N ILE C 1141 8.11 -40.25 -10.41
CA ILE C 1141 8.62 -39.54 -11.59
C ILE C 1141 9.95 -38.90 -11.22
N GLU C 1142 10.93 -39.02 -12.13
CA GLU C 1142 12.25 -38.42 -11.96
C GLU C 1142 12.20 -36.92 -12.22
N LEU C 1143 12.47 -36.12 -11.19
CA LEU C 1143 12.38 -34.67 -11.29
C LEU C 1143 13.70 -34.02 -11.67
N ARG C 1144 14.82 -34.73 -11.58
CA ARG C 1144 16.09 -34.18 -12.03
C ARG C 1144 16.20 -34.27 -13.55
N GLU C 1145 17.01 -33.39 -14.12
CA GLU C 1145 17.19 -33.31 -15.57
C GLU C 1145 18.57 -33.82 -15.96
N GLY C 1146 18.84 -33.79 -17.27
CA GLY C 1146 20.09 -34.33 -17.79
C GLY C 1146 21.23 -33.34 -17.78
N GLU C 1147 22.45 -33.88 -17.68
CA GLU C 1147 23.66 -33.06 -17.68
C GLU C 1147 24.03 -32.61 -19.09
N ASP C 1148 23.68 -33.40 -20.10
CA ASP C 1148 23.93 -33.07 -21.50
C ASP C 1148 22.62 -32.65 -22.16
N GLU C 1149 22.64 -31.50 -22.82
CA GLU C 1149 21.46 -31.02 -23.53
C GLU C 1149 21.90 -30.16 -24.71
N ASP C 1150 21.31 -30.41 -25.87
CA ASP C 1150 21.41 -29.57 -27.06
C ASP C 1150 22.82 -29.50 -27.61
N LEU C 1151 23.67 -30.48 -27.32
CA LEU C 1151 25.01 -30.50 -27.89
C LEU C 1151 24.95 -30.63 -29.41
N GLU C 1152 23.91 -31.29 -29.93
CA GLU C 1152 23.79 -31.52 -31.36
C GLU C 1152 23.56 -30.23 -32.14
N ARG C 1153 23.16 -29.15 -31.47
CA ARG C 1153 22.80 -27.91 -32.15
C ARG C 1153 23.63 -26.72 -31.71
N ALA C 1154 23.79 -26.50 -30.41
CA ALA C 1154 24.35 -25.25 -29.90
C ALA C 1154 25.81 -25.09 -30.31
N ALA C 1155 26.66 -26.02 -29.89
CA ALA C 1155 28.03 -25.99 -30.38
C ALA C 1155 28.07 -26.06 -31.90
N ALA C 1156 27.18 -26.87 -32.49
CA ALA C 1156 27.14 -27.02 -33.93
C ALA C 1156 26.55 -25.82 -34.65
N ASN C 1157 25.99 -24.83 -33.95
CA ASN C 1157 25.41 -23.71 -34.67
C ASN C 1157 26.43 -22.64 -35.03
N LEU C 1158 27.65 -22.70 -34.48
CA LEU C 1158 28.72 -21.82 -34.98
C LEU C 1158 29.54 -22.53 -36.07
N GLY C 1159 28.86 -23.05 -37.08
CA GLY C 1159 29.51 -23.55 -38.27
C GLY C 1159 30.06 -24.96 -38.21
N ILE C 1160 29.49 -25.82 -37.37
CA ILE C 1160 29.97 -27.19 -37.21
C ILE C 1160 28.87 -28.16 -37.64
N ASN C 1161 29.26 -29.41 -37.83
CA ASN C 1161 28.32 -30.46 -38.25
C ASN C 1161 28.90 -31.85 -38.01
N LEU D 3 13.21 -33.64 -19.70
CA LEU D 3 12.33 -32.51 -19.41
C LEU D 3 10.90 -33.00 -19.12
N ASP D 4 10.44 -32.76 -17.89
CA ASP D 4 9.16 -33.31 -17.44
C ASP D 4 8.00 -32.68 -18.22
N VAL D 5 7.14 -33.54 -18.79
CA VAL D 5 6.03 -33.06 -19.61
C VAL D 5 4.86 -32.57 -18.78
N ASN D 6 4.97 -32.62 -17.45
CA ASN D 6 4.05 -31.93 -16.52
C ASN D 6 2.66 -32.56 -16.50
N PHE D 7 2.59 -33.88 -16.60
CA PHE D 7 1.34 -34.61 -16.41
C PHE D 7 1.56 -35.67 -15.34
N PHE D 8 1.39 -35.24 -14.10
CA PHE D 8 1.50 -36.07 -12.92
C PHE D 8 0.11 -36.54 -12.53
N ASP D 9 0.01 -37.79 -12.09
CA ASP D 9 -1.29 -38.26 -11.65
C ASP D 9 -1.52 -38.01 -10.17
N GLU D 10 -0.50 -38.18 -9.35
CA GLU D 10 -0.68 -38.17 -7.91
C GLU D 10 0.57 -37.64 -7.21
N LEU D 11 0.35 -37.07 -6.03
CA LEU D 11 1.41 -36.53 -5.18
C LEU D 11 1.20 -37.10 -3.78
N ARG D 12 2.08 -38.03 -3.38
CA ARG D 12 1.90 -38.80 -2.15
C ARG D 12 2.93 -38.41 -1.11
N ILE D 13 2.51 -38.34 0.15
CA ILE D 13 3.44 -38.20 1.26
C ILE D 13 3.44 -39.48 2.06
N GLY D 14 4.59 -39.76 2.65
CA GLY D 14 4.71 -40.76 3.69
C GLY D 14 5.62 -40.20 4.76
N LEU D 15 6.04 -41.05 5.70
CA LEU D 15 7.12 -40.68 6.59
C LEU D 15 8.43 -41.23 6.03
N ALA D 16 9.47 -40.42 6.12
CA ALA D 16 10.78 -40.85 5.65
C ALA D 16 11.37 -41.82 6.65
N THR D 17 11.80 -42.97 6.16
CA THR D 17 12.59 -43.87 6.97
C THR D 17 14.04 -43.37 6.99
N ALA D 18 14.74 -43.61 8.10
CA ALA D 18 16.16 -43.28 8.12
C ALA D 18 16.89 -43.90 6.94
N GLU D 19 16.40 -45.06 6.48
CA GLU D 19 16.94 -45.63 5.25
C GLU D 19 16.63 -44.75 4.05
N ASP D 20 15.42 -44.17 3.98
CA ASP D 20 15.11 -43.21 2.93
C ASP D 20 15.99 -41.98 3.04
N ILE D 21 16.11 -41.44 4.26
CA ILE D 21 16.94 -40.26 4.48
C ILE D 21 18.37 -40.51 4.03
N ARG D 22 18.85 -41.75 4.16
CA ARG D 22 20.20 -42.07 3.69
C ARG D 22 20.25 -42.31 2.19
N GLN D 23 19.18 -42.87 1.61
CA GLN D 23 19.13 -43.07 0.17
C GLN D 23 19.07 -41.75 -0.57
N TRP D 24 18.53 -40.70 0.06
CA TRP D 24 18.57 -39.37 -0.53
C TRP D 24 19.97 -38.78 -0.47
N SER D 25 20.67 -38.99 0.64
CA SER D 25 21.87 -38.22 0.94
C SER D 25 23.02 -38.58 0.02
N TYR D 26 23.80 -37.56 -0.34
CA TYR D 26 25.03 -37.70 -1.10
C TYR D 26 26.27 -37.67 -0.23
N GLY D 27 26.11 -37.59 1.09
CA GLY D 27 27.22 -37.64 2.02
C GLY D 27 26.89 -36.97 3.35
N GLU D 28 27.48 -37.45 4.43
CA GLU D 28 27.18 -36.87 5.74
C GLU D 28 27.96 -35.58 5.94
N VAL D 29 27.26 -34.54 6.39
CA VAL D 29 27.93 -33.34 6.88
C VAL D 29 28.46 -33.63 8.27
N LYS D 30 29.74 -33.36 8.50
CA LYS D 30 30.35 -33.65 9.77
C LYS D 30 30.87 -32.44 10.52
N LYS D 31 31.23 -31.38 9.81
CA LYS D 31 31.85 -30.21 10.42
C LYS D 31 30.85 -29.05 10.47
N PRO D 32 30.99 -28.16 11.45
CA PRO D 32 30.14 -26.96 11.48
C PRO D 32 30.65 -25.81 10.64
N GLU D 33 31.89 -25.86 10.15
CA GLU D 33 32.41 -24.79 9.32
C GLU D 33 31.64 -24.72 8.00
N THR D 34 31.50 -23.50 7.48
CA THR D 34 30.83 -23.27 6.21
C THR D 34 31.81 -23.01 5.07
N ILE D 35 32.57 -21.92 5.16
CA ILE D 35 33.56 -21.55 4.15
C ILE D 35 34.70 -20.87 4.86
N ASN D 36 35.90 -20.99 4.29
CA ASN D 36 37.08 -20.37 4.87
C ASN D 36 37.04 -18.86 4.66
N TYR D 37 37.36 -18.11 5.72
CA TYR D 37 37.38 -16.66 5.61
C TYR D 37 38.45 -16.15 4.63
N ARG D 38 39.59 -16.86 4.54
CA ARG D 38 40.66 -16.40 3.66
C ARG D 38 40.26 -16.55 2.19
N THR D 39 39.96 -17.77 1.76
CA THR D 39 39.76 -18.05 0.35
C THR D 39 38.29 -18.13 -0.07
N LEU D 40 37.36 -17.92 0.86
CA LEU D 40 35.92 -17.94 0.55
C LEU D 40 35.50 -19.26 -0.11
N LYS D 41 36.22 -20.33 0.21
CA LYS D 41 35.89 -21.61 -0.40
C LYS D 41 35.20 -22.52 0.62
N PRO D 42 34.31 -23.41 0.17
CA PRO D 42 33.54 -24.25 1.12
C PRO D 42 34.41 -25.35 1.72
N GLU D 43 34.46 -25.37 3.05
CA GLU D 43 35.26 -26.37 3.74
C GLU D 43 34.75 -27.79 3.46
N LYS D 44 35.68 -28.75 3.47
CA LYS D 44 35.31 -30.14 3.22
C LYS D 44 34.46 -30.67 4.37
N ASP D 45 33.47 -31.50 4.02
CA ASP D 45 32.56 -32.13 4.99
C ASP D 45 31.75 -31.12 5.79
N GLY D 46 31.65 -29.88 5.30
CA GLY D 46 30.90 -28.84 5.97
C GLY D 46 29.50 -28.67 5.40
N LEU D 47 28.83 -27.62 5.86
CA LEU D 47 27.47 -27.35 5.41
C LEU D 47 27.38 -26.94 3.95
N PHE D 48 28.50 -26.58 3.33
CA PHE D 48 28.50 -26.23 1.91
C PHE D 48 29.49 -27.06 1.12
N CYS D 49 29.90 -28.21 1.66
CA CYS D 49 30.90 -29.06 1.04
C CYS D 49 30.55 -29.37 -0.41
N GLU D 50 31.50 -29.11 -1.31
CA GLU D 50 31.29 -29.41 -2.73
C GLU D 50 31.33 -30.91 -3.02
N LYS D 51 31.98 -31.69 -2.16
CA LYS D 51 32.10 -33.13 -2.42
C LYS D 51 30.74 -33.80 -2.38
N ILE D 52 29.89 -33.42 -1.42
CA ILE D 52 28.62 -34.10 -1.22
C ILE D 52 27.49 -33.32 -1.87
N PHE D 53 27.61 -32.00 -1.95
CA PHE D 53 26.52 -31.19 -2.50
C PHE D 53 26.68 -30.90 -3.98
N GLY D 54 27.88 -30.54 -4.42
CA GLY D 54 28.13 -30.23 -5.81
C GLY D 54 29.09 -29.06 -5.94
N PRO D 55 29.62 -28.84 -7.14
CA PRO D 55 30.62 -27.77 -7.33
C PRO D 55 30.00 -26.39 -7.37
N THR D 56 30.65 -25.43 -6.70
CA THR D 56 30.16 -24.06 -6.74
C THR D 56 30.22 -23.47 -8.14
N ARG D 57 31.22 -23.87 -8.93
CA ARG D 57 31.41 -23.35 -10.28
C ARG D 57 31.27 -24.48 -11.29
N ASP D 58 30.55 -24.19 -12.38
CA ASP D 58 30.32 -25.18 -13.43
C ASP D 58 31.60 -25.88 -13.85
N TRP D 59 31.54 -27.20 -13.93
CA TRP D 59 32.59 -28.05 -14.48
C TRP D 59 33.94 -27.89 -13.76
N GLU D 60 33.93 -27.36 -12.54
CA GLU D 60 35.16 -27.16 -11.77
C GLU D 60 35.15 -28.03 -10.53
N CYS D 61 36.34 -28.48 -10.13
CA CYS D 61 36.52 -29.26 -8.92
C CYS D 61 37.18 -28.39 -7.85
N TYR D 62 37.15 -28.91 -6.61
CA TYR D 62 37.58 -28.11 -5.46
C TYR D 62 39.06 -27.76 -5.55
N CYS D 63 39.90 -28.76 -5.80
CA CYS D 63 41.34 -28.53 -5.87
C CYS D 63 41.80 -27.97 -7.22
N GLY D 64 40.92 -27.95 -8.22
CA GLY D 64 41.24 -27.35 -9.50
C GLY D 64 41.87 -28.28 -10.51
N LYS D 65 41.89 -29.58 -10.26
CA LYS D 65 42.49 -30.50 -11.22
C LYS D 65 41.68 -30.59 -12.50
N TYR D 66 40.37 -30.37 -12.43
CA TYR D 66 39.48 -30.53 -13.58
C TYR D 66 38.62 -29.28 -13.70
N LYS D 67 38.92 -28.44 -14.70
CA LYS D 67 38.11 -27.27 -15.05
C LYS D 67 37.84 -27.35 -16.56
N ARG D 68 36.84 -28.11 -16.96
CA ARG D 68 36.52 -28.25 -18.37
C ARG D 68 35.22 -29.03 -18.52
N VAL D 69 34.45 -28.67 -19.55
CA VAL D 69 33.32 -29.50 -19.95
C VAL D 69 33.79 -30.79 -20.61
N ARG D 70 35.06 -30.83 -21.03
CA ARG D 70 35.66 -32.04 -21.56
C ARG D 70 35.56 -33.18 -20.53
N PHE D 71 36.20 -33.00 -19.38
CA PHE D 71 35.94 -33.88 -18.25
C PHE D 71 34.51 -33.64 -17.78
N LYS D 72 33.63 -34.60 -18.02
CA LYS D 72 32.21 -34.40 -17.73
C LYS D 72 31.68 -35.65 -17.07
N GLY D 73 31.27 -35.53 -15.82
CA GLY D 73 30.76 -36.67 -15.08
C GLY D 73 31.82 -37.47 -14.34
N ILE D 74 33.07 -37.06 -14.39
CA ILE D 74 34.12 -37.77 -13.67
C ILE D 74 34.25 -37.18 -12.27
N ILE D 75 34.62 -38.02 -11.32
CA ILE D 75 34.75 -37.60 -9.93
C ILE D 75 36.23 -37.44 -9.64
N CYS D 76 36.65 -36.20 -9.36
CA CYS D 76 38.03 -35.92 -9.06
C CYS D 76 38.52 -36.80 -7.92
N GLU D 77 39.63 -37.50 -8.15
CA GLU D 77 40.14 -38.45 -7.16
C GLU D 77 40.79 -37.75 -5.99
N ARG D 78 41.31 -36.55 -6.18
CA ARG D 78 41.98 -35.85 -5.10
C ARG D 78 41.00 -35.15 -4.17
N CYS D 79 39.93 -34.58 -4.72
CA CYS D 79 38.97 -33.79 -3.95
C CYS D 79 37.58 -34.40 -3.89
N GLY D 80 37.28 -35.39 -4.72
CA GLY D 80 36.01 -36.07 -4.64
C GLY D 80 34.82 -35.30 -5.17
N VAL D 81 35.04 -34.15 -5.81
CA VAL D 81 33.96 -33.34 -6.34
C VAL D 81 33.66 -33.77 -7.76
N GLU D 82 32.37 -33.85 -8.09
CA GLU D 82 31.96 -34.24 -9.43
C GLU D 82 32.02 -33.04 -10.37
N VAL D 83 32.47 -33.28 -11.59
CA VAL D 83 32.58 -32.22 -12.60
C VAL D 83 31.24 -32.22 -13.34
N THR D 84 30.31 -31.40 -12.85
CA THR D 84 29.00 -31.25 -13.45
C THR D 84 28.55 -29.80 -13.28
N ARG D 85 27.27 -29.54 -13.56
CA ARG D 85 26.73 -28.19 -13.44
C ARG D 85 26.46 -27.84 -11.98
N ALA D 86 26.71 -26.57 -11.62
CA ALA D 86 26.47 -26.10 -10.26
C ALA D 86 24.99 -26.06 -9.90
N LYS D 87 24.11 -26.21 -10.88
CA LYS D 87 22.68 -26.38 -10.62
C LYS D 87 22.43 -27.42 -9.54
N VAL D 88 23.23 -28.48 -9.53
CA VAL D 88 23.02 -29.58 -8.58
C VAL D 88 23.03 -29.09 -7.15
N ARG D 89 23.71 -27.98 -6.86
CA ARG D 89 23.74 -27.54 -5.47
C ARG D 89 22.40 -27.02 -4.98
N ARG D 90 21.34 -27.13 -5.78
CA ARG D 90 20.00 -26.79 -5.31
C ARG D 90 19.11 -28.01 -5.17
N GLU D 91 19.63 -29.20 -5.44
CA GLU D 91 18.82 -30.41 -5.48
C GLU D 91 19.46 -31.60 -4.78
N ARG D 92 20.61 -31.41 -4.12
CA ARG D 92 21.39 -32.52 -3.57
C ARG D 92 21.44 -32.41 -2.06
N MET D 93 20.74 -33.32 -1.38
CA MET D 93 20.66 -33.31 0.07
C MET D 93 21.86 -34.02 0.69
N GLY D 94 22.21 -33.61 1.91
CA GLY D 94 23.09 -34.35 2.76
C GLY D 94 22.31 -35.00 3.90
N HIS D 95 23.06 -35.56 4.85
CA HIS D 95 22.43 -36.06 6.06
C HIS D 95 23.39 -35.95 7.23
N ILE D 96 22.86 -36.27 8.40
CA ILE D 96 23.59 -36.23 9.66
C ILE D 96 23.26 -37.50 10.42
N GLU D 97 24.29 -38.29 10.73
CA GLU D 97 24.13 -39.47 11.57
C GLU D 97 24.23 -39.05 13.02
N LEU D 98 23.15 -39.30 13.77
CA LEU D 98 23.05 -38.86 15.16
C LEU D 98 23.64 -39.89 16.11
N ALA D 99 24.45 -39.40 17.07
CA ALA D 99 25.01 -40.30 18.08
C ALA D 99 23.93 -40.92 18.94
N ALA D 100 22.78 -40.23 19.07
CA ALA D 100 21.64 -40.70 19.80
C ALA D 100 20.39 -40.29 19.02
N PRO D 101 19.41 -41.16 18.89
CA PRO D 101 18.21 -40.82 18.11
C PRO D 101 17.41 -39.72 18.80
N VAL D 102 16.62 -39.02 17.99
CA VAL D 102 15.75 -37.96 18.48
C VAL D 102 14.34 -38.19 17.95
N THR D 103 13.39 -37.51 18.59
CA THR D 103 12.00 -37.60 18.18
C THR D 103 11.64 -36.41 17.31
N HIS D 104 10.90 -36.67 16.25
CA HIS D 104 10.41 -35.61 15.39
C HIS D 104 9.39 -34.77 16.16
N ILE D 105 9.69 -33.49 16.35
CA ILE D 105 8.83 -32.65 17.18
C ILE D 105 7.43 -32.52 16.61
N TRP D 106 7.25 -32.77 15.32
CA TRP D 106 5.90 -32.77 14.76
C TRP D 106 5.03 -33.81 15.42
N TYR D 107 5.62 -34.90 15.90
CA TYR D 107 4.85 -36.03 16.40
C TYR D 107 4.84 -36.15 17.91
N PHE D 108 5.76 -35.49 18.62
CA PHE D 108 5.66 -35.41 20.07
C PHE D 108 4.79 -34.24 20.52
N LYS D 109 5.13 -33.03 20.07
CA LYS D 109 4.50 -31.81 20.56
C LYS D 109 3.36 -31.33 19.68
N GLY D 110 3.24 -31.85 18.46
CA GLY D 110 2.15 -31.44 17.61
C GLY D 110 0.81 -31.88 18.18
N VAL D 111 0.03 -30.92 18.67
CA VAL D 111 -1.22 -31.24 19.37
C VAL D 111 -2.27 -31.71 18.36
N PRO D 112 -2.93 -32.86 18.58
CA PRO D 112 -2.73 -33.80 19.69
C PRO D 112 -1.54 -34.72 19.47
N SER D 113 -0.72 -34.94 20.50
CA SER D 113 0.49 -35.73 20.36
C SER D 113 0.23 -37.05 19.66
N ARG D 114 0.82 -37.22 18.48
CA ARG D 114 0.61 -38.47 17.76
C ARG D 114 1.29 -39.63 18.47
N LEU D 115 2.45 -39.37 19.09
CA LEU D 115 3.09 -40.39 19.91
C LEU D 115 2.24 -40.73 21.11
N GLY D 116 1.79 -39.68 21.83
CA GLY D 116 0.98 -39.90 23.02
C GLY D 116 -0.27 -40.72 22.73
N TYR D 117 -0.85 -40.55 21.55
CA TYR D 117 -1.96 -41.41 21.16
C TYR D 117 -1.48 -42.79 20.75
N LEU D 118 -0.31 -42.88 20.12
CA LEU D 118 0.17 -44.17 19.63
C LEU D 118 0.47 -45.12 20.77
N LEU D 119 1.32 -44.70 21.71
CA LEU D 119 1.73 -45.52 22.84
C LEU D 119 0.78 -45.38 24.03
N ASP D 120 -0.25 -44.55 23.93
CA ASP D 120 -1.15 -44.26 25.04
C ASP D 120 -0.39 -43.72 26.25
N LEU D 121 0.39 -42.67 26.02
CA LEU D 121 1.07 -41.94 27.07
C LEU D 121 0.55 -40.51 27.13
N ALA D 122 0.42 -39.97 28.33
CA ALA D 122 0.08 -38.56 28.47
C ALA D 122 1.26 -37.71 28.03
N PRO D 123 1.02 -36.64 27.27
CA PRO D 123 2.16 -35.86 26.74
C PRO D 123 3.09 -35.32 27.82
N LYS D 124 2.57 -34.96 28.99
CA LYS D 124 3.44 -34.52 30.08
C LYS D 124 4.51 -35.56 30.39
N ASP D 125 4.10 -36.83 30.50
CA ASP D 125 5.06 -37.91 30.72
C ASP D 125 6.02 -38.04 29.54
N LEU D 126 5.54 -37.79 28.32
CA LEU D 126 6.41 -37.86 27.15
C LEU D 126 7.48 -36.78 27.20
N GLU D 127 7.12 -35.57 27.66
CA GLU D 127 8.11 -34.53 27.82
C GLU D 127 9.10 -34.91 28.90
N LYS D 128 8.63 -35.55 29.97
CA LYS D 128 9.55 -36.02 31.00
C LYS D 128 10.54 -37.03 30.44
N ILE D 129 10.07 -37.95 29.58
CA ILE D 129 10.93 -39.01 29.07
C ILE D 129 11.89 -38.48 28.02
N ILE D 130 11.36 -37.83 26.98
CA ILE D 130 12.15 -37.44 25.81
C ILE D 130 13.22 -36.42 26.19
N TYR D 131 12.96 -35.62 27.22
CA TYR D 131 13.92 -34.60 27.67
C TYR D 131 14.59 -34.96 29.00
N PHE D 132 14.64 -36.26 29.33
CA PHE D 132 15.50 -36.78 30.40
C PHE D 132 15.11 -36.25 31.78
N ALA D 133 13.80 -36.26 32.04
CA ALA D 133 13.29 -35.95 33.38
C ALA D 133 12.86 -37.19 34.14
N ALA D 134 12.63 -38.30 33.44
CA ALA D 134 12.16 -39.53 34.06
C ALA D 134 12.49 -40.69 33.15
N TYR D 135 12.63 -41.86 33.75
CA TYR D 135 12.90 -43.08 33.00
C TYR D 135 11.59 -43.73 32.57
N VAL D 136 11.70 -44.70 31.68
CA VAL D 136 10.58 -45.52 31.29
C VAL D 136 11.08 -46.95 31.12
N ILE D 137 10.21 -47.90 31.47
CA ILE D 137 10.51 -49.33 31.33
C ILE D 137 10.25 -49.73 29.89
N THR D 138 11.31 -50.14 29.18
CA THR D 138 11.16 -50.57 27.80
C THR D 138 10.78 -52.05 27.68
N SER D 139 11.14 -52.86 28.68
CA SER D 139 10.81 -54.29 28.67
C SER D 139 11.12 -54.86 30.04
N VAL D 140 10.40 -55.93 30.39
CA VAL D 140 10.60 -56.62 31.67
C VAL D 140 10.51 -58.12 31.43
N ASP D 141 11.53 -58.84 31.89
CA ASP D 141 11.56 -60.29 31.78
C ASP D 141 10.58 -60.87 32.80
N GLU D 142 9.36 -61.17 32.35
CA GLU D 142 8.34 -61.65 33.27
C GLU D 142 8.67 -63.05 33.80
N GLU D 143 9.16 -63.92 32.92
CA GLU D 143 9.44 -65.30 33.32
C GLU D 143 10.53 -65.37 34.39
N MET D 144 11.61 -64.61 34.19
CA MET D 144 12.70 -64.63 35.17
C MET D 144 12.25 -64.07 36.51
N ARG D 145 11.51 -62.96 36.48
CA ARG D 145 10.93 -62.41 37.71
C ARG D 145 10.08 -63.44 38.41
N HIS D 146 9.29 -64.19 37.64
CA HIS D 146 8.42 -65.20 38.22
C HIS D 146 9.22 -66.34 38.86
N ASN D 147 10.33 -66.74 38.23
CA ASN D 147 11.12 -67.85 38.74
C ASN D 147 12.11 -67.44 39.83
N GLU D 148 12.24 -66.14 40.11
CA GLU D 148 13.11 -65.70 41.21
C GLU D 148 12.37 -64.90 42.26
N LEU D 149 11.04 -64.78 42.15
CA LEU D 149 10.26 -63.97 43.08
C LEU D 149 10.41 -64.44 44.52
N SER D 150 10.42 -65.75 44.75
CA SER D 150 10.50 -66.27 46.12
C SER D 150 11.82 -65.86 46.77
N THR D 151 12.94 -66.07 46.08
CA THR D 151 14.22 -65.68 46.63
C THR D 151 14.31 -64.17 46.83
N LEU D 152 13.82 -63.39 45.87
CA LEU D 152 13.90 -61.94 45.99
C LEU D 152 13.09 -61.45 47.19
N GLU D 153 11.89 -61.99 47.37
CA GLU D 153 11.05 -61.59 48.49
C GLU D 153 11.65 -62.02 49.82
N ALA D 154 12.29 -63.18 49.86
CA ALA D 154 12.99 -63.57 51.08
C ALA D 154 14.06 -62.55 51.45
N GLU D 155 14.91 -62.22 50.47
CA GLU D 155 15.98 -61.24 50.71
C GLU D 155 15.41 -59.90 51.17
N MET D 156 14.30 -59.49 50.54
CA MET D 156 13.66 -58.22 50.90
C MET D 156 13.11 -58.25 52.32
N ALA D 157 12.46 -59.37 52.70
CA ALA D 157 11.92 -59.51 54.04
C ALA D 157 13.02 -59.46 55.09
N VAL D 158 14.14 -60.13 54.82
CA VAL D 158 15.26 -60.07 55.75
C VAL D 158 15.78 -58.63 55.88
N GLU D 159 15.90 -57.92 54.76
CA GLU D 159 16.38 -56.53 54.82
C GLU D 159 15.43 -55.63 55.62
N ARG D 160 14.12 -55.80 55.39
CA ARG D 160 13.13 -55.03 56.16
C ARG D 160 13.28 -55.31 57.65
N LYS D 161 13.36 -56.60 58.02
CA LYS D 161 13.55 -56.95 59.42
C LYS D 161 14.84 -56.35 59.96
N ALA D 162 15.88 -56.25 59.14
CA ALA D 162 17.12 -55.63 59.60
C ALA D 162 16.90 -54.16 59.96
N VAL D 163 16.17 -53.44 59.11
CA VAL D 163 15.81 -52.06 59.43
C VAL D 163 15.02 -52.00 60.73
N GLU D 164 14.03 -52.91 60.87
CA GLU D 164 13.16 -52.89 62.03
C GLU D 164 13.91 -53.18 63.32
N ASP D 165 14.74 -54.23 63.32
CA ASP D 165 15.48 -54.58 64.53
C ASP D 165 16.50 -53.51 64.90
N GLN D 166 17.10 -52.85 63.89
CA GLN D 166 18.00 -51.74 64.20
C GLN D 166 17.24 -50.58 64.83
N ARG D 167 16.06 -50.25 64.28
CA ARG D 167 15.23 -49.21 64.88
C ARG D 167 14.90 -49.54 66.32
N ASP D 168 14.54 -50.81 66.57
CA ASP D 168 14.17 -51.23 67.92
C ASP D 168 15.35 -51.08 68.87
N GLY D 169 16.55 -51.49 68.44
CA GLY D 169 17.73 -51.27 69.27
C GLY D 169 17.98 -49.82 69.57
N GLU D 170 17.97 -48.96 68.54
CA GLU D 170 18.20 -47.53 68.74
C GLU D 170 17.19 -46.93 69.71
N LEU D 171 15.90 -47.26 69.51
CA LEU D 171 14.85 -46.67 70.34
C LEU D 171 14.96 -47.17 71.79
N GLU D 172 15.33 -48.44 71.98
CA GLU D 172 15.54 -48.93 73.33
C GLU D 172 16.68 -48.20 74.01
N ALA D 173 17.79 -48.01 73.29
CA ALA D 173 18.93 -47.28 73.83
C ALA D 173 18.53 -45.87 74.24
N ARG D 174 17.80 -45.17 73.36
CA ARG D 174 17.42 -43.80 73.67
C ARG D 174 16.42 -43.73 74.82
N ALA D 175 15.51 -44.70 74.93
CA ALA D 175 14.57 -44.72 76.05
C ALA D 175 15.29 -44.96 77.37
N GLN D 176 16.25 -45.88 77.39
CA GLN D 176 17.03 -46.10 78.60
C GLN D 176 17.84 -44.86 78.95
N LYS D 177 18.39 -44.18 77.94
CA LYS D 177 19.14 -42.95 78.18
C LYS D 177 18.24 -41.87 78.76
N LEU D 178 17.01 -41.74 78.25
CA LEU D 178 16.06 -40.79 78.82
C LEU D 178 15.78 -41.10 80.29
N GLU D 179 15.60 -42.38 80.62
CA GLU D 179 15.35 -42.72 82.02
C GLU D 179 16.57 -42.41 82.89
N ALA D 180 17.77 -42.67 82.37
CA ALA D 180 18.99 -42.35 83.11
C ALA D 180 19.14 -40.85 83.33
N ASP D 181 18.82 -40.06 82.32
CA ASP D 181 18.92 -38.61 82.44
C ASP D 181 17.89 -38.06 83.42
N LEU D 182 16.67 -38.61 83.39
CA LEU D 182 15.65 -38.21 84.37
C LEU D 182 16.09 -38.57 85.78
N ALA D 183 16.64 -39.78 85.98
CA ALA D 183 17.13 -40.16 87.29
C ALA D 183 18.27 -39.26 87.75
N GLU D 184 19.14 -38.86 86.83
CA GLU D 184 20.23 -37.95 87.18
C GLU D 184 19.70 -36.58 87.60
N LEU D 185 18.75 -36.03 86.83
CA LEU D 185 18.14 -34.76 87.24
C LEU D 185 17.43 -34.89 88.58
N GLU D 186 16.86 -36.05 88.86
CA GLU D 186 16.22 -36.25 90.16
C GLU D 186 17.24 -36.26 91.28
N ALA D 187 18.37 -36.94 91.07
CA ALA D 187 19.41 -36.96 92.09
C ALA D 187 19.93 -35.56 92.38
N GLU D 188 20.15 -34.76 91.34
CA GLU D 188 20.58 -33.38 91.49
C GLU D 188 19.37 -32.52 91.86
N GLY D 189 19.53 -31.20 91.78
CA GLY D 189 18.40 -30.30 91.87
C GLY D 189 17.37 -30.62 90.81
N ALA D 190 16.17 -31.02 91.24
CA ALA D 190 15.14 -31.51 90.34
C ALA D 190 14.13 -30.39 90.08
N LYS D 191 14.33 -29.65 88.98
CA LYS D 191 13.37 -28.64 88.56
C LYS D 191 12.26 -29.33 87.77
N ALA D 192 11.02 -29.24 88.29
CA ALA D 192 9.88 -29.89 87.65
C ALA D 192 9.64 -29.41 86.23
N ASP D 193 10.28 -28.33 85.80
CA ASP D 193 10.20 -27.88 84.42
C ASP D 193 11.43 -28.26 83.60
N ALA D 194 12.61 -28.33 84.22
CA ALA D 194 13.78 -28.81 83.49
C ALA D 194 13.63 -30.27 83.09
N ARG D 195 13.04 -31.08 83.98
CA ARG D 195 12.74 -32.45 83.60
C ARG D 195 11.69 -32.50 82.49
N ARG D 196 10.77 -31.51 82.46
CA ARG D 196 9.85 -31.41 81.34
C ARG D 196 10.61 -31.15 80.04
N LYS D 197 11.58 -30.23 80.08
CA LYS D 197 12.40 -29.94 78.91
C LYS D 197 13.12 -31.21 78.43
N VAL D 198 13.76 -31.93 79.35
CA VAL D 198 14.56 -33.08 78.92
C VAL D 198 13.68 -34.24 78.47
N ARG D 199 12.47 -34.39 79.05
CA ARG D 199 11.55 -35.41 78.58
C ARG D 199 10.99 -35.09 77.21
N ASP D 200 10.68 -33.81 76.97
CA ASP D 200 10.23 -33.42 75.64
C ASP D 200 11.34 -33.61 74.62
N GLY D 201 12.59 -33.36 75.02
CA GLY D 201 13.70 -33.59 74.12
C GLY D 201 13.90 -35.06 73.81
N GLY D 202 13.85 -35.91 74.84
CA GLY D 202 13.95 -37.35 74.62
C GLY D 202 12.85 -37.87 73.72
N GLU D 203 11.60 -37.46 73.95
CA GLU D 203 10.51 -37.93 73.12
C GLU D 203 10.60 -37.39 71.69
N ARG D 204 11.08 -36.15 71.51
CA ARG D 204 11.31 -35.64 70.16
C ARG D 204 12.37 -36.47 69.44
N GLU D 205 13.47 -36.78 70.14
CA GLU D 205 14.52 -37.59 69.52
C GLU D 205 14.01 -38.98 69.15
N MET D 206 13.16 -39.57 70.01
CA MET D 206 12.61 -40.89 69.70
C MET D 206 11.66 -40.82 68.51
N ARG D 207 10.82 -39.79 68.43
CA ARG D 207 10.07 -39.55 67.20
C ARG D 207 10.99 -39.49 66.01
N GLN D 208 12.14 -38.83 66.15
CA GLN D 208 13.06 -38.66 65.03
C GLN D 208 13.61 -39.99 64.55
N ILE D 209 14.07 -40.83 65.49
CA ILE D 209 14.59 -42.15 65.12
C ILE D 209 13.50 -43.00 64.47
N ARG D 210 12.32 -43.01 65.10
CA ARG D 210 11.22 -43.81 64.57
C ARG D 210 10.85 -43.35 63.16
N ASP D 211 10.79 -42.04 62.93
CA ASP D 211 10.37 -41.54 61.62
C ASP D 211 11.44 -41.75 60.57
N ARG D 212 12.73 -41.65 60.94
CA ARG D 212 13.79 -41.97 59.99
C ARG D 212 13.71 -43.43 59.56
N ALA D 213 13.63 -44.34 60.54
CA ALA D 213 13.51 -45.75 60.23
C ALA D 213 12.25 -46.03 59.43
N GLN D 214 11.16 -45.29 59.71
CA GLN D 214 9.92 -45.51 58.99
C GLN D 214 10.01 -45.04 57.55
N ARG D 215 10.67 -43.90 57.31
CA ARG D 215 10.85 -43.46 55.93
C ARG D 215 11.73 -44.44 55.16
N GLU D 216 12.75 -45.01 55.82
CA GLU D 216 13.54 -46.05 55.15
C GLU D 216 12.71 -47.30 54.83
N LEU D 217 11.87 -47.73 55.79
CA LEU D 217 11.01 -48.88 55.55
C LEU D 217 10.01 -48.61 54.42
N ASP D 218 9.49 -47.39 54.34
CA ASP D 218 8.53 -47.07 53.29
C ASP D 218 9.21 -46.99 51.93
N ARG D 219 10.43 -46.44 51.90
CA ARG D 219 11.22 -46.47 50.68
C ARG D 219 11.39 -47.91 50.19
N LEU D 220 11.77 -48.80 51.12
CA LEU D 220 11.86 -50.22 50.80
C LEU D 220 10.55 -50.76 50.23
N GLU D 221 9.43 -50.41 50.88
CA GLU D 221 8.14 -50.91 50.45
C GLU D 221 7.83 -50.50 49.02
N ASP D 222 8.13 -49.24 48.69
CA ASP D 222 7.84 -48.76 47.34
C ASP D 222 8.77 -49.39 46.32
N ILE D 223 10.03 -49.62 46.69
CA ILE D 223 10.94 -50.38 45.82
C ILE D 223 10.32 -51.73 45.47
N TRP D 224 9.87 -52.45 46.50
CA TRP D 224 9.42 -53.82 46.27
C TRP D 224 8.11 -53.86 45.49
N SER D 225 7.14 -53.00 45.86
CA SER D 225 5.89 -53.02 45.12
C SER D 225 6.09 -52.54 43.69
N THR D 226 7.01 -51.60 43.45
CA THR D 226 7.27 -51.17 42.08
C THR D 226 7.90 -52.28 41.26
N PHE D 227 8.88 -52.98 41.82
CA PHE D 227 9.51 -54.07 41.07
C PHE D 227 8.52 -55.19 40.79
N THR D 228 7.64 -55.50 41.75
CA THR D 228 6.73 -56.62 41.52
C THR D 228 5.66 -56.28 40.50
N LYS D 229 5.22 -55.02 40.45
CA LYS D 229 4.20 -54.58 39.51
C LYS D 229 4.79 -53.95 38.26
N LEU D 230 6.10 -54.07 38.05
CA LEU D 230 6.76 -53.38 36.94
C LEU D 230 6.23 -53.85 35.60
N ALA D 231 6.13 -52.91 34.66
CA ALA D 231 5.60 -53.19 33.32
C ALA D 231 6.14 -52.14 32.36
N PRO D 232 6.25 -52.48 31.07
CA PRO D 232 6.60 -51.47 30.06
C PRO D 232 5.61 -50.32 30.06
N LYS D 233 6.08 -49.17 29.57
CA LYS D 233 5.39 -47.88 29.55
C LYS D 233 5.28 -47.27 30.94
N GLN D 234 5.74 -47.94 31.99
CA GLN D 234 5.63 -47.39 33.32
C GLN D 234 6.66 -46.29 33.54
N LEU D 235 6.20 -45.20 34.14
CA LEU D 235 7.01 -44.01 34.33
C LEU D 235 7.61 -44.02 35.73
N ILE D 236 8.93 -43.89 35.81
CA ILE D 236 9.64 -43.82 37.08
C ILE D 236 10.28 -42.44 37.17
N VAL D 237 9.75 -41.59 38.06
CA VAL D 237 10.18 -40.21 38.15
C VAL D 237 11.36 -40.04 39.10
N ASP D 238 11.43 -40.84 40.16
CA ASP D 238 12.46 -40.67 41.17
C ASP D 238 13.75 -41.32 40.70
N GLU D 239 14.77 -40.50 40.46
CA GLU D 239 16.10 -41.02 40.13
C GLU D 239 16.60 -41.97 41.22
N ASN D 240 16.34 -41.63 42.48
CA ASN D 240 16.81 -42.44 43.59
C ASN D 240 16.19 -43.84 43.54
N LEU D 241 14.85 -43.90 43.41
CA LEU D 241 14.17 -45.18 43.30
C LEU D 241 14.64 -45.95 42.07
N TYR D 242 14.92 -45.25 40.98
CA TYR D 242 15.32 -45.98 39.77
C TYR D 242 16.69 -46.60 39.94
N ARG D 243 17.63 -45.85 40.51
CA ARG D 243 18.95 -46.43 40.76
C ARG D 243 18.86 -47.56 41.78
N GLU D 244 17.94 -47.46 42.73
CA GLU D 244 17.73 -48.59 43.65
C GLU D 244 17.18 -49.79 42.90
N LEU D 245 16.20 -49.59 42.02
CA LEU D 245 15.68 -50.67 41.19
C LEU D 245 16.70 -51.26 40.24
N VAL D 246 17.79 -50.54 39.95
CA VAL D 246 18.78 -51.15 39.07
C VAL D 246 19.87 -51.86 39.85
N ASP D 247 20.30 -51.31 40.99
CA ASP D 247 21.34 -51.97 41.78
C ASP D 247 20.92 -53.39 42.13
N ARG D 248 19.70 -53.54 42.66
CA ARG D 248 19.04 -54.82 42.82
C ARG D 248 17.96 -54.95 41.76
N TYR D 249 17.83 -56.14 41.18
CA TYR D 249 16.86 -56.48 40.12
C TYR D 249 17.25 -55.94 38.75
N GLY D 250 18.42 -55.31 38.61
CA GLY D 250 18.81 -54.68 37.36
C GLY D 250 18.84 -55.60 36.16
N GLU D 251 18.91 -56.91 36.38
CA GLU D 251 18.95 -57.86 35.28
C GLU D 251 17.59 -58.52 35.01
N TYR D 252 16.51 -57.93 35.50
CA TYR D 252 15.18 -58.45 35.27
C TYR D 252 14.34 -57.59 34.33
N PHE D 253 14.85 -56.43 33.91
CA PHE D 253 14.11 -55.50 33.08
C PHE D 253 15.12 -54.57 32.40
N THR D 254 14.62 -53.82 31.42
CA THR D 254 15.40 -52.76 30.78
C THR D 254 14.65 -51.44 30.92
N GLY D 255 15.35 -50.40 31.37
CA GLY D 255 14.76 -49.08 31.45
C GLY D 255 15.73 -48.04 30.94
N ALA D 256 15.18 -46.91 30.51
CA ALA D 256 16.03 -45.86 29.94
C ALA D 256 15.24 -44.57 29.84
N MET D 257 15.97 -43.49 29.52
CA MET D 257 15.42 -42.18 29.25
C MET D 257 15.48 -41.89 27.75
N GLY D 258 14.63 -40.97 27.30
CA GLY D 258 14.78 -40.34 26.01
C GLY D 258 14.18 -41.06 24.81
N ALA D 259 14.53 -40.51 23.65
CA ALA D 259 14.00 -41.01 22.39
C ALA D 259 14.44 -42.44 22.13
N GLU D 260 15.61 -42.85 22.63
CA GLU D 260 16.01 -44.24 22.47
C GLU D 260 15.02 -45.16 23.18
N SER D 261 14.56 -44.74 24.36
CA SER D 261 13.51 -45.48 25.05
C SER D 261 12.22 -45.50 24.24
N ILE D 262 11.82 -44.34 23.71
CA ILE D 262 10.59 -44.30 22.92
C ILE D 262 10.71 -45.21 21.70
N GLN D 263 11.90 -45.27 21.11
CA GLN D 263 12.15 -46.13 19.97
C GLN D 263 12.00 -47.60 20.37
N LYS D 264 12.58 -47.98 21.51
CA LYS D 264 12.44 -49.35 21.97
C LYS D 264 10.98 -49.69 22.25
N LEU D 265 10.22 -48.73 22.77
CA LEU D 265 8.78 -48.95 22.95
C LEU D 265 8.09 -49.21 21.62
N ILE D 266 8.36 -48.36 20.62
CA ILE D 266 7.72 -48.50 19.32
C ILE D 266 8.10 -49.83 18.68
N GLU D 267 9.31 -50.32 18.96
CA GLU D 267 9.70 -51.65 18.48
C GLU D 267 8.73 -52.71 18.99
N ASN D 268 8.67 -52.88 20.31
CA ASN D 268 7.84 -53.91 20.97
C ASN D 268 6.37 -53.63 20.87
N PHE D 269 6.00 -52.58 20.15
CA PHE D 269 4.60 -52.18 20.02
C PHE D 269 3.89 -53.07 19.01
N ASP D 270 2.76 -53.64 19.42
CA ASP D 270 1.93 -54.48 18.55
C ASP D 270 0.76 -53.63 18.07
N ILE D 271 0.85 -53.20 16.80
CA ILE D 271 -0.17 -52.30 16.25
C ILE D 271 -1.49 -53.04 16.08
N ASP D 272 -1.44 -54.31 15.67
CA ASP D 272 -2.67 -55.06 15.51
C ASP D 272 -3.35 -55.30 16.85
N ALA D 273 -2.55 -55.60 17.89
CA ALA D 273 -3.13 -55.86 19.21
C ALA D 273 -3.81 -54.62 19.78
N GLU D 274 -3.08 -53.48 19.81
CA GLU D 274 -3.66 -52.25 20.32
C GLU D 274 -4.80 -51.75 19.46
N ALA D 275 -4.74 -51.98 18.14
CA ALA D 275 -5.83 -51.59 17.26
C ALA D 275 -7.09 -52.39 17.56
N GLU D 276 -6.96 -53.71 17.73
CA GLU D 276 -8.08 -54.56 18.09
C GLU D 276 -8.67 -54.14 19.45
N SER D 277 -7.80 -53.87 20.43
CA SER D 277 -8.27 -53.39 21.72
C SER D 277 -9.07 -52.10 21.59
N LEU D 278 -8.55 -51.15 20.81
CA LEU D 278 -9.24 -49.86 20.65
C LEU D 278 -10.57 -50.04 19.94
N ARG D 279 -10.62 -50.86 18.89
CA ARG D 279 -11.89 -51.16 18.24
C ARG D 279 -12.88 -51.76 19.22
N ASP D 280 -12.39 -52.66 20.09
CA ASP D 280 -13.25 -53.25 21.11
C ASP D 280 -13.81 -52.19 22.04
N VAL D 281 -12.93 -51.31 22.54
CA VAL D 281 -13.35 -50.24 23.44
C VAL D 281 -14.38 -49.34 22.77
N ILE D 282 -14.25 -49.14 21.46
CA ILE D 282 -15.19 -48.28 20.74
C ILE D 282 -16.52 -48.99 20.55
N ARG D 283 -16.48 -50.29 20.25
CA ARG D 283 -17.71 -51.03 19.96
C ARG D 283 -18.54 -51.23 21.21
N ASN D 284 -17.91 -51.53 22.34
CA ASN D 284 -18.63 -51.95 23.53
C ASN D 284 -18.63 -50.90 24.64
N GLY D 285 -17.94 -49.78 24.46
CA GLY D 285 -17.88 -48.74 25.46
C GLY D 285 -18.76 -47.56 25.11
N LYS D 286 -18.75 -46.58 26.00
CA LYS D 286 -19.55 -45.38 25.84
C LYS D 286 -18.91 -44.23 26.61
N GLY D 287 -19.36 -43.01 26.29
CA GLY D 287 -18.88 -41.84 27.01
C GLY D 287 -17.47 -41.46 26.63
N GLN D 288 -16.75 -40.88 27.60
CA GLN D 288 -15.42 -40.33 27.34
C GLN D 288 -14.43 -41.41 26.93
N LYS D 289 -14.57 -42.62 27.47
CA LYS D 289 -13.70 -43.72 27.03
C LYS D 289 -13.86 -43.95 25.52
N LYS D 290 -15.10 -43.92 25.03
CA LYS D 290 -15.35 -44.08 23.61
C LYS D 290 -14.68 -42.97 22.80
N LEU D 291 -14.76 -41.73 23.29
CA LEU D 291 -14.19 -40.59 22.58
C LEU D 291 -12.67 -40.71 22.47
N ARG D 292 -12.02 -40.92 23.62
CA ARG D 292 -10.56 -41.08 23.63
C ARG D 292 -10.14 -42.25 22.76
N ALA D 293 -10.92 -43.34 22.79
CA ALA D 293 -10.57 -44.50 21.98
C ALA D 293 -10.64 -44.20 20.49
N LEU D 294 -11.68 -43.48 20.05
CA LEU D 294 -11.77 -43.11 18.64
C LEU D 294 -10.61 -42.21 18.22
N LYS D 295 -10.28 -41.24 19.08
CA LYS D 295 -9.12 -40.39 18.82
C LYS D 295 -7.87 -41.23 18.61
N ARG D 296 -7.52 -42.07 19.59
CA ARG D 296 -6.30 -42.88 19.46
C ARG D 296 -6.37 -43.86 18.29
N LEU D 297 -7.57 -44.34 17.97
CA LEU D 297 -7.69 -45.28 16.86
C LEU D 297 -7.40 -44.61 15.53
N LYS D 298 -7.75 -43.33 15.38
CA LYS D 298 -7.39 -42.66 14.12
C LYS D 298 -5.91 -42.82 13.81
N VAL D 299 -5.05 -42.51 14.79
CA VAL D 299 -3.60 -42.67 14.63
C VAL D 299 -3.24 -44.14 14.39
N VAL D 300 -3.70 -45.04 15.28
CA VAL D 300 -3.23 -46.43 15.21
C VAL D 300 -3.67 -47.09 13.89
N ALA D 301 -4.95 -46.95 13.54
CA ALA D 301 -5.45 -47.52 12.31
C ALA D 301 -4.77 -46.91 11.09
N ALA D 302 -4.46 -45.60 11.14
CA ALA D 302 -3.71 -44.99 10.05
C ALA D 302 -2.35 -45.65 9.90
N PHE D 303 -1.70 -45.95 11.03
CA PHE D 303 -0.38 -46.56 10.96
C PHE D 303 -0.43 -48.01 10.54
N GLN D 304 -1.55 -48.70 10.77
CA GLN D 304 -1.64 -50.09 10.32
C GLN D 304 -2.25 -50.22 8.94
N GLN D 305 -3.17 -49.33 8.56
CA GLN D 305 -3.80 -49.39 7.25
C GLN D 305 -2.80 -49.04 6.15
N SER D 306 -1.92 -48.07 6.41
CA SER D 306 -0.76 -47.87 5.54
C SER D 306 0.40 -48.72 6.05
N GLY D 307 1.20 -49.24 5.13
CA GLY D 307 2.29 -50.12 5.49
C GLY D 307 3.50 -49.45 6.09
N ASN D 308 3.44 -48.15 6.39
CA ASN D 308 4.58 -47.46 6.98
C ASN D 308 4.57 -47.66 8.49
N SER D 309 5.75 -47.77 9.06
CA SER D 309 5.86 -48.08 10.47
C SER D 309 5.94 -46.81 11.29
N PRO D 310 5.55 -46.88 12.57
CA PRO D 310 5.73 -45.72 13.46
C PRO D 310 7.18 -45.44 13.81
N MET D 311 8.12 -46.32 13.45
CA MET D 311 9.53 -46.05 13.74
C MET D 311 9.98 -44.75 13.09
N GLY D 312 9.39 -44.39 11.95
CA GLY D 312 9.72 -43.13 11.29
C GLY D 312 9.52 -41.90 12.16
N MET D 313 8.76 -42.03 13.26
CA MET D 313 8.57 -40.90 14.16
C MET D 313 9.77 -40.63 15.04
N VAL D 314 10.83 -41.45 14.94
CA VAL D 314 12.07 -41.25 15.67
C VAL D 314 13.21 -41.30 14.66
N LEU D 315 14.08 -40.30 14.70
CA LEU D 315 15.12 -40.14 13.69
C LEU D 315 16.47 -40.53 14.26
N ASP D 316 17.15 -41.44 13.56
CA ASP D 316 18.57 -41.65 13.76
C ASP D 316 19.40 -40.78 12.83
N ALA D 317 18.82 -40.34 11.71
CA ALA D 317 19.51 -39.50 10.74
C ALA D 317 18.63 -38.33 10.36
N VAL D 318 19.24 -37.16 10.28
CA VAL D 318 18.57 -35.90 9.95
C VAL D 318 19.00 -35.48 8.55
N PRO D 319 18.08 -35.27 7.62
CA PRO D 319 18.48 -34.80 6.28
C PRO D 319 18.93 -33.35 6.33
N VAL D 320 19.60 -32.96 5.25
CA VAL D 320 20.16 -31.62 5.10
C VAL D 320 19.75 -31.11 3.73
N ILE D 321 19.02 -30.00 3.72
CA ILE D 321 18.48 -29.37 2.52
C ILE D 321 19.64 -28.86 1.67
N PRO D 322 19.54 -28.87 0.34
CA PRO D 322 20.65 -28.40 -0.51
C PRO D 322 21.07 -26.99 -0.15
N PRO D 323 22.36 -26.67 -0.29
CA PRO D 323 22.85 -25.36 0.18
C PRO D 323 22.34 -24.17 -0.62
N GLU D 324 21.96 -24.34 -1.88
CA GLU D 324 21.37 -23.22 -2.60
C GLU D 324 20.06 -22.78 -1.97
N LEU D 325 19.32 -23.71 -1.34
CA LEU D 325 18.07 -23.37 -0.68
C LEU D 325 18.28 -22.74 0.69
N ARG D 326 19.53 -22.69 1.15
CA ARG D 326 19.91 -21.98 2.37
C ARG D 326 21.16 -21.15 2.06
N PRO D 327 21.01 -20.14 1.22
CA PRO D 327 22.19 -19.46 0.67
C PRO D 327 22.95 -18.66 1.72
N MET D 328 24.14 -18.24 1.32
CA MET D 328 25.03 -17.40 2.11
C MET D 328 25.65 -16.39 1.17
N VAL D 329 25.52 -15.10 1.49
CA VAL D 329 26.00 -14.07 0.57
C VAL D 329 26.85 -13.05 1.33
N GLN D 330 27.90 -12.57 0.67
CA GLN D 330 28.73 -11.52 1.23
C GLN D 330 28.04 -10.18 1.07
N LEU D 331 28.21 -9.31 2.06
CA LEU D 331 27.59 -7.99 2.08
C LEU D 331 28.66 -6.92 2.13
N ASP D 332 28.27 -5.72 1.72
CA ASP D 332 29.09 -4.55 1.97
C ASP D 332 29.44 -4.49 3.45
N GLY D 333 30.73 -4.46 3.75
CA GLY D 333 31.22 -4.48 5.12
C GLY D 333 32.05 -5.69 5.46
N GLY D 334 32.28 -6.60 4.52
CA GLY D 334 33.00 -7.83 4.82
C GLY D 334 32.21 -8.83 5.64
N ARG D 335 30.99 -8.51 6.02
CA ARG D 335 30.16 -9.44 6.77
C ARG D 335 29.36 -10.31 5.80
N PHE D 336 28.84 -11.41 6.33
CA PHE D 336 28.05 -12.35 5.56
C PHE D 336 26.63 -12.41 6.10
N ALA D 337 25.71 -12.84 5.24
CA ALA D 337 24.33 -13.12 5.62
C ALA D 337 24.02 -14.57 5.28
N THR D 338 23.55 -15.32 6.27
CA THR D 338 23.14 -16.71 6.12
C THR D 338 21.67 -16.85 6.46
N SER D 339 21.03 -17.81 5.82
CA SER D 339 19.71 -18.23 6.22
C SER D 339 19.77 -18.80 7.64
N ASP D 340 18.66 -18.66 8.36
CA ASP D 340 18.60 -19.22 9.71
C ASP D 340 18.85 -20.72 9.70
N LEU D 341 18.43 -21.40 8.62
CA LEU D 341 18.60 -22.84 8.51
C LEU D 341 20.05 -23.26 8.77
N ASN D 342 21.02 -22.45 8.33
CA ASN D 342 22.42 -22.82 8.51
C ASN D 342 22.83 -22.75 9.97
N ASP D 343 22.40 -21.71 10.69
CA ASP D 343 22.68 -21.65 12.13
C ASP D 343 22.03 -22.84 12.85
N LEU D 344 20.82 -23.23 12.43
CA LEU D 344 20.16 -24.35 13.10
C LEU D 344 20.89 -25.67 12.84
N TYR D 345 21.17 -25.98 11.57
CA TYR D 345 21.97 -27.17 11.25
C TYR D 345 23.32 -27.14 11.96
N ARG D 346 23.90 -25.95 12.10
CA ARG D 346 25.21 -25.83 12.73
C ARG D 346 25.13 -26.16 14.21
N ARG D 347 24.04 -25.75 14.88
CA ARG D 347 23.89 -26.13 16.28
C ARG D 347 23.66 -27.63 16.41
N VAL D 348 22.85 -28.21 15.52
CA VAL D 348 22.67 -29.65 15.52
C VAL D 348 24.03 -30.35 15.38
N ILE D 349 24.88 -29.87 14.48
CA ILE D 349 26.17 -30.49 14.23
C ILE D 349 27.08 -30.37 15.45
N ASN D 350 27.17 -29.15 16.02
CA ASN D 350 27.97 -28.95 17.22
C ASN D 350 27.55 -29.89 18.34
N ARG D 351 26.24 -30.02 18.56
CA ARG D 351 25.78 -30.84 19.67
C ARG D 351 25.97 -32.33 19.41
N ASN D 352 25.75 -32.77 18.18
CA ASN D 352 26.02 -34.17 17.85
C ASN D 352 27.50 -34.50 18.00
N ASN D 353 28.38 -33.61 17.55
CA ASN D 353 29.81 -33.85 17.67
C ASN D 353 30.26 -33.84 19.13
N ARG D 354 29.75 -32.90 19.93
CA ARG D 354 30.08 -32.90 21.34
C ARG D 354 29.56 -34.14 22.03
N LEU D 355 28.39 -34.63 21.61
CA LEU D 355 27.87 -35.88 22.14
C LEU D 355 28.79 -37.03 21.80
N LYS D 356 29.25 -37.11 20.55
CA LYS D 356 30.19 -38.15 20.16
C LYS D 356 31.46 -38.08 21.00
N ARG D 357 31.96 -36.86 21.21
CA ARG D 357 33.15 -36.67 22.03
C ARG D 357 32.94 -37.18 23.45
N LEU D 358 31.80 -36.83 24.05
CA LEU D 358 31.50 -37.29 25.41
C LEU D 358 31.37 -38.80 25.46
N ILE D 359 30.68 -39.39 24.49
CA ILE D 359 30.47 -40.84 24.47
C ILE D 359 31.81 -41.55 24.35
N ASP D 360 32.73 -41.02 23.56
CA ASP D 360 34.05 -41.63 23.46
C ASP D 360 34.83 -41.48 24.75
N LEU D 361 34.76 -40.31 25.38
CA LEU D 361 35.48 -40.05 26.63
C LEU D 361 34.85 -40.73 27.84
N GLY D 362 33.76 -41.47 27.66
CA GLY D 362 33.09 -42.13 28.77
C GLY D 362 32.72 -41.15 29.86
N ALA D 363 32.13 -40.03 29.48
CA ALA D 363 31.79 -38.98 30.41
C ALA D 363 30.73 -39.46 31.41
N PRO D 364 30.53 -38.74 32.52
CA PRO D 364 29.44 -39.07 33.42
C PRO D 364 28.10 -39.17 32.69
N GLU D 365 27.23 -40.03 33.20
CA GLU D 365 25.93 -40.22 32.55
C GLU D 365 25.10 -38.96 32.58
N ILE D 366 25.27 -38.12 33.62
CA ILE D 366 24.49 -36.89 33.69
C ILE D 366 24.91 -35.93 32.58
N ILE D 367 26.21 -35.81 32.32
CA ILE D 367 26.68 -34.89 31.29
C ILE D 367 26.27 -35.39 29.91
N VAL D 368 26.40 -36.69 29.66
CA VAL D 368 25.97 -37.25 28.38
C VAL D 368 24.46 -37.11 28.19
N ASN D 369 23.68 -37.21 29.28
CA ASN D 369 22.25 -36.95 29.17
C ASN D 369 21.99 -35.49 28.85
N ASN D 370 22.75 -34.58 29.45
CA ASN D 370 22.65 -33.18 29.09
C ASN D 370 22.87 -32.98 27.59
N GLU D 371 23.91 -33.61 27.06
CA GLU D 371 24.23 -33.46 25.64
C GLU D 371 23.16 -34.09 24.77
N LYS D 372 22.57 -35.20 25.20
CA LYS D 372 21.50 -35.81 24.41
C LYS D 372 20.26 -34.94 24.39
N ARG D 373 19.85 -34.41 25.55
CA ARG D 373 18.72 -33.49 25.57
C ARG D 373 19.00 -32.26 24.70
N MET D 374 20.23 -31.77 24.72
CA MET D 374 20.59 -30.60 23.92
C MET D 374 20.52 -30.90 22.43
N LEU D 375 21.02 -32.07 22.02
CA LEU D 375 20.87 -32.47 20.62
C LEU D 375 19.40 -32.55 20.24
N GLN D 376 18.58 -33.16 21.11
CA GLN D 376 17.15 -33.27 20.83
C GLN D 376 16.53 -31.89 20.65
N GLU D 377 16.82 -30.97 21.57
CA GLU D 377 16.24 -29.63 21.49
C GLU D 377 16.71 -28.88 20.26
N SER D 378 17.96 -29.08 19.84
CA SER D 378 18.44 -28.41 18.63
C SER D 378 17.76 -28.97 17.38
N VAL D 379 17.45 -30.27 17.37
CA VAL D 379 16.70 -30.79 16.23
C VAL D 379 15.24 -30.31 16.30
N ASP D 380 14.72 -30.11 17.51
CA ASP D 380 13.40 -29.50 17.64
C ASP D 380 13.39 -28.10 17.03
N ALA D 381 14.45 -27.32 17.27
CA ALA D 381 14.56 -26.00 16.66
C ALA D 381 14.64 -26.10 15.14
N LEU D 382 15.56 -26.94 14.64
CA LEU D 382 15.73 -27.09 13.20
C LEU D 382 14.41 -27.44 12.51
N PHE D 383 13.59 -28.29 13.13
CA PHE D 383 12.34 -28.71 12.50
C PHE D 383 11.23 -27.68 12.69
N ASP D 384 10.98 -27.27 13.93
CA ASP D 384 9.93 -26.30 14.23
C ASP D 384 10.36 -25.53 15.47
N ASN D 385 11.01 -24.39 15.26
CA ASN D 385 11.55 -23.61 16.36
C ASN D 385 10.41 -22.94 17.14
N GLY D 386 10.57 -22.86 18.45
CA GLY D 386 9.61 -22.21 19.31
C GLY D 386 8.42 -23.04 19.73
N ARG D 387 8.19 -24.19 19.10
CA ARG D 387 7.05 -25.03 19.45
C ARG D 387 7.14 -25.53 20.89
N ARG D 388 8.33 -25.94 21.32
CA ARG D 388 8.60 -26.29 22.71
C ARG D 388 9.63 -25.33 23.27
N GLY D 389 9.35 -24.79 24.46
CA GLY D 389 10.28 -23.94 25.19
C GLY D 389 10.71 -22.70 24.42
N ARG D 390 11.81 -22.13 24.90
CA ARG D 390 12.35 -20.92 24.32
C ARG D 390 12.78 -21.16 22.87
N PRO D 391 12.44 -20.26 21.96
CA PRO D 391 12.98 -20.37 20.59
C PRO D 391 14.46 -20.03 20.55
N VAL D 392 15.21 -20.78 19.74
CA VAL D 392 16.59 -20.40 19.47
C VAL D 392 16.59 -19.05 18.77
N THR D 393 17.43 -18.14 19.25
CA THR D 393 17.42 -16.76 18.79
C THR D 393 18.71 -16.44 18.05
N GLY D 394 18.62 -15.47 17.16
CA GLY D 394 19.79 -14.85 16.57
C GLY D 394 20.00 -13.49 17.19
N PRO D 395 20.92 -12.70 16.63
CA PRO D 395 21.15 -11.36 17.16
C PRO D 395 19.87 -10.54 17.15
N GLY D 396 19.76 -9.65 18.12
CA GLY D 396 18.54 -8.86 18.25
C GLY D 396 17.35 -9.65 18.73
N ASN D 397 17.58 -10.85 19.29
CA ASN D 397 16.52 -11.66 19.91
C ASN D 397 15.47 -12.08 18.90
N ARG D 398 15.90 -12.46 17.70
CA ARG D 398 14.80 -12.88 16.87
C ARG D 398 14.81 -14.40 16.68
N PRO D 399 13.64 -15.04 16.79
CA PRO D 399 13.57 -16.49 16.63
C PRO D 399 13.93 -16.90 15.21
N LEU D 400 14.80 -17.90 15.11
CA LEU D 400 15.28 -18.35 13.82
C LEU D 400 14.14 -19.06 13.09
N LYS D 401 13.77 -18.54 11.92
CA LYS D 401 12.76 -19.20 11.11
C LYS D 401 13.23 -20.59 10.73
N SER D 402 12.47 -21.60 11.14
CA SER D 402 12.82 -23.00 10.93
C SER D 402 12.15 -23.53 9.67
N LEU D 403 12.41 -24.80 9.39
CA LEU D 403 11.83 -25.45 8.21
C LEU D 403 10.30 -25.47 8.26
N SER D 404 9.70 -25.39 9.44
CA SER D 404 8.25 -25.27 9.49
C SER D 404 7.80 -23.90 9.03
N ASP D 405 8.48 -22.84 9.50
CA ASP D 405 8.09 -21.48 9.16
C ASP D 405 8.19 -21.21 7.67
N LEU D 406 9.12 -21.89 6.99
CA LEU D 406 9.27 -21.74 5.55
C LEU D 406 8.00 -22.08 4.78
N LEU D 407 7.02 -22.70 5.43
CA LEU D 407 5.79 -23.12 4.77
C LEU D 407 4.54 -22.40 5.25
N LYS D 408 4.54 -21.81 6.45
CA LYS D 408 3.34 -21.26 7.07
C LYS D 408 3.12 -19.81 6.67
N GLY D 409 1.86 -19.38 6.76
CA GLY D 409 1.52 -17.97 6.59
C GLY D 409 1.66 -17.49 5.16
N LYS D 410 1.37 -16.20 4.97
CA LYS D 410 1.57 -15.56 3.67
C LYS D 410 3.03 -15.39 3.33
N GLN D 411 3.94 -15.60 4.28
CA GLN D 411 5.36 -15.59 3.96
C GLN D 411 5.83 -16.92 3.37
N GLY D 412 5.22 -18.02 3.78
CA GLY D 412 5.72 -19.33 3.41
C GLY D 412 5.57 -19.65 1.93
N ARG D 413 6.21 -20.75 1.52
CA ARG D 413 6.29 -21.11 0.12
C ARG D 413 4.92 -21.17 -0.54
N PHE D 414 3.93 -21.68 0.17
CA PHE D 414 2.60 -21.86 -0.44
C PHE D 414 2.04 -20.52 -0.89
N ARG D 415 1.78 -19.61 0.05
CA ARG D 415 1.07 -18.38 -0.27
C ARG D 415 1.96 -17.31 -0.87
N GLN D 416 3.28 -17.44 -0.74
CA GLN D 416 4.20 -16.42 -1.24
C GLN D 416 4.87 -16.80 -2.55
N ASN D 417 5.01 -18.10 -2.85
CA ASN D 417 5.79 -18.52 -4.00
C ASN D 417 5.11 -19.57 -4.84
N LEU D 418 3.94 -20.05 -4.46
CA LEU D 418 3.26 -21.05 -5.27
C LEU D 418 1.87 -20.62 -5.69
N LEU D 419 1.11 -19.97 -4.81
CA LEU D 419 -0.20 -19.44 -5.16
C LEU D 419 -0.11 -18.05 -5.77
N GLY D 420 1.03 -17.39 -5.66
CA GLY D 420 1.28 -16.15 -6.35
C GLY D 420 2.78 -15.96 -6.47
N LYS D 421 3.20 -15.34 -7.58
CA LYS D 421 4.62 -15.21 -7.89
C LYS D 421 4.91 -13.80 -8.40
N ARG D 422 6.19 -13.50 -8.58
CA ARG D 422 6.60 -12.34 -9.36
C ARG D 422 6.86 -12.78 -10.79
N VAL D 423 6.43 -11.95 -11.74
CA VAL D 423 6.34 -12.38 -13.14
C VAL D 423 7.12 -11.43 -14.04
N ASP D 424 7.55 -11.95 -15.17
CA ASP D 424 8.22 -11.16 -16.18
C ASP D 424 7.20 -10.46 -17.08
N TYR D 425 7.68 -9.65 -18.02
CA TYR D 425 6.85 -8.96 -18.99
C TYR D 425 5.75 -8.16 -18.29
N SER D 426 6.16 -7.41 -17.27
CA SER D 426 5.22 -6.67 -16.45
C SER D 426 5.85 -5.38 -15.97
N GLY D 427 5.01 -4.37 -15.79
CA GLY D 427 5.45 -3.09 -15.27
C GLY D 427 4.42 -2.41 -14.41
N ARG D 428 4.64 -1.15 -14.05
CA ARG D 428 3.73 -0.43 -13.18
C ARG D 428 4.03 1.06 -13.27
N SER D 429 2.98 1.86 -13.17
CA SER D 429 3.17 3.31 -13.12
C SER D 429 1.92 3.98 -12.59
N VAL D 430 2.03 5.30 -12.37
CA VAL D 430 0.91 6.12 -11.94
C VAL D 430 -0.15 6.18 -13.02
N ILE D 431 -1.42 6.26 -12.61
CA ILE D 431 -2.54 6.36 -13.55
C ILE D 431 -3.06 7.78 -13.58
N VAL D 432 -3.32 8.27 -14.79
CA VAL D 432 -4.02 9.53 -15.03
C VAL D 432 -5.27 9.21 -15.83
N VAL D 433 -6.12 10.21 -16.00
CA VAL D 433 -7.48 9.96 -16.47
C VAL D 433 -7.49 9.72 -17.99
N GLY D 434 -7.11 10.70 -18.78
CA GLY D 434 -7.19 10.52 -20.22
C GLY D 434 -8.60 10.22 -20.74
N PRO D 435 -9.49 11.22 -20.73
CA PRO D 435 -10.88 10.98 -21.17
C PRO D 435 -11.04 10.78 -22.66
N GLN D 436 -9.99 10.95 -23.46
CA GLN D 436 -10.09 10.82 -24.91
C GLN D 436 -10.19 9.37 -25.37
N LEU D 437 -10.07 8.41 -24.46
CA LEU D 437 -9.96 7.02 -24.85
C LEU D 437 -11.32 6.41 -25.17
N LYS D 438 -11.28 5.33 -25.92
CA LYS D 438 -12.42 4.44 -26.02
C LYS D 438 -12.32 3.37 -24.94
N LEU D 439 -13.46 2.74 -24.63
CA LEU D 439 -13.51 1.85 -23.49
C LEU D 439 -12.47 0.75 -23.57
N HIS D 440 -12.21 0.23 -24.77
CA HIS D 440 -11.30 -0.89 -24.93
C HIS D 440 -9.83 -0.49 -24.93
N GLN D 441 -9.51 0.79 -24.70
CA GLN D 441 -8.17 1.31 -24.87
C GLN D 441 -7.58 1.84 -23.57
N CYS D 442 -6.25 1.86 -23.52
CA CYS D 442 -5.53 2.50 -22.43
C CYS D 442 -4.30 3.22 -22.98
N GLY D 443 -3.89 4.27 -22.26
CA GLY D 443 -2.65 4.93 -22.58
C GLY D 443 -1.50 4.25 -21.89
N LEU D 444 -0.63 3.62 -22.68
CA LEU D 444 0.57 2.95 -22.19
C LEU D 444 1.78 3.80 -22.53
N PRO D 445 2.55 4.28 -21.56
CA PRO D 445 3.72 5.13 -21.89
C PRO D 445 4.66 4.46 -22.89
N LYS D 446 5.41 5.29 -23.63
CA LYS D 446 6.35 4.76 -24.62
C LYS D 446 7.45 3.96 -23.93
N LEU D 447 8.03 4.53 -22.88
CA LEU D 447 9.13 3.88 -22.19
C LEU D 447 8.71 2.58 -21.53
N MET D 448 7.41 2.42 -21.22
CA MET D 448 6.93 1.13 -20.70
C MET D 448 6.74 0.12 -21.82
N ALA D 449 6.09 0.53 -22.90
CA ALA D 449 5.82 -0.40 -24.00
C ALA D 449 7.11 -0.91 -24.61
N LEU D 450 8.13 -0.05 -24.69
CA LEU D 450 9.39 -0.46 -25.30
C LEU D 450 10.06 -1.57 -24.50
N GLU D 451 10.06 -1.45 -23.17
CA GLU D 451 10.63 -2.50 -22.34
C GLU D 451 9.75 -3.75 -22.34
N LEU D 452 8.43 -3.58 -22.26
CA LEU D 452 7.54 -4.73 -22.19
C LEU D 452 7.65 -5.60 -23.44
N PHE D 453 7.76 -4.99 -24.60
CA PHE D 453 7.78 -5.74 -25.85
C PHE D 453 9.19 -6.00 -26.37
N LYS D 454 10.20 -5.69 -25.55
CA LYS D 454 11.61 -5.69 -25.97
C LYS D 454 11.99 -6.78 -26.97
N PRO D 455 11.73 -8.07 -26.73
CA PRO D 455 12.10 -9.06 -27.75
C PRO D 455 11.27 -8.94 -29.03
N PHE D 456 10.02 -8.51 -28.94
CA PHE D 456 9.23 -8.34 -30.16
C PHE D 456 9.81 -7.23 -31.03
N VAL D 457 10.06 -6.06 -30.43
CA VAL D 457 10.67 -4.98 -31.18
C VAL D 457 12.04 -5.41 -31.70
N MET D 458 12.73 -6.27 -30.96
CA MET D 458 14.04 -6.75 -31.42
C MET D 458 13.90 -7.59 -32.69
N LYS D 459 13.00 -8.58 -32.67
CA LYS D 459 12.77 -9.39 -33.87
C LYS D 459 12.33 -8.52 -35.05
N ARG D 460 11.56 -7.46 -34.79
CA ARG D 460 11.13 -6.61 -35.89
C ARG D 460 12.28 -5.76 -36.41
N LEU D 461 13.04 -5.13 -35.50
CA LEU D 461 14.22 -4.35 -35.85
C LEU D 461 15.21 -5.15 -36.68
N VAL D 462 15.24 -6.47 -36.50
CA VAL D 462 16.08 -7.29 -37.36
C VAL D 462 15.36 -7.71 -38.64
N ASP D 463 14.03 -7.87 -38.61
CA ASP D 463 13.28 -8.18 -39.82
C ASP D 463 13.55 -7.12 -40.88
N LEU D 464 13.12 -5.90 -40.63
CA LEU D 464 13.62 -4.76 -41.40
C LEU D 464 15.10 -4.59 -41.08
N ASN D 465 15.83 -3.94 -41.97
CA ASN D 465 17.29 -3.98 -41.86
C ASN D 465 17.84 -3.05 -40.77
N HIS D 466 17.02 -2.57 -39.83
CA HIS D 466 17.50 -1.62 -38.83
C HIS D 466 18.66 -2.20 -38.03
N ALA D 467 18.64 -3.51 -37.76
CA ALA D 467 19.70 -4.18 -37.03
C ALA D 467 20.22 -5.34 -37.86
N GLN D 468 21.54 -5.43 -38.01
CA GLN D 468 22.12 -6.46 -38.84
C GLN D 468 22.16 -7.82 -38.18
N ASN D 469 22.01 -7.88 -36.86
CA ASN D 469 21.90 -9.15 -36.13
C ASN D 469 21.17 -8.87 -34.82
N ILE D 470 21.03 -9.91 -34.01
CA ILE D 470 20.16 -9.81 -32.84
C ILE D 470 20.84 -9.05 -31.70
N LYS D 471 22.17 -9.17 -31.55
CA LYS D 471 22.86 -8.42 -30.52
C LYS D 471 22.76 -6.92 -30.78
N SER D 472 22.89 -6.51 -32.04
CA SER D 472 22.68 -5.11 -32.37
C SER D 472 21.23 -4.70 -32.12
N ALA D 473 20.28 -5.59 -32.34
CA ALA D 473 18.89 -5.27 -32.02
C ALA D 473 18.74 -4.96 -30.54
N LYS D 474 19.34 -5.80 -29.70
CA LYS D 474 19.29 -5.55 -28.26
C LYS D 474 19.91 -4.20 -27.93
N ARG D 475 21.14 -3.97 -28.39
CA ARG D 475 21.82 -2.72 -28.07
C ARG D 475 21.05 -1.52 -28.60
N MET D 476 20.32 -1.69 -29.70
CA MET D 476 19.53 -0.61 -30.26
C MET D 476 18.36 -0.27 -29.34
N VAL D 477 17.64 -1.29 -28.88
CA VAL D 477 16.54 -1.05 -27.94
C VAL D 477 17.08 -0.44 -26.65
N GLU D 478 18.30 -0.79 -26.26
CA GLU D 478 18.83 -0.29 -25.00
C GLU D 478 19.34 1.14 -25.10
N ARG D 479 19.90 1.52 -26.26
CA ARG D 479 20.32 2.90 -26.48
C ARG D 479 19.16 3.80 -26.86
N GLN D 480 17.96 3.25 -27.08
CA GLN D 480 16.78 4.02 -27.43
C GLN D 480 16.99 4.80 -28.73
N ARG D 481 17.71 4.18 -29.67
CA ARG D 481 17.85 4.74 -31.00
C ARG D 481 16.47 4.99 -31.61
N PRO D 482 16.31 6.03 -32.44
CA PRO D 482 14.97 6.42 -32.88
C PRO D 482 14.22 5.36 -33.68
N GLN D 483 14.93 4.51 -34.43
CA GLN D 483 14.28 3.54 -35.29
C GLN D 483 13.30 2.66 -34.53
N VAL D 484 13.51 2.48 -33.23
CA VAL D 484 12.67 1.57 -32.46
C VAL D 484 11.23 2.08 -32.44
N TRP D 485 11.05 3.40 -32.39
CA TRP D 485 9.72 3.94 -32.09
C TRP D 485 8.74 3.63 -33.19
N ASP D 486 9.12 3.87 -34.45
CA ASP D 486 8.27 3.49 -35.56
C ASP D 486 7.93 2.00 -35.50
N VAL D 487 8.91 1.18 -35.10
CA VAL D 487 8.70 -0.25 -34.99
C VAL D 487 7.78 -0.57 -33.82
N LEU D 488 7.89 0.21 -32.74
CA LEU D 488 7.11 -0.06 -31.53
C LEU D 488 5.63 -0.06 -31.84
N GLU D 489 5.13 1.05 -32.40
CA GLU D 489 3.73 1.14 -32.80
C GLU D 489 3.30 -0.03 -33.67
N GLU D 490 4.25 -0.61 -34.42
CA GLU D 490 3.93 -1.77 -35.24
C GLU D 490 3.68 -3.01 -34.39
N VAL D 491 4.58 -3.33 -33.46
CA VAL D 491 4.44 -4.60 -32.76
C VAL D 491 3.30 -4.54 -31.77
N ILE D 492 3.09 -3.38 -31.12
CA ILE D 492 2.06 -3.28 -30.09
C ILE D 492 0.67 -3.17 -30.68
N ALA D 493 0.56 -2.96 -31.99
CA ALA D 493 -0.74 -2.83 -32.61
C ALA D 493 -1.58 -4.07 -32.35
N GLU D 494 -2.79 -3.86 -31.82
CA GLU D 494 -3.76 -4.92 -31.53
C GLU D 494 -3.22 -5.99 -30.58
N HIS D 495 -2.17 -5.69 -29.80
CA HIS D 495 -1.65 -6.67 -28.85
C HIS D 495 -2.12 -6.29 -27.45
N PRO D 496 -3.11 -6.98 -26.89
CA PRO D 496 -3.73 -6.52 -25.65
C PRO D 496 -2.75 -6.59 -24.49
N VAL D 497 -3.06 -5.81 -23.46
CA VAL D 497 -2.33 -5.84 -22.20
C VAL D 497 -3.35 -5.97 -21.07
N LEU D 498 -2.93 -6.56 -19.97
CA LEU D 498 -3.78 -6.63 -18.79
C LEU D 498 -3.37 -5.53 -17.81
N LEU D 499 -4.35 -4.81 -17.29
CA LEU D 499 -4.13 -3.79 -16.28
C LEU D 499 -4.76 -4.28 -14.98
N ASN D 500 -4.06 -4.04 -13.88
CA ASN D 500 -4.49 -4.49 -12.58
C ASN D 500 -4.27 -3.39 -11.56
N ARG D 501 -5.28 -3.16 -10.72
CA ARG D 501 -5.12 -2.32 -9.56
C ARG D 501 -5.35 -3.16 -8.31
N ALA D 502 -4.46 -3.02 -7.35
CA ALA D 502 -4.59 -3.72 -6.07
C ALA D 502 -5.25 -2.80 -5.04
N PRO D 503 -6.06 -3.33 -4.12
CA PRO D 503 -6.43 -4.74 -3.90
C PRO D 503 -7.38 -5.30 -4.94
N THR D 504 -7.02 -6.43 -5.54
CA THR D 504 -7.91 -7.08 -6.50
C THR D 504 -9.10 -7.73 -5.77
N LEU D 505 -10.16 -6.96 -5.52
CA LEU D 505 -11.29 -7.45 -4.76
C LEU D 505 -12.21 -8.35 -5.57
N HIS D 506 -12.20 -8.23 -6.90
CA HIS D 506 -12.99 -9.11 -7.75
C HIS D 506 -12.38 -9.08 -9.14
N ARG D 507 -12.82 -10.01 -9.98
CA ARG D 507 -12.10 -10.30 -11.21
C ARG D 507 -12.00 -9.08 -12.11
N LEU D 508 -12.94 -8.14 -11.98
CA LEU D 508 -12.85 -6.89 -12.74
C LEU D 508 -11.72 -6.01 -12.25
N GLY D 509 -11.04 -6.39 -11.16
CA GLY D 509 -9.80 -5.74 -10.76
C GLY D 509 -8.64 -6.02 -11.67
N ILE D 510 -8.82 -6.92 -12.64
CA ILE D 510 -7.88 -7.11 -13.74
C ILE D 510 -8.69 -7.07 -15.04
N GLN D 511 -8.30 -6.18 -15.95
CA GLN D 511 -9.02 -6.03 -17.21
C GLN D 511 -8.06 -5.81 -18.35
N ALA D 512 -8.38 -6.38 -19.50
CA ALA D 512 -7.54 -6.23 -20.68
C ALA D 512 -7.96 -4.99 -21.46
N PHE D 513 -6.97 -4.32 -22.02
CA PHE D 513 -7.21 -3.17 -22.87
C PHE D 513 -6.29 -3.27 -24.08
N GLU D 514 -6.68 -2.57 -25.13
CA GLU D 514 -5.81 -2.35 -26.27
C GLU D 514 -4.91 -1.14 -25.97
N PRO D 515 -3.59 -1.28 -26.02
CA PRO D 515 -2.72 -0.17 -25.62
C PRO D 515 -2.62 0.87 -26.72
N MET D 516 -2.73 2.14 -26.34
CA MET D 516 -2.44 3.26 -27.22
C MET D 516 -1.15 3.90 -26.73
N LEU D 517 -0.13 3.95 -27.59
CA LEU D 517 1.11 4.60 -27.19
C LEU D 517 0.82 6.04 -26.80
N VAL D 518 1.40 6.47 -25.69
CA VAL D 518 1.05 7.76 -25.10
C VAL D 518 2.32 8.56 -24.82
N GLU D 519 2.17 9.88 -24.79
CA GLU D 519 3.27 10.76 -24.45
C GLU D 519 3.26 10.99 -22.94
N GLY D 520 4.37 10.67 -22.28
CA GLY D 520 4.49 10.81 -20.85
C GLY D 520 4.89 9.51 -20.21
N LYS D 521 4.93 9.52 -18.87
CA LYS D 521 5.37 8.39 -18.09
C LYS D 521 4.24 7.78 -17.25
N ALA D 522 2.99 8.05 -17.60
CA ALA D 522 1.85 7.62 -16.81
C ALA D 522 0.91 6.79 -17.67
N ILE D 523 0.27 5.82 -17.03
CA ILE D 523 -0.78 5.07 -17.68
C ILE D 523 -2.05 5.91 -17.74
N GLN D 524 -2.73 5.87 -18.88
CA GLN D 524 -4.00 6.58 -19.05
C GLN D 524 -5.15 5.58 -18.97
N LEU D 525 -6.05 5.80 -18.00
CA LEU D 525 -7.11 4.86 -17.65
C LEU D 525 -8.47 5.45 -18.00
N HIS D 526 -9.22 4.74 -18.86
CA HIS D 526 -10.52 5.21 -19.29
C HIS D 526 -11.41 5.55 -18.08
N PRO D 527 -12.09 6.69 -18.09
CA PRO D 527 -12.81 7.14 -16.88
C PRO D 527 -13.96 6.25 -16.46
N LEU D 528 -14.40 5.32 -17.31
CA LEU D 528 -15.54 4.48 -16.97
C LEU D 528 -15.14 3.20 -16.26
N VAL D 529 -13.90 2.75 -16.41
CA VAL D 529 -13.46 1.56 -15.69
C VAL D 529 -13.01 1.88 -14.27
N CYS D 530 -13.00 3.16 -13.88
CA CYS D 530 -12.59 3.53 -12.52
C CYS D 530 -13.39 2.79 -11.48
N GLU D 531 -14.72 2.82 -11.61
CA GLU D 531 -15.62 2.10 -10.70
C GLU D 531 -15.16 0.66 -10.51
N ALA D 532 -14.83 -0.03 -11.60
CA ALA D 532 -14.49 -1.43 -11.50
C ALA D 532 -13.19 -1.63 -10.71
N PHE D 533 -12.24 -0.74 -10.88
CA PHE D 533 -10.96 -0.84 -10.18
C PHE D 533 -11.00 -0.18 -8.81
N ASN D 534 -12.07 0.55 -8.49
CA ASN D 534 -12.06 1.51 -7.39
C ASN D 534 -10.81 2.39 -7.48
N ALA D 535 -10.59 2.93 -8.68
CA ALA D 535 -9.45 3.79 -8.96
C ALA D 535 -9.91 5.24 -8.99
N ASP D 536 -9.32 6.07 -8.16
CA ASP D 536 -9.32 7.50 -8.33
C ASP D 536 -7.92 7.92 -8.76
N PHE D 537 -7.75 9.21 -9.04
CA PHE D 537 -6.49 9.70 -9.59
C PHE D 537 -5.78 10.63 -8.63
N ASP D 538 -5.76 10.24 -7.35
CA ASP D 538 -5.07 10.96 -6.30
C ASP D 538 -3.71 10.36 -5.97
N GLY D 539 -3.11 9.68 -6.93
CA GLY D 539 -1.84 9.01 -6.72
C GLY D 539 -1.85 7.52 -6.94
N ASP D 540 -3.01 6.91 -7.20
CA ASP D 540 -3.09 5.47 -7.45
C ASP D 540 -2.11 5.07 -8.54
N GLN D 541 -1.55 3.87 -8.41
CA GLN D 541 -0.70 3.25 -9.41
C GLN D 541 -1.36 1.96 -9.88
N MET D 542 -0.93 1.48 -11.04
CA MET D 542 -1.49 0.24 -11.58
C MET D 542 -0.40 -0.52 -12.31
N ALA D 543 -0.66 -1.81 -12.50
CA ALA D 543 0.28 -2.76 -13.04
C ALA D 543 -0.17 -3.23 -14.43
N VAL D 544 0.84 -3.57 -15.24
CA VAL D 544 0.67 -3.92 -16.64
C VAL D 544 1.29 -5.29 -16.84
N HIS D 545 0.58 -6.17 -17.53
CA HIS D 545 1.08 -7.51 -17.83
C HIS D 545 0.88 -7.80 -19.30
N LEU D 546 1.91 -8.35 -19.93
CA LEU D 546 1.88 -8.57 -21.37
C LEU D 546 1.63 -10.04 -21.65
N PRO D 547 0.42 -10.43 -22.07
CA PRO D 547 0.20 -11.83 -22.45
C PRO D 547 1.01 -12.17 -23.69
N LEU D 548 1.70 -13.31 -23.66
CA LEU D 548 2.62 -13.71 -24.72
C LEU D 548 1.99 -14.69 -25.71
N SER D 549 1.47 -15.81 -25.21
CA SER D 549 1.03 -16.88 -26.09
C SER D 549 -0.28 -16.52 -26.77
N ALA D 550 -0.57 -17.22 -27.87
CA ALA D 550 -1.82 -17.03 -28.57
C ALA D 550 -3.00 -17.22 -27.64
N GLU D 551 -2.92 -18.22 -26.77
CA GLU D 551 -4.03 -18.49 -25.87
C GLU D 551 -4.20 -17.36 -24.85
N ALA D 552 -3.09 -16.81 -24.34
CA ALA D 552 -3.20 -15.72 -23.37
C ALA D 552 -3.75 -14.46 -24.04
N GLN D 553 -3.26 -14.14 -25.24
CA GLN D 553 -3.80 -12.99 -25.95
C GLN D 553 -5.27 -13.17 -26.27
N ALA D 554 -5.67 -14.40 -26.61
CA ALA D 554 -7.06 -14.65 -26.94
C ALA D 554 -7.96 -14.55 -25.71
N GLU D 555 -7.50 -15.09 -24.58
CA GLU D 555 -8.23 -14.92 -23.33
C GLU D 555 -8.36 -13.43 -22.97
N ALA D 556 -7.33 -12.64 -23.29
CA ALA D 556 -7.37 -11.21 -22.99
C ALA D 556 -8.36 -10.48 -23.90
N ARG D 557 -8.33 -10.78 -25.19
CA ARG D 557 -9.25 -10.12 -26.12
C ARG D 557 -10.69 -10.56 -25.90
N ILE D 558 -10.92 -11.78 -25.42
CA ILE D 558 -12.27 -12.33 -25.44
C ILE D 558 -12.86 -12.33 -24.03
N LEU D 559 -12.17 -12.93 -23.07
CA LEU D 559 -12.71 -13.06 -21.72
C LEU D 559 -12.57 -11.76 -20.94
N MET D 560 -11.42 -11.09 -21.04
CA MET D 560 -11.09 -10.00 -20.13
C MET D 560 -11.17 -8.63 -20.79
N LEU D 561 -11.70 -8.53 -22.01
CA LEU D 561 -11.72 -7.25 -22.70
C LEU D 561 -12.57 -6.24 -21.93
N SER D 562 -11.99 -5.06 -21.71
CA SER D 562 -12.63 -3.98 -20.98
C SER D 562 -14.11 -3.86 -21.30
N SER D 563 -14.43 -3.77 -22.59
CA SER D 563 -15.78 -3.53 -23.07
C SER D 563 -16.63 -4.80 -23.09
N ASN D 564 -16.05 -5.95 -22.80
CA ASN D 564 -16.82 -7.18 -22.61
C ASN D 564 -17.15 -7.43 -21.15
N ASN D 565 -16.62 -6.61 -20.25
CA ASN D 565 -16.92 -6.71 -18.82
C ASN D 565 -17.50 -5.38 -18.39
N ILE D 566 -18.79 -5.20 -18.63
CA ILE D 566 -19.48 -3.96 -18.32
C ILE D 566 -20.37 -4.11 -17.10
N LEU D 567 -20.78 -5.32 -16.75
CA LEU D 567 -21.69 -5.55 -15.64
C LEU D 567 -20.93 -6.10 -14.45
N SER D 568 -21.32 -5.66 -13.26
CA SER D 568 -20.83 -6.25 -12.03
C SER D 568 -21.11 -7.75 -12.03
N PRO D 569 -20.10 -8.61 -11.95
CA PRO D 569 -20.37 -10.04 -11.82
C PRO D 569 -20.95 -10.43 -10.49
N ALA D 570 -21.18 -9.47 -9.59
CA ALA D 570 -21.83 -9.72 -8.31
C ALA D 570 -23.32 -9.45 -8.34
N SER D 571 -23.73 -8.36 -8.98
CA SER D 571 -25.14 -7.97 -9.05
C SER D 571 -25.73 -8.09 -10.43
N GLY D 572 -24.93 -8.29 -11.47
CA GLY D 572 -25.43 -8.37 -12.82
C GLY D 572 -25.77 -7.04 -13.46
N ARG D 573 -25.65 -5.95 -12.74
CA ARG D 573 -25.95 -4.62 -13.25
C ARG D 573 -24.69 -3.96 -13.80
N PRO D 574 -24.83 -2.96 -14.67
CA PRO D 574 -23.64 -2.32 -15.25
C PRO D 574 -22.90 -1.45 -14.24
N LEU D 575 -21.56 -1.55 -14.30
CA LEU D 575 -20.68 -0.71 -13.50
C LEU D 575 -20.11 0.46 -14.28
N ALA D 576 -20.01 0.32 -15.60
CA ALA D 576 -19.29 1.25 -16.48
C ALA D 576 -20.16 2.43 -16.88
N MET D 577 -21.04 2.89 -16.00
CA MET D 577 -21.92 4.01 -16.25
C MET D 577 -21.22 5.34 -15.97
N PRO D 578 -21.79 6.44 -16.47
CA PRO D 578 -21.27 7.77 -16.12
C PRO D 578 -21.21 7.98 -14.61
N ARG D 579 -20.16 8.66 -14.17
CA ARG D 579 -19.96 8.90 -12.75
C ARG D 579 -19.51 10.34 -12.54
N LEU D 580 -20.30 11.07 -11.77
CA LEU D 580 -20.15 12.39 -11.18
C LEU D 580 -20.01 13.53 -12.17
N ASP D 581 -19.07 13.44 -13.09
CA ASP D 581 -18.82 14.64 -13.88
C ASP D 581 -19.76 14.57 -15.06
N MET D 582 -19.62 13.49 -15.81
CA MET D 582 -20.62 13.01 -16.73
C MET D 582 -22.01 13.20 -16.15
N VAL D 583 -22.22 12.86 -14.87
CA VAL D 583 -23.58 12.96 -14.38
C VAL D 583 -24.03 14.42 -14.41
N THR D 584 -23.25 15.31 -13.77
CA THR D 584 -23.65 16.70 -13.78
C THR D 584 -23.75 17.23 -15.20
N GLY D 585 -22.99 16.67 -16.12
CA GLY D 585 -23.10 17.07 -17.50
C GLY D 585 -24.48 16.75 -18.01
N LEU D 586 -24.83 15.47 -17.96
CA LEU D 586 -26.08 15.04 -18.58
C LEU D 586 -27.28 15.58 -17.82
N TYR D 587 -27.21 15.60 -16.49
CA TYR D 587 -28.26 16.22 -15.70
C TYR D 587 -28.42 17.68 -16.07
N TYR D 588 -27.31 18.36 -16.41
CA TYR D 588 -27.44 19.73 -16.88
C TYR D 588 -28.03 19.76 -18.28
N LEU D 589 -27.60 18.84 -19.14
CA LEU D 589 -28.00 18.88 -20.54
C LEU D 589 -29.50 18.72 -20.68
N THR D 590 -30.11 17.89 -19.83
CA THR D 590 -31.50 17.48 -20.00
C THR D 590 -32.43 18.04 -18.94
N THR D 591 -32.04 19.09 -18.24
CA THR D 591 -32.99 19.77 -17.38
C THR D 591 -33.71 20.84 -18.18
N GLU D 592 -34.98 21.04 -17.84
CA GLU D 592 -35.86 21.98 -18.53
C GLU D 592 -36.04 23.22 -17.66
N VAL D 593 -35.77 24.39 -18.25
CA VAL D 593 -35.77 25.65 -17.50
C VAL D 593 -37.05 26.42 -17.86
N PRO D 594 -37.97 26.61 -16.93
CA PRO D 594 -39.14 27.45 -17.19
C PRO D 594 -38.75 28.89 -17.45
N GLY D 595 -38.95 29.37 -18.67
CA GLY D 595 -38.65 30.75 -19.00
C GLY D 595 -37.28 30.99 -19.58
N ASP D 596 -36.60 29.95 -20.03
CA ASP D 596 -35.26 30.11 -20.59
C ASP D 596 -35.35 30.73 -21.99
N THR D 597 -34.20 30.96 -22.59
CA THR D 597 -34.13 31.71 -23.84
C THR D 597 -34.62 30.88 -25.02
N GLY D 598 -35.48 31.49 -25.84
CA GLY D 598 -36.04 30.80 -27.00
C GLY D 598 -37.19 29.89 -26.70
N GLU D 599 -37.73 29.94 -25.47
CA GLU D 599 -38.80 29.05 -25.07
C GLU D 599 -40.04 29.23 -25.93
N TYR D 600 -40.66 28.12 -26.31
CA TYR D 600 -41.91 28.16 -27.05
C TYR D 600 -43.01 28.79 -26.20
N GLN D 601 -43.54 29.92 -26.65
CA GLN D 601 -44.67 30.57 -26.01
C GLN D 601 -45.80 30.65 -27.03
N PRO D 602 -46.96 30.05 -26.77
CA PRO D 602 -47.95 29.86 -27.84
C PRO D 602 -48.44 31.17 -28.43
N ALA D 603 -49.03 31.08 -29.62
CA ALA D 603 -49.47 32.25 -30.36
C ALA D 603 -50.56 33.00 -29.61
N SER D 604 -50.33 34.28 -29.37
CA SER D 604 -51.21 35.13 -28.56
C SER D 604 -51.63 36.32 -29.42
N GLY D 605 -52.86 36.28 -29.93
CA GLY D 605 -53.37 37.36 -30.77
C GLY D 605 -52.77 37.38 -32.16
N ASP D 606 -52.09 38.47 -32.51
CA ASP D 606 -51.38 38.54 -33.78
C ASP D 606 -49.97 37.95 -33.70
N HIS D 607 -49.38 37.91 -32.50
CA HIS D 607 -48.04 37.37 -32.36
C HIS D 607 -48.05 35.86 -32.59
N PRO D 608 -47.09 35.33 -33.36
CA PRO D 608 -46.97 33.87 -33.47
C PRO D 608 -46.39 33.24 -32.22
N GLU D 609 -46.13 31.92 -32.24
CA GLU D 609 -45.61 31.22 -31.08
C GLU D 609 -44.09 31.11 -31.05
N THR D 610 -43.43 31.10 -32.21
CA THR D 610 -41.97 31.22 -32.31
C THR D 610 -41.23 30.17 -31.47
N GLY D 611 -41.80 28.98 -31.35
CA GLY D 611 -41.15 27.95 -30.57
C GLY D 611 -40.86 26.69 -31.36
N VAL D 612 -41.44 26.58 -32.55
CA VAL D 612 -41.33 25.36 -33.35
C VAL D 612 -40.08 25.42 -34.20
N TYR D 613 -39.45 24.26 -34.40
CA TYR D 613 -38.24 24.14 -35.19
C TYR D 613 -38.37 22.98 -36.15
N SER D 614 -38.11 23.25 -37.43
CA SER D 614 -38.31 22.22 -38.46
C SER D 614 -37.40 21.02 -38.27
N SER D 615 -36.35 21.15 -37.47
CA SER D 615 -35.36 20.10 -37.29
C SER D 615 -34.50 20.45 -36.09
N PRO D 616 -33.84 19.46 -35.48
CA PRO D 616 -32.82 19.77 -34.47
C PRO D 616 -31.65 20.58 -35.03
N ALA D 617 -31.34 20.44 -36.32
CA ALA D 617 -30.32 21.29 -36.94
C ALA D 617 -30.70 22.77 -36.85
N GLU D 618 -31.95 23.09 -37.18
CA GLU D 618 -32.40 24.48 -37.06
C GLU D 618 -32.28 24.97 -35.63
N ALA D 619 -32.64 24.13 -34.67
CA ALA D 619 -32.49 24.52 -33.26
C ALA D 619 -31.03 24.74 -32.90
N ILE D 620 -30.13 23.96 -33.50
CA ILE D 620 -28.71 24.17 -33.26
C ILE D 620 -28.29 25.54 -33.77
N MET D 621 -28.74 25.89 -34.98
CA MET D 621 -28.42 27.21 -35.51
C MET D 621 -29.01 28.31 -34.65
N ALA D 622 -30.21 28.08 -34.13
CA ALA D 622 -30.84 29.04 -33.23
C ALA D 622 -29.99 29.25 -31.99
N ALA D 623 -29.49 28.16 -31.40
CA ALA D 623 -28.63 28.26 -30.23
C ALA D 623 -27.25 28.80 -30.57
N ASP D 624 -26.87 28.85 -31.84
CA ASP D 624 -25.61 29.49 -32.21
C ASP D 624 -25.71 31.00 -32.12
N ARG D 625 -26.87 31.57 -32.44
CA ARG D 625 -27.17 32.90 -31.93
C ARG D 625 -27.63 32.78 -30.48
N GLY D 626 -27.73 33.91 -29.79
CA GLY D 626 -28.13 33.86 -28.40
C GLY D 626 -29.61 33.60 -28.20
N VAL D 627 -30.25 32.98 -29.19
CA VAL D 627 -31.70 32.95 -29.26
C VAL D 627 -32.28 31.75 -28.53
N LEU D 628 -31.71 30.57 -28.72
CA LEU D 628 -32.26 29.36 -28.13
C LEU D 628 -31.34 28.85 -27.02
N SER D 629 -31.94 28.55 -25.87
CA SER D 629 -31.24 27.83 -24.81
C SER D 629 -31.31 26.34 -25.06
N VAL D 630 -30.32 25.63 -24.55
CA VAL D 630 -30.31 24.19 -24.67
C VAL D 630 -31.39 23.59 -23.78
N ARG D 631 -31.78 24.30 -22.73
CA ARG D 631 -32.66 23.77 -21.69
C ARG D 631 -34.05 24.39 -21.73
N ALA D 632 -34.38 25.14 -22.77
CA ALA D 632 -35.67 25.78 -22.89
C ALA D 632 -36.66 24.85 -23.57
N LYS D 633 -37.86 24.73 -23.01
CA LYS D 633 -38.89 23.91 -23.61
C LYS D 633 -39.28 24.47 -24.97
N ILE D 634 -39.25 23.61 -26.00
CA ILE D 634 -39.53 23.99 -27.37
C ILE D 634 -40.29 22.84 -28.03
N LYS D 635 -40.77 23.08 -29.23
CA LYS D 635 -41.35 22.05 -30.07
C LYS D 635 -40.46 21.85 -31.29
N VAL D 636 -40.07 20.60 -31.54
CA VAL D 636 -39.18 20.26 -32.64
C VAL D 636 -39.78 19.11 -33.43
N ARG D 637 -39.57 19.16 -34.74
CA ARG D 637 -39.92 18.07 -35.64
C ARG D 637 -38.78 17.06 -35.64
N LEU D 638 -39.04 15.89 -35.07
CA LEU D 638 -38.02 14.84 -34.95
C LEU D 638 -38.18 13.86 -36.09
N THR D 639 -37.09 13.61 -36.82
CA THR D 639 -37.10 12.72 -37.96
C THR D 639 -36.38 11.40 -37.71
N GLN D 640 -35.24 11.43 -37.02
CA GLN D 640 -34.38 10.25 -36.92
C GLN D 640 -34.30 9.68 -35.51
N LEU D 641 -35.28 9.97 -34.65
CA LEU D 641 -35.33 9.41 -33.31
C LEU D 641 -36.68 8.75 -33.08
N ARG D 642 -36.68 7.62 -32.39
CA ARG D 642 -37.92 6.90 -32.19
C ARG D 642 -38.79 7.61 -31.16
N PRO D 643 -40.09 7.73 -31.41
CA PRO D 643 -40.98 8.41 -30.46
C PRO D 643 -41.32 7.54 -29.27
N PRO D 644 -41.90 8.12 -28.22
CA PRO D 644 -42.31 7.32 -27.05
C PRO D 644 -43.34 6.26 -27.44
N VAL D 645 -43.68 5.42 -26.45
CA VAL D 645 -44.54 4.28 -26.71
C VAL D 645 -45.90 4.74 -27.24
N GLU D 646 -46.59 5.59 -26.46
CA GLU D 646 -47.97 5.96 -26.80
C GLU D 646 -48.01 6.90 -28.00
N ILE D 647 -47.04 7.81 -28.11
CA ILE D 647 -47.00 8.69 -29.27
C ILE D 647 -46.83 7.88 -30.55
N GLU D 648 -45.94 6.88 -30.51
CA GLU D 648 -45.74 6.03 -31.67
C GLU D 648 -46.98 5.21 -31.97
N ALA D 649 -47.64 4.69 -30.93
CA ALA D 649 -48.83 3.88 -31.15
C ALA D 649 -49.94 4.71 -31.78
N GLU D 650 -50.07 5.97 -31.37
CA GLU D 650 -51.19 6.78 -31.85
C GLU D 650 -50.91 7.37 -33.23
N LEU D 651 -49.69 7.85 -33.47
CA LEU D 651 -49.36 8.46 -34.76
C LEU D 651 -48.87 7.45 -35.78
N PHE D 652 -48.78 6.17 -35.43
CA PHE D 652 -48.31 5.13 -36.34
C PHE D 652 -49.00 3.83 -35.93
N GLY D 653 -48.47 2.70 -36.40
CA GLY D 653 -48.79 1.43 -35.79
C GLY D 653 -48.15 1.31 -34.42
N HIS D 654 -48.66 0.38 -33.60
CA HIS D 654 -48.12 0.23 -32.25
C HIS D 654 -46.62 -0.06 -32.29
N SER D 655 -46.20 -0.94 -33.20
CA SER D 655 -44.78 -1.27 -33.36
C SER D 655 -44.16 -0.65 -34.60
N GLY D 656 -44.95 -0.03 -35.48
CA GLY D 656 -44.42 0.48 -36.73
C GLY D 656 -43.93 1.91 -36.71
N TRP D 657 -42.66 2.12 -37.07
CA TRP D 657 -42.11 3.46 -37.20
C TRP D 657 -40.86 3.36 -38.07
N GLN D 658 -40.87 4.02 -39.15
CA GLN D 658 -39.61 3.93 -39.87
C GLN D 658 -38.70 5.09 -39.48
N PRO D 659 -37.39 4.91 -39.63
CA PRO D 659 -36.45 6.02 -39.35
C PRO D 659 -36.73 7.29 -40.16
N GLY D 660 -37.45 7.21 -41.28
CA GLY D 660 -37.76 8.42 -42.02
C GLY D 660 -38.92 9.21 -41.44
N ASP D 661 -39.83 8.53 -40.72
CA ASP D 661 -41.06 9.14 -40.26
C ASP D 661 -40.80 10.29 -39.29
N ALA D 662 -41.47 11.41 -39.50
CA ALA D 662 -41.35 12.58 -38.65
C ALA D 662 -42.42 12.57 -37.57
N TRP D 663 -42.21 13.40 -36.55
CA TRP D 663 -43.20 13.62 -35.50
C TRP D 663 -42.80 14.85 -34.71
N MET D 664 -43.74 15.36 -33.93
CA MET D 664 -43.57 16.61 -33.19
C MET D 664 -43.39 16.28 -31.71
N ALA D 665 -42.37 16.90 -31.10
CA ALA D 665 -42.08 16.69 -29.69
C ALA D 665 -41.89 18.05 -29.02
N GLU D 666 -42.50 18.24 -27.86
CA GLU D 666 -42.20 19.40 -27.01
C GLU D 666 -41.23 18.93 -25.94
N THR D 667 -39.95 19.19 -26.18
CA THR D 667 -38.86 18.75 -25.33
C THR D 667 -37.85 19.90 -25.28
N THR D 668 -36.64 19.62 -24.82
CA THR D 668 -35.55 20.57 -24.93
C THR D 668 -34.59 20.11 -26.01
N LEU D 669 -33.88 21.07 -26.61
CA LEU D 669 -32.80 20.71 -27.54
C LEU D 669 -31.77 19.84 -26.84
N GLY D 670 -31.60 20.04 -25.53
CA GLY D 670 -30.73 19.16 -24.76
C GLY D 670 -31.18 17.72 -24.74
N ARG D 671 -32.48 17.49 -24.52
CA ARG D 671 -32.97 16.11 -24.49
C ARG D 671 -32.94 15.48 -25.87
N VAL D 672 -33.08 16.29 -26.92
CA VAL D 672 -32.82 15.81 -28.28
C VAL D 672 -31.39 15.30 -28.39
N MET D 673 -30.42 16.15 -28.03
CA MET D 673 -29.03 15.75 -28.20
C MET D 673 -28.66 14.58 -27.28
N PHE D 674 -29.34 14.45 -26.14
CA PHE D 674 -29.12 13.28 -25.29
C PHE D 674 -29.60 12.02 -25.97
N ASN D 675 -30.87 12.00 -26.39
CA ASN D 675 -31.42 10.82 -27.02
C ASN D 675 -30.67 10.45 -28.30
N GLU D 676 -30.05 11.42 -28.96
CA GLU D 676 -29.28 11.09 -30.15
C GLU D 676 -28.08 10.21 -29.82
N LEU D 677 -27.66 10.18 -28.56
CA LEU D 677 -26.54 9.35 -28.13
C LEU D 677 -26.95 7.92 -27.80
N LEU D 678 -28.24 7.68 -27.60
CA LEU D 678 -28.73 6.34 -27.34
C LEU D 678 -28.83 5.60 -28.66
N PRO D 679 -29.01 4.28 -28.64
CA PRO D 679 -29.18 3.54 -29.90
C PRO D 679 -30.44 3.98 -30.62
N LEU D 680 -30.47 3.74 -31.93
CA LEU D 680 -31.48 4.34 -32.79
C LEU D 680 -32.89 3.97 -32.36
N GLY D 681 -33.22 2.68 -32.44
CA GLY D 681 -34.59 2.26 -32.20
C GLY D 681 -35.08 2.45 -30.78
N TYR D 682 -34.32 3.17 -29.96
CA TYR D 682 -34.72 3.31 -28.57
C TYR D 682 -35.77 4.40 -28.45
N PRO D 683 -36.88 4.13 -27.76
CA PRO D 683 -37.92 5.15 -27.60
C PRO D 683 -37.38 6.40 -26.92
N PHE D 684 -37.81 7.56 -27.44
CA PHE D 684 -37.37 8.85 -26.93
C PHE D 684 -37.68 8.99 -25.46
N VAL D 685 -36.63 9.16 -24.66
CA VAL D 685 -36.77 9.45 -23.23
C VAL D 685 -36.71 10.95 -23.07
N ASN D 686 -37.81 11.54 -22.58
CA ASN D 686 -37.88 12.99 -22.38
C ASN D 686 -38.02 13.25 -20.88
N LYS D 687 -36.89 13.22 -20.18
CA LYS D 687 -36.85 13.45 -18.74
C LYS D 687 -35.52 14.13 -18.41
N GLN D 688 -35.50 14.82 -17.28
CA GLN D 688 -34.23 15.25 -16.69
C GLN D 688 -33.44 14.03 -16.25
N MET D 689 -32.22 13.89 -16.77
CA MET D 689 -31.42 12.69 -16.53
C MET D 689 -30.74 12.77 -15.17
N HIS D 690 -31.52 12.52 -14.13
CA HIS D 690 -30.92 12.19 -12.84
C HIS D 690 -30.08 10.92 -13.00
N LYS D 691 -29.14 10.71 -12.07
CA LYS D 691 -28.33 9.50 -12.15
C LYS D 691 -29.19 8.25 -12.22
N LYS D 692 -30.22 8.17 -11.37
CA LYS D 692 -31.08 6.99 -11.32
C LYS D 692 -31.75 6.73 -12.65
N VAL D 693 -32.17 7.79 -13.35
CA VAL D 693 -32.78 7.63 -14.66
C VAL D 693 -31.77 7.10 -15.68
N GLN D 694 -30.53 7.61 -15.63
CA GLN D 694 -29.49 7.06 -16.48
C GLN D 694 -29.25 5.59 -16.17
N ALA D 695 -29.30 5.24 -14.88
CA ALA D 695 -29.15 3.85 -14.48
C ALA D 695 -30.26 3.00 -15.07
N ALA D 696 -31.49 3.49 -15.02
CA ALA D 696 -32.62 2.78 -15.63
C ALA D 696 -32.38 2.56 -17.11
N ILE D 697 -31.98 3.61 -17.83
CA ILE D 697 -31.77 3.49 -19.27
C ILE D 697 -30.69 2.47 -19.56
N ILE D 698 -29.60 2.50 -18.79
CA ILE D 698 -28.50 1.59 -19.12
C ILE D 698 -28.81 0.17 -18.67
N ASN D 699 -29.59 -0.01 -17.60
CA ASN D 699 -30.07 -1.35 -17.27
C ASN D 699 -30.93 -1.91 -18.38
N ASP D 700 -31.79 -1.07 -18.98
CA ASP D 700 -32.57 -1.50 -20.13
C ASP D 700 -31.67 -1.86 -21.30
N LEU D 701 -30.66 -1.02 -21.58
CA LEU D 701 -29.75 -1.32 -22.67
C LEU D 701 -29.01 -2.63 -22.44
N ALA D 702 -28.63 -2.90 -21.18
CA ALA D 702 -27.97 -4.16 -20.85
C ALA D 702 -28.89 -5.35 -21.07
N GLU D 703 -30.14 -5.23 -20.64
CA GLU D 703 -31.08 -6.34 -20.81
C GLU D 703 -31.38 -6.61 -22.28
N ARG D 704 -31.64 -5.55 -23.05
CA ARG D 704 -32.24 -5.71 -24.37
C ARG D 704 -31.24 -5.71 -25.52
N TYR D 705 -30.13 -5.00 -25.39
CA TYR D 705 -29.15 -4.85 -26.47
C TYR D 705 -27.86 -5.63 -26.18
N PRO D 706 -27.09 -5.94 -27.22
CA PRO D 706 -25.82 -6.65 -27.00
C PRO D 706 -24.83 -5.82 -26.20
N MET D 707 -23.71 -6.47 -25.86
CA MET D 707 -22.69 -5.84 -25.02
C MET D 707 -22.07 -4.62 -25.70
N ILE D 708 -21.60 -4.81 -26.93
CA ILE D 708 -20.90 -3.74 -27.66
C ILE D 708 -21.78 -2.50 -27.80
N VAL D 709 -23.09 -2.69 -27.92
CA VAL D 709 -23.99 -1.54 -28.04
C VAL D 709 -23.94 -0.69 -26.77
N VAL D 710 -24.10 -1.34 -25.62
CA VAL D 710 -24.04 -0.61 -24.35
C VAL D 710 -22.68 0.05 -24.17
N ALA D 711 -21.62 -0.60 -24.63
CA ALA D 711 -20.29 0.00 -24.51
C ALA D 711 -20.18 1.29 -25.32
N GLN D 712 -20.64 1.25 -26.58
CA GLN D 712 -20.58 2.46 -27.40
C GLN D 712 -21.48 3.55 -26.84
N THR D 713 -22.61 3.16 -26.25
CA THR D 713 -23.50 4.15 -25.66
C THR D 713 -22.84 4.85 -24.48
N VAL D 714 -22.18 4.09 -23.59
CA VAL D 714 -21.59 4.76 -22.44
C VAL D 714 -20.39 5.60 -22.86
N ASP D 715 -19.68 5.21 -23.92
CA ASP D 715 -18.64 6.09 -24.43
C ASP D 715 -19.22 7.43 -24.89
N LYS D 716 -20.30 7.37 -25.69
CA LYS D 716 -20.91 8.63 -26.16
C LYS D 716 -21.44 9.46 -25.00
N LEU D 717 -22.09 8.81 -24.03
CA LEU D 717 -22.58 9.52 -22.86
C LEU D 717 -21.44 10.18 -22.11
N LYS D 718 -20.30 9.48 -22.00
CA LYS D 718 -19.14 10.06 -21.33
C LYS D 718 -18.71 11.35 -22.02
N ASP D 719 -18.51 11.29 -23.35
CA ASP D 719 -18.12 12.49 -24.10
C ASP D 719 -19.07 13.65 -23.78
N ALA D 720 -20.38 13.42 -23.95
CA ALA D 720 -21.33 14.50 -23.76
C ALA D 720 -21.32 15.01 -22.34
N GLY D 721 -21.18 14.10 -21.37
CA GLY D 721 -21.21 14.49 -19.98
C GLY D 721 -20.03 15.37 -19.61
N PHE D 722 -18.84 15.05 -20.12
CA PHE D 722 -17.68 15.90 -19.83
C PHE D 722 -17.82 17.26 -20.49
N TYR D 723 -18.16 17.28 -21.79
CA TYR D 723 -18.39 18.56 -22.47
C TYR D 723 -19.37 19.43 -21.68
N TRP D 724 -20.55 18.88 -21.40
CA TRP D 724 -21.59 19.71 -20.80
C TRP D 724 -21.31 20.00 -19.33
N ALA D 725 -20.57 19.14 -18.64
CA ALA D 725 -20.20 19.45 -17.27
C ALA D 725 -19.27 20.66 -17.24
N THR D 726 -18.29 20.68 -18.13
CA THR D 726 -17.48 21.89 -18.30
C THR D 726 -18.37 23.10 -18.53
N ARG D 727 -19.36 22.95 -19.42
CA ARG D 727 -20.27 24.05 -19.75
C ARG D 727 -21.39 24.25 -18.73
N SER D 728 -21.35 23.57 -17.58
CA SER D 728 -22.53 23.45 -16.71
C SER D 728 -22.63 24.52 -15.64
N GLY D 729 -21.52 25.12 -15.23
CA GLY D 729 -21.57 26.19 -14.25
C GLY D 729 -21.47 25.78 -12.80
N VAL D 730 -21.07 24.54 -12.50
CA VAL D 730 -20.94 24.10 -11.12
C VAL D 730 -19.59 24.53 -10.57
N THR D 731 -19.62 25.26 -9.45
CA THR D 731 -18.45 25.90 -8.87
C THR D 731 -18.72 26.09 -7.39
N VAL D 732 -17.67 26.05 -6.59
CA VAL D 732 -17.80 26.30 -5.16
C VAL D 732 -17.27 27.69 -4.86
N SER D 733 -17.97 28.41 -4.00
CA SER D 733 -17.45 29.64 -3.44
C SER D 733 -18.12 29.87 -2.09
N MET D 734 -17.48 30.69 -1.26
CA MET D 734 -18.03 31.01 0.04
C MET D 734 -19.47 31.52 -0.07
N ALA D 735 -19.82 32.14 -1.21
CA ALA D 735 -21.17 32.69 -1.37
C ALA D 735 -22.18 31.57 -1.63
N ASP D 736 -21.83 30.59 -2.46
CA ASP D 736 -22.74 29.48 -2.73
C ASP D 736 -23.02 28.65 -1.49
N VAL D 737 -22.17 28.72 -0.49
CA VAL D 737 -22.42 28.00 0.75
C VAL D 737 -23.35 28.87 1.59
N LEU D 738 -24.65 28.68 1.38
CA LEU D 738 -25.66 29.47 2.06
C LEU D 738 -25.92 28.91 3.47
N VAL D 739 -26.21 29.82 4.39
CA VAL D 739 -26.43 29.49 5.80
C VAL D 739 -27.93 29.55 6.07
N PRO D 740 -28.49 28.63 6.85
CA PRO D 740 -29.91 28.70 7.18
C PRO D 740 -30.19 29.91 8.05
N PRO D 741 -31.14 30.76 7.66
CA PRO D 741 -31.34 32.02 8.41
C PRO D 741 -31.84 31.81 9.83
N ARG D 742 -32.73 30.85 10.05
CA ARG D 742 -33.31 30.66 11.37
C ARG D 742 -32.38 29.92 12.34
N LYS D 743 -31.13 29.63 11.95
CA LYS D 743 -30.29 28.71 12.71
C LYS D 743 -30.13 29.16 14.17
N LYS D 744 -29.93 30.47 14.38
CA LYS D 744 -29.82 30.99 15.74
C LYS D 744 -31.02 30.61 16.60
N GLU D 745 -32.24 30.89 16.10
CA GLU D 745 -33.43 30.67 16.90
C GLU D 745 -33.71 29.19 17.13
N ILE D 746 -33.47 28.37 16.10
CA ILE D 746 -33.57 26.91 16.25
C ILE D 746 -32.67 26.43 17.38
N LEU D 747 -31.39 26.79 17.32
CA LEU D 747 -30.44 26.32 18.31
C LEU D 747 -30.77 26.86 19.70
N ASP D 748 -31.24 28.11 19.79
CA ASP D 748 -31.61 28.66 21.09
C ASP D 748 -32.78 27.89 21.69
N HIS D 749 -33.76 27.53 20.85
CA HIS D 749 -34.88 26.72 21.34
C HIS D 749 -34.38 25.40 21.90
N TYR D 750 -33.57 24.68 21.13
CA TYR D 750 -33.11 23.40 21.64
C TYR D 750 -32.18 23.55 22.84
N GLU D 751 -31.51 24.70 22.97
CA GLU D 751 -30.75 24.95 24.19
C GLU D 751 -31.67 25.14 25.38
N GLU D 752 -32.81 25.80 25.19
CA GLU D 752 -33.80 25.88 26.27
C GLU D 752 -34.23 24.48 26.71
N ARG D 753 -34.43 23.58 25.75
CA ARG D 753 -34.82 22.21 26.12
C ARG D 753 -33.69 21.47 26.85
N ALA D 754 -32.45 21.65 26.39
CA ALA D 754 -31.32 21.06 27.09
C ALA D 754 -31.20 21.60 28.51
N ASP D 755 -31.49 22.89 28.69
CA ASP D 755 -31.51 23.48 30.03
C ASP D 755 -32.58 22.84 30.90
N LYS D 756 -33.76 22.62 30.34
CA LYS D 756 -34.81 21.90 31.06
C LYS D 756 -34.29 20.55 31.54
N VAL D 757 -33.62 19.82 30.66
CA VAL D 757 -33.11 18.49 31.04
C VAL D 757 -32.01 18.61 32.09
N GLU D 758 -31.17 19.65 32.02
CA GLU D 758 -30.11 19.80 33.01
C GLU D 758 -30.67 20.11 34.39
N LYS D 759 -31.65 21.03 34.46
CA LYS D 759 -32.33 21.27 35.73
C LYS D 759 -33.02 20.01 36.23
N GLN D 760 -33.54 19.20 35.31
CA GLN D 760 -34.16 17.93 35.66
C GLN D 760 -33.15 16.96 36.27
N PHE D 761 -31.92 17.01 35.79
CA PHE D 761 -30.85 16.17 36.33
C PHE D 761 -30.36 16.67 37.68
N GLN D 762 -30.28 17.99 37.85
CA GLN D 762 -29.82 18.55 39.12
C GLN D 762 -30.77 18.26 40.27
N ARG D 763 -32.06 18.08 39.99
CA ARG D 763 -32.99 17.66 41.03
C ARG D 763 -32.78 16.21 41.46
N GLY D 764 -31.86 15.48 40.82
CA GLY D 764 -31.76 14.06 41.05
C GLY D 764 -32.86 13.24 40.43
N ALA D 765 -33.77 13.87 39.70
CA ALA D 765 -34.89 13.15 39.10
C ALA D 765 -34.46 12.35 37.87
N LEU D 766 -33.60 12.94 37.03
CA LEU D 766 -33.13 12.27 35.83
C LEU D 766 -31.79 11.58 36.11
N ASN D 767 -31.64 10.38 35.56
CA ASN D 767 -30.41 9.62 35.71
C ASN D 767 -29.34 10.16 34.77
N HIS D 768 -28.07 9.86 35.09
CA HIS D 768 -26.97 10.36 34.27
C HIS D 768 -27.03 9.79 32.86
N ASP D 769 -27.15 8.46 32.74
CA ASP D 769 -27.35 7.87 31.42
C ASP D 769 -28.62 8.38 30.78
N GLU D 770 -29.67 8.58 31.56
CA GLU D 770 -30.91 9.13 31.03
C GLU D 770 -30.74 10.60 30.65
N ARG D 771 -29.94 11.36 31.39
CA ARG D 771 -29.65 12.74 31.01
C ARG D 771 -28.94 12.80 29.66
N ASN D 772 -27.90 11.98 29.49
CA ASN D 772 -27.20 11.94 28.21
C ASN D 772 -28.14 11.51 27.10
N GLU D 773 -29.02 10.54 27.37
CA GLU D 773 -29.97 10.10 26.35
C GLU D 773 -30.89 11.24 25.94
N ALA D 774 -31.43 11.99 26.90
CA ALA D 774 -32.33 13.09 26.59
C ALA D 774 -31.62 14.19 25.83
N LEU D 775 -30.38 14.50 26.22
CA LEU D 775 -29.62 15.53 25.51
C LEU D 775 -29.29 15.09 24.09
N VAL D 776 -28.95 13.82 23.89
CA VAL D 776 -28.65 13.33 22.55
C VAL D 776 -29.90 13.39 21.68
N GLU D 777 -31.07 13.08 22.25
CA GLU D 777 -32.31 13.19 21.48
C GLU D 777 -32.60 14.64 21.09
N ILE D 778 -32.47 15.55 22.06
CA ILE D 778 -32.63 16.98 21.78
C ILE D 778 -31.74 17.39 20.61
N TRP D 779 -30.46 17.02 20.65
CA TRP D 779 -29.54 17.57 19.66
C TRP D 779 -29.63 16.85 18.33
N LYS D 780 -30.02 15.57 18.31
CA LYS D 780 -30.41 14.93 17.06
C LYS D 780 -31.51 15.72 16.39
N GLU D 781 -32.54 16.10 17.16
CA GLU D 781 -33.66 16.83 16.57
C GLU D 781 -33.23 18.20 16.08
N ALA D 782 -32.39 18.90 16.86
CA ALA D 782 -31.92 20.21 16.44
C ALA D 782 -31.14 20.11 15.14
N THR D 783 -30.25 19.12 15.03
CA THR D 783 -29.53 18.88 13.79
C THR D 783 -30.48 18.63 12.63
N ASP D 784 -31.50 17.80 12.87
CA ASP D 784 -32.47 17.51 11.82
C ASP D 784 -33.16 18.79 11.34
N GLU D 785 -33.57 19.64 12.30
CA GLU D 785 -34.31 20.85 11.95
C GLU D 785 -33.43 21.87 11.23
N VAL D 786 -32.16 21.97 11.64
CA VAL D 786 -31.21 22.84 10.94
C VAL D 786 -31.03 22.34 9.51
N GLY D 787 -30.89 21.03 9.33
CA GLY D 787 -30.80 20.50 7.98
C GLY D 787 -32.02 20.81 7.15
N GLN D 788 -33.21 20.71 7.76
CA GLN D 788 -34.44 21.01 7.05
C GLN D 788 -34.50 22.48 6.63
N ALA D 789 -34.21 23.39 7.57
CA ALA D 789 -34.20 24.81 7.23
C ALA D 789 -33.16 25.12 6.16
N LEU D 790 -32.03 24.43 6.21
CA LEU D 790 -31.02 24.57 5.17
C LEU D 790 -31.58 24.21 3.80
N ARG D 791 -32.24 23.06 3.71
CA ARG D 791 -32.85 22.68 2.43
C ARG D 791 -33.88 23.70 1.97
N GLU D 792 -34.70 24.18 2.92
CA GLU D 792 -35.74 25.14 2.59
C GLU D 792 -35.16 26.45 2.07
N HIS D 793 -33.94 26.78 2.48
CA HIS D 793 -33.33 28.04 2.11
C HIS D 793 -32.54 27.98 0.80
N TYR D 794 -32.12 26.80 0.36
CA TYR D 794 -31.26 26.70 -0.82
C TYR D 794 -32.09 26.73 -2.09
N PRO D 795 -31.83 27.65 -3.01
CA PRO D 795 -32.40 27.53 -4.36
C PRO D 795 -31.97 26.22 -5.01
N ASP D 796 -32.87 25.63 -5.77
CA ASP D 796 -32.64 24.31 -6.32
C ASP D 796 -31.63 24.29 -7.47
N ASP D 797 -30.97 25.38 -7.82
CA ASP D 797 -29.91 25.37 -8.82
C ASP D 797 -28.56 25.81 -8.26
N ASN D 798 -28.47 25.98 -6.95
CA ASN D 798 -27.18 26.16 -6.30
C ASN D 798 -26.26 24.99 -6.65
N PRO D 799 -24.99 25.26 -6.96
CA PRO D 799 -24.11 24.17 -7.44
C PRO D 799 -23.94 23.04 -6.44
N ILE D 800 -23.97 23.34 -5.15
CA ILE D 800 -23.87 22.29 -4.13
C ILE D 800 -25.12 21.40 -4.16
N ILE D 801 -26.29 22.03 -4.14
CA ILE D 801 -27.53 21.29 -4.28
C ILE D 801 -27.54 20.51 -5.59
N THR D 802 -27.20 21.18 -6.70
CA THR D 802 -27.17 20.52 -8.00
C THR D 802 -26.35 19.24 -7.94
N ILE D 803 -25.12 19.34 -7.43
CA ILE D 803 -24.20 18.21 -7.41
C ILE D 803 -24.76 17.07 -6.56
N VAL D 804 -25.32 17.38 -5.40
CA VAL D 804 -25.86 16.33 -4.55
C VAL D 804 -27.09 15.69 -5.18
N ASP D 805 -28.06 16.52 -5.58
CA ASP D 805 -29.39 16.07 -6.00
C ASP D 805 -29.42 15.52 -7.42
N SER D 806 -28.45 15.86 -8.27
CA SER D 806 -28.34 15.14 -9.53
C SER D 806 -27.98 13.69 -9.31
N GLY D 807 -27.49 13.36 -8.12
CA GLY D 807 -26.93 12.05 -7.88
C GLY D 807 -25.48 11.91 -8.31
N ALA D 808 -24.83 13.01 -8.69
CA ALA D 808 -23.47 12.96 -9.19
C ALA D 808 -22.49 12.47 -8.11
N THR D 809 -22.47 13.16 -6.97
CA THR D 809 -21.63 12.76 -5.85
C THR D 809 -22.03 13.53 -4.60
N GLY D 810 -21.89 12.84 -3.46
CA GLY D 810 -22.15 13.45 -2.17
C GLY D 810 -23.58 13.26 -1.72
N ASN D 811 -23.78 13.47 -0.43
CA ASN D 811 -25.09 13.39 0.17
C ASN D 811 -25.39 14.67 0.93
N PHE D 812 -26.63 14.79 1.41
CA PHE D 812 -27.02 16.05 2.02
C PHE D 812 -26.48 16.22 3.43
N THR D 813 -26.19 15.14 4.15
CA THR D 813 -25.68 15.35 5.50
C THR D 813 -24.28 15.96 5.44
N GLN D 814 -23.52 15.66 4.38
CA GLN D 814 -22.31 16.41 4.08
C GLN D 814 -22.60 17.89 3.88
N THR D 815 -23.65 18.21 3.12
CA THR D 815 -24.04 19.61 2.94
C THR D 815 -24.45 20.24 4.27
N ARG D 816 -25.15 19.48 5.12
CA ARG D 816 -25.53 20.00 6.42
C ARG D 816 -24.30 20.29 7.29
N THR D 817 -23.30 19.41 7.25
CA THR D 817 -22.07 19.63 8.00
C THR D 817 -21.31 20.84 7.46
N LEU D 818 -21.28 20.98 6.14
CA LEU D 818 -20.65 22.14 5.53
C LEU D 818 -21.35 23.43 5.96
N ALA D 819 -22.61 23.59 5.57
CA ALA D 819 -23.30 24.88 5.68
C ALA D 819 -24.15 25.02 6.94
N GLY D 820 -24.87 23.99 7.35
CA GLY D 820 -25.71 24.11 8.52
C GLY D 820 -25.05 23.92 9.88
N MET D 821 -24.61 22.69 10.17
CA MET D 821 -24.10 22.37 11.50
C MET D 821 -23.52 20.95 11.56
N LYS D 822 -22.42 20.77 12.30
CA LYS D 822 -21.78 19.45 12.38
C LYS D 822 -22.66 18.45 13.15
N GLY D 823 -23.02 18.78 14.38
CA GLY D 823 -23.85 17.92 15.20
C GLY D 823 -23.07 17.24 16.30
N LEU D 824 -23.61 16.10 16.74
CA LEU D 824 -23.00 15.33 17.82
C LEU D 824 -21.76 14.58 17.33
N VAL D 825 -20.83 14.31 18.25
CA VAL D 825 -19.57 13.65 17.90
C VAL D 825 -19.34 12.44 18.78
N THR D 826 -18.72 11.41 18.19
CA THR D 826 -18.34 10.19 18.88
C THR D 826 -17.35 10.48 20.01
N ASN D 827 -17.29 9.54 20.94
CA ASN D 827 -16.32 9.35 22.00
C ASN D 827 -15.25 8.38 21.55
N PRO D 828 -14.05 8.43 22.16
CA PRO D 828 -13.12 7.30 22.00
C PRO D 828 -13.76 5.96 22.35
N LYS D 829 -14.65 5.93 23.36
CA LYS D 829 -15.42 4.74 23.66
C LYS D 829 -16.58 4.52 22.70
N GLY D 830 -16.96 5.55 21.93
CA GLY D 830 -17.99 5.42 20.94
C GLY D 830 -19.27 6.17 21.24
N GLU D 831 -19.40 6.80 22.40
CA GLU D 831 -20.64 7.41 22.83
C GLU D 831 -20.76 8.85 22.33
N PHE D 832 -22.00 9.28 22.14
CA PHE D 832 -22.26 10.66 21.72
C PHE D 832 -21.95 11.61 22.87
N ILE D 833 -21.07 12.57 22.62
CA ILE D 833 -20.88 13.63 23.60
C ILE D 833 -22.20 14.39 23.77
N PRO D 834 -22.68 14.59 25.00
CA PRO D 834 -23.89 15.40 25.19
C PRO D 834 -23.81 16.81 24.61
N ARG D 835 -22.61 17.32 24.32
CA ARG D 835 -22.54 18.64 23.72
C ARG D 835 -22.34 18.53 22.22
N PRO D 836 -23.12 19.22 21.42
CA PRO D 836 -22.96 19.17 19.97
C PRO D 836 -22.02 20.26 19.47
N VAL D 837 -21.46 19.99 18.29
CA VAL D 837 -20.75 21.04 17.55
C VAL D 837 -21.84 21.90 16.89
N LYS D 838 -22.17 23.03 17.52
CA LYS D 838 -23.17 23.91 16.95
C LYS D 838 -22.69 24.59 15.67
N SER D 839 -21.38 24.56 15.41
CA SER D 839 -20.80 25.32 14.33
C SER D 839 -20.72 24.48 13.06
N SER D 840 -20.98 25.11 11.92
CA SER D 840 -20.70 24.49 10.63
C SER D 840 -19.26 24.78 10.23
N PHE D 841 -18.80 24.09 9.18
CA PHE D 841 -17.43 24.31 8.74
C PHE D 841 -17.26 25.59 7.95
N ARG D 842 -18.33 26.10 7.34
CA ARG D 842 -18.26 27.44 6.78
C ARG D 842 -17.97 28.47 7.87
N GLU D 843 -18.69 28.37 9.00
CA GLU D 843 -18.43 29.27 10.11
C GLU D 843 -17.05 29.04 10.71
N GLY D 844 -16.55 27.82 10.63
CA GLY D 844 -15.29 27.48 11.27
C GLY D 844 -15.49 27.05 12.70
N LEU D 845 -15.03 25.84 13.03
CA LEU D 845 -15.22 25.30 14.37
C LEU D 845 -14.37 26.07 15.38
N THR D 846 -14.75 25.98 16.64
CA THR D 846 -13.91 26.53 17.70
C THR D 846 -12.81 25.53 18.00
N VAL D 847 -12.02 25.81 19.04
CA VAL D 847 -10.93 24.89 19.36
C VAL D 847 -11.46 23.63 20.03
N LEU D 848 -12.34 23.77 21.02
CA LEU D 848 -12.88 22.58 21.68
C LEU D 848 -13.70 21.73 20.71
N GLU D 849 -14.52 22.37 19.89
CA GLU D 849 -15.32 21.62 18.92
C GLU D 849 -14.44 20.80 17.99
N TYR D 850 -13.37 21.42 17.49
CA TYR D 850 -12.45 20.72 16.61
C TYR D 850 -11.74 19.58 17.34
N PHE D 851 -11.28 19.85 18.57
CA PHE D 851 -10.58 18.84 19.33
C PHE D 851 -11.46 17.62 19.57
N ILE D 852 -12.75 17.82 19.85
CA ILE D 852 -13.59 16.66 20.15
C ILE D 852 -14.09 15.99 18.87
N ASN D 853 -14.19 16.73 17.76
CA ASN D 853 -14.44 16.08 16.46
C ASN D 853 -13.30 15.14 16.09
N THR D 854 -12.09 15.43 16.59
CA THR D 854 -10.97 14.55 16.32
C THR D 854 -11.21 13.11 16.78
N HIS D 855 -11.84 12.95 17.95
CA HIS D 855 -12.03 11.60 18.52
C HIS D 855 -12.67 10.69 17.50
N GLY D 856 -13.86 11.08 17.03
CA GLY D 856 -14.57 10.27 16.06
C GLY D 856 -13.80 10.09 14.78
N ALA D 857 -13.13 11.16 14.31
CA ALA D 857 -12.38 11.05 13.06
C ALA D 857 -11.34 9.93 13.13
N ARG D 858 -10.49 9.96 14.16
CA ARG D 858 -9.43 8.95 14.20
C ARG D 858 -9.97 7.59 14.56
N LYS D 859 -10.99 7.53 15.44
CA LYS D 859 -11.60 6.24 15.73
C LYS D 859 -12.06 5.57 14.45
N GLY D 860 -12.59 6.37 13.52
CA GLY D 860 -12.99 5.82 12.23
C GLY D 860 -11.82 5.31 11.41
N LEU D 861 -10.74 6.09 11.36
CA LEU D 861 -9.59 5.65 10.54
C LEU D 861 -9.01 4.33 11.05
N ALA D 862 -8.84 4.21 12.37
CA ALA D 862 -8.32 2.96 12.93
C ALA D 862 -9.32 1.81 12.74
N ASP D 863 -10.61 2.07 12.98
CA ASP D 863 -11.63 1.04 12.78
C ASP D 863 -11.57 0.48 11.37
N THR D 864 -11.34 1.36 10.38
CA THR D 864 -11.27 0.87 9.00
C THR D 864 -10.02 0.03 8.78
N ALA D 865 -8.91 0.43 9.41
CA ALA D 865 -7.69 -0.38 9.32
C ALA D 865 -7.94 -1.81 9.82
N LEU D 866 -8.77 -1.98 10.86
CA LEU D 866 -9.05 -3.33 11.35
C LEU D 866 -10.06 -4.07 10.47
N ARG D 867 -11.15 -3.38 10.15
CA ARG D 867 -12.25 -4.00 9.42
C ARG D 867 -11.79 -4.55 8.08
N THR D 868 -10.83 -3.89 7.43
CA THR D 868 -10.40 -4.39 6.12
C THR D 868 -9.67 -5.73 6.26
N ALA D 869 -8.88 -5.92 7.32
CA ALA D 869 -8.24 -7.22 7.53
C ALA D 869 -9.27 -8.29 7.84
N ASP D 870 -10.25 -7.97 8.70
CA ASP D 870 -11.31 -8.95 8.98
C ASP D 870 -12.00 -9.39 7.69
N SER D 871 -12.42 -8.43 6.87
CA SER D 871 -13.07 -8.75 5.60
C SER D 871 -12.16 -9.56 4.69
N GLY D 872 -10.85 -9.28 4.70
CA GLY D 872 -9.93 -10.01 3.83
C GLY D 872 -9.76 -11.45 4.25
N TYR D 873 -9.61 -11.70 5.54
CA TYR D 873 -9.55 -13.09 6.02
C TYR D 873 -10.83 -13.83 5.69
N LEU D 874 -11.98 -13.17 5.86
CA LEU D 874 -13.25 -13.82 5.50
C LEU D 874 -13.28 -14.16 4.01
N THR D 875 -12.82 -13.24 3.16
CA THR D 875 -12.82 -13.52 1.73
C THR D 875 -11.91 -14.69 1.40
N ARG D 876 -10.74 -14.77 2.05
CA ARG D 876 -9.82 -15.86 1.75
C ARG D 876 -10.43 -17.21 2.14
N ARG D 877 -11.08 -17.27 3.31
CA ARG D 877 -11.73 -18.51 3.70
C ARG D 877 -12.85 -18.87 2.74
N LEU D 878 -13.63 -17.88 2.28
CA LEU D 878 -14.71 -18.16 1.35
C LEU D 878 -14.17 -18.70 0.03
N VAL D 879 -13.12 -18.06 -0.49
CA VAL D 879 -12.49 -18.53 -1.72
C VAL D 879 -12.04 -19.97 -1.57
N ASP D 880 -11.38 -20.29 -0.45
CA ASP D 880 -10.88 -21.65 -0.30
C ASP D 880 -12.00 -22.67 -0.16
N VAL D 881 -13.08 -22.30 0.52
CA VAL D 881 -14.15 -23.27 0.71
C VAL D 881 -14.90 -23.51 -0.60
N SER D 882 -14.96 -22.50 -1.47
CA SER D 882 -15.78 -22.63 -2.67
C SER D 882 -14.98 -22.85 -3.95
N GLN D 883 -13.64 -22.81 -3.88
CA GLN D 883 -12.83 -22.72 -5.09
C GLN D 883 -13.06 -23.89 -6.03
N ASP D 884 -13.30 -25.09 -5.48
CA ASP D 884 -13.45 -26.28 -6.31
C ASP D 884 -14.83 -26.37 -6.97
N VAL D 885 -15.73 -25.42 -6.70
CA VAL D 885 -17.09 -25.42 -7.28
C VAL D 885 -17.03 -24.90 -8.72
N ILE D 886 -17.48 -25.71 -9.66
CA ILE D 886 -17.56 -25.31 -11.07
C ILE D 886 -18.85 -25.84 -11.67
N VAL D 887 -19.21 -25.27 -12.83
CA VAL D 887 -20.37 -25.75 -13.58
C VAL D 887 -19.94 -26.95 -14.40
N ARG D 888 -20.57 -28.10 -14.15
CA ARG D 888 -20.13 -29.34 -14.78
C ARG D 888 -20.99 -29.74 -15.98
N GLU D 889 -22.30 -29.56 -15.88
CA GLU D 889 -23.22 -29.94 -16.94
C GLU D 889 -24.21 -28.81 -17.19
N HIS D 890 -24.93 -28.90 -18.31
CA HIS D 890 -25.87 -27.85 -18.67
C HIS D 890 -27.11 -27.87 -17.77
N ASP D 891 -27.62 -29.06 -17.46
CA ASP D 891 -28.89 -29.17 -16.74
C ASP D 891 -28.95 -30.51 -16.04
N CYS D 892 -29.27 -30.49 -14.75
CA CYS D 892 -29.55 -31.71 -14.00
C CYS D 892 -31.00 -32.14 -14.12
N GLN D 893 -31.85 -31.30 -14.72
CA GLN D 893 -33.24 -31.59 -15.05
C GLN D 893 -34.16 -31.70 -13.84
N THR D 894 -33.67 -31.37 -12.64
CA THR D 894 -34.49 -31.54 -11.45
C THR D 894 -35.68 -30.58 -11.48
N GLU D 895 -36.71 -30.94 -10.71
CA GLU D 895 -37.86 -30.07 -10.50
C GLU D 895 -37.85 -29.42 -9.13
N ARG D 896 -36.81 -29.63 -8.33
CA ARG D 896 -36.68 -28.94 -7.07
C ARG D 896 -36.34 -27.47 -7.30
N GLY D 897 -36.68 -26.65 -6.33
CA GLY D 897 -36.45 -25.23 -6.42
C GLY D 897 -36.92 -24.56 -5.14
N ILE D 898 -36.90 -23.23 -5.16
CA ILE D 898 -37.35 -22.46 -4.00
C ILE D 898 -38.38 -21.44 -4.46
N VAL D 899 -39.28 -21.07 -3.56
CA VAL D 899 -40.38 -20.15 -3.88
C VAL D 899 -39.99 -18.75 -3.42
N VAL D 900 -40.18 -17.77 -4.31
CA VAL D 900 -39.77 -16.39 -4.08
C VAL D 900 -41.00 -15.49 -4.15
N GLU D 901 -41.08 -14.55 -3.21
CA GLU D 901 -42.14 -13.55 -3.19
C GLU D 901 -41.87 -12.45 -4.19
N LEU D 902 -42.93 -11.96 -4.82
CA LEU D 902 -42.86 -10.79 -5.69
C LEU D 902 -43.77 -9.65 -5.27
N ALA D 903 -44.79 -9.90 -4.44
CA ALA D 903 -45.74 -8.87 -4.03
C ALA D 903 -46.42 -9.19 -2.70
N ASP D 908 -53.81 -1.94 1.59
CA ASP D 908 -53.83 -3.39 1.46
C ASP D 908 -54.42 -3.81 0.12
N GLY D 909 -55.30 -2.97 -0.42
CA GLY D 909 -56.04 -3.31 -1.62
C GLY D 909 -55.28 -3.15 -2.93
N THR D 910 -53.96 -3.38 -2.87
CA THR D 910 -53.14 -3.35 -4.07
C THR D 910 -51.85 -4.11 -3.80
N LEU D 911 -51.28 -4.68 -4.86
CA LEU D 911 -50.01 -5.36 -4.78
C LEU D 911 -48.88 -4.36 -4.55
N ILE D 912 -47.86 -4.78 -3.81
CA ILE D 912 -46.70 -3.95 -3.50
C ILE D 912 -45.45 -4.77 -3.76
N ARG D 913 -44.56 -4.25 -4.60
CA ARG D 913 -43.34 -4.97 -4.97
C ARG D 913 -42.57 -5.42 -3.74
N ASP D 914 -41.95 -6.59 -3.85
CA ASP D 914 -41.17 -7.11 -2.73
C ASP D 914 -39.80 -6.44 -2.69
N PRO D 915 -39.32 -6.07 -1.50
CA PRO D 915 -38.06 -5.30 -1.42
C PRO D 915 -36.87 -6.02 -2.01
N TYR D 916 -36.84 -7.36 -1.96
CA TYR D 916 -35.63 -8.11 -2.24
C TYR D 916 -35.72 -8.91 -3.54
N ILE D 917 -36.58 -8.48 -4.47
CA ILE D 917 -36.68 -9.14 -5.77
C ILE D 917 -35.36 -9.14 -6.50
N GLU D 918 -34.56 -8.08 -6.31
CA GLU D 918 -33.33 -7.92 -7.07
C GLU D 918 -32.31 -9.00 -6.76
N THR D 919 -32.32 -9.54 -5.54
CA THR D 919 -31.30 -10.49 -5.12
C THR D 919 -31.79 -11.94 -4.98
N SER D 920 -33.10 -12.18 -4.98
CA SER D 920 -33.57 -13.56 -4.88
C SER D 920 -34.42 -14.03 -6.05
N ALA D 921 -35.04 -13.13 -6.80
CA ALA D 921 -35.89 -13.53 -7.92
C ALA D 921 -35.29 -13.20 -9.27
N TYR D 922 -34.76 -11.99 -9.43
CA TYR D 922 -34.13 -11.60 -10.68
C TYR D 922 -32.88 -12.44 -10.93
N ALA D 923 -32.67 -12.79 -12.20
CA ALA D 923 -31.55 -13.58 -12.73
C ALA D 923 -31.71 -15.07 -12.47
N ARG D 924 -32.76 -15.49 -11.78
CA ARG D 924 -33.05 -16.91 -11.55
C ARG D 924 -33.61 -17.55 -12.81
N THR D 925 -33.64 -18.88 -12.81
CA THR D 925 -34.28 -19.65 -13.87
C THR D 925 -35.58 -20.21 -13.33
N LEU D 926 -36.69 -19.89 -14.01
CA LEU D 926 -38.01 -20.33 -13.55
C LEU D 926 -38.07 -21.85 -13.47
N GLY D 927 -38.56 -22.35 -12.34
CA GLY D 927 -38.79 -23.76 -12.21
C GLY D 927 -40.11 -24.16 -12.86
N THR D 928 -41.16 -23.39 -12.57
CA THR D 928 -42.51 -23.71 -13.02
C THR D 928 -43.09 -22.51 -13.74
N ASP D 929 -43.87 -22.78 -14.78
CA ASP D 929 -44.54 -21.71 -15.52
C ASP D 929 -45.32 -20.81 -14.59
N ALA D 930 -45.29 -19.51 -14.87
CA ALA D 930 -46.06 -18.54 -14.12
C ALA D 930 -47.34 -18.24 -14.89
N VAL D 931 -48.47 -18.68 -14.35
CA VAL D 931 -49.79 -18.40 -14.91
C VAL D 931 -50.64 -17.75 -13.83
N ASP D 932 -51.38 -16.72 -14.23
CA ASP D 932 -52.23 -15.96 -13.32
C ASP D 932 -53.57 -16.66 -13.13
N GLU D 933 -54.41 -16.07 -12.29
CA GLU D 933 -55.84 -16.37 -12.36
C GLU D 933 -56.35 -15.96 -13.73
N ALA D 934 -57.30 -16.74 -14.25
CA ALA D 934 -57.63 -16.73 -15.68
C ALA D 934 -56.37 -16.99 -16.51
N GLY D 935 -55.84 -18.21 -16.31
CA GLY D 935 -54.51 -18.61 -16.70
C GLY D 935 -53.93 -18.09 -18.00
N ASN D 936 -52.70 -17.59 -17.93
CA ASN D 936 -51.98 -17.11 -19.10
C ASN D 936 -50.51 -17.36 -18.83
N VAL D 937 -49.80 -17.96 -19.80
CA VAL D 937 -48.39 -18.25 -19.59
C VAL D 937 -47.63 -16.93 -19.68
N ILE D 938 -47.26 -16.39 -18.52
CA ILE D 938 -46.55 -15.13 -18.47
C ILE D 938 -45.08 -15.35 -18.78
N VAL D 939 -44.45 -16.29 -18.10
CA VAL D 939 -43.07 -16.69 -18.37
C VAL D 939 -42.99 -18.21 -18.27
N GLU D 940 -42.35 -18.84 -19.27
CA GLU D 940 -42.29 -20.28 -19.34
C GLU D 940 -41.19 -20.84 -18.43
N ARG D 941 -41.36 -22.11 -18.05
CA ARG D 941 -40.36 -22.81 -17.27
C ARG D 941 -38.99 -22.72 -17.94
N GLY D 942 -37.99 -22.30 -17.17
CA GLY D 942 -36.65 -22.21 -17.70
C GLY D 942 -36.36 -20.95 -18.49
N GLN D 943 -36.82 -19.80 -18.01
CA GLN D 943 -36.51 -18.53 -18.64
C GLN D 943 -35.63 -17.70 -17.71
N ASP D 944 -35.07 -16.64 -18.27
CA ASP D 944 -34.02 -15.87 -17.59
C ASP D 944 -34.52 -15.13 -16.36
N LEU D 945 -35.82 -14.82 -16.29
CA LEU D 945 -36.34 -13.96 -15.23
C LEU D 945 -35.61 -12.62 -15.20
N GLY D 946 -35.38 -12.04 -16.37
CA GLY D 946 -34.79 -10.73 -16.47
C GLY D 946 -35.77 -9.63 -16.10
N ASP D 947 -35.33 -8.39 -16.30
CA ASP D 947 -36.21 -7.25 -16.02
C ASP D 947 -37.50 -7.29 -16.82
N PRO D 948 -37.51 -7.54 -18.13
CA PRO D 948 -38.80 -7.66 -18.83
C PRO D 948 -39.67 -8.74 -18.23
N GLU D 949 -39.08 -9.89 -17.90
CA GLU D 949 -39.85 -10.99 -17.34
C GLU D 949 -40.43 -10.64 -15.98
N ILE D 950 -39.65 -9.99 -15.11
CA ILE D 950 -40.15 -9.60 -13.79
C ILE D 950 -41.25 -8.56 -13.91
N ASP D 951 -41.11 -7.64 -14.87
CA ASP D 951 -42.15 -6.66 -15.11
C ASP D 951 -43.44 -7.34 -15.55
N ALA D 952 -43.37 -8.19 -16.57
CA ALA D 952 -44.55 -8.92 -17.04
C ALA D 952 -45.16 -9.76 -15.93
N LEU D 953 -44.33 -10.34 -15.07
CA LEU D 953 -44.83 -11.11 -13.94
C LEU D 953 -45.65 -10.25 -12.99
N LEU D 954 -45.06 -9.12 -12.55
CA LEU D 954 -45.77 -8.23 -11.63
C LEU D 954 -47.05 -7.71 -12.25
N ALA D 955 -47.01 -7.33 -13.53
CA ALA D 955 -48.17 -6.74 -14.20
C ALA D 955 -49.34 -7.72 -14.28
N ALA D 956 -49.06 -9.00 -14.48
CA ALA D 956 -50.11 -10.00 -14.55
C ALA D 956 -50.58 -10.47 -13.18
N GLY D 957 -50.00 -9.96 -12.09
CA GLY D 957 -50.49 -10.26 -10.76
C GLY D 957 -49.82 -11.41 -10.04
N ILE D 958 -48.75 -11.99 -10.61
CA ILE D 958 -48.07 -13.11 -9.97
C ILE D 958 -47.31 -12.61 -8.75
N THR D 959 -47.60 -13.18 -7.58
CA THR D 959 -46.96 -12.75 -6.34
C THR D 959 -45.94 -13.75 -5.82
N GLN D 960 -45.81 -14.90 -6.46
CA GLN D 960 -44.83 -15.91 -6.08
C GLN D 960 -44.35 -16.62 -7.35
N VAL D 961 -43.10 -17.07 -7.33
CA VAL D 961 -42.56 -17.87 -8.42
C VAL D 961 -41.65 -18.93 -7.86
N LYS D 962 -41.63 -20.10 -8.51
CA LYS D 962 -40.70 -21.16 -8.15
C LYS D 962 -39.51 -21.09 -9.10
N VAL D 963 -38.32 -20.97 -8.53
CA VAL D 963 -37.10 -20.77 -9.30
C VAL D 963 -36.11 -21.87 -8.96
N ARG D 964 -35.29 -22.23 -9.96
CA ARG D 964 -34.19 -23.13 -9.68
C ARG D 964 -33.14 -22.42 -8.84
N SER D 965 -32.46 -23.21 -8.00
CA SER D 965 -31.42 -22.64 -7.15
C SER D 965 -30.25 -23.61 -7.04
N VAL D 966 -29.10 -23.05 -6.66
CA VAL D 966 -27.92 -23.86 -6.39
C VAL D 966 -28.18 -24.75 -5.18
N LEU D 967 -29.03 -24.31 -4.25
CA LEU D 967 -29.38 -25.14 -3.11
C LEU D 967 -30.00 -26.46 -3.56
N THR D 968 -30.92 -26.39 -4.52
CA THR D 968 -31.70 -27.53 -4.96
C THR D 968 -31.09 -28.26 -6.14
N CYS D 969 -29.88 -27.90 -6.55
CA CYS D 969 -29.26 -28.54 -7.71
C CYS D 969 -28.85 -29.96 -7.38
N ALA D 970 -29.11 -30.87 -8.32
CA ALA D 970 -28.88 -32.29 -8.12
C ALA D 970 -27.55 -32.76 -8.69
N THR D 971 -26.73 -31.86 -9.24
CA THR D 971 -25.48 -32.27 -9.85
C THR D 971 -24.54 -32.85 -8.80
N SER D 972 -23.89 -33.96 -9.16
CA SER D 972 -22.99 -34.68 -8.27
C SER D 972 -21.99 -33.74 -7.62
N THR D 973 -21.10 -33.16 -8.43
CA THR D 973 -20.07 -32.26 -7.97
C THR D 973 -20.24 -30.93 -8.67
N GLY D 974 -20.24 -29.85 -7.90
CA GLY D 974 -20.55 -28.60 -8.54
C GLY D 974 -22.04 -28.49 -8.86
N VAL D 975 -22.33 -27.67 -9.86
CA VAL D 975 -23.70 -27.29 -10.18
C VAL D 975 -23.90 -27.38 -11.69
N CYS D 976 -25.16 -27.45 -12.09
CA CYS D 976 -25.52 -27.37 -13.49
C CYS D 976 -25.82 -25.93 -13.85
N ALA D 977 -25.67 -25.61 -15.13
CA ALA D 977 -25.86 -24.24 -15.59
C ALA D 977 -27.30 -23.79 -15.34
N THR D 978 -28.27 -24.62 -15.73
CA THR D 978 -29.67 -24.26 -15.62
C THR D 978 -30.03 -23.91 -14.18
N CYS D 979 -29.46 -24.62 -13.21
CA CYS D 979 -29.76 -24.31 -11.82
C CYS D 979 -29.09 -23.00 -11.40
N TYR D 980 -27.87 -22.74 -11.87
CA TYR D 980 -27.17 -21.52 -11.47
C TYR D 980 -27.91 -20.28 -11.96
N GLY D 981 -28.30 -20.27 -13.22
CA GLY D 981 -28.93 -19.12 -13.82
C GLY D 981 -28.01 -18.42 -14.80
N ARG D 982 -28.34 -17.18 -15.09
CA ARG D 982 -27.49 -16.40 -15.97
C ARG D 982 -26.16 -16.10 -15.29
N SER D 983 -25.12 -15.92 -16.11
CA SER D 983 -23.87 -15.35 -15.64
C SER D 983 -24.08 -13.87 -15.38
N MET D 984 -23.87 -13.44 -14.12
CA MET D 984 -24.10 -12.04 -13.78
C MET D 984 -23.24 -11.12 -14.63
N ALA D 985 -22.04 -11.58 -14.99
CA ALA D 985 -21.17 -10.78 -15.84
C ALA D 985 -21.73 -10.64 -17.25
N THR D 986 -22.06 -11.76 -17.90
CA THR D 986 -22.40 -11.71 -19.32
C THR D 986 -23.86 -11.34 -19.56
N GLY D 987 -24.76 -11.72 -18.66
CA GLY D 987 -26.18 -11.53 -18.88
C GLY D 987 -26.86 -12.68 -19.59
N LYS D 988 -26.12 -13.47 -20.35
CA LYS D 988 -26.60 -14.75 -20.86
C LYS D 988 -26.42 -15.83 -19.79
N LEU D 989 -27.03 -17.00 -20.03
CA LEU D 989 -26.91 -18.12 -19.12
C LEU D 989 -25.44 -18.53 -18.96
N VAL D 990 -25.10 -19.00 -17.75
CA VAL D 990 -23.71 -19.25 -17.41
C VAL D 990 -23.13 -20.31 -18.34
N ASP D 991 -21.91 -20.04 -18.84
CA ASP D 991 -21.20 -21.00 -19.66
C ASP D 991 -20.72 -22.17 -18.81
N ILE D 992 -20.28 -23.24 -19.48
CA ILE D 992 -20.08 -24.50 -18.78
C ILE D 992 -18.83 -24.46 -17.90
N GLY D 993 -17.71 -23.95 -18.42
CA GLY D 993 -16.50 -24.05 -17.63
C GLY D 993 -16.36 -23.10 -16.44
N GLU D 994 -17.41 -22.32 -16.15
CA GLU D 994 -17.28 -21.18 -15.25
C GLU D 994 -16.94 -21.63 -13.84
N ALA D 995 -16.07 -20.86 -13.18
CA ALA D 995 -15.65 -21.12 -11.80
C ALA D 995 -16.46 -20.21 -10.90
N VAL D 996 -17.72 -20.63 -10.66
CA VAL D 996 -18.67 -19.78 -9.96
C VAL D 996 -18.38 -19.66 -8.48
N GLY D 997 -17.61 -20.60 -7.91
CA GLY D 997 -17.24 -20.47 -6.51
C GLY D 997 -16.35 -19.28 -6.24
N ILE D 998 -15.32 -19.09 -7.05
CA ILE D 998 -14.46 -17.93 -6.84
C ILE D 998 -15.23 -16.65 -7.07
N VAL D 999 -16.08 -16.60 -8.10
CA VAL D 999 -16.87 -15.40 -8.32
C VAL D 999 -17.80 -15.14 -7.14
N ALA D 1000 -18.35 -16.20 -6.54
CA ALA D 1000 -19.26 -16.02 -5.42
C ALA D 1000 -18.53 -15.51 -4.19
N ALA D 1001 -17.36 -16.09 -3.91
CA ALA D 1001 -16.57 -15.62 -2.79
C ALA D 1001 -16.14 -14.17 -3.00
N GLN D 1002 -15.79 -13.81 -4.23
CA GLN D 1002 -15.40 -12.44 -4.51
C GLN D 1002 -16.58 -11.49 -4.38
N SER D 1003 -17.75 -11.91 -4.87
CA SER D 1003 -18.93 -11.07 -4.78
C SER D 1003 -19.38 -10.86 -3.35
N ILE D 1004 -19.11 -11.83 -2.47
CA ILE D 1004 -19.50 -11.65 -1.07
C ILE D 1004 -18.44 -10.85 -0.32
N GLY D 1005 -17.16 -11.04 -0.66
CA GLY D 1005 -16.12 -10.32 0.05
C GLY D 1005 -16.07 -8.85 -0.32
N GLU D 1006 -16.07 -8.54 -1.62
CA GLU D 1006 -15.81 -7.18 -2.11
C GLU D 1006 -16.48 -6.08 -1.32
N PRO D 1007 -17.76 -6.14 -0.98
CA PRO D 1007 -18.36 -5.06 -0.16
C PRO D 1007 -18.23 -5.25 1.34
N GLY D 1008 -17.48 -6.26 1.80
CA GLY D 1008 -17.41 -6.53 3.23
C GLY D 1008 -16.92 -5.35 4.04
N THR D 1009 -16.00 -4.56 3.48
CA THR D 1009 -15.48 -3.39 4.19
C THR D 1009 -16.58 -2.36 4.47
N GLN D 1010 -17.70 -2.39 3.76
CA GLN D 1010 -18.83 -1.51 4.04
C GLN D 1010 -19.57 -1.90 5.32
N LEU D 1011 -19.31 -3.08 5.87
CA LEU D 1011 -20.08 -3.60 7.00
C LEU D 1011 -19.53 -3.00 8.30
N THR D 1012 -20.33 -2.19 8.98
CA THR D 1012 -19.97 -1.60 10.27
C THR D 1012 -20.91 -2.11 11.36
N MET D 1013 -20.77 -1.55 12.55
CA MET D 1013 -21.63 -1.89 13.69
C MET D 1013 -22.74 -0.86 13.89
N GLY D 1027 -23.58 -9.21 15.02
CA GLY D 1027 -23.84 -7.84 14.59
C GLY D 1027 -23.80 -7.64 13.09
N GLY D 1028 -22.62 -7.33 12.57
CA GLY D 1028 -22.43 -7.14 11.14
C GLY D 1028 -21.54 -8.19 10.54
N LEU D 1029 -20.30 -7.82 10.24
CA LEU D 1029 -19.30 -8.81 9.86
C LEU D 1029 -19.09 -9.91 10.90
N PRO D 1030 -19.09 -9.62 12.21
CA PRO D 1030 -19.06 -10.73 13.18
C PRO D 1030 -20.17 -11.74 12.94
N ARG D 1031 -21.37 -11.28 12.60
CA ARG D 1031 -22.49 -12.19 12.42
C ARG D 1031 -22.38 -12.97 11.12
N VAL D 1032 -21.90 -12.33 10.05
CA VAL D 1032 -21.63 -13.06 8.82
C VAL D 1032 -20.63 -14.18 9.07
N GLN D 1033 -19.60 -13.90 9.86
CA GLN D 1033 -18.61 -14.92 10.18
C GLN D 1033 -19.23 -16.02 11.05
N GLU D 1034 -20.06 -15.63 12.02
CA GLU D 1034 -20.76 -16.61 12.87
C GLU D 1034 -21.60 -17.57 12.03
N LEU D 1035 -22.26 -17.06 11.01
CA LEU D 1035 -23.11 -17.91 10.17
C LEU D 1035 -22.27 -18.79 9.25
N PHE D 1036 -21.26 -18.23 8.61
CA PHE D 1036 -20.45 -19.00 7.66
C PHE D 1036 -19.55 -20.01 8.36
N GLU D 1037 -19.13 -19.73 9.59
CA GLU D 1037 -18.33 -20.69 10.34
C GLU D 1037 -19.19 -21.71 11.07
N ALA D 1038 -20.51 -21.60 10.98
CA ALA D 1038 -21.46 -22.58 11.52
C ALA D 1038 -21.22 -22.82 13.00
N ARG D 1039 -21.25 -21.76 13.78
CA ARG D 1039 -21.06 -21.86 15.22
C ARG D 1039 -22.39 -21.74 15.93
N VAL D 1040 -22.45 -22.29 17.14
CA VAL D 1040 -23.58 -22.07 18.03
C VAL D 1040 -23.56 -20.59 18.40
N PRO D 1041 -24.62 -19.85 18.13
CA PRO D 1041 -24.54 -18.38 18.21
C PRO D 1041 -24.61 -17.87 19.64
N ARG D 1042 -24.15 -16.64 19.80
CA ARG D 1042 -24.45 -15.88 21.00
C ARG D 1042 -25.94 -15.60 21.06
N GLY D 1043 -26.49 -15.63 22.27
CA GLY D 1043 -27.91 -15.43 22.42
C GLY D 1043 -28.69 -16.42 21.57
N LYS D 1044 -28.41 -17.71 21.76
CA LYS D 1044 -29.11 -18.75 21.02
C LYS D 1044 -30.60 -18.70 21.33
N ALA D 1045 -31.41 -18.54 20.30
CA ALA D 1045 -32.85 -18.63 20.47
C ALA D 1045 -33.29 -20.05 20.13
N PRO D 1046 -33.66 -20.87 21.11
CA PRO D 1046 -34.02 -22.26 20.82
C PRO D 1046 -35.28 -22.35 19.96
N ILE D 1047 -35.40 -23.47 19.27
CA ILE D 1047 -36.56 -23.71 18.43
C ILE D 1047 -37.33 -24.91 18.97
N ALA D 1048 -38.58 -25.02 18.51
CA ALA D 1048 -39.44 -26.14 18.90
C ALA D 1048 -38.92 -27.43 18.28
N ASP D 1049 -38.68 -28.43 19.13
CA ASP D 1049 -38.19 -29.70 18.63
C ASP D 1049 -39.30 -30.54 18.00
N VAL D 1050 -40.53 -30.41 18.51
CA VAL D 1050 -41.65 -31.21 18.03
C VAL D 1050 -42.94 -30.41 18.19
N THR D 1051 -43.93 -30.73 17.35
CA THR D 1051 -45.19 -29.98 17.32
C THR D 1051 -46.07 -30.33 18.50
N GLY D 1052 -46.57 -29.32 19.19
CA GLY D 1052 -47.38 -29.52 20.36
C GLY D 1052 -47.84 -28.24 21.03
N ARG D 1053 -48.08 -28.31 22.34
CA ARG D 1053 -48.51 -27.16 23.10
C ARG D 1053 -47.47 -26.82 24.17
N VAL D 1054 -47.29 -25.53 24.43
CA VAL D 1054 -46.20 -25.06 25.27
C VAL D 1054 -46.74 -24.67 26.64
N ARG D 1055 -45.95 -24.96 27.67
CA ARG D 1055 -46.16 -24.44 29.02
C ARG D 1055 -45.02 -23.49 29.34
N LEU D 1056 -45.38 -22.24 29.64
CA LEU D 1056 -44.43 -21.16 29.86
C LEU D 1056 -44.40 -20.84 31.36
N GLU D 1057 -43.35 -21.26 32.05
CA GLU D 1057 -43.22 -21.08 33.48
C GLU D 1057 -42.38 -19.84 33.76
N ASP D 1058 -43.01 -18.86 34.44
CA ASP D 1058 -42.39 -17.58 34.77
C ASP D 1058 -41.62 -17.72 36.07
N GLY D 1059 -40.29 -17.66 35.99
CA GLY D 1059 -39.44 -17.55 37.16
C GLY D 1059 -39.12 -16.10 37.46
N GLU D 1060 -37.89 -15.87 37.90
CA GLU D 1060 -37.34 -14.52 38.05
C GLU D 1060 -35.96 -14.56 37.38
N ARG D 1061 -35.88 -13.99 36.19
CA ARG D 1061 -34.74 -14.05 35.27
C ARG D 1061 -34.54 -15.43 34.66
N PHE D 1062 -35.42 -16.39 34.93
CA PHE D 1062 -35.33 -17.74 34.36
C PHE D 1062 -36.66 -18.10 33.74
N TYR D 1063 -36.66 -18.31 32.42
CA TYR D 1063 -37.83 -18.81 31.70
C TYR D 1063 -37.77 -20.33 31.64
N LYS D 1064 -38.93 -20.99 31.82
CA LYS D 1064 -39.02 -22.44 31.67
C LYS D 1064 -40.04 -22.80 30.60
N ILE D 1065 -39.55 -23.18 29.42
CA ILE D 1065 -40.40 -23.62 28.33
C ILE D 1065 -40.51 -25.14 28.35
N THR D 1066 -41.73 -25.65 28.24
CA THR D 1066 -41.94 -27.07 28.07
C THR D 1066 -42.90 -27.28 26.90
N ILE D 1067 -42.75 -28.40 26.20
CA ILE D 1067 -43.57 -28.68 25.02
C ILE D 1067 -44.13 -30.09 25.15
N VAL D 1068 -45.46 -30.20 25.16
CA VAL D 1068 -46.14 -31.49 25.10
C VAL D 1068 -46.40 -31.80 23.63
N PRO D 1069 -45.87 -32.90 23.10
CA PRO D 1069 -46.07 -33.21 21.67
C PRO D 1069 -47.51 -33.51 21.35
N ASP D 1070 -47.86 -33.31 20.08
CA ASP D 1070 -49.18 -33.69 19.60
C ASP D 1070 -49.29 -35.21 19.46
N ASP D 1071 -48.19 -35.88 19.11
CA ASP D 1071 -48.15 -37.34 19.09
C ASP D 1071 -48.17 -37.94 20.49
N GLY D 1072 -48.28 -37.13 21.54
CA GLY D 1072 -48.22 -37.65 22.89
C GLY D 1072 -46.86 -38.20 23.29
N GLY D 1073 -45.83 -38.02 22.45
CA GLY D 1073 -44.50 -38.49 22.78
C GLY D 1073 -43.94 -37.82 24.02
N GLU D 1074 -42.70 -38.16 24.39
CA GLU D 1074 -42.10 -37.60 25.58
C GLU D 1074 -41.95 -36.09 25.42
N GLU D 1075 -42.34 -35.34 26.46
CA GLU D 1075 -42.41 -33.90 26.34
C GLU D 1075 -41.03 -33.28 26.48
N VAL D 1076 -40.75 -32.29 25.61
CA VAL D 1076 -39.43 -31.67 25.51
C VAL D 1076 -39.29 -30.59 26.56
N VAL D 1077 -38.08 -30.46 27.10
CA VAL D 1077 -37.78 -29.47 28.13
C VAL D 1077 -36.64 -28.59 27.64
N TYR D 1078 -36.89 -27.29 27.58
CA TYR D 1078 -35.85 -26.30 27.36
C TYR D 1078 -35.55 -25.65 28.70
N ASP D 1079 -34.30 -25.79 29.15
CA ASP D 1079 -34.00 -25.78 30.58
C ASP D 1079 -34.18 -24.40 31.20
N LYS D 1080 -33.39 -23.42 30.77
CA LYS D 1080 -33.44 -22.11 31.40
C LYS D 1080 -33.03 -21.06 30.38
N ILE D 1081 -33.80 -19.98 30.33
CA ILE D 1081 -33.50 -18.84 29.47
C ILE D 1081 -33.58 -17.58 30.30
N SER D 1082 -32.57 -16.73 30.19
CA SER D 1082 -32.54 -15.50 30.96
C SER D 1082 -33.65 -14.55 30.51
N LYS D 1083 -34.17 -13.79 31.47
CA LYS D 1083 -35.13 -12.74 31.14
C LYS D 1083 -34.54 -11.72 30.16
N ARG D 1084 -33.21 -11.71 29.99
CA ARG D 1084 -32.59 -10.88 28.97
C ARG D 1084 -33.10 -11.22 27.58
N GLN D 1085 -33.52 -12.46 27.36
CA GLN D 1085 -34.07 -12.88 26.07
C GLN D 1085 -35.56 -12.54 26.02
N ARG D 1086 -35.94 -11.63 25.12
CA ARG D 1086 -37.34 -11.31 24.91
C ARG D 1086 -38.03 -12.45 24.16
N LEU D 1087 -39.25 -12.77 24.57
CA LEU D 1087 -39.98 -13.86 23.95
C LEU D 1087 -40.30 -13.53 22.50
N ARG D 1088 -40.40 -14.58 21.69
CA ARG D 1088 -40.54 -14.44 20.25
C ARG D 1088 -41.97 -14.07 19.89
N VAL D 1089 -42.15 -12.89 19.29
CA VAL D 1089 -43.41 -12.54 18.65
C VAL D 1089 -43.33 -13.08 17.22
N PHE D 1090 -44.20 -14.03 16.91
CA PHE D 1090 -44.09 -14.76 15.64
C PHE D 1090 -45.44 -14.79 14.93
N LYS D 1091 -45.39 -15.22 13.67
CA LYS D 1091 -46.58 -15.29 12.84
C LYS D 1091 -47.71 -16.05 13.52
N HIS D 1092 -47.36 -17.05 14.31
CA HIS D 1092 -48.30 -17.75 15.19
C HIS D 1092 -49.48 -18.32 14.39
N GLU D 1093 -49.17 -19.28 13.53
CA GLU D 1093 -50.21 -19.98 12.80
C GLU D 1093 -51.16 -20.66 13.78
N ASP D 1094 -52.29 -21.15 13.23
CA ASP D 1094 -53.42 -21.65 14.02
C ASP D 1094 -54.03 -20.51 14.84
N GLY D 1095 -54.04 -19.30 14.28
CA GLY D 1095 -54.56 -18.14 14.99
C GLY D 1095 -54.02 -16.79 14.51
N SER D 1096 -53.65 -15.93 15.47
CA SER D 1096 -53.32 -14.54 15.22
C SER D 1096 -51.81 -14.34 15.09
N GLU D 1097 -51.38 -13.09 15.11
CA GLU D 1097 -49.96 -12.72 15.17
C GLU D 1097 -49.71 -12.06 16.53
N ARG D 1098 -48.90 -12.70 17.37
CA ARG D 1098 -48.70 -12.20 18.73
C ARG D 1098 -47.48 -12.88 19.35
N VAL D 1099 -47.06 -12.34 20.50
CA VAL D 1099 -45.94 -12.92 21.25
C VAL D 1099 -46.36 -14.25 21.86
N LEU D 1100 -45.36 -15.02 22.29
CA LEU D 1100 -45.61 -16.34 22.83
C LEU D 1100 -46.09 -16.25 24.27
N SER D 1101 -47.25 -16.84 24.55
CA SER D 1101 -47.78 -16.96 25.90
C SER D 1101 -47.92 -18.43 26.25
N ASP D 1102 -48.10 -18.70 27.54
CA ASP D 1102 -48.33 -20.08 27.97
C ASP D 1102 -49.56 -20.65 27.29
N GLY D 1103 -49.49 -21.94 26.98
CA GLY D 1103 -50.59 -22.64 26.35
C GLY D 1103 -50.65 -22.55 24.84
N ASP D 1104 -49.79 -21.76 24.21
CA ASP D 1104 -49.83 -21.58 22.77
C ASP D 1104 -49.42 -22.85 22.04
N HIS D 1105 -49.91 -22.99 20.81
CA HIS D 1105 -49.63 -24.18 19.99
C HIS D 1105 -48.50 -23.86 19.02
N VAL D 1106 -47.47 -24.71 19.04
CA VAL D 1106 -46.23 -24.46 18.33
C VAL D 1106 -46.01 -25.57 17.32
N GLU D 1107 -45.59 -25.18 16.10
CA GLU D 1107 -45.31 -26.15 15.05
C GLU D 1107 -43.92 -26.74 15.23
N VAL D 1108 -43.48 -27.55 14.28
CA VAL D 1108 -42.23 -28.27 14.42
C VAL D 1108 -41.02 -27.36 14.22
N GLY D 1109 -41.18 -26.26 13.50
CA GLY D 1109 -40.03 -25.42 13.20
C GLY D 1109 -40.01 -24.09 13.91
N GLN D 1110 -41.07 -23.75 14.63
CA GLN D 1110 -41.20 -22.40 15.18
C GLN D 1110 -40.08 -22.09 16.16
N GLN D 1111 -39.69 -20.82 16.17
CA GLN D 1111 -38.66 -20.32 17.06
C GLN D 1111 -39.30 -19.78 18.33
N LEU D 1112 -38.75 -20.15 19.48
CA LEU D 1112 -39.39 -19.89 20.75
C LEU D 1112 -39.01 -18.54 21.35
N MET D 1113 -37.74 -18.19 21.29
CA MET D 1113 -37.25 -16.92 21.81
C MET D 1113 -36.82 -16.01 20.66
N GLU D 1114 -36.76 -14.72 20.96
CA GLU D 1114 -36.22 -13.77 20.00
C GLU D 1114 -34.70 -13.79 20.07
N GLY D 1115 -34.06 -13.73 18.91
CA GLY D 1115 -32.62 -13.81 18.85
C GLY D 1115 -32.14 -14.60 17.66
N SER D 1116 -31.04 -15.34 17.81
CA SER D 1116 -30.48 -16.11 16.71
C SER D 1116 -30.56 -17.60 17.03
N ALA D 1117 -31.02 -18.37 16.06
CA ALA D 1117 -31.24 -19.79 16.21
C ALA D 1117 -30.04 -20.58 15.70
N ASP D 1118 -29.67 -21.60 16.46
CA ASP D 1118 -28.58 -22.48 16.07
C ASP D 1118 -28.93 -23.23 14.80
N PRO D 1119 -28.08 -23.19 13.77
CA PRO D 1119 -28.40 -23.89 12.51
C PRO D 1119 -28.15 -25.38 12.55
N HIS D 1120 -27.32 -25.89 13.46
CA HIS D 1120 -27.27 -27.34 13.66
C HIS D 1120 -28.62 -27.84 14.17
N GLU D 1121 -29.22 -27.07 15.08
CA GLU D 1121 -30.55 -27.39 15.58
C GLU D 1121 -31.56 -27.43 14.43
N VAL D 1122 -31.62 -26.35 13.64
CA VAL D 1122 -32.53 -26.32 12.50
C VAL D 1122 -32.19 -27.40 11.49
N LEU D 1123 -30.94 -27.87 11.48
CA LEU D 1123 -30.57 -28.97 10.60
C LEU D 1123 -31.19 -30.28 11.05
N ARG D 1124 -31.02 -30.61 12.34
CA ARG D 1124 -31.56 -31.86 12.83
C ARG D 1124 -33.07 -31.84 13.01
N VAL D 1125 -33.69 -30.66 12.96
CA VAL D 1125 -35.13 -30.58 13.11
C VAL D 1125 -35.82 -30.48 11.75
N GLN D 1126 -35.50 -29.44 10.98
CA GLN D 1126 -36.25 -29.14 9.76
C GLN D 1126 -35.55 -29.64 8.49
N GLY D 1127 -34.37 -30.23 8.59
CA GLY D 1127 -33.71 -30.82 7.45
C GLY D 1127 -32.79 -29.89 6.69
N PRO D 1128 -31.86 -30.48 5.92
CA PRO D 1128 -30.84 -29.67 5.24
C PRO D 1128 -31.39 -28.60 4.32
N ARG D 1129 -32.42 -28.93 3.53
CA ARG D 1129 -32.99 -27.95 2.62
C ARG D 1129 -33.48 -26.72 3.37
N GLU D 1130 -33.89 -26.91 4.62
CA GLU D 1130 -34.36 -25.77 5.40
C GLU D 1130 -33.19 -24.97 5.99
N VAL D 1131 -32.13 -25.67 6.40
CA VAL D 1131 -30.94 -24.97 6.90
C VAL D 1131 -30.39 -24.04 5.85
N GLN D 1132 -30.34 -24.50 4.60
CA GLN D 1132 -29.76 -23.67 3.56
C GLN D 1132 -30.56 -22.38 3.37
N ILE D 1133 -31.89 -22.49 3.35
CA ILE D 1133 -32.75 -21.31 3.32
C ILE D 1133 -32.43 -20.40 4.50
N HIS D 1134 -32.38 -20.98 5.70
CA HIS D 1134 -32.14 -20.23 6.93
C HIS D 1134 -30.85 -19.42 6.84
N LEU D 1135 -29.77 -20.06 6.42
CA LEU D 1135 -28.46 -19.41 6.41
C LEU D 1135 -28.38 -18.33 5.34
N VAL D 1136 -28.83 -18.65 4.12
CA VAL D 1136 -28.83 -17.64 3.07
C VAL D 1136 -29.60 -16.40 3.52
N ARG D 1137 -30.74 -16.60 4.16
CA ARG D 1137 -31.54 -15.44 4.54
C ARG D 1137 -30.90 -14.65 5.68
N GLU D 1138 -30.29 -15.33 6.66
CA GLU D 1138 -29.68 -14.59 7.77
C GLU D 1138 -28.46 -13.80 7.30
N VAL D 1139 -27.63 -14.40 6.46
CA VAL D 1139 -26.48 -13.69 5.91
C VAL D 1139 -26.95 -12.52 5.06
N GLN D 1140 -27.87 -12.79 4.13
CA GLN D 1140 -28.41 -11.75 3.27
C GLN D 1140 -29.02 -10.62 4.10
N GLU D 1141 -29.59 -10.94 5.26
CA GLU D 1141 -30.17 -9.92 6.10
C GLU D 1141 -29.09 -9.02 6.69
N VAL D 1142 -27.99 -9.62 7.14
CA VAL D 1142 -26.88 -8.79 7.64
C VAL D 1142 -26.38 -7.84 6.56
N TYR D 1143 -26.21 -8.34 5.33
CA TYR D 1143 -25.77 -7.45 4.26
C TYR D 1143 -26.85 -6.43 3.87
N ARG D 1144 -28.11 -6.77 4.07
CA ARG D 1144 -29.19 -5.83 3.78
C ARG D 1144 -29.16 -4.64 4.73
N ALA D 1145 -28.97 -4.90 6.03
CA ALA D 1145 -28.98 -3.80 6.99
C ALA D 1145 -27.89 -2.76 6.72
N GLN D 1146 -26.91 -3.09 5.87
CA GLN D 1146 -25.91 -2.13 5.42
C GLN D 1146 -26.06 -1.80 3.94
N GLY D 1147 -27.27 -1.94 3.41
CA GLY D 1147 -27.56 -1.50 2.05
C GLY D 1147 -26.74 -2.15 0.97
N VAL D 1148 -26.31 -3.39 1.17
CA VAL D 1148 -25.41 -4.07 0.25
C VAL D 1148 -26.17 -5.12 -0.54
N SER D 1149 -26.08 -5.05 -1.87
CA SER D 1149 -26.74 -5.98 -2.77
C SER D 1149 -25.82 -7.14 -3.10
N ILE D 1150 -26.05 -8.29 -2.47
CA ILE D 1150 -25.43 -9.54 -2.89
C ILE D 1150 -26.55 -10.44 -3.40
N HIS D 1151 -26.43 -10.91 -4.63
CA HIS D 1151 -27.43 -11.84 -5.13
C HIS D 1151 -27.40 -13.13 -4.33
N ASP D 1152 -28.55 -13.79 -4.25
CA ASP D 1152 -28.65 -14.97 -3.40
C ASP D 1152 -27.82 -16.12 -3.94
N LYS D 1153 -27.66 -16.23 -5.26
CA LYS D 1153 -26.96 -17.39 -5.82
C LYS D 1153 -25.52 -17.49 -5.31
N HIS D 1154 -24.87 -16.35 -5.02
CA HIS D 1154 -23.52 -16.42 -4.47
C HIS D 1154 -23.53 -17.04 -3.08
N ILE D 1155 -24.39 -16.51 -2.20
CA ILE D 1155 -24.48 -17.04 -0.84
C ILE D 1155 -24.92 -18.50 -0.86
N GLU D 1156 -25.72 -18.89 -1.85
CA GLU D 1156 -26.11 -20.29 -1.98
C GLU D 1156 -24.93 -21.14 -2.39
N VAL D 1157 -24.13 -20.66 -3.35
CA VAL D 1157 -22.92 -21.39 -3.74
C VAL D 1157 -22.05 -21.64 -2.52
N ILE D 1158 -21.97 -20.68 -1.61
CA ILE D 1158 -21.16 -20.89 -0.41
C ILE D 1158 -21.83 -21.90 0.52
N VAL D 1159 -23.09 -21.67 0.87
CA VAL D 1159 -23.77 -22.52 1.86
C VAL D 1159 -23.78 -23.97 1.42
N ARG D 1160 -24.03 -24.22 0.13
CA ARG D 1160 -24.03 -25.57 -0.41
C ARG D 1160 -22.80 -26.36 0.04
N GLN D 1161 -21.64 -25.69 0.09
CA GLN D 1161 -20.42 -26.38 0.48
C GLN D 1161 -20.37 -26.73 1.97
N MET D 1162 -21.28 -26.19 2.79
CA MET D 1162 -21.26 -26.56 4.18
C MET D 1162 -22.02 -27.86 4.45
N LEU D 1163 -22.94 -28.24 3.57
CA LEU D 1163 -23.85 -29.36 3.77
C LEU D 1163 -23.53 -30.53 2.85
N ARG D 1164 -22.25 -30.84 2.66
CA ARG D 1164 -21.87 -31.91 1.75
C ARG D 1164 -21.47 -33.19 2.46
N ARG D 1165 -21.37 -33.18 3.79
CA ARG D 1165 -20.93 -34.36 4.52
C ARG D 1165 -22.04 -34.87 5.43
N VAL D 1166 -21.75 -36.00 6.09
CA VAL D 1166 -22.63 -36.61 7.06
C VAL D 1166 -21.79 -37.20 8.18
N THR D 1167 -22.16 -36.93 9.43
CA THR D 1167 -21.57 -37.64 10.54
C THR D 1167 -22.06 -39.09 10.54
N ILE D 1168 -21.26 -39.98 11.10
CA ILE D 1168 -21.58 -41.41 11.11
C ILE D 1168 -21.92 -41.82 12.54
N ILE D 1169 -23.14 -42.28 12.72
CA ILE D 1169 -23.61 -42.71 14.04
C ILE D 1169 -23.27 -44.17 14.31
N ASP D 1170 -23.45 -45.04 13.32
CA ASP D 1170 -23.05 -46.44 13.42
C ASP D 1170 -22.63 -46.93 12.04
N SER D 1171 -21.49 -47.62 11.99
CA SER D 1171 -20.99 -48.20 10.75
C SER D 1171 -21.37 -49.67 10.74
N GLY D 1172 -22.54 -49.95 10.17
CA GLY D 1172 -23.10 -51.30 10.15
C GLY D 1172 -22.15 -52.34 9.62
N SER D 1173 -21.79 -52.24 8.34
CA SER D 1173 -20.87 -53.18 7.70
C SER D 1173 -19.66 -52.48 7.10
N THR D 1174 -19.61 -51.16 7.12
CA THR D 1174 -18.61 -50.41 6.38
C THR D 1174 -17.32 -50.24 7.18
N GLU D 1175 -16.31 -49.72 6.50
CA GLU D 1175 -15.01 -49.42 7.09
C GLU D 1175 -14.96 -48.04 7.75
N PHE D 1176 -16.11 -47.36 7.85
CA PHE D 1176 -16.15 -45.99 8.34
C PHE D 1176 -16.10 -45.94 9.86
N LEU D 1177 -15.33 -45.00 10.39
CA LEU D 1177 -15.31 -44.80 11.83
C LEU D 1177 -16.59 -44.12 12.29
N PRO D 1178 -17.06 -44.42 13.50
CA PRO D 1178 -18.25 -43.72 14.01
C PRO D 1178 -17.92 -42.29 14.39
N GLY D 1179 -18.75 -41.35 13.93
CA GLY D 1179 -18.54 -39.94 14.18
C GLY D 1179 -17.72 -39.20 13.14
N SER D 1180 -16.96 -39.91 12.31
CA SER D 1180 -16.18 -39.25 11.27
C SER D 1180 -17.09 -38.68 10.20
N LEU D 1181 -16.70 -37.52 9.65
CA LEU D 1181 -17.50 -36.83 8.64
C LEU D 1181 -17.07 -37.30 7.26
N ILE D 1182 -18.04 -37.70 6.44
CA ILE D 1182 -17.79 -38.31 5.15
C ILE D 1182 -18.61 -37.59 4.09
N ASP D 1183 -17.98 -37.27 2.97
CA ASP D 1183 -18.68 -36.72 1.81
C ASP D 1183 -19.90 -37.57 1.50
N ARG D 1184 -21.02 -36.91 1.20
CA ARG D 1184 -22.27 -37.64 1.00
C ARG D 1184 -22.17 -38.59 -0.18
N ALA D 1185 -21.54 -38.16 -1.27
CA ALA D 1185 -21.33 -39.05 -2.40
C ALA D 1185 -20.42 -40.21 -2.01
N GLU D 1186 -19.37 -39.93 -1.25
CA GLU D 1186 -18.48 -40.97 -0.75
C GLU D 1186 -19.25 -41.97 0.12
N PHE D 1187 -19.97 -41.45 1.13
CA PHE D 1187 -20.77 -42.29 2.01
C PHE D 1187 -21.71 -43.19 1.23
N GLU D 1188 -22.52 -42.60 0.34
CA GLU D 1188 -23.54 -43.37 -0.37
C GLU D 1188 -22.92 -44.37 -1.36
N ALA D 1189 -21.94 -43.92 -2.15
CA ALA D 1189 -21.34 -44.79 -3.16
C ALA D 1189 -20.48 -45.89 -2.54
N GLU D 1190 -20.00 -45.71 -1.31
CA GLU D 1190 -19.34 -46.81 -0.62
C GLU D 1190 -20.34 -47.74 0.04
N ASN D 1191 -21.47 -47.19 0.53
CA ASN D 1191 -22.53 -48.04 1.05
C ASN D 1191 -23.06 -48.98 -0.01
N ARG D 1192 -23.23 -48.50 -1.25
CA ARG D 1192 -23.88 -49.32 -2.27
C ARG D 1192 -23.07 -50.57 -2.61
N ARG D 1193 -21.74 -50.50 -2.57
CA ARG D 1193 -20.90 -51.64 -2.86
C ARG D 1193 -20.45 -52.38 -1.60
N VAL D 1194 -21.16 -52.18 -0.49
CA VAL D 1194 -21.01 -53.03 0.68
C VAL D 1194 -22.23 -53.93 0.90
N VAL D 1195 -23.40 -53.56 0.35
CA VAL D 1195 -24.58 -54.41 0.52
C VAL D 1195 -24.43 -55.70 -0.28
N ALA D 1196 -23.87 -55.62 -1.47
CA ALA D 1196 -23.74 -56.80 -2.34
C ALA D 1196 -22.67 -57.77 -1.84
N ALA D 1202 -23.29 -47.61 8.55
CA ALA D 1202 -24.00 -46.99 7.45
C ALA D 1202 -25.02 -45.99 7.96
N ALA D 1203 -24.96 -45.71 9.27
CA ALA D 1203 -25.88 -44.78 9.92
C ALA D 1203 -25.30 -43.37 9.82
N GLY D 1204 -25.77 -42.60 8.84
CA GLY D 1204 -25.25 -41.27 8.60
C GLY D 1204 -26.27 -40.15 8.68
N ARG D 1205 -26.00 -39.17 9.55
CA ARG D 1205 -26.87 -38.01 9.72
C ARG D 1205 -26.22 -36.77 9.12
N PRO D 1206 -26.97 -35.99 8.34
CA PRO D 1206 -26.40 -34.77 7.76
C PRO D 1206 -25.73 -33.89 8.81
N VAL D 1207 -24.58 -33.33 8.44
CA VAL D 1207 -23.83 -32.48 9.34
C VAL D 1207 -23.57 -31.15 8.65
N LEU D 1208 -23.70 -30.07 9.40
CA LEU D 1208 -23.35 -28.73 8.94
C LEU D 1208 -21.99 -28.38 9.52
N MET D 1209 -21.04 -28.06 8.66
CA MET D 1209 -19.73 -27.60 9.11
C MET D 1209 -19.43 -26.21 8.58
N GLY D 1210 -18.63 -25.47 9.34
CA GLY D 1210 -18.20 -24.15 8.92
C GLY D 1210 -17.26 -24.22 7.75
N ILE D 1211 -16.96 -23.04 7.18
CA ILE D 1211 -16.16 -23.03 5.96
C ILE D 1211 -14.70 -23.40 6.25
N THR D 1212 -14.13 -22.89 7.36
CA THR D 1212 -12.74 -23.22 7.65
C THR D 1212 -12.56 -24.73 7.84
N LYS D 1213 -13.51 -25.35 8.56
CA LYS D 1213 -13.41 -26.78 8.86
C LYS D 1213 -13.74 -27.62 7.63
N ALA D 1214 -14.72 -27.20 6.83
CA ALA D 1214 -14.96 -27.85 5.56
C ALA D 1214 -13.74 -27.78 4.65
N SER D 1215 -12.93 -26.72 4.79
CA SER D 1215 -11.77 -26.52 3.94
C SER D 1215 -10.60 -27.40 4.38
N LEU D 1216 -10.24 -27.37 5.66
CA LEU D 1216 -9.14 -28.19 6.15
C LEU D 1216 -9.40 -29.69 6.01
N ALA D 1217 -10.62 -30.10 5.70
CA ALA D 1217 -10.97 -31.52 5.63
C ALA D 1217 -11.14 -32.02 4.19
N THR D 1218 -10.42 -31.40 3.25
CA THR D 1218 -10.58 -31.75 1.85
C THR D 1218 -9.78 -32.99 1.51
N ASP D 1219 -10.13 -33.61 0.38
CA ASP D 1219 -9.38 -34.75 -0.14
C ASP D 1219 -8.02 -34.36 -0.69
N SER D 1220 -7.74 -33.07 -0.84
CA SER D 1220 -6.44 -32.62 -1.32
C SER D 1220 -5.62 -32.16 -0.12
N TRP D 1221 -4.65 -32.98 0.30
CA TRP D 1221 -3.78 -32.56 1.39
C TRP D 1221 -2.97 -31.34 0.99
N LEU D 1222 -2.63 -31.22 -0.29
CA LEU D 1222 -1.90 -30.05 -0.77
C LEU D 1222 -2.72 -28.79 -0.58
N SER D 1223 -4.02 -28.87 -0.93
CA SER D 1223 -4.92 -27.73 -0.77
C SER D 1223 -5.03 -27.33 0.70
N ALA D 1224 -5.17 -28.33 1.58
CA ALA D 1224 -5.27 -28.02 3.00
C ALA D 1224 -3.99 -27.39 3.52
N ALA D 1225 -2.83 -27.91 3.11
CA ALA D 1225 -1.56 -27.37 3.59
C ALA D 1225 -1.35 -25.94 3.10
N SER D 1226 -1.74 -25.66 1.86
CA SER D 1226 -1.63 -24.31 1.33
C SER D 1226 -2.70 -23.37 1.87
N PHE D 1227 -3.71 -23.88 2.58
CA PHE D 1227 -4.74 -22.98 3.11
C PHE D 1227 -4.32 -22.35 4.44
N GLN D 1228 -4.13 -23.17 5.48
CA GLN D 1228 -3.66 -22.70 6.78
C GLN D 1228 -3.44 -23.94 7.64
N GLU D 1229 -2.89 -23.72 8.85
CA GLU D 1229 -2.55 -24.79 9.78
C GLU D 1229 -1.75 -25.88 9.07
N THR D 1230 -0.61 -25.47 8.52
CA THR D 1230 0.12 -26.33 7.61
C THR D 1230 0.82 -27.48 8.35
N THR D 1231 1.41 -27.19 9.52
CA THR D 1231 2.08 -28.24 10.27
C THR D 1231 1.13 -29.40 10.55
N ARG D 1232 -0.08 -29.09 11.00
CA ARG D 1232 -1.03 -30.13 11.39
C ARG D 1232 -1.48 -30.95 10.20
N VAL D 1233 -1.90 -30.27 9.13
CA VAL D 1233 -2.32 -30.96 7.91
C VAL D 1233 -1.20 -31.88 7.42
N LEU D 1234 0.03 -31.36 7.41
CA LEU D 1234 1.14 -32.13 6.86
C LEU D 1234 1.47 -33.34 7.75
N THR D 1235 1.47 -33.15 9.07
CA THR D 1235 1.67 -34.27 9.99
C THR D 1235 0.67 -35.37 9.72
N ASP D 1236 -0.62 -35.03 9.78
CA ASP D 1236 -1.68 -36.03 9.62
C ASP D 1236 -1.59 -36.69 8.25
N ALA D 1237 -1.35 -35.90 7.20
CA ALA D 1237 -1.23 -36.47 5.86
C ALA D 1237 -0.08 -37.45 5.77
N ALA D 1238 1.02 -37.16 6.47
CA ALA D 1238 2.13 -38.10 6.48
C ALA D 1238 1.74 -39.40 7.17
N ILE D 1239 1.15 -39.31 8.36
CA ILE D 1239 0.76 -40.51 9.10
C ILE D 1239 -0.24 -41.33 8.31
N ASN D 1240 -1.14 -40.67 7.59
CA ASN D 1240 -2.17 -41.37 6.81
C ASN D 1240 -1.71 -41.75 5.41
N CYS D 1241 -0.46 -41.44 5.05
CA CYS D 1241 0.06 -41.72 3.70
C CYS D 1241 -0.92 -41.27 2.61
N ARG D 1242 -1.45 -40.06 2.79
CA ARG D 1242 -2.41 -39.51 1.84
C ARG D 1242 -1.77 -39.31 0.47
N SER D 1243 -2.57 -39.53 -0.57
CA SER D 1243 -2.16 -39.29 -1.94
C SER D 1243 -3.08 -38.23 -2.51
N ASP D 1244 -2.49 -37.15 -3.03
CA ASP D 1244 -3.26 -36.05 -3.59
C ASP D 1244 -3.57 -36.35 -5.04
N LYS D 1245 -4.86 -36.43 -5.38
CA LYS D 1245 -5.23 -36.66 -6.77
C LYS D 1245 -4.85 -35.49 -7.67
N LEU D 1246 -4.52 -34.33 -7.09
CA LEU D 1246 -4.26 -33.10 -7.85
C LEU D 1246 -5.42 -32.79 -8.77
N ASN D 1247 -6.63 -32.78 -8.20
CA ASN D 1247 -7.85 -32.54 -8.97
C ASN D 1247 -8.19 -31.06 -9.08
N GLY D 1248 -7.94 -30.28 -8.02
CA GLY D 1248 -8.54 -28.97 -7.89
C GLY D 1248 -7.80 -27.85 -8.60
N LEU D 1249 -8.42 -26.66 -8.57
CA LEU D 1249 -7.79 -25.49 -9.19
C LEU D 1249 -6.48 -25.14 -8.51
N LYS D 1250 -6.55 -24.88 -7.20
CA LYS D 1250 -5.36 -24.54 -6.42
C LYS D 1250 -4.22 -25.52 -6.66
N GLU D 1251 -4.53 -26.81 -6.73
CA GLU D 1251 -3.48 -27.81 -6.87
C GLU D 1251 -2.81 -27.73 -8.24
N ASN D 1252 -3.59 -27.52 -9.30
CA ASN D 1252 -2.98 -27.35 -10.61
C ASN D 1252 -2.23 -26.03 -10.71
N VAL D 1253 -2.66 -25.03 -9.95
CA VAL D 1253 -1.91 -23.79 -9.86
C VAL D 1253 -0.53 -24.03 -9.26
N ILE D 1254 -0.49 -24.79 -8.16
CA ILE D 1254 0.77 -24.99 -7.44
C ILE D 1254 1.78 -25.73 -8.30
N ILE D 1255 1.33 -26.80 -8.96
CA ILE D 1255 2.24 -27.58 -9.82
C ILE D 1255 2.40 -26.97 -11.19
N GLY D 1256 1.68 -25.90 -11.50
CA GLY D 1256 1.83 -25.29 -12.80
C GLY D 1256 1.15 -26.03 -13.93
N LYS D 1257 0.01 -26.66 -13.66
CA LYS D 1257 -0.80 -27.27 -14.70
C LYS D 1257 -1.99 -26.38 -15.01
N LEU D 1258 -2.62 -26.63 -16.16
CA LEU D 1258 -3.84 -25.91 -16.52
C LEU D 1258 -4.96 -26.21 -15.53
N ILE D 1259 -5.53 -25.17 -14.95
CA ILE D 1259 -6.61 -25.33 -13.97
C ILE D 1259 -7.77 -26.04 -14.66
N PRO D 1260 -8.61 -26.77 -13.91
CA PRO D 1260 -9.77 -27.45 -14.49
C PRO D 1260 -11.03 -26.59 -14.49
N ALA D 1261 -10.92 -25.39 -15.07
CA ALA D 1261 -12.06 -24.50 -15.22
C ALA D 1261 -11.83 -23.67 -16.48
N GLY D 1262 -12.90 -23.03 -16.94
CA GLY D 1262 -12.80 -22.18 -18.11
C GLY D 1262 -12.15 -22.87 -19.29
N THR D 1263 -11.19 -22.19 -19.91
CA THR D 1263 -10.51 -22.72 -21.09
C THR D 1263 -9.61 -23.91 -20.77
N GLY D 1264 -9.56 -24.35 -19.51
CA GLY D 1264 -8.69 -25.44 -19.12
C GLY D 1264 -9.40 -26.78 -19.02
N ILE D 1265 -10.73 -26.79 -19.09
CA ILE D 1265 -11.42 -28.06 -19.09
C ILE D 1265 -11.26 -28.72 -20.46
N ASN D 1266 -11.44 -30.04 -20.49
CA ASN D 1266 -11.02 -30.82 -21.65
C ASN D 1266 -11.89 -30.56 -22.86
N ARG D 1267 -13.19 -30.35 -22.67
CA ARG D 1267 -14.07 -30.15 -23.82
C ARG D 1267 -13.68 -28.92 -24.62
N TYR D 1268 -12.97 -27.96 -24.01
CA TYR D 1268 -12.54 -26.75 -24.68
C TYR D 1268 -11.08 -26.80 -25.10
N ARG D 1269 -10.18 -27.30 -24.24
CA ARG D 1269 -8.76 -27.31 -24.59
C ARG D 1269 -8.44 -28.32 -25.69
N ASN D 1270 -9.29 -29.33 -25.90
CA ASN D 1270 -9.04 -30.37 -26.89
C ASN D 1270 -9.81 -30.15 -28.20
N ILE D 1271 -9.98 -28.91 -28.61
CA ILE D 1271 -10.71 -28.60 -29.83
C ILE D 1271 -9.78 -28.79 -31.03
N ALA D 1272 -10.29 -29.46 -32.07
CA ALA D 1272 -9.56 -29.62 -33.33
C ALA D 1272 -10.05 -28.55 -34.30
N VAL D 1273 -9.10 -27.77 -34.82
CA VAL D 1273 -9.42 -26.63 -35.69
C VAL D 1273 -8.77 -26.86 -37.04
N GLN D 1274 -9.58 -26.98 -38.07
CA GLN D 1274 -9.13 -27.07 -39.45
C GLN D 1274 -10.10 -26.27 -40.30
N PRO D 1275 -9.67 -25.81 -41.48
CA PRO D 1275 -10.59 -25.07 -42.35
C PRO D 1275 -11.53 -25.99 -43.11
N THR D 1276 -12.70 -25.46 -43.44
CA THR D 1276 -13.62 -26.18 -44.31
C THR D 1276 -13.05 -26.27 -45.71
N GLU D 1277 -13.40 -27.35 -46.41
CA GLU D 1277 -12.86 -27.56 -47.75
C GLU D 1277 -13.33 -26.49 -48.72
N GLU D 1278 -14.58 -26.01 -48.55
CA GLU D 1278 -15.09 -24.94 -49.39
C GLU D 1278 -14.17 -23.72 -49.34
N ALA D 1279 -13.66 -23.39 -48.15
CA ALA D 1279 -12.75 -22.26 -48.00
C ALA D 1279 -11.34 -22.61 -48.45
N ARG D 1280 -10.90 -23.85 -48.24
CA ARG D 1280 -9.57 -24.25 -48.67
C ARG D 1280 -9.44 -24.21 -50.19
N ALA D 1281 -10.55 -24.45 -50.90
CA ALA D 1281 -10.54 -24.31 -52.36
C ALA D 1281 -10.03 -22.94 -52.78
N ALA D 1282 -10.68 -21.88 -52.29
CA ALA D 1282 -10.22 -20.52 -52.55
C ALA D 1282 -9.20 -20.09 -51.51
N ASP E 30 -21.20 3.38 -35.72
CA ASP E 30 -20.81 2.01 -35.40
C ASP E 30 -19.47 1.67 -36.03
N THR E 31 -19.35 0.46 -36.62
CA THR E 31 -18.13 -0.08 -37.21
C THR E 31 -16.97 -0.03 -36.21
N PRO E 32 -16.94 -0.93 -35.22
CA PRO E 32 -15.97 -0.82 -34.11
C PRO E 32 -14.52 -0.93 -34.58
N LEU E 33 -13.61 -0.55 -33.68
CA LEU E 33 -12.19 -0.45 -33.98
C LEU E 33 -11.37 -1.53 -33.27
N GLY E 34 -10.32 -1.99 -33.94
CA GLY E 34 -9.28 -2.75 -33.27
C GLY E 34 -9.77 -4.01 -32.60
N ILE E 35 -9.51 -4.13 -31.30
CA ILE E 35 -9.76 -5.38 -30.59
C ILE E 35 -11.25 -5.68 -30.51
N THR E 36 -12.08 -4.64 -30.38
CA THR E 36 -13.52 -4.90 -30.29
C THR E 36 -14.14 -5.27 -31.63
N ASN E 37 -13.34 -5.36 -32.69
CA ASN E 37 -13.79 -5.89 -33.96
C ASN E 37 -13.00 -7.13 -34.35
N PRO E 38 -13.65 -8.20 -34.84
CA PRO E 38 -15.10 -8.31 -35.03
C PRO E 38 -15.84 -8.36 -33.70
N PRO E 39 -17.14 -8.10 -33.72
CA PRO E 39 -17.89 -8.04 -32.44
C PRO E 39 -17.93 -9.41 -31.77
N ILE E 40 -17.84 -9.38 -30.44
CA ILE E 40 -17.84 -10.60 -29.66
C ILE E 40 -19.16 -11.35 -29.80
N ASP E 41 -20.24 -10.65 -30.13
CA ASP E 41 -21.57 -11.26 -30.13
C ASP E 41 -21.75 -12.22 -31.30
N GLU E 42 -21.35 -11.80 -32.50
CA GLU E 42 -21.42 -12.70 -33.64
C GLU E 42 -20.40 -13.84 -33.53
N LEU E 43 -19.20 -13.52 -33.05
CA LEU E 43 -18.20 -14.56 -32.79
C LEU E 43 -18.73 -15.57 -31.78
N LEU E 44 -19.60 -15.15 -30.86
CA LEU E 44 -20.23 -16.08 -29.94
C LEU E 44 -21.43 -16.79 -30.55
N ASP E 45 -22.05 -16.19 -31.57
CA ASP E 45 -22.99 -16.96 -32.40
C ASP E 45 -22.29 -18.14 -33.04
N ARG E 46 -21.03 -17.98 -33.42
CA ARG E 46 -20.32 -19.04 -34.14
C ARG E 46 -19.93 -20.22 -33.25
N VAL E 47 -19.96 -20.08 -31.92
CA VAL E 47 -19.49 -21.12 -31.01
C VAL E 47 -20.44 -21.22 -29.82
N SER E 48 -20.14 -22.16 -28.92
CA SER E 48 -21.00 -22.40 -27.75
C SER E 48 -20.71 -21.40 -26.64
N SER E 49 -19.49 -21.46 -26.09
CA SER E 49 -19.11 -20.55 -25.01
C SER E 49 -17.84 -19.80 -25.40
N LYS E 50 -17.63 -18.68 -24.70
CA LYS E 50 -16.45 -17.85 -24.92
C LYS E 50 -15.15 -18.64 -24.81
N TYR E 51 -15.11 -19.65 -23.95
CA TYR E 51 -13.90 -20.47 -23.78
C TYR E 51 -13.58 -21.23 -25.07
N ALA E 52 -14.59 -21.88 -25.64
CA ALA E 52 -14.40 -22.56 -26.92
C ALA E 52 -13.89 -21.58 -27.97
N LEU E 53 -14.39 -20.34 -27.96
CA LEU E 53 -13.95 -19.36 -28.94
C LEU E 53 -12.48 -19.02 -28.72
N VAL E 54 -12.07 -18.84 -27.47
CA VAL E 54 -10.66 -18.56 -27.17
C VAL E 54 -9.78 -19.66 -27.75
N ILE E 55 -10.10 -20.92 -27.45
CA ILE E 55 -9.24 -22.01 -27.90
C ILE E 55 -9.25 -22.11 -29.42
N TYR E 56 -10.44 -22.06 -30.03
CA TYR E 56 -10.62 -22.00 -31.47
C TYR E 56 -9.65 -20.99 -32.10
N ALA E 57 -9.78 -19.74 -31.69
CA ALA E 57 -8.98 -18.67 -32.29
C ALA E 57 -7.50 -18.87 -32.03
N ALA E 58 -7.11 -19.28 -30.82
CA ALA E 58 -5.70 -19.37 -30.49
C ALA E 58 -5.02 -20.50 -31.26
N LYS E 59 -5.70 -21.64 -31.38
CA LYS E 59 -5.15 -22.74 -32.15
C LYS E 59 -5.02 -22.36 -33.63
N ARG E 60 -6.05 -21.71 -34.18
CA ARG E 60 -5.93 -21.25 -35.57
C ARG E 60 -4.81 -20.23 -35.73
N ALA E 61 -4.61 -19.38 -34.71
CA ALA E 61 -3.57 -18.36 -34.80
C ALA E 61 -2.18 -18.99 -34.84
N ARG E 62 -1.92 -19.94 -33.95
CA ARG E 62 -0.59 -20.56 -33.99
C ARG E 62 -0.44 -21.47 -35.20
N GLN E 63 -1.53 -21.99 -35.74
CA GLN E 63 -1.50 -22.64 -37.05
C GLN E 63 -0.97 -21.68 -38.10
N ILE E 64 -1.57 -20.48 -38.18
CA ILE E 64 -1.16 -19.48 -39.15
C ILE E 64 0.31 -19.15 -38.96
N ASN E 65 0.72 -18.88 -37.72
CA ASN E 65 2.11 -18.50 -37.48
C ASN E 65 3.08 -19.62 -37.86
N ASP E 66 2.69 -20.89 -37.66
CA ASP E 66 3.49 -22.00 -38.15
C ASP E 66 3.56 -21.99 -39.68
N TYR E 67 2.48 -21.58 -40.34
CA TYR E 67 2.50 -21.51 -41.79
C TYR E 67 3.57 -20.55 -42.30
N TYR E 68 3.89 -19.50 -41.54
CA TYR E 68 4.82 -18.47 -41.98
C TYR E 68 6.28 -18.85 -41.75
N ASN E 69 6.60 -20.12 -41.57
CA ASN E 69 7.99 -20.54 -41.40
C ASN E 69 8.27 -21.83 -42.16
N TYR E 78 -0.57 -27.21 -41.81
CA TYR E 78 -0.08 -25.85 -42.03
C TYR E 78 -0.73 -25.23 -43.26
N VAL E 79 -1.82 -24.48 -43.03
CA VAL E 79 -2.60 -23.86 -44.10
C VAL E 79 -2.91 -22.43 -43.69
N GLY E 80 -3.42 -21.66 -44.65
CA GLY E 80 -3.88 -20.32 -44.39
C GLY E 80 -2.86 -19.26 -44.75
N PRO E 81 -3.23 -17.98 -44.59
CA PRO E 81 -4.53 -17.48 -44.13
C PRO E 81 -5.65 -17.70 -45.13
N LEU E 82 -6.90 -17.50 -44.68
CA LEU E 82 -8.07 -17.68 -45.52
C LEU E 82 -8.77 -16.38 -45.87
N VAL E 83 -8.22 -15.24 -45.46
CA VAL E 83 -8.76 -13.93 -45.82
C VAL E 83 -7.60 -13.05 -46.29
N GLU E 84 -7.95 -11.88 -46.81
CA GLU E 84 -6.92 -10.89 -47.13
C GLU E 84 -6.28 -10.42 -45.83
N PRO E 85 -5.00 -10.70 -45.59
CA PRO E 85 -4.43 -10.44 -44.25
C PRO E 85 -4.35 -8.97 -43.90
N GLY E 86 -3.97 -8.10 -44.83
CA GLY E 86 -3.77 -6.70 -44.51
C GLY E 86 -2.30 -6.37 -44.32
N LEU E 87 -2.06 -5.13 -43.92
CA LEU E 87 -0.71 -4.55 -43.93
C LEU E 87 0.27 -5.37 -43.10
N GLN E 88 0.06 -5.45 -41.78
CA GLN E 88 0.81 -6.35 -40.91
C GLN E 88 -0.14 -6.70 -39.76
N GLU E 89 -0.88 -7.77 -39.93
CA GLU E 89 -1.90 -8.18 -38.97
C GLU E 89 -1.39 -9.37 -38.18
N LYS E 90 -1.62 -9.34 -36.86
CA LYS E 90 -1.28 -10.47 -36.03
C LYS E 90 -2.13 -11.68 -36.43
N PRO E 91 -1.57 -12.88 -36.34
CA PRO E 91 -2.32 -14.07 -36.77
C PRO E 91 -3.59 -14.31 -35.97
N LEU E 92 -3.62 -13.89 -34.69
CA LEU E 92 -4.83 -14.03 -33.90
C LEU E 92 -5.98 -13.23 -34.49
N SER E 93 -5.68 -12.03 -35.02
CA SER E 93 -6.72 -11.20 -35.63
C SER E 93 -7.22 -11.80 -36.93
N ILE E 94 -6.29 -12.29 -37.77
CA ILE E 94 -6.67 -13.02 -38.97
C ILE E 94 -7.58 -14.19 -38.61
N ALA E 95 -7.23 -14.94 -37.56
CA ALA E 95 -8.02 -16.10 -37.18
C ALA E 95 -9.39 -15.68 -36.69
N LEU E 96 -9.49 -14.60 -35.93
CA LEU E 96 -10.79 -14.14 -35.48
C LEU E 96 -11.67 -13.75 -36.65
N ARG E 97 -11.09 -13.08 -37.65
CA ARG E 97 -11.86 -12.73 -38.84
C ARG E 97 -12.28 -13.98 -39.62
N GLU E 98 -11.41 -14.99 -39.67
CA GLU E 98 -11.79 -16.26 -40.28
C GLU E 98 -13.00 -16.86 -39.57
N ILE E 99 -12.94 -16.97 -38.25
CA ILE E 99 -14.04 -17.53 -37.48
C ILE E 99 -15.31 -16.72 -37.72
N HIS E 100 -15.17 -15.40 -37.86
CA HIS E 100 -16.33 -14.57 -38.13
C HIS E 100 -16.92 -14.88 -39.50
N ALA E 101 -16.07 -14.99 -40.52
CA ALA E 101 -16.50 -15.27 -41.88
C ALA E 101 -16.79 -16.76 -42.13
N ASP E 102 -16.89 -17.57 -41.06
CA ASP E 102 -17.27 -18.98 -41.16
C ASP E 102 -16.37 -19.75 -42.11
N LEU E 103 -15.12 -19.30 -42.24
CA LEU E 103 -14.18 -19.89 -43.18
C LEU E 103 -13.48 -21.14 -42.64
N LEU E 104 -13.87 -21.63 -41.45
CA LEU E 104 -13.24 -22.83 -40.92
C LEU E 104 -14.21 -23.52 -39.96
N GLU E 105 -13.88 -24.77 -39.63
CA GLU E 105 -14.73 -25.68 -38.87
C GLU E 105 -14.03 -26.10 -37.58
N HIS E 106 -14.83 -26.45 -36.57
CA HIS E 106 -14.30 -26.88 -35.28
C HIS E 106 -15.16 -28.00 -34.71
N THR E 107 -14.54 -28.83 -33.87
CA THR E 107 -15.20 -29.96 -33.23
C THR E 107 -15.04 -29.87 -31.71
N GLU E 108 -16.13 -30.13 -30.99
CA GLU E 108 -16.16 -30.11 -29.53
C GLU E 108 -15.74 -28.75 -28.97
N THR F 23 42.67 -45.45 41.87
CA THR F 23 41.56 -46.02 41.11
C THR F 23 40.98 -44.99 40.16
N ASP F 24 40.56 -45.43 38.97
CA ASP F 24 40.09 -44.51 37.95
C ASP F 24 38.59 -44.23 38.07
N GLU F 25 37.76 -45.28 38.11
CA GLU F 25 36.31 -45.12 38.08
C GLU F 25 35.76 -44.61 39.40
N GLU F 26 36.35 -45.01 40.53
CA GLU F 26 35.94 -44.46 41.81
C GLU F 26 36.09 -42.95 41.84
N LEU F 27 37.20 -42.45 41.28
CA LEU F 27 37.42 -41.02 41.25
C LEU F 27 36.52 -40.31 40.24
N THR F 28 35.98 -41.02 39.24
CA THR F 28 34.97 -40.40 38.39
C THR F 28 33.62 -40.29 39.11
N ALA F 29 33.29 -41.30 39.92
CA ALA F 29 32.11 -41.15 40.79
C ALA F 29 32.28 -39.99 41.77
N ARG F 30 33.48 -39.89 42.35
CA ARG F 30 33.79 -38.75 43.22
C ARG F 30 33.66 -37.43 42.46
N PHE F 31 34.10 -37.42 41.19
CA PHE F 31 33.95 -36.24 40.33
C PHE F 31 32.49 -35.83 40.20
N GLU F 32 31.62 -36.79 39.83
CA GLU F 32 30.19 -36.52 39.78
C GLU F 32 29.71 -35.88 41.07
N ARG F 33 29.94 -36.58 42.18
CA ARG F 33 29.40 -36.15 43.48
C ARG F 33 29.85 -34.75 43.85
N ASP F 34 31.15 -34.47 43.67
CA ASP F 34 31.69 -33.19 44.11
C ASP F 34 31.35 -32.05 43.16
N ALA F 35 31.22 -32.33 41.86
CA ALA F 35 31.22 -31.27 40.86
C ALA F 35 29.83 -30.88 40.34
N ILE F 36 28.85 -31.79 40.36
CA ILE F 36 27.59 -31.52 39.64
C ILE F 36 26.87 -30.25 40.12
N PRO F 37 26.73 -29.99 41.43
CA PRO F 37 26.14 -28.69 41.84
C PRO F 37 26.93 -27.49 41.34
N LEU F 38 28.25 -27.62 41.27
CA LEU F 38 29.07 -26.55 40.68
C LEU F 38 28.63 -26.25 39.25
N LEU F 39 28.31 -27.30 38.47
CA LEU F 39 27.82 -27.08 37.11
C LEU F 39 26.44 -26.43 37.13
N ASP F 40 25.60 -26.79 38.11
CA ASP F 40 24.31 -26.11 38.24
C ASP F 40 24.50 -24.60 38.34
N GLN F 41 25.48 -24.15 39.13
CA GLN F 41 25.69 -22.70 39.24
C GLN F 41 26.48 -22.12 38.05
N LEU F 42 27.38 -22.92 37.47
CA LEU F 42 28.16 -22.46 36.33
C LEU F 42 27.28 -22.24 35.10
N TYR F 43 26.13 -22.91 35.01
CA TYR F 43 25.22 -22.57 33.92
C TYR F 43 24.77 -21.12 34.01
N GLY F 44 24.41 -20.66 35.22
CA GLY F 44 24.06 -19.26 35.39
C GLY F 44 25.23 -18.34 35.10
N GLY F 45 26.43 -18.75 35.51
CA GLY F 45 27.61 -17.94 35.18
C GLY F 45 27.80 -17.78 33.66
N ALA F 46 27.81 -18.89 32.94
CA ALA F 46 27.98 -18.85 31.50
C ALA F 46 26.83 -18.11 30.81
N LEU F 47 25.62 -18.20 31.37
CA LEU F 47 24.51 -17.43 30.83
C LEU F 47 24.77 -15.94 30.97
N ARG F 48 25.23 -15.51 32.15
CA ARG F 48 25.56 -14.11 32.33
C ARG F 48 26.63 -13.66 31.33
N MET F 49 27.57 -14.54 31.00
CA MET F 49 28.66 -14.10 30.14
C MET F 49 28.44 -14.40 28.66
N THR F 50 27.33 -15.02 28.26
CA THR F 50 27.03 -15.20 26.85
C THR F 50 25.69 -14.64 26.41
N ARG F 51 24.74 -14.44 27.32
CA ARG F 51 23.43 -13.83 27.09
C ARG F 51 22.51 -14.66 26.20
N ASN F 52 22.94 -15.82 25.71
CA ASN F 52 22.08 -16.69 24.91
C ASN F 52 22.00 -18.06 25.57
N PRO F 53 20.82 -18.50 26.03
CA PRO F 53 20.74 -19.78 26.76
C PRO F 53 21.30 -20.97 25.98
N ALA F 54 21.10 -21.01 24.66
CA ALA F 54 21.69 -22.10 23.88
C ALA F 54 23.21 -22.00 23.88
N ASP F 55 23.73 -20.79 23.67
CA ASP F 55 25.17 -20.59 23.79
C ASP F 55 25.66 -20.97 25.18
N ALA F 56 24.89 -20.63 26.21
CA ALA F 56 25.32 -20.95 27.58
C ALA F 56 25.37 -22.45 27.81
N GLU F 57 24.38 -23.18 27.33
CA GLU F 57 24.40 -24.64 27.45
C GLU F 57 25.58 -25.22 26.70
N ASP F 58 25.85 -24.73 25.49
CA ASP F 58 27.00 -25.21 24.74
C ASP F 58 28.30 -24.94 25.50
N LEU F 59 28.43 -23.75 26.07
CA LEU F 59 29.63 -23.38 26.80
C LEU F 59 29.80 -24.24 28.04
N LEU F 60 28.71 -24.49 28.75
CA LEU F 60 28.79 -25.30 29.97
C LEU F 60 29.16 -26.75 29.63
N GLN F 61 28.60 -27.29 28.56
CA GLN F 61 28.96 -28.66 28.19
C GLN F 61 30.40 -28.74 27.72
N GLU F 62 30.88 -27.73 26.99
CA GLU F 62 32.30 -27.69 26.63
C GLU F 62 33.17 -27.63 27.88
N THR F 63 32.76 -26.81 28.85
CA THR F 63 33.48 -26.72 30.11
C THR F 63 33.55 -28.07 30.81
N MET F 64 32.44 -28.81 30.82
CA MET F 64 32.42 -30.12 31.46
C MET F 64 33.28 -31.12 30.70
N VAL F 65 33.29 -31.04 29.37
CA VAL F 65 34.21 -31.84 28.58
C VAL F 65 35.64 -31.62 29.06
N LYS F 66 36.07 -30.35 29.08
CA LYS F 66 37.44 -30.03 29.48
C LYS F 66 37.73 -30.44 30.91
N ALA F 67 36.77 -30.25 31.81
CA ALA F 67 36.97 -30.59 33.22
C ALA F 67 37.11 -32.09 33.42
N TYR F 68 36.20 -32.88 32.84
CA TYR F 68 36.29 -34.32 32.97
C TYR F 68 37.54 -34.87 32.29
N ALA F 69 38.01 -34.22 31.22
CA ALA F 69 39.25 -34.65 30.59
C ALA F 69 40.45 -34.39 31.49
N GLY F 70 40.49 -33.24 32.16
CA GLY F 70 41.62 -32.92 33.02
C GLY F 70 41.30 -32.89 34.50
N PHE F 71 40.49 -33.83 34.97
CA PHE F 71 40.13 -33.88 36.40
C PHE F 71 41.19 -34.55 37.25
N ARG F 72 42.00 -35.44 36.69
CA ARG F 72 43.09 -36.03 37.46
C ARG F 72 44.06 -34.95 37.93
N SER F 73 44.21 -33.87 37.17
CA SER F 73 45.13 -32.77 37.46
C SER F 73 44.56 -31.77 38.48
N PHE F 74 43.49 -32.11 39.17
CA PHE F 74 42.90 -31.24 40.17
C PHE F 74 43.42 -31.60 41.55
N ARG F 75 43.81 -30.58 42.32
CA ARG F 75 44.28 -30.79 43.69
C ARG F 75 43.07 -31.00 44.59
N HIS F 76 42.89 -32.24 45.06
CA HIS F 76 41.77 -32.61 45.92
C HIS F 76 41.72 -31.71 47.15
N GLY F 77 40.51 -31.44 47.62
CA GLY F 77 40.29 -30.73 48.86
C GLY F 77 40.21 -29.21 48.74
N THR F 78 40.85 -28.63 47.73
CA THR F 78 40.82 -27.18 47.53
C THR F 78 39.46 -26.81 46.95
N ASN F 79 39.31 -25.56 46.55
CA ASN F 79 38.03 -25.07 46.01
C ASN F 79 37.96 -25.40 44.53
N LEU F 80 37.13 -26.40 44.18
CA LEU F 80 36.88 -26.73 42.79
C LEU F 80 35.98 -25.70 42.12
N LYS F 81 35.27 -24.89 42.91
CA LYS F 81 34.45 -23.81 42.36
C LYS F 81 35.29 -22.88 41.50
N ALA F 82 36.40 -22.37 42.05
CA ALA F 82 37.24 -21.44 41.31
C ALA F 82 37.91 -22.11 40.11
N TRP F 83 38.32 -23.37 40.29
CA TRP F 83 38.94 -24.11 39.19
C TRP F 83 37.98 -24.25 38.01
N LEU F 84 36.76 -24.72 38.28
CA LEU F 84 35.79 -24.90 37.21
C LEU F 84 35.37 -23.55 36.61
N TYR F 85 35.26 -22.50 37.44
CA TYR F 85 34.92 -21.19 36.90
C TYR F 85 36.02 -20.67 35.98
N ARG F 86 37.28 -20.97 36.30
CA ARG F 86 38.37 -20.60 35.41
C ARG F 86 38.32 -21.41 34.11
N ILE F 87 37.95 -22.69 34.20
CA ILE F 87 37.78 -23.47 32.97
C ILE F 87 36.70 -22.86 32.09
N LEU F 88 35.59 -22.42 32.70
CA LEU F 88 34.52 -21.79 31.96
C LEU F 88 34.99 -20.48 31.32
N THR F 89 35.71 -19.67 32.10
CA THR F 89 36.22 -18.40 31.60
C THR F 89 37.18 -18.61 30.43
N ASN F 90 38.03 -19.63 30.51
CA ASN F 90 38.99 -19.87 29.44
C ASN F 90 38.32 -20.49 28.21
N THR F 91 37.27 -21.29 28.41
CA THR F 91 36.55 -21.84 27.25
C THR F 91 35.75 -20.76 26.54
N TYR F 92 35.25 -19.76 27.29
CA TYR F 92 34.65 -18.60 26.64
C TYR F 92 35.72 -17.77 25.91
N ILE F 93 36.90 -17.62 26.52
CA ILE F 93 37.94 -16.81 25.91
C ILE F 93 38.49 -17.47 24.65
N ASN F 94 38.50 -18.79 24.59
CA ASN F 94 39.02 -19.47 23.41
C ASN F 94 38.02 -19.46 22.26
N SER F 95 36.73 -19.49 22.55
CA SER F 95 35.72 -19.49 21.49
C SER F 95 35.53 -18.10 20.89
N TYR F 96 35.78 -17.04 21.68
CA TYR F 96 35.74 -15.69 21.12
C TYR F 96 36.82 -15.50 20.06
N ARG F 97 37.97 -16.17 20.23
CA ARG F 97 39.03 -16.11 19.24
C ARG F 97 38.79 -17.07 18.08
N LYS F 98 38.06 -18.16 18.32
CA LYS F 98 37.73 -19.06 17.23
C LYS F 98 36.83 -18.38 16.21
N LYS F 99 35.94 -17.50 16.67
CA LYS F 99 35.08 -16.76 15.74
C LYS F 99 35.88 -15.75 14.91
N GLN F 100 36.97 -15.21 15.46
CA GLN F 100 37.76 -14.20 14.74
C GLN F 100 38.54 -14.78 13.57
N ARG F 101 38.46 -16.09 13.33
CA ARG F 101 39.11 -16.72 12.19
C ARG F 101 38.13 -17.32 11.19
N GLN F 102 36.84 -17.31 11.51
CA GLN F 102 35.80 -17.83 10.63
C GLN F 102 34.90 -16.71 10.14
N PRO F 103 34.24 -16.89 8.98
CA PRO F 103 33.47 -15.79 8.41
C PRO F 103 32.39 -15.30 9.37
N ALA F 104 32.35 -13.99 9.57
CA ALA F 104 31.34 -13.37 10.42
C ALA F 104 29.98 -13.56 9.78
N GLU F 105 29.16 -14.41 10.38
CA GLU F 105 27.85 -14.76 9.86
C GLU F 105 26.76 -14.09 10.68
N TYR F 106 25.71 -13.66 10.00
CA TYR F 106 24.56 -12.99 10.59
C TYR F 106 23.27 -13.54 9.99
N PRO F 107 22.40 -14.15 10.79
CA PRO F 107 21.24 -14.85 10.24
C PRO F 107 20.07 -13.93 10.00
N THR F 108 19.26 -14.30 9.00
CA THR F 108 18.04 -13.57 8.66
C THR F 108 17.00 -14.55 8.14
N GLU F 109 15.72 -14.18 8.30
CA GLU F 109 14.64 -15.01 7.79
C GLU F 109 14.79 -15.26 6.30
N GLN F 110 15.17 -14.23 5.56
CA GLN F 110 15.14 -14.25 4.10
C GLN F 110 16.08 -13.14 3.65
N ILE F 111 17.18 -13.50 2.98
CA ILE F 111 18.04 -12.48 2.42
C ILE F 111 17.26 -11.76 1.32
N THR F 112 17.43 -10.44 1.28
CA THR F 112 16.58 -9.59 0.47
C THR F 112 17.04 -9.57 -0.99
N ASP F 113 16.23 -8.95 -1.84
CA ASP F 113 16.62 -8.77 -3.23
C ASP F 113 17.75 -7.75 -3.35
N TRP F 114 17.68 -6.65 -2.60
CA TRP F 114 18.79 -5.72 -2.61
C TRP F 114 20.07 -6.40 -2.16
N GLN F 115 19.96 -7.43 -1.31
CA GLN F 115 21.15 -8.14 -0.87
C GLN F 115 21.63 -9.13 -1.92
N LEU F 116 20.71 -9.89 -2.52
CA LEU F 116 21.09 -10.73 -3.65
C LEU F 116 21.75 -9.89 -4.74
N ALA F 117 21.21 -8.70 -4.98
CA ALA F 117 21.74 -7.85 -6.05
C ALA F 117 23.11 -7.30 -5.67
N SER F 118 23.24 -6.72 -4.49
CA SER F 118 24.54 -6.22 -4.04
C SER F 118 25.59 -7.31 -4.15
N ASN F 119 25.30 -8.50 -3.64
CA ASN F 119 26.24 -9.60 -3.79
C ASN F 119 26.56 -9.86 -5.26
N ALA F 120 25.55 -9.92 -6.11
CA ALA F 120 25.79 -10.18 -7.52
C ALA F 120 26.68 -9.12 -8.17
N GLU F 121 26.76 -7.93 -7.57
CA GLU F 121 27.56 -6.87 -8.18
C GLU F 121 29.04 -7.22 -8.19
N HIS F 122 29.51 -8.02 -7.22
CA HIS F 122 30.92 -8.36 -7.14
C HIS F 122 31.19 -9.83 -7.43
N SER F 123 30.24 -10.54 -8.01
CA SER F 123 30.39 -11.96 -8.28
C SER F 123 30.80 -12.19 -9.73
N SER F 124 31.30 -13.40 -9.98
CA SER F 124 31.83 -13.76 -11.29
C SER F 124 30.76 -14.12 -12.30
N THR F 125 29.53 -14.36 -11.87
CA THR F 125 28.46 -14.66 -12.81
C THR F 125 27.29 -13.69 -12.72
N GLY F 126 26.87 -13.34 -11.51
CA GLY F 126 25.77 -12.41 -11.35
C GLY F 126 24.41 -13.01 -11.68
N LEU F 127 23.36 -12.24 -11.43
CA LEU F 127 21.99 -12.71 -11.66
C LEU F 127 21.67 -12.49 -13.13
N ARG F 128 21.80 -13.54 -13.93
CA ARG F 128 21.65 -13.43 -15.36
C ARG F 128 20.18 -13.50 -15.74
N SER F 129 19.79 -12.71 -16.74
CA SER F 129 18.42 -12.66 -17.21
C SER F 129 18.16 -13.81 -18.19
N ALA F 130 16.88 -14.14 -18.36
CA ALA F 130 16.51 -15.14 -19.35
C ALA F 130 16.98 -14.72 -20.74
N GLU F 131 16.83 -13.43 -21.05
CA GLU F 131 17.28 -12.91 -22.35
C GLU F 131 18.77 -13.15 -22.56
N VAL F 132 19.59 -12.81 -21.57
CA VAL F 132 21.02 -13.04 -21.67
C VAL F 132 21.29 -14.49 -22.07
N GLU F 133 20.60 -15.42 -21.42
CA GLU F 133 20.85 -16.82 -21.69
C GLU F 133 20.19 -17.28 -22.97
N ALA F 134 19.12 -16.62 -23.40
CA ALA F 134 18.55 -16.91 -24.70
C ALA F 134 19.53 -16.55 -25.81
N LEU F 135 20.12 -15.36 -25.74
CA LEU F 135 21.03 -14.93 -26.80
C LEU F 135 22.29 -15.79 -26.84
N GLU F 136 22.75 -16.26 -25.69
CA GLU F 136 23.95 -17.12 -25.67
C GLU F 136 23.68 -18.46 -26.32
N ALA F 137 22.42 -18.89 -26.35
CA ALA F 137 21.99 -20.12 -27.00
C ALA F 137 21.61 -19.91 -28.46
N LEU F 138 21.47 -18.67 -28.91
CA LEU F 138 21.31 -18.35 -30.30
C LEU F 138 22.67 -18.14 -30.95
N PRO F 139 22.76 -18.19 -32.28
CA PRO F 139 24.06 -17.94 -32.92
C PRO F 139 24.53 -16.51 -32.66
N ASP F 140 25.85 -16.36 -32.52
CA ASP F 140 26.49 -15.05 -32.60
C ASP F 140 26.77 -14.81 -34.07
N THR F 141 25.89 -14.04 -34.72
CA THR F 141 25.86 -14.00 -36.18
C THR F 141 27.20 -13.56 -36.74
N GLU F 142 27.84 -12.55 -36.14
CA GLU F 142 29.14 -12.12 -36.60
C GLU F 142 30.16 -13.26 -36.52
N ILE F 143 30.11 -14.04 -35.44
CA ILE F 143 31.09 -15.11 -35.23
C ILE F 143 30.77 -16.32 -36.11
N LYS F 144 29.49 -16.71 -36.18
CA LYS F 144 29.12 -17.89 -36.97
C LYS F 144 29.55 -17.75 -38.43
N GLU F 145 29.36 -16.56 -39.02
CA GLU F 145 29.69 -16.36 -40.42
C GLU F 145 31.20 -16.30 -40.65
N ALA F 146 31.94 -15.69 -39.71
CA ALA F 146 33.40 -15.74 -39.79
C ALA F 146 33.90 -17.18 -39.77
N LEU F 147 33.33 -18.01 -38.88
CA LEU F 147 33.75 -19.41 -38.81
C LEU F 147 33.38 -20.15 -40.09
N GLN F 148 32.15 -19.96 -40.58
CA GLN F 148 31.72 -20.64 -41.79
C GLN F 148 32.50 -20.18 -43.02
N ALA F 149 33.14 -19.02 -42.95
CA ALA F 149 34.03 -18.60 -44.03
C ALA F 149 35.25 -19.52 -44.13
N LEU F 150 35.84 -19.88 -42.99
CA LEU F 150 37.05 -20.69 -43.00
C LEU F 150 36.81 -22.02 -43.71
N PRO F 151 37.85 -22.62 -44.28
CA PRO F 151 37.71 -23.98 -44.82
C PRO F 151 37.38 -24.94 -43.68
N GLU F 152 36.82 -26.09 -44.07
CA GLU F 152 36.29 -27.04 -43.09
C GLU F 152 37.35 -27.49 -42.11
N GLU F 153 38.54 -27.84 -42.62
CA GLU F 153 39.58 -28.39 -41.75
C GLU F 153 40.19 -27.31 -40.87
N PHE F 154 40.40 -26.11 -41.41
CA PHE F 154 40.83 -24.99 -40.59
C PHE F 154 39.82 -24.72 -39.49
N ARG F 155 38.53 -24.70 -39.85
CA ARG F 155 37.48 -24.44 -38.88
C ARG F 155 37.48 -25.50 -37.79
N MET F 156 37.71 -26.76 -38.15
CA MET F 156 37.70 -27.84 -37.17
C MET F 156 38.89 -27.75 -36.22
N ALA F 157 40.08 -27.54 -36.78
CA ALA F 157 41.27 -27.43 -35.95
C ALA F 157 41.22 -26.21 -35.05
N VAL F 158 40.52 -25.16 -35.49
CA VAL F 158 40.34 -23.99 -34.64
C VAL F 158 39.30 -24.27 -33.57
N TYR F 159 38.20 -24.92 -33.95
CA TYR F 159 37.11 -25.19 -33.01
C TYR F 159 37.58 -26.02 -31.84
N TYR F 160 38.10 -27.23 -32.12
CA TYR F 160 38.55 -28.12 -31.05
C TYR F 160 39.52 -27.43 -30.10
N ALA F 161 40.60 -26.87 -30.65
CA ALA F 161 41.65 -26.28 -29.83
C ALA F 161 41.15 -25.05 -29.06
N ASP F 162 40.51 -24.11 -29.75
CA ASP F 162 40.23 -22.80 -29.15
C ASP F 162 38.96 -22.78 -28.32
N VAL F 163 37.97 -23.62 -28.63
CA VAL F 163 36.74 -23.69 -27.88
C VAL F 163 36.73 -24.87 -26.91
N GLU F 164 37.09 -26.06 -27.38
CA GLU F 164 36.97 -27.28 -26.59
C GLU F 164 38.26 -27.62 -25.86
N GLY F 165 39.29 -26.79 -25.97
CA GLY F 165 40.50 -26.90 -25.18
C GLY F 165 41.21 -28.23 -25.18
N PHE F 166 40.91 -29.09 -26.16
CA PHE F 166 41.60 -30.36 -26.26
C PHE F 166 43.10 -30.14 -26.40
N PRO F 167 43.93 -30.92 -25.70
CA PRO F 167 45.38 -30.82 -25.91
C PRO F 167 45.73 -31.22 -27.34
N TYR F 168 46.91 -30.76 -27.78
CA TYR F 168 47.23 -30.83 -29.21
C TYR F 168 47.34 -32.28 -29.69
N LYS F 169 47.94 -33.16 -28.88
CA LYS F 169 47.98 -34.56 -29.27
C LYS F 169 46.57 -35.18 -29.31
N GLU F 170 45.66 -34.72 -28.46
CA GLU F 170 44.31 -35.30 -28.43
C GLU F 170 43.44 -34.78 -29.56
N ILE F 171 43.62 -33.53 -29.98
CA ILE F 171 42.94 -33.02 -31.17
C ILE F 171 43.57 -33.62 -32.42
N ALA F 172 44.83 -34.05 -32.34
CA ALA F 172 45.39 -34.89 -33.39
C ALA F 172 44.73 -36.26 -33.40
N GLU F 173 44.44 -36.81 -32.22
CA GLU F 173 43.67 -38.06 -32.14
C GLU F 173 42.33 -37.91 -32.85
N ILE F 174 41.72 -36.72 -32.76
CA ILE F 174 40.60 -36.41 -33.63
C ILE F 174 41.13 -35.92 -34.97
N MET F 175 40.25 -35.98 -35.98
CA MET F 175 40.55 -35.55 -37.35
C MET F 175 41.54 -36.49 -38.05
N ASP F 176 42.12 -37.43 -37.30
CA ASP F 176 43.08 -38.41 -37.84
C ASP F 176 44.16 -37.73 -38.67
N THR F 177 44.89 -36.81 -38.03
CA THR F 177 45.98 -36.10 -38.67
C THR F 177 47.08 -35.87 -37.65
N PRO F 178 48.35 -35.90 -38.06
CA PRO F 178 49.46 -35.74 -37.10
C PRO F 178 49.41 -34.39 -36.40
N ILE F 179 50.32 -34.26 -35.42
CA ILE F 179 50.36 -33.05 -34.61
C ILE F 179 50.79 -31.85 -35.46
N GLY F 180 51.76 -32.06 -36.36
CA GLY F 180 52.22 -30.97 -37.20
C GLY F 180 51.11 -30.42 -38.09
N THR F 181 50.37 -31.33 -38.74
CA THR F 181 49.25 -30.91 -39.59
C THR F 181 48.22 -30.12 -38.79
N VAL F 182 47.88 -30.62 -37.60
CA VAL F 182 46.88 -29.97 -36.77
C VAL F 182 47.34 -28.58 -36.35
N MET F 183 48.62 -28.44 -35.99
CA MET F 183 49.12 -27.14 -35.53
C MET F 183 49.31 -26.15 -36.67
N SER F 184 49.72 -26.61 -37.85
CA SER F 184 49.71 -25.76 -39.03
C SER F 184 48.30 -25.24 -39.31
N ARG F 185 47.32 -26.17 -39.33
CA ARG F 185 45.94 -25.76 -39.56
C ARG F 185 45.45 -24.80 -38.49
N LEU F 186 45.83 -25.03 -37.23
CA LEU F 186 45.39 -24.17 -36.14
C LEU F 186 45.93 -22.76 -36.30
N HIS F 187 47.25 -22.62 -36.51
CA HIS F 187 47.83 -21.29 -36.61
C HIS F 187 47.34 -20.55 -37.86
N ARG F 188 47.23 -21.25 -38.98
CA ARG F 188 46.79 -20.56 -40.19
C ARG F 188 45.30 -20.23 -40.16
N GLY F 189 44.47 -21.07 -39.56
CA GLY F 189 43.07 -20.72 -39.39
C GLY F 189 42.86 -19.59 -38.40
N ARG F 190 43.69 -19.55 -37.34
CA ARG F 190 43.65 -18.39 -36.45
C ARG F 190 43.99 -17.12 -37.20
N ARG F 191 45.04 -17.16 -38.02
CA ARG F 191 45.37 -16.00 -38.84
C ARG F 191 44.20 -15.58 -39.72
N GLN F 192 43.68 -16.52 -40.51
CA GLN F 192 42.61 -16.19 -41.45
C GLN F 192 41.40 -15.62 -40.71
N LEU F 193 40.96 -16.29 -39.64
CA LEU F 193 39.83 -15.83 -38.85
C LEU F 193 40.11 -14.50 -38.18
N ARG F 194 41.38 -14.15 -37.98
CA ARG F 194 41.75 -12.83 -37.52
C ARG F 194 41.68 -11.81 -38.66
N GLY F 195 41.83 -12.28 -39.90
CA GLY F 195 41.60 -11.48 -41.09
C GLY F 195 40.15 -11.04 -41.14
N LEU F 196 39.23 -12.00 -41.15
CA LEU F 196 37.85 -11.71 -40.80
C LEU F 196 37.79 -11.31 -39.33
N LEU F 197 36.61 -11.01 -38.83
CA LEU F 197 36.42 -10.71 -37.41
C LEU F 197 37.17 -9.47 -36.96
N ALA F 198 37.78 -8.72 -37.88
CA ALA F 198 38.60 -7.58 -37.50
C ALA F 198 37.74 -6.45 -36.94
N ASP F 199 36.53 -6.28 -37.48
CA ASP F 199 35.61 -5.29 -36.92
C ASP F 199 34.94 -5.81 -35.66
N VAL F 200 34.70 -7.12 -35.58
CA VAL F 200 34.13 -7.69 -34.36
C VAL F 200 35.06 -7.48 -33.18
N ALA F 201 36.36 -7.67 -33.39
CA ALA F 201 37.32 -7.45 -32.32
C ALA F 201 37.37 -5.98 -31.89
N ARG F 202 37.07 -5.07 -32.82
CA ARG F 202 37.02 -3.66 -32.46
C ARG F 202 35.66 -3.31 -31.83
N ASP F 203 34.58 -3.86 -32.39
CA ASP F 203 33.26 -3.73 -31.79
C ASP F 203 33.28 -4.17 -30.33
N ARG F 204 33.99 -5.26 -30.03
CA ARG F 204 34.21 -5.72 -28.67
C ARG F 204 35.59 -5.21 -28.22
N GLY F 205 36.04 -5.66 -27.04
CA GLY F 205 37.19 -5.02 -26.45
C GLY F 205 38.56 -5.61 -26.76
N PHE F 206 38.64 -6.39 -27.85
CA PHE F 206 39.83 -7.18 -28.12
C PHE F 206 40.91 -6.43 -28.87
N ALA F 207 40.64 -5.21 -29.32
CA ALA F 207 41.67 -4.43 -30.01
C ALA F 207 42.72 -3.89 -29.05
N ARG F 208 42.40 -3.75 -27.77
CA ARG F 208 43.31 -3.18 -26.78
C ARG F 208 44.60 -4.00 -26.67
ZN ZN J . -28.90 -28.21 -11.10
ZN ZN K . 40.16 -31.89 -7.45
MG MG L . -6.80 6.74 -4.30
#